data_8GNH
#
_entry.id   8GNH
#
_cell.length_a   1.00
_cell.length_b   1.00
_cell.length_c   1.00
_cell.angle_alpha   90.00
_cell.angle_beta   90.00
_cell.angle_gamma   90.00
#
_symmetry.space_group_name_H-M   'P 1'
#
loop_
_entity.id
_entity.type
_entity.pdbx_description
1 polymer 'Spike glycoprotein'
2 polymer 'Heavy chain of BD-218'
3 polymer 'Light chain of BD-218'
4 branched 2-acetamido-2-deoxy-beta-D-glucopyranose-(1-4)-2-acetamido-2-deoxy-beta-D-glucopyranose
5 non-polymer 2-acetamido-2-deoxy-beta-D-glucopyranose
#
loop_
_entity_poly.entity_id
_entity_poly.type
_entity_poly.pdbx_seq_one_letter_code
_entity_poly.pdbx_strand_id
1 'polypeptide(L)'
;MFVFLVLLPLVSSQCVNLTTRTQLPPAYTNSFTRGVYYPDKVFRSSVLHSTQDLFLPFFSNVTWFHAIHVSGTNGTKRFD
NPVLPFNDGVYFASTEKSNIIRGWIFGTTLDSKTQSLLIVNNATNVVIKVCEFQFCNDPFLGVYYHKNNKSWMESEFRVY
SSANNCTFEYVSQPFLMDLEGKQGNFKNLREFVFKNIDGYFKIYSKHTPINLVRDLPQGFSALEPLVDLPIGINITRFQT
LLALHRSYLTPGDSSSGWTAGAAAYYVGYLQPRTFLLKYNENGTITDAVDCALDPLSETKCTLKSFTVEKGIYQTSNFRV
QPTESIVRFPNITNLCPFGEVFNATRFASVYAWNRKRISNCVADYSVLYNSASFSTFKCYGVSPTKLNDLCFTNVYADSF
VIRGDEVRQIAPGQTGKIADYNYKLPDDFTGCVIAWNSNNLDSKVGGNYNYLYRLFRKSNLKPFERDISTEIYQAGSTPC
NGVEGFNCYFPLQSYGFQPTNGVGYQPYRVVVLSFELLHAPATVCGPKKSTNLVKNKCVNFNFNGLTGTGVLTESNKKFL
PFQQFGRDIADTTDAVRDPQTLEILDITPCSFGGVSVITPGTNTSNQVAVLYQDVNCTEVPVAIHADQLTPTWRVYSTGS
NVFQTRAGCLIGAEHVNNSYECDIPIGAGICASYQTQTNSPGSASSVASQSIIAYTMSLGAENSVAYSNNSIAIPTNFTI
SVTTEILPVSMTKTSVDCTMYICGDSTECSNLLLQYGSFCTQLNRALTGIAVEQDKNTQEVFAQVKQIYKTPPIKDFGGF
NFSQILPDPSKPSKRSPIEDLLFNKVTLADAGFIKQYGDCLGDIAARDLICAQKFNGLTVLPPLLTDEMIAQYTSALLAG
TITSGWTFGAGPALQIPFPMQMAYRFNGIGVTQNVLYENQKLIANQFNSAIGKIQDSLSSTPSALGKLQDVVNQNAQALN
TLVKQLSSNFGAISSVLNDILSRLDPPEAEVQIDRLITGRLQSLQTYVTQQLIRAAEIRASANLAATKMSECVLGQSKRV
DFCGKGYHLMSFPQSAPHGVVFLHVTYVPAQEKNFTTAPAICHDGKAHFPREGVFVSNGTHWFVTQRNFYEPQIITTDNT
FVSGNCDVVIGIVNNTVYDPLQPELDSFKEELDKYFKNHTSPDVDLGDISGINASVVNIQKEIDRLNEVAKNLNESLIDL
QELGKYEQ
;
A,B,C
2 'polypeptide(L)'
;GWSLILLFLVAVATRVLSQVQLQQWGAGLLKPSETLSLTCAVYGGSFSDYFWYWIRQPPGKGLEWIGEINHSGSTNYNPS
LKSRVSISVDTSKNQFSLKLSSVTAADTAVYYCARGQGYGRVLLWFGEWGQGTLVTVSSASTKGPSVFPLAPSSKSTSGG
TAALGCLVKDYFPEPVTVSWNSGALTSGVHTFPAVLQSSGLYSLSSVVTVPSSSLGTQTYICNVNHKPSNTKVDKKVEPK
SCDKTHTCPPCPAPELLGGPSVFLFPPKPKDTLMISRTPEVTCVVVDVSHEDPEVKFNWYVDGVEVHNAKTKPREEQYNS
T
;
H
3 'polypeptide(L)'
;MGWSCIILFLVATATGVHSEIVLTQSPATLSLSPGERATLSCRASQSVSSYLAWYQQKPGQAPRLLIYDASNRATGIPAR
FSGSGSGTDFTLTISSLEPEDFAVYYCQQRSNWITFGQGTRLEIKRTVAAPSVFIFPPSDEQLKSGTASVVCLLNNFYPR
EAKVQWKVDNALQSGNSQESVTEQDSKDSTYSLSSTLTLSKADYEKHKVYACEVTHQGLSSPVTKSFNRGEC
;
L
#
loop_
_chem_comp.id
_chem_comp.type
_chem_comp.name
_chem_comp.formula
NAG D-saccharide, beta linking 2-acetamido-2-deoxy-beta-D-glucopyranose 'C8 H15 N O6'
#
# COMPACT_ATOMS: atom_id res chain seq x y z
N ALA A 27 -16.04 56.68 -10.65
CA ALA A 27 -17.43 56.24 -10.62
C ALA A 27 -17.58 54.80 -10.17
N TYR A 28 -18.60 54.16 -10.72
CA TYR A 28 -18.98 52.78 -10.48
C TYR A 28 -20.17 52.45 -11.37
N THR A 29 -20.39 51.16 -11.66
CA THR A 29 -21.56 50.57 -12.39
C THR A 29 -21.56 49.01 -12.31
N ASN A 30 -22.27 48.33 -13.23
CA ASN A 30 -22.27 46.86 -13.31
C ASN A 30 -22.23 46.21 -14.70
N SER A 31 -21.55 45.07 -14.89
CA SER A 31 -21.59 44.40 -16.20
C SER A 31 -21.81 42.90 -16.20
N PHE A 32 -21.17 42.15 -17.06
CA PHE A 32 -21.56 40.73 -17.14
C PHE A 32 -20.41 39.97 -17.50
N THR A 33 -19.92 39.23 -16.49
CA THR A 33 -18.79 38.31 -16.43
C THR A 33 -18.07 38.32 -17.78
N ARG A 34 -17.29 39.38 -18.02
CA ARG A 34 -16.64 39.59 -19.31
C ARG A 34 -15.14 39.72 -19.25
N GLY A 35 -14.53 38.92 -18.40
CA GLY A 35 -13.11 38.87 -18.37
C GLY A 35 -12.43 37.68 -17.75
N VAL A 36 -11.87 36.76 -18.52
CA VAL A 36 -11.03 35.70 -17.94
C VAL A 36 -9.80 35.61 -18.89
N TYR A 37 -9.30 34.44 -19.27
CA TYR A 37 -8.14 34.34 -20.15
C TYR A 37 -7.94 32.91 -20.50
N TYR A 38 -7.58 32.53 -21.73
CA TYR A 38 -7.20 31.12 -21.81
C TYR A 38 -5.98 30.88 -20.94
N PRO A 39 -6.02 29.96 -20.02
CA PRO A 39 -4.88 29.75 -19.12
C PRO A 39 -3.85 28.82 -19.70
N ASP A 40 -4.13 28.30 -20.88
CA ASP A 40 -3.36 27.20 -21.41
C ASP A 40 -3.21 27.36 -22.91
N LYS A 41 -2.05 26.95 -23.43
CA LYS A 41 -1.75 27.14 -24.84
C LYS A 41 -2.15 25.88 -25.61
N VAL A 42 -3.37 25.42 -25.34
CA VAL A 42 -3.82 24.10 -25.72
C VAL A 42 -5.30 24.13 -26.04
N PHE A 43 -5.71 23.26 -26.95
CA PHE A 43 -7.05 23.21 -27.49
C PHE A 43 -7.79 21.97 -27.04
N ARG A 44 -9.07 22.13 -26.75
CA ARG A 44 -9.90 21.03 -26.27
C ARG A 44 -11.34 21.29 -26.69
N SER A 45 -11.72 20.74 -27.84
CA SER A 45 -13.10 20.92 -28.24
C SER A 45 -14.03 20.02 -27.43
N SER A 46 -15.29 20.45 -27.34
CA SER A 46 -16.38 19.64 -26.80
C SER A 46 -16.03 19.01 -25.46
N VAL A 47 -15.82 19.84 -24.45
CA VAL A 47 -15.44 19.35 -23.13
C VAL A 47 -15.99 20.32 -22.10
N LEU A 48 -15.76 20.05 -20.82
CA LEU A 48 -16.09 20.97 -19.75
C LEU A 48 -14.89 21.13 -18.84
N HIS A 49 -14.16 22.24 -18.96
CA HIS A 49 -12.98 22.30 -18.12
C HIS A 49 -13.18 23.24 -16.94
N SER A 50 -12.24 23.18 -16.01
CA SER A 50 -12.36 23.79 -14.70
C SER A 50 -11.08 24.46 -14.25
N THR A 51 -10.36 25.09 -15.17
CA THR A 51 -9.10 25.73 -14.83
C THR A 51 -9.27 26.66 -13.64
N GLN A 52 -8.38 26.54 -12.68
CA GLN A 52 -8.45 27.45 -11.54
C GLN A 52 -7.88 28.81 -11.90
N ASP A 53 -7.57 29.04 -13.17
CA ASP A 53 -6.96 30.29 -13.56
C ASP A 53 -7.88 31.44 -13.23
N LEU A 54 -7.36 32.32 -12.41
CA LEU A 54 -8.12 33.42 -11.88
C LEU A 54 -8.40 34.47 -12.94
N PHE A 55 -9.62 34.95 -12.96
CA PHE A 55 -10.18 35.75 -14.05
C PHE A 55 -10.91 36.92 -13.41
N LEU A 56 -11.77 37.60 -14.16
CA LEU A 56 -12.66 38.57 -13.55
C LEU A 56 -14.06 37.98 -13.44
N PRO A 57 -14.74 38.14 -12.30
CA PRO A 57 -16.03 37.47 -12.11
C PRO A 57 -17.20 38.00 -12.92
N PHE A 58 -18.32 37.33 -12.76
CA PHE A 58 -19.59 37.75 -13.32
C PHE A 58 -20.05 39.06 -12.67
N PHE A 59 -20.56 39.96 -13.51
CA PHE A 59 -21.24 41.20 -13.11
C PHE A 59 -20.53 42.00 -12.02
N SER A 60 -19.56 42.79 -12.41
CA SER A 60 -18.93 43.58 -11.38
C SER A 60 -18.93 45.08 -11.54
N ASN A 61 -17.93 45.68 -10.90
CA ASN A 61 -17.62 47.08 -10.90
C ASN A 61 -16.91 47.45 -12.15
N VAL A 62 -16.80 48.74 -12.33
CA VAL A 62 -16.10 49.27 -13.46
C VAL A 62 -15.60 50.62 -13.01
N THR A 63 -15.56 51.51 -13.97
CA THR A 63 -15.13 52.91 -13.83
C THR A 63 -15.35 53.54 -15.20
N TRP A 64 -16.57 53.55 -15.76
CA TRP A 64 -16.63 54.11 -17.07
C TRP A 64 -16.19 55.50 -17.23
N PHE A 65 -14.88 55.77 -17.16
CA PHE A 65 -14.36 57.15 -17.23
C PHE A 65 -14.38 57.79 -18.61
N HIS A 66 -15.11 58.90 -18.78
CA HIS A 66 -15.28 59.54 -20.10
C HIS A 66 -14.48 60.80 -20.55
N ALA A 67 -14.62 61.10 -21.84
CA ALA A 67 -13.99 62.25 -22.51
C ALA A 67 -15.02 62.91 -23.45
N ILE A 68 -15.99 63.54 -22.81
CA ILE A 68 -17.16 64.24 -23.40
C ILE A 68 -17.44 65.69 -22.95
N HIS A 69 -17.94 66.50 -23.91
CA HIS A 69 -18.29 67.91 -23.82
C HIS A 69 -19.37 68.26 -24.83
N ASP A 80 -11.95 59.73 -18.70
CA ASP A 80 -10.96 59.78 -19.75
C ASP A 80 -9.52 59.91 -19.29
N ASN A 81 -9.35 60.10 -17.99
CA ASN A 81 -8.05 60.38 -17.44
C ASN A 81 -7.44 59.26 -16.66
N PRO A 82 -6.34 58.74 -17.16
CA PRO A 82 -5.68 57.67 -16.43
C PRO A 82 -4.92 58.29 -15.28
N VAL A 83 -4.67 57.45 -14.28
CA VAL A 83 -3.93 57.71 -13.05
C VAL A 83 -4.22 56.46 -12.26
N LEU A 84 -4.57 55.36 -12.94
CA LEU A 84 -4.94 54.19 -12.15
C LEU A 84 -3.78 53.33 -11.74
N PRO A 85 -4.06 52.24 -11.04
CA PRO A 85 -3.11 51.26 -10.52
C PRO A 85 -3.31 49.89 -11.14
N PHE A 86 -2.28 49.32 -11.75
CA PHE A 86 -2.38 48.04 -12.45
C PHE A 86 -2.47 46.81 -11.57
N ASN A 87 -1.85 46.85 -10.40
CA ASN A 87 -1.79 45.68 -9.50
C ASN A 87 -1.27 44.41 -10.17
N ASP A 88 -1.82 43.25 -9.78
CA ASP A 88 -1.40 41.98 -10.36
C ASP A 88 -1.77 41.90 -11.83
N GLY A 89 -3.05 42.11 -12.13
CA GLY A 89 -3.53 42.07 -13.51
C GLY A 89 -4.81 42.84 -13.68
N VAL A 90 -4.99 43.45 -14.85
CA VAL A 90 -6.19 44.22 -15.14
C VAL A 90 -6.90 43.71 -16.39
N TYR A 91 -7.83 44.52 -16.90
CA TYR A 91 -8.58 44.16 -18.07
C TYR A 91 -9.14 45.52 -18.55
N PHE A 92 -9.18 45.85 -19.84
CA PHE A 92 -9.85 47.08 -20.21
C PHE A 92 -10.50 46.89 -21.54
N ALA A 93 -11.76 47.26 -21.72
CA ALA A 93 -12.38 47.12 -23.04
C ALA A 93 -12.43 48.45 -23.69
N SER A 94 -13.38 48.74 -24.57
CA SER A 94 -13.46 50.11 -25.11
C SER A 94 -14.78 50.50 -25.71
N THR A 95 -15.02 51.79 -25.73
CA THR A 95 -16.21 52.33 -26.33
C THR A 95 -15.81 53.13 -27.55
N GLU A 96 -14.60 52.92 -28.07
CA GLU A 96 -14.10 53.71 -29.19
C GLU A 96 -14.93 53.77 -30.45
N LYS A 97 -14.64 54.83 -31.18
CA LYS A 97 -15.22 55.17 -32.46
C LYS A 97 -14.19 56.15 -33.02
N SER A 98 -14.11 57.31 -32.39
CA SER A 98 -13.07 58.23 -32.70
C SER A 98 -12.06 57.62 -31.74
N ASN A 99 -11.83 56.32 -31.82
CA ASN A 99 -10.89 55.59 -30.97
C ASN A 99 -9.64 56.38 -30.59
N ILE A 100 -9.68 57.20 -29.53
CA ILE A 100 -8.47 57.94 -29.17
C ILE A 100 -7.57 57.15 -28.25
N ILE A 101 -8.14 56.26 -27.48
CA ILE A 101 -7.41 55.44 -26.53
C ILE A 101 -6.17 54.81 -27.12
N ARG A 102 -5.00 55.35 -26.87
CA ARG A 102 -3.82 54.74 -27.45
C ARG A 102 -3.27 53.62 -26.59
N GLY A 103 -2.01 53.73 -26.20
CA GLY A 103 -1.44 52.65 -25.47
C GLY A 103 -1.77 52.74 -24.04
N TRP A 104 -1.88 51.59 -23.41
CA TRP A 104 -2.06 51.62 -22.00
C TRP A 104 -0.68 52.09 -21.64
N ILE A 105 -0.59 53.16 -20.88
CA ILE A 105 0.71 53.64 -20.48
C ILE A 105 0.88 53.39 -19.00
N PHE A 106 1.99 52.78 -18.61
CA PHE A 106 2.22 52.48 -17.20
C PHE A 106 3.61 52.87 -16.73
N GLY A 107 4.50 51.90 -16.66
CA GLY A 107 5.85 52.18 -16.23
C GLY A 107 6.08 51.95 -14.77
N THR A 108 7.18 52.52 -14.29
CA THR A 108 7.44 52.60 -12.87
C THR A 108 6.93 53.92 -12.32
N THR A 109 7.57 54.38 -11.25
CA THR A 109 7.35 55.72 -10.73
C THR A 109 7.24 56.77 -11.86
N LEU A 110 7.86 56.50 -13.01
CA LEU A 110 7.79 57.34 -14.21
C LEU A 110 8.62 58.61 -14.09
N ASP A 111 9.78 58.53 -13.42
CA ASP A 111 10.63 59.69 -13.23
C ASP A 111 12.05 59.45 -13.72
N SER A 112 12.24 58.49 -14.62
CA SER A 112 13.55 58.21 -15.20
C SER A 112 14.60 57.94 -14.12
N LYS A 113 14.18 57.38 -12.99
CA LYS A 113 15.13 56.80 -12.06
C LYS A 113 15.14 55.28 -12.12
N THR A 114 14.11 54.83 -12.85
CA THR A 114 13.84 53.47 -13.31
C THR A 114 13.90 53.55 -14.86
N GLN A 115 13.37 52.53 -15.55
CA GLN A 115 13.30 52.48 -17.03
C GLN A 115 11.89 52.56 -17.72
N SER A 116 10.84 52.02 -17.12
CA SER A 116 9.47 52.05 -17.70
C SER A 116 9.13 51.36 -19.07
N LEU A 117 7.83 51.40 -19.39
CA LEU A 117 7.26 50.79 -20.59
C LEU A 117 5.81 51.17 -20.75
N LEU A 118 5.26 50.75 -21.91
CA LEU A 118 3.87 50.85 -22.44
C LEU A 118 3.88 50.64 -23.95
N ILE A 119 2.68 50.54 -24.52
CA ILE A 119 2.44 50.39 -25.98
C ILE A 119 2.14 51.80 -26.57
N VAL A 120 1.47 51.88 -27.74
CA VAL A 120 1.12 53.10 -28.53
C VAL A 120 0.57 52.65 -29.87
N ASN A 121 0.39 53.58 -30.80
CA ASN A 121 -0.05 53.24 -32.17
C ASN A 121 -0.02 54.51 -33.01
N ASN A 122 -0.07 54.37 -34.33
CA ASN A 122 -0.11 55.54 -35.24
C ASN A 122 -1.12 55.19 -36.34
N ALA A 123 -2.25 54.57 -35.98
CA ALA A 123 -3.19 54.12 -37.01
C ALA A 123 -2.34 53.51 -38.14
N THR A 124 -1.33 52.72 -37.76
CA THR A 124 -0.41 52.17 -38.79
C THR A 124 0.32 50.95 -38.24
N ASN A 125 0.76 50.98 -36.99
CA ASN A 125 1.57 49.83 -36.51
C ASN A 125 1.47 49.64 -34.99
N VAL A 126 2.43 48.89 -34.43
CA VAL A 126 2.42 48.61 -33.00
C VAL A 126 3.84 48.75 -32.45
N VAL A 127 4.09 49.81 -31.68
CA VAL A 127 5.42 50.09 -31.15
C VAL A 127 5.40 49.88 -29.65
N ILE A 128 6.56 49.49 -29.11
CA ILE A 128 6.70 49.30 -27.67
C ILE A 128 7.97 49.97 -27.15
N LYS A 129 7.84 51.16 -26.61
CA LYS A 129 8.97 51.81 -25.97
C LYS A 129 9.16 51.27 -24.56
N VAL A 130 10.41 51.08 -24.17
CA VAL A 130 10.70 50.60 -22.83
C VAL A 130 11.83 51.41 -22.21
N CYS A 131 12.26 52.47 -22.88
CA CYS A 131 13.45 53.19 -22.46
C CYS A 131 13.19 54.06 -21.23
N GLU A 132 14.27 54.54 -20.63
CA GLU A 132 14.18 55.26 -19.35
C GLU A 132 13.61 56.64 -19.61
N PHE A 133 12.31 56.81 -19.32
CA PHE A 133 11.63 58.04 -19.66
C PHE A 133 11.48 58.93 -18.45
N GLN A 134 11.67 60.23 -18.67
CA GLN A 134 11.26 61.26 -17.72
C GLN A 134 9.99 61.87 -18.30
N PHE A 135 8.89 61.73 -17.58
CA PHE A 135 7.58 61.99 -18.18
C PHE A 135 7.07 63.38 -17.83
N CYS A 136 5.91 63.69 -18.42
CA CYS A 136 5.20 64.91 -18.14
C CYS A 136 4.31 64.69 -16.92
N ASN A 137 3.48 65.68 -16.59
CA ASN A 137 2.44 65.45 -15.61
C ASN A 137 1.15 64.92 -16.25
N ASP A 138 0.90 65.29 -17.51
CA ASP A 138 -0.23 64.76 -18.26
C ASP A 138 0.23 64.48 -19.68
N PRO A 139 0.81 63.30 -19.92
CA PRO A 139 1.26 62.96 -21.27
C PRO A 139 0.09 62.72 -22.20
N PHE A 140 0.33 62.99 -23.48
CA PHE A 140 -0.65 62.76 -24.53
C PHE A 140 0.07 62.90 -25.86
N LEU A 141 -0.70 62.86 -26.94
CA LEU A 141 -0.18 63.01 -28.29
C LEU A 141 -0.98 64.05 -29.03
N GLY A 142 -0.32 64.83 -29.87
CA GLY A 142 -1.01 65.84 -30.66
C GLY A 142 -1.44 65.30 -32.02
N VAL A 143 -2.73 65.44 -32.33
CA VAL A 143 -3.24 64.91 -33.58
C VAL A 143 -2.58 65.69 -34.71
N VAL A 159 4.61 61.51 -30.68
CA VAL A 159 4.68 62.91 -30.29
C VAL A 159 5.70 63.10 -29.17
N TYR A 160 5.70 62.19 -28.20
CA TYR A 160 6.71 62.23 -27.15
C TYR A 160 6.96 60.84 -26.58
N SER A 161 8.17 60.33 -26.81
CA SER A 161 8.73 59.25 -26.01
C SER A 161 10.24 59.19 -26.22
N SER A 162 11.01 59.52 -25.19
CA SER A 162 12.46 59.60 -25.34
C SER A 162 13.10 58.22 -25.21
N ALA A 163 13.86 57.82 -26.22
CA ALA A 163 14.54 56.52 -26.22
C ALA A 163 15.98 56.71 -25.75
N ASN A 164 16.28 56.19 -24.57
CA ASN A 164 17.61 56.25 -24.00
C ASN A 164 17.91 54.94 -23.28
N ASN A 165 19.19 54.57 -23.26
CA ASN A 165 19.75 53.53 -22.40
C ASN A 165 18.78 52.40 -22.12
N CYS A 166 18.26 51.76 -23.17
CA CYS A 166 17.23 50.75 -23.03
C CYS A 166 17.63 49.47 -23.76
N THR A 167 16.80 48.44 -23.62
CA THR A 167 17.12 47.12 -24.12
C THR A 167 15.94 46.43 -24.80
N PHE A 168 15.08 47.18 -25.49
CA PHE A 168 13.96 46.50 -26.13
C PHE A 168 13.21 47.43 -27.06
N GLU A 169 12.79 46.88 -28.20
CA GLU A 169 11.74 47.46 -29.06
C GLU A 169 11.17 46.40 -30.00
N TYR A 170 9.94 45.97 -29.74
CA TYR A 170 9.26 45.10 -30.68
C TYR A 170 8.32 45.91 -31.56
N VAL A 171 8.06 45.39 -32.75
CA VAL A 171 7.11 46.03 -33.65
C VAL A 171 6.46 44.94 -34.49
N SER A 172 5.44 45.30 -35.27
CA SER A 172 4.78 44.35 -36.15
C SER A 172 4.11 45.09 -37.29
N GLN A 173 3.19 44.42 -37.98
CA GLN A 173 2.46 44.97 -39.11
C GLN A 173 1.99 46.41 -38.89
N PHE A 186 -21.19 55.23 -29.01
CA PHE A 186 -20.03 54.46 -29.42
C PHE A 186 -20.44 53.03 -29.76
N LYS A 187 -19.93 52.44 -30.83
CA LYS A 187 -20.37 51.06 -31.13
C LYS A 187 -19.32 49.94 -31.33
N ASN A 188 -18.11 50.11 -30.86
CA ASN A 188 -17.10 49.08 -31.03
C ASN A 188 -16.92 48.30 -29.74
N LEU A 189 -15.72 47.71 -29.59
CA LEU A 189 -15.19 46.95 -28.45
C LEU A 189 -13.87 46.40 -28.91
N ARG A 190 -12.78 47.06 -28.53
CA ARG A 190 -11.42 46.70 -28.93
C ARG A 190 -10.75 45.77 -27.94
N GLU A 191 -9.65 46.23 -27.32
CA GLU A 191 -8.80 45.44 -26.43
C GLU A 191 -9.27 44.66 -25.22
N PHE A 192 -8.28 44.14 -24.57
CA PHE A 192 -8.46 43.24 -23.45
C PHE A 192 -7.36 43.12 -22.41
N VAL A 193 -7.62 42.12 -21.59
CA VAL A 193 -6.87 41.64 -20.42
C VAL A 193 -5.39 41.75 -20.45
N PHE A 194 -4.79 42.02 -19.30
CA PHE A 194 -3.38 42.31 -19.25
C PHE A 194 -2.57 41.99 -17.99
N LYS A 195 -1.75 40.94 -17.93
CA LYS A 195 -1.00 40.74 -16.66
C LYS A 195 0.47 40.24 -16.54
N ASN A 196 1.40 41.03 -17.07
CA ASN A 196 2.87 40.90 -17.01
C ASN A 196 3.42 40.00 -15.92
N ILE A 197 4.12 38.94 -16.33
CA ILE A 197 4.73 37.95 -15.44
C ILE A 197 6.05 37.53 -16.04
N ASP A 198 7.12 37.64 -15.25
CA ASP A 198 8.51 37.30 -15.56
C ASP A 198 8.84 36.60 -16.87
N GLY A 199 8.52 37.25 -17.97
CA GLY A 199 8.78 36.63 -19.25
C GLY A 199 7.70 36.97 -20.23
N TYR A 200 6.54 37.37 -19.71
CA TYR A 200 5.40 37.77 -20.54
C TYR A 200 4.58 38.86 -19.94
N PHE A 201 3.64 39.29 -20.76
CA PHE A 201 2.75 40.31 -20.35
C PHE A 201 1.41 39.71 -20.57
N LYS A 202 1.35 38.50 -21.17
CA LYS A 202 0.08 37.84 -21.39
C LYS A 202 -0.91 38.79 -22.05
N ILE A 203 -0.45 39.57 -23.03
CA ILE A 203 -1.40 40.44 -23.70
C ILE A 203 -2.37 39.53 -24.42
N TYR A 204 -3.57 39.48 -23.90
CA TYR A 204 -4.62 38.79 -24.63
C TYR A 204 -5.35 39.87 -25.40
N SER A 205 -6.42 39.50 -26.08
CA SER A 205 -7.24 40.46 -26.81
C SER A 205 -8.56 39.87 -27.18
N LYS A 206 -9.27 40.64 -27.98
CA LYS A 206 -10.54 40.36 -28.61
C LYS A 206 -10.85 41.55 -29.52
N HIS A 207 -12.09 41.59 -29.98
CA HIS A 207 -12.65 42.62 -30.85
C HIS A 207 -14.07 42.21 -31.06
N THR A 208 -15.00 43.10 -30.85
CA THR A 208 -16.39 42.81 -31.17
C THR A 208 -17.21 44.07 -31.39
N PRO A 209 -18.07 44.06 -32.42
CA PRO A 209 -18.92 45.20 -32.76
C PRO A 209 -20.18 45.20 -31.90
N ILE A 210 -20.39 46.33 -31.23
CA ILE A 210 -21.45 46.57 -30.28
C ILE A 210 -22.37 47.74 -30.64
N ASN A 211 -23.66 47.58 -30.35
CA ASN A 211 -24.64 48.63 -30.61
C ASN A 211 -25.40 49.00 -29.34
N LEU A 212 -24.67 49.27 -28.26
CA LEU A 212 -25.27 49.61 -26.99
C LEU A 212 -25.48 51.11 -26.80
N VAL A 213 -25.16 51.59 -25.60
CA VAL A 213 -25.37 52.99 -25.28
C VAL A 213 -24.31 53.57 -24.35
N ARG A 214 -24.46 53.33 -23.06
CA ARG A 214 -23.54 53.88 -22.09
C ARG A 214 -22.55 52.84 -21.60
N ASP A 215 -22.96 51.59 -21.63
CA ASP A 215 -22.10 50.53 -21.13
C ASP A 215 -21.71 49.47 -22.15
N LEU A 216 -22.03 48.23 -21.82
CA LEU A 216 -21.70 47.11 -22.67
C LEU A 216 -22.81 46.08 -22.63
N PRO A 217 -22.66 44.96 -23.33
CA PRO A 217 -23.64 43.90 -23.33
C PRO A 217 -23.03 42.58 -22.95
N GLN A 218 -23.81 41.54 -22.75
CA GLN A 218 -23.21 40.26 -22.33
C GLN A 218 -23.09 39.10 -23.34
N GLY A 219 -21.85 38.65 -23.51
CA GLY A 219 -21.44 37.57 -24.40
C GLY A 219 -19.99 37.30 -24.02
N PHE A 220 -19.55 36.06 -24.10
CA PHE A 220 -18.17 35.76 -23.68
C PHE A 220 -17.20 35.16 -24.68
N SER A 221 -15.95 35.62 -24.57
CA SER A 221 -14.83 35.16 -25.36
C SER A 221 -13.55 35.71 -24.68
N ALA A 222 -13.02 35.14 -23.58
CA ALA A 222 -11.70 35.62 -23.08
C ALA A 222 -10.77 35.16 -24.17
N LEU A 223 -10.78 35.95 -25.24
CA LEU A 223 -10.10 35.77 -26.53
C LEU A 223 -8.65 35.33 -26.67
N GLU A 224 -8.23 35.18 -27.93
CA GLU A 224 -6.87 34.77 -28.25
C GLU A 224 -5.83 35.77 -27.77
N PRO A 225 -4.63 35.27 -27.42
CA PRO A 225 -3.53 36.09 -26.92
C PRO A 225 -2.54 36.50 -28.00
N LEU A 226 -1.58 37.33 -27.61
CA LEU A 226 -0.54 37.83 -28.46
C LEU A 226 0.79 37.76 -27.70
N VAL A 227 1.80 38.42 -28.24
CA VAL A 227 3.19 38.45 -27.74
C VAL A 227 3.58 38.56 -26.26
N ASP A 228 4.77 38.06 -25.94
CA ASP A 228 5.30 38.10 -24.57
C ASP A 228 6.75 38.57 -24.57
N LEU A 229 7.01 39.67 -23.87
CA LEU A 229 8.35 40.22 -23.80
C LEU A 229 9.00 40.03 -22.42
N PRO A 230 10.34 40.03 -22.39
CA PRO A 230 11.13 39.86 -21.17
C PRO A 230 11.20 41.15 -20.38
N ILE A 231 10.87 41.11 -19.09
CA ILE A 231 10.93 42.33 -18.30
C ILE A 231 11.27 41.96 -16.87
N GLY A 232 10.31 42.02 -15.97
CA GLY A 232 10.57 41.70 -14.59
C GLY A 232 10.53 43.01 -13.87
N ILE A 233 9.54 43.82 -14.21
CA ILE A 233 9.38 45.10 -13.58
C ILE A 233 8.00 45.14 -12.97
N ASN A 234 7.83 45.96 -11.95
CA ASN A 234 6.55 46.08 -11.27
C ASN A 234 5.65 47.12 -11.92
N ILE A 235 5.06 46.76 -13.06
CA ILE A 235 4.18 47.66 -13.77
C ILE A 235 3.07 48.05 -12.85
N THR A 236 2.97 49.33 -12.58
CA THR A 236 1.90 49.88 -11.76
C THR A 236 1.40 51.15 -12.44
N ARG A 237 0.46 51.84 -11.81
CA ARG A 237 -0.10 53.08 -12.27
C ARG A 237 -0.57 52.86 -13.66
N PHE A 238 -1.50 51.95 -13.80
CA PHE A 238 -2.09 51.69 -15.07
C PHE A 238 -2.70 53.02 -15.46
N GLN A 239 -2.07 53.67 -16.44
CA GLN A 239 -2.58 54.93 -16.98
C GLN A 239 -2.93 54.70 -18.45
N THR A 240 -3.49 55.69 -19.11
CA THR A 240 -3.88 55.47 -20.49
C THR A 240 -3.48 56.62 -21.34
N LEU A 241 -4.03 56.71 -22.54
CA LEU A 241 -3.58 57.77 -23.42
C LEU A 241 -4.72 58.26 -24.31
N LEU A 242 -4.49 59.41 -24.94
CA LEU A 242 -5.40 60.00 -25.92
C LEU A 242 -4.67 61.10 -26.67
N ALA A 243 -5.24 61.48 -27.82
CA ALA A 243 -4.60 62.43 -28.72
C ALA A 243 -5.20 63.82 -28.52
N LEU A 244 -4.78 64.81 -29.30
CA LEU A 244 -5.27 66.16 -29.03
C LEU A 244 -5.01 67.07 -30.23
N HIS A 245 -5.89 68.06 -30.41
CA HIS A 245 -5.80 69.09 -31.45
C HIS A 245 -4.88 70.23 -31.05
N ARG A 246 -4.24 70.14 -29.90
CA ARG A 246 -3.33 71.17 -29.39
C ARG A 246 -2.21 70.46 -28.62
N SER A 247 -1.45 71.18 -27.79
CA SER A 247 -0.48 70.49 -26.96
C SER A 247 -0.07 71.34 -25.77
N TYR A 248 0.46 70.67 -24.75
CA TYR A 248 1.02 71.27 -23.54
C TYR A 248 1.94 70.27 -22.85
N LEU A 249 3.26 70.53 -22.88
CA LEU A 249 4.24 69.53 -22.48
C LEU A 249 4.72 69.68 -21.03
N THR A 250 4.00 70.46 -20.22
CA THR A 250 4.33 70.61 -18.80
C THR A 250 5.77 71.05 -18.60
N ALA A 264 -15.07 56.68 -21.58
CA ALA A 264 -14.64 56.16 -22.87
C ALA A 264 -13.86 54.87 -22.71
N TYR A 265 -13.49 54.53 -21.48
CA TYR A 265 -12.82 53.26 -21.26
C TYR A 265 -13.12 52.78 -19.85
N TYR A 266 -12.91 51.49 -19.63
CA TYR A 266 -13.23 50.87 -18.36
C TYR A 266 -12.02 50.15 -17.82
N VAL A 267 -11.94 50.09 -16.50
CA VAL A 267 -10.85 49.43 -15.80
C VAL A 267 -11.42 48.76 -14.57
N GLY A 268 -11.04 47.52 -14.35
CA GLY A 268 -11.18 46.87 -13.07
C GLY A 268 -9.94 46.07 -12.76
N TYR A 269 -10.12 45.00 -11.98
CA TYR A 269 -8.91 44.33 -11.52
C TYR A 269 -9.18 42.82 -11.44
N LEU A 270 -8.66 42.08 -12.41
CA LEU A 270 -8.66 40.62 -12.38
C LEU A 270 -8.08 40.10 -11.06
N GLN A 271 -8.66 39.04 -10.54
CA GLN A 271 -8.47 38.60 -9.16
C GLN A 271 -8.48 37.10 -9.03
N PRO A 272 -8.00 36.56 -7.90
CA PRO A 272 -7.81 35.11 -7.78
C PRO A 272 -9.08 34.35 -7.42
N ARG A 273 -9.49 33.44 -8.31
CA ARG A 273 -10.58 32.50 -8.08
C ARG A 273 -10.71 31.52 -9.25
N THR A 274 -11.22 30.32 -9.00
CA THR A 274 -11.33 29.32 -10.04
C THR A 274 -12.51 29.64 -10.97
N PHE A 275 -12.53 28.98 -12.12
CA PHE A 275 -13.61 29.13 -13.09
C PHE A 275 -13.73 27.88 -13.95
N LEU A 276 -14.89 27.24 -13.95
CA LEU A 276 -15.11 26.25 -15.00
C LEU A 276 -15.44 26.96 -16.31
N LEU A 277 -15.44 26.18 -17.39
CA LEU A 277 -15.68 26.76 -18.71
C LEU A 277 -15.96 25.64 -19.68
N LYS A 278 -16.85 25.93 -20.63
CA LYS A 278 -17.39 24.94 -21.55
C LYS A 278 -16.88 25.21 -22.96
N TYR A 279 -15.76 24.59 -23.30
CA TYR A 279 -15.34 24.57 -24.70
C TYR A 279 -16.39 23.84 -25.51
N ASN A 280 -16.83 24.47 -26.60
CA ASN A 280 -18.04 23.99 -27.27
C ASN A 280 -17.84 22.91 -28.33
N GLU A 281 -17.31 23.28 -29.50
CA GLU A 281 -16.87 22.33 -30.51
C GLU A 281 -15.60 22.79 -31.20
N ASN A 282 -15.30 24.08 -31.15
CA ASN A 282 -13.98 24.60 -31.49
C ASN A 282 -13.28 25.10 -30.24
N GLY A 283 -13.53 24.47 -29.10
CA GLY A 283 -13.00 24.96 -27.87
C GLY A 283 -13.52 26.33 -27.47
N THR A 284 -14.17 27.04 -28.39
CA THR A 284 -14.56 28.42 -28.19
C THR A 284 -15.32 28.56 -26.89
N ILE A 285 -14.84 29.45 -26.02
CA ILE A 285 -15.32 29.43 -24.65
C ILE A 285 -16.76 29.90 -24.61
N THR A 286 -17.48 29.41 -23.62
CA THR A 286 -18.90 29.73 -23.49
C THR A 286 -19.29 29.37 -22.06
N ASP A 287 -19.91 30.30 -21.35
CA ASP A 287 -20.51 30.00 -20.05
C ASP A 287 -19.52 29.54 -18.98
N ALA A 288 -18.75 30.45 -18.41
CA ALA A 288 -18.01 30.12 -17.21
C ALA A 288 -18.96 30.05 -16.01
N VAL A 289 -18.39 29.77 -14.84
CA VAL A 289 -19.12 29.72 -13.57
C VAL A 289 -18.24 30.26 -12.44
N ASP A 290 -18.56 31.46 -11.94
CA ASP A 290 -17.84 31.92 -10.76
C ASP A 290 -18.09 30.94 -9.65
N CYS A 291 -17.09 30.15 -9.29
CA CYS A 291 -17.31 29.16 -8.25
C CYS A 291 -17.54 29.89 -6.95
N ALA A 292 -17.26 31.19 -6.94
CA ALA A 292 -17.61 32.08 -5.85
C ALA A 292 -18.76 32.96 -6.32
N LEU A 293 -19.99 32.58 -5.98
CA LEU A 293 -21.17 33.34 -6.35
C LEU A 293 -22.33 32.78 -5.55
N ASP A 294 -23.57 33.12 -5.92
CA ASP A 294 -24.72 32.43 -5.34
C ASP A 294 -24.41 30.95 -5.34
N PRO A 295 -24.71 30.26 -4.26
CA PRO A 295 -24.20 28.90 -4.09
C PRO A 295 -24.49 28.04 -5.28
N LEU A 296 -25.66 28.24 -5.88
CA LEU A 296 -26.03 27.56 -7.11
C LEU A 296 -24.85 27.37 -8.05
N SER A 297 -24.08 28.45 -8.22
CA SER A 297 -22.94 28.40 -9.10
C SER A 297 -21.91 27.38 -8.63
N GLU A 298 -21.54 27.44 -7.35
CA GLU A 298 -20.50 26.51 -6.91
C GLU A 298 -21.02 25.09 -6.93
N THR A 299 -22.33 24.89 -6.77
CA THR A 299 -22.90 23.57 -6.98
C THR A 299 -22.61 23.10 -8.39
N LYS A 300 -22.96 23.94 -9.37
CA LYS A 300 -22.69 23.61 -10.76
C LYS A 300 -21.23 23.27 -10.95
N CYS A 301 -20.36 23.99 -10.25
CA CYS A 301 -18.94 23.70 -10.26
C CYS A 301 -18.72 22.26 -9.84
N THR A 302 -19.10 21.92 -8.62
CA THR A 302 -18.84 20.58 -8.09
C THR A 302 -19.53 19.52 -8.92
N LEU A 303 -20.77 19.79 -9.32
CA LEU A 303 -21.54 18.80 -10.07
C LEU A 303 -20.94 18.58 -11.44
N LYS A 304 -19.99 19.44 -11.83
CA LYS A 304 -19.25 19.29 -13.08
C LYS A 304 -20.16 19.36 -14.29
N SER A 305 -21.37 19.86 -14.11
CA SER A 305 -22.26 20.14 -15.22
C SER A 305 -22.80 21.54 -15.08
N PHE A 306 -23.12 22.13 -16.23
CA PHE A 306 -23.72 23.44 -16.24
C PHE A 306 -25.24 23.37 -16.17
N THR A 307 -25.74 22.26 -15.61
CA THR A 307 -27.15 22.07 -15.26
C THR A 307 -27.20 21.23 -13.99
N VAL A 308 -28.14 21.57 -13.10
CA VAL A 308 -28.34 20.80 -11.88
C VAL A 308 -29.81 20.43 -11.75
N GLU A 309 -30.05 19.27 -11.15
CA GLU A 309 -31.38 18.75 -10.88
C GLU A 309 -31.88 19.19 -9.52
N LYS A 310 -32.92 18.53 -9.04
CA LYS A 310 -33.52 18.80 -7.75
C LYS A 310 -32.88 17.92 -6.69
N GLY A 311 -32.32 18.53 -5.64
CA GLY A 311 -31.71 17.76 -4.58
C GLY A 311 -30.97 18.58 -3.54
N ILE A 312 -29.92 18.02 -2.96
CA ILE A 312 -29.04 18.73 -2.04
C ILE A 312 -27.61 18.33 -2.34
N TYR A 313 -26.65 19.12 -1.86
CA TYR A 313 -25.25 18.89 -2.20
C TYR A 313 -24.34 19.42 -1.10
N GLN A 314 -23.47 18.57 -0.59
CA GLN A 314 -22.47 19.02 0.37
C GLN A 314 -21.35 19.74 -0.36
N THR A 315 -21.24 21.05 -0.12
CA THR A 315 -20.11 21.85 -0.59
C THR A 315 -19.62 22.71 0.57
N SER A 316 -19.34 22.06 1.70
CA SER A 316 -19.13 22.73 2.98
C SER A 316 -17.72 23.23 3.19
N ASN A 317 -17.52 23.97 4.29
CA ASN A 317 -16.23 24.54 4.63
C ASN A 317 -15.80 25.53 3.55
N PHE A 318 -16.68 26.48 3.27
CA PHE A 318 -16.42 27.33 2.10
C PHE A 318 -16.66 28.79 2.46
N ARG A 319 -16.49 29.13 3.73
CA ARG A 319 -16.71 30.51 4.12
C ARG A 319 -15.51 30.98 4.94
N VAL A 320 -14.61 31.72 4.30
CA VAL A 320 -13.19 31.84 4.66
C VAL A 320 -12.92 32.10 6.13
N GLN A 321 -11.85 31.52 6.64
CA GLN A 321 -11.50 31.38 8.04
C GLN A 321 -10.90 32.66 8.60
N PRO A 322 -10.84 32.78 9.92
CA PRO A 322 -10.54 34.07 10.56
C PRO A 322 -9.14 34.66 10.42
N THR A 323 -8.07 33.86 10.44
CA THR A 323 -6.81 34.27 9.79
C THR A 323 -6.06 35.49 10.36
N GLU A 324 -5.28 35.32 11.45
CA GLU A 324 -4.38 36.38 11.90
C GLU A 324 -2.94 35.90 12.15
N SER A 325 -1.97 36.67 12.65
CA SER A 325 -0.60 36.16 12.84
C SER A 325 0.07 36.88 13.99
N ILE A 326 0.07 36.27 15.18
CA ILE A 326 0.68 36.87 16.40
C ILE A 326 1.30 35.84 17.37
N VAL A 327 1.88 36.32 18.49
CA VAL A 327 2.55 35.44 19.48
C VAL A 327 2.65 35.97 20.94
N ARG A 328 2.70 35.04 21.90
CA ARG A 328 2.85 35.32 23.34
C ARG A 328 4.04 34.49 23.84
N PHE A 329 4.87 35.03 24.75
CA PHE A 329 6.11 34.34 25.13
C PHE A 329 6.74 34.76 26.46
N PRO A 330 8.05 34.45 26.65
CA PRO A 330 8.56 34.96 27.94
C PRO A 330 9.70 35.96 27.91
N ASN A 331 10.26 36.26 29.08
CA ASN A 331 11.36 37.21 29.25
C ASN A 331 12.63 36.47 29.69
N ILE A 332 13.63 36.45 28.81
CA ILE A 332 14.87 35.70 29.02
C ILE A 332 16.05 36.67 28.87
N THR A 333 15.93 37.85 29.50
CA THR A 333 16.83 38.99 29.30
C THR A 333 18.28 38.66 28.96
N ASN A 334 18.83 37.57 29.50
CA ASN A 334 20.22 37.20 29.25
C ASN A 334 20.50 36.71 27.84
N LEU A 335 21.59 37.22 27.26
CA LEU A 335 21.98 36.84 25.91
C LEU A 335 22.89 35.63 25.97
N CYS A 336 23.12 34.97 24.84
CA CYS A 336 23.97 33.80 24.83
C CYS A 336 25.45 34.14 24.71
N PRO A 337 26.31 33.21 25.15
CA PRO A 337 27.75 33.39 25.10
C PRO A 337 28.36 32.86 23.80
N PHE A 338 27.52 32.33 22.89
CA PHE A 338 27.91 31.77 21.61
C PHE A 338 28.96 32.65 20.95
N GLY A 339 28.80 33.96 21.07
CA GLY A 339 29.75 34.90 20.51
C GLY A 339 31.14 34.61 21.03
N GLU A 340 31.21 34.07 22.25
CA GLU A 340 32.47 33.72 22.86
C GLU A 340 32.65 32.21 22.99
N VAL A 341 31.58 31.45 23.21
CA VAL A 341 31.80 30.01 23.25
C VAL A 341 32.16 29.52 21.86
N PHE A 342 31.90 30.35 20.84
CA PHE A 342 32.48 30.13 19.52
C PHE A 342 33.84 30.81 19.40
N ASN A 343 33.99 31.98 20.02
CA ASN A 343 35.29 32.64 20.05
C ASN A 343 36.14 32.04 21.16
N ALA A 344 35.76 30.85 21.64
CA ALA A 344 36.45 30.18 22.73
C ALA A 344 37.57 29.33 22.14
N THR A 345 38.81 29.64 22.50
CA THR A 345 39.96 28.86 22.03
C THR A 345 40.07 27.58 22.84
N ARG A 346 39.03 26.76 22.82
CA ARG A 346 38.99 25.57 23.66
C ARG A 346 38.49 24.32 22.94
N PHE A 347 38.42 24.32 21.62
CA PHE A 347 37.91 23.15 20.91
C PHE A 347 38.97 22.07 20.99
N ALA A 348 38.92 21.23 22.01
CA ALA A 348 40.11 20.46 22.31
C ALA A 348 40.27 19.24 21.41
N SER A 349 39.38 18.26 21.56
CA SER A 349 39.57 17.00 20.87
C SER A 349 38.36 16.08 21.03
N VAL A 350 38.51 14.85 20.58
CA VAL A 350 37.45 13.85 20.66
C VAL A 350 37.27 13.37 22.10
N TYR A 351 38.28 12.74 22.67
CA TYR A 351 38.16 12.33 24.07
C TYR A 351 38.45 13.54 24.93
N ALA A 352 37.89 14.68 24.54
CA ALA A 352 37.94 15.89 25.32
C ALA A 352 36.64 16.65 25.10
N TRP A 353 35.61 15.96 24.64
CA TRP A 353 34.52 16.69 24.00
C TRP A 353 33.60 17.30 25.05
N ASN A 354 34.17 18.07 25.98
CA ASN A 354 33.38 18.75 27.00
C ASN A 354 32.12 19.39 26.44
N ARG A 355 30.97 19.13 27.02
CA ARG A 355 29.77 19.78 26.48
C ARG A 355 29.02 20.52 27.57
N LYS A 356 28.82 21.81 27.35
CA LYS A 356 28.15 22.65 28.33
C LYS A 356 26.67 22.87 28.10
N ARG A 357 25.90 22.85 29.17
CA ARG A 357 24.48 23.10 29.00
C ARG A 357 24.21 24.52 28.80
N ILE A 358 24.30 24.96 27.55
CA ILE A 358 23.95 26.37 27.44
C ILE A 358 22.45 26.49 27.66
N SER A 359 22.07 27.53 28.39
CA SER A 359 20.67 27.68 28.75
C SER A 359 20.41 29.15 29.03
N ASN A 360 19.12 29.50 29.01
CA ASN A 360 18.72 30.88 29.27
C ASN A 360 19.43 31.84 28.35
N CYS A 361 19.38 31.58 27.06
CA CYS A 361 19.81 32.55 26.07
C CYS A 361 18.57 33.07 25.36
N VAL A 362 18.75 34.04 24.48
CA VAL A 362 17.67 34.42 23.57
C VAL A 362 18.24 34.48 22.17
N ALA A 363 19.34 33.75 21.96
CA ALA A 363 20.22 33.99 20.83
C ALA A 363 19.45 34.26 19.55
N ASP A 364 19.63 35.45 19.00
CA ASP A 364 19.04 35.78 17.71
C ASP A 364 19.82 34.94 16.70
N TYR A 365 19.53 33.64 16.71
CA TYR A 365 20.29 32.69 15.85
C TYR A 365 20.72 33.35 14.55
N SER A 366 19.94 34.30 14.05
CA SER A 366 20.41 35.04 12.85
C SER A 366 21.92 35.15 12.97
N VAL A 367 22.40 35.70 14.09
CA VAL A 367 23.86 35.82 14.34
C VAL A 367 24.56 34.63 13.71
N LEU A 368 24.22 33.41 14.14
CA LEU A 368 24.89 32.20 13.63
C LEU A 368 24.95 32.26 12.11
N TYR A 369 23.79 32.35 11.46
CA TYR A 369 23.79 32.32 9.98
C TYR A 369 23.97 33.73 9.42
N ASN A 370 24.19 34.73 10.27
CA ASN A 370 24.45 36.06 9.71
C ASN A 370 25.77 36.68 10.14
N SER A 371 25.92 36.98 11.43
CA SER A 371 27.08 37.75 11.88
C SER A 371 28.17 36.79 12.31
N ALA A 372 28.37 35.78 11.47
CA ALA A 372 29.38 34.78 11.75
C ALA A 372 30.19 34.43 10.53
N SER A 373 29.52 34.32 9.39
CA SER A 373 30.05 33.68 8.20
C SER A 373 30.74 32.37 8.56
N PHE A 374 30.23 31.66 9.56
CA PHE A 374 30.85 30.41 9.99
C PHE A 374 30.69 29.37 8.89
N SER A 375 31.78 29.04 8.22
CA SER A 375 31.78 28.48 6.87
C SER A 375 30.71 27.43 6.61
N THR A 376 30.78 26.29 7.28
CA THR A 376 29.80 25.26 7.00
C THR A 376 28.67 25.32 8.02
N PHE A 377 27.46 24.96 7.58
CA PHE A 377 26.30 25.09 8.44
C PHE A 377 25.29 23.95 8.25
N LYS A 378 25.76 22.74 7.94
CA LYS A 378 24.85 21.61 7.81
C LYS A 378 24.03 21.47 9.09
N CYS A 379 22.72 21.53 8.94
CA CYS A 379 21.82 21.68 10.09
C CYS A 379 20.78 20.58 10.12
N TYR A 380 21.23 19.33 10.10
CA TYR A 380 20.35 18.16 10.09
C TYR A 380 19.19 18.39 11.05
N GLY A 381 17.97 18.42 10.51
CA GLY A 381 16.82 18.81 11.29
C GLY A 381 16.23 20.13 10.85
N VAL A 382 16.08 21.06 11.79
CA VAL A 382 15.36 22.31 11.56
C VAL A 382 16.12 23.19 10.57
N SER A 383 15.38 24.05 9.86
CA SER A 383 15.94 24.99 8.91
C SER A 383 16.34 26.27 9.62
N PRO A 384 17.46 26.88 9.26
CA PRO A 384 17.98 28.02 10.02
C PRO A 384 17.02 29.19 10.05
N THR A 385 16.26 29.34 8.96
CA THR A 385 15.34 30.47 8.82
C THR A 385 14.41 30.60 10.02
N LYS A 386 13.88 29.47 10.50
CA LYS A 386 12.99 29.49 11.64
C LYS A 386 13.68 29.09 12.92
N LEU A 387 15.00 28.92 12.88
CA LEU A 387 15.77 28.53 14.06
C LEU A 387 15.43 29.46 15.21
N ASN A 388 15.22 30.74 14.91
CA ASN A 388 14.73 31.69 15.91
C ASN A 388 13.21 31.82 15.79
N ASP A 389 12.52 30.69 15.87
CA ASP A 389 11.07 30.81 16.05
C ASP A 389 10.57 30.05 17.28
N LEU A 390 10.94 28.79 17.47
CA LEU A 390 10.44 28.10 18.67
C LEU A 390 11.41 28.29 19.83
N CYS A 391 11.08 27.76 21.02
CA CYS A 391 12.03 27.85 22.14
C CYS A 391 12.41 26.41 22.49
N PHE A 392 13.69 26.10 22.38
CA PHE A 392 14.20 24.74 22.55
C PHE A 392 14.45 24.11 23.90
N THR A 393 14.26 24.83 24.99
CA THR A 393 14.46 24.28 26.33
C THR A 393 15.92 23.88 26.78
N ASN A 394 16.73 23.18 25.98
CA ASN A 394 18.08 22.86 26.39
C ASN A 394 18.93 22.60 25.15
N VAL A 395 20.14 23.13 25.16
CA VAL A 395 21.03 23.05 24.02
C VAL A 395 22.38 22.59 24.57
N TYR A 396 23.28 21.99 23.79
CA TYR A 396 24.58 21.65 24.37
C TYR A 396 25.77 22.23 23.63
N ALA A 397 26.73 22.67 24.41
CA ALA A 397 27.95 23.26 23.92
C ALA A 397 28.96 22.20 23.50
N ASP A 398 28.69 21.50 22.41
CA ASP A 398 29.62 20.47 21.99
C ASP A 398 30.57 20.81 20.87
N SER A 399 31.86 20.58 21.10
CA SER A 399 32.87 20.90 20.08
C SER A 399 34.13 20.05 20.15
N PHE A 400 34.94 20.11 19.10
CA PHE A 400 36.18 19.33 19.04
C PHE A 400 37.25 19.93 18.10
N VAL A 401 37.58 19.21 17.02
CA VAL A 401 38.47 19.57 15.91
C VAL A 401 38.63 18.34 15.08
N ILE A 402 38.81 18.47 13.78
CA ILE A 402 38.94 17.27 12.96
C ILE A 402 40.23 17.15 12.14
N ARG A 403 40.28 16.13 11.30
CA ARG A 403 41.42 15.89 10.45
C ARG A 403 41.29 16.63 9.13
N GLY A 404 40.38 17.60 9.09
CA GLY A 404 40.22 18.41 7.91
C GLY A 404 39.50 17.58 6.90
N ASP A 405 40.17 16.51 6.52
CA ASP A 405 39.69 15.55 5.56
C ASP A 405 38.21 15.13 5.72
N GLU A 406 37.79 14.83 6.94
CA GLU A 406 36.42 14.40 7.17
C GLU A 406 35.52 15.43 7.80
N VAL A 407 35.47 16.62 7.22
CA VAL A 407 34.67 17.66 7.83
C VAL A 407 33.22 17.36 7.61
N ARG A 408 32.91 16.09 7.73
CA ARG A 408 31.58 15.62 7.54
C ARG A 408 31.33 14.38 8.40
N GLN A 409 32.36 13.92 9.11
CA GLN A 409 32.23 12.75 9.99
C GLN A 409 31.09 13.05 10.93
N ILE A 410 30.88 14.34 11.19
CA ILE A 410 29.83 14.71 12.12
C ILE A 410 28.56 14.85 11.30
N ALA A 411 27.78 13.78 11.25
CA ALA A 411 26.60 13.68 10.41
C ALA A 411 25.85 12.41 10.76
N PRO A 412 24.52 12.40 10.63
CA PRO A 412 23.74 11.23 11.03
C PRO A 412 24.22 9.92 10.43
N GLY A 413 24.75 9.05 11.29
CA GLY A 413 25.13 7.69 10.91
C GLY A 413 26.33 7.65 9.99
N GLN A 414 26.54 8.77 9.31
CA GLN A 414 27.68 8.99 8.44
C GLN A 414 28.97 8.67 9.17
N THR A 415 29.71 7.68 8.66
CA THR A 415 30.67 6.87 9.41
C THR A 415 31.99 7.56 9.67
N GLY A 416 33.02 6.77 10.00
CA GLY A 416 34.39 7.26 10.00
C GLY A 416 35.03 7.26 11.37
N LYS A 417 36.35 7.51 11.41
CA LYS A 417 37.10 7.29 12.63
C LYS A 417 36.51 8.03 13.82
N ILE A 418 35.92 9.19 13.58
CA ILE A 418 35.24 9.90 14.66
C ILE A 418 33.95 9.20 15.03
N ALA A 419 33.10 8.94 14.04
CA ALA A 419 31.91 8.11 14.30
C ALA A 419 32.32 6.72 14.74
N ASP A 420 33.53 6.30 14.37
CA ASP A 420 34.23 5.15 14.90
C ASP A 420 34.82 5.60 16.23
N TYR A 421 35.93 5.03 16.66
CA TYR A 421 36.32 5.18 18.06
C TYR A 421 36.72 6.60 18.38
N ASN A 422 35.86 7.58 18.12
CA ASN A 422 36.12 8.89 18.70
C ASN A 422 34.85 9.59 19.19
N TYR A 423 33.71 9.34 18.54
CA TYR A 423 32.50 10.10 18.81
C TYR A 423 31.32 9.49 18.05
N LYS A 424 30.15 10.13 18.08
CA LYS A 424 28.98 9.64 17.36
C LYS A 424 27.94 10.74 17.27
N LEU A 425 27.00 10.56 16.35
CA LEU A 425 25.87 11.46 16.18
C LEU A 425 24.57 10.67 16.16
N PRO A 426 23.56 11.10 16.90
CA PRO A 426 22.27 10.41 16.85
C PRO A 426 21.61 10.59 15.50
N ASP A 427 20.82 9.58 15.11
CA ASP A 427 20.16 9.60 13.81
C ASP A 427 19.19 10.77 13.72
N ASP A 428 18.75 11.28 14.86
CA ASP A 428 17.96 12.50 14.87
C ASP A 428 18.79 13.76 14.84
N PHE A 429 19.59 13.99 15.89
CA PHE A 429 20.44 15.17 15.97
C PHE A 429 19.76 16.42 15.45
N THR A 430 18.74 16.89 16.15
CA THR A 430 18.20 18.17 15.78
C THR A 430 19.24 19.22 16.16
N GLY A 431 20.19 19.45 15.27
CA GLY A 431 21.29 20.34 15.55
C GLY A 431 22.02 20.80 14.30
N CYS A 432 23.19 21.39 14.50
CA CYS A 432 24.02 21.84 13.39
C CYS A 432 25.46 21.49 13.65
N VAL A 433 26.22 21.41 12.56
CA VAL A 433 27.63 21.09 12.62
C VAL A 433 28.37 22.40 12.35
N ILE A 434 27.76 23.49 12.78
CA ILE A 434 28.29 24.82 12.49
C ILE A 434 29.76 24.84 12.88
N ALA A 435 30.62 24.99 11.88
CA ALA A 435 32.04 24.78 12.03
C ALA A 435 32.78 25.69 11.06
N TRP A 436 34.10 25.66 11.08
CA TRP A 436 34.87 26.49 10.16
C TRP A 436 36.34 26.10 10.14
N ASN A 437 36.98 26.23 8.98
CA ASN A 437 38.41 25.96 8.90
C ASN A 437 39.19 27.15 9.40
N SER A 438 39.82 26.95 10.55
CA SER A 438 40.58 28.00 11.19
C SER A 438 41.98 27.52 11.41
N ASN A 439 42.83 27.80 10.43
CA ASN A 439 44.24 27.41 10.45
C ASN A 439 45.13 28.50 11.00
N ASN A 440 44.53 29.48 11.68
CA ASN A 440 45.29 30.56 12.28
C ASN A 440 45.85 30.07 13.62
N LEU A 441 45.21 29.05 14.19
CA LEU A 441 45.63 28.47 15.45
C LEU A 441 45.65 26.95 15.36
N ASP A 442 45.49 26.44 14.15
CA ASP A 442 45.50 25.00 13.93
C ASP A 442 46.94 24.49 13.76
N ASN A 450 49.04 18.72 19.71
CA ASN A 450 48.21 18.72 20.92
C ASN A 450 46.92 17.92 20.91
N TYR A 451 45.95 18.40 20.13
CA TYR A 451 44.60 17.83 19.97
C TYR A 451 44.32 16.36 20.32
N LEU A 452 44.75 15.44 19.45
CA LEU A 452 44.57 13.97 19.57
C LEU A 452 43.16 13.38 19.52
N TYR A 453 43.07 12.08 19.26
CA TYR A 453 41.78 11.39 19.25
C TYR A 453 41.95 9.98 19.80
N ARG A 454 41.82 9.02 18.89
CA ARG A 454 41.98 7.60 19.20
C ARG A 454 42.28 6.82 17.93
N LEU A 455 42.86 5.62 18.08
CA LEU A 455 43.22 4.79 16.95
C LEU A 455 42.44 3.48 16.93
N PHE A 456 42.47 2.75 18.04
CA PHE A 456 41.85 1.45 18.14
C PHE A 456 41.04 1.35 19.42
N ARG A 457 40.01 0.50 19.40
CA ARG A 457 39.15 0.36 20.56
C ARG A 457 38.13 -0.76 20.30
N LYS A 458 37.30 -1.10 21.30
CA LYS A 458 36.33 -2.18 21.18
C LYS A 458 35.36 -1.98 20.01
N SER A 459 34.59 -0.90 20.01
CA SER A 459 33.58 -0.60 19.01
C SER A 459 33.07 0.80 19.32
N ASN A 460 32.55 1.46 18.29
CA ASN A 460 32.11 2.84 18.49
C ASN A 460 30.99 2.91 19.53
N LEU A 461 31.01 3.97 20.32
CA LEU A 461 30.00 4.23 21.32
C LEU A 461 28.67 4.69 20.74
N LYS A 462 27.74 5.05 21.60
CA LYS A 462 26.40 5.49 21.22
C LYS A 462 26.34 7.00 21.34
N PRO A 463 25.55 7.65 20.48
CA PRO A 463 25.56 9.12 20.40
C PRO A 463 25.77 9.82 21.72
N PHE A 464 26.74 10.74 21.77
CA PHE A 464 27.10 11.46 22.98
C PHE A 464 27.64 10.57 24.10
N GLU A 465 28.84 9.99 23.91
CA GLU A 465 29.54 9.30 24.98
C GLU A 465 31.03 9.63 24.97
N ARG A 466 31.68 9.65 26.14
CA ARG A 466 33.12 9.91 26.27
C ARG A 466 33.89 8.65 26.65
N ASP A 467 35.12 8.53 26.14
CA ASP A 467 35.88 7.31 26.36
C ASP A 467 37.40 7.45 26.54
N ILE A 468 37.88 8.52 27.17
CA ILE A 468 39.32 8.71 27.41
C ILE A 468 39.93 7.43 27.98
N SER A 469 41.11 7.06 27.51
CA SER A 469 41.71 5.78 27.90
C SER A 469 43.20 5.77 27.53
N THR A 470 43.91 4.74 27.99
CA THR A 470 45.36 4.60 27.78
C THR A 470 45.84 3.17 27.56
N GLU A 471 45.00 2.31 26.96
CA GLU A 471 45.27 0.87 26.86
C GLU A 471 46.23 0.49 25.74
N ILE A 472 46.18 -0.77 25.32
CA ILE A 472 46.95 -1.20 24.16
C ILE A 472 46.06 -1.84 23.11
N TYR A 473 44.91 -2.37 23.52
CA TYR A 473 44.03 -3.18 22.66
C TYR A 473 44.87 -4.03 21.72
N GLN A 474 45.73 -4.83 22.32
CA GLN A 474 46.67 -5.67 21.60
C GLN A 474 46.01 -6.43 20.47
N ALA A 475 46.62 -6.37 19.28
CA ALA A 475 46.19 -7.17 18.15
C ALA A 475 46.69 -8.60 18.21
N GLY A 476 47.60 -8.89 19.12
CA GLY A 476 48.00 -10.27 19.39
C GLY A 476 47.89 -10.53 20.87
N SER A 477 47.79 -11.82 21.23
CA SER A 477 47.44 -12.26 22.57
C SER A 477 48.14 -11.51 23.69
N THR A 478 49.34 -10.98 23.41
CA THR A 478 50.19 -10.31 24.38
C THR A 478 49.40 -9.28 25.19
N PRO A 479 49.12 -9.58 26.46
CA PRO A 479 48.38 -8.63 27.31
C PRO A 479 49.33 -7.65 28.01
N CYS A 480 50.10 -6.91 27.21
CA CYS A 480 51.12 -6.01 27.73
C CYS A 480 50.54 -5.11 28.81
N ASN A 481 51.01 -5.29 30.04
CA ASN A 481 50.47 -4.59 31.19
C ASN A 481 51.53 -3.60 31.66
N GLY A 482 51.39 -2.35 31.23
CA GLY A 482 52.32 -1.30 31.58
C GLY A 482 53.59 -1.24 30.75
N VAL A 483 53.95 -2.33 30.08
CA VAL A 483 55.16 -2.39 29.27
C VAL A 483 54.76 -2.73 27.85
N GLU A 484 55.26 -1.95 26.89
CA GLU A 484 54.91 -2.15 25.49
C GLU A 484 55.68 -3.34 24.91
N GLY A 485 55.33 -3.71 23.68
CA GLY A 485 55.99 -4.80 23.01
C GLY A 485 55.35 -5.10 21.67
N PHE A 486 55.63 -6.29 21.15
CA PHE A 486 55.02 -6.75 19.92
C PHE A 486 53.53 -6.97 20.15
N ASN A 487 52.72 -6.59 19.16
CA ASN A 487 51.26 -6.61 19.19
C ASN A 487 50.65 -5.56 20.09
N CYS A 488 51.46 -4.75 20.78
CA CYS A 488 50.96 -3.84 21.81
C CYS A 488 51.22 -2.40 21.41
N TYR A 489 50.17 -1.58 21.47
CA TYR A 489 50.17 -0.22 20.94
C TYR A 489 49.46 0.73 21.89
N PHE A 490 49.09 1.92 21.43
CA PHE A 490 48.50 2.89 22.35
C PHE A 490 47.31 3.60 21.70
N PRO A 491 46.17 3.73 22.41
CA PRO A 491 44.91 4.13 21.75
C PRO A 491 45.04 5.43 20.99
N LEU A 492 45.85 6.32 21.53
CA LEU A 492 45.95 7.68 21.01
C LEU A 492 47.23 7.85 20.20
N GLN A 493 47.01 8.78 19.29
CA GLN A 493 47.92 9.34 18.36
C GLN A 493 47.97 10.76 18.86
N SER A 494 47.68 11.73 18.00
CA SER A 494 47.66 13.15 18.29
C SER A 494 47.13 13.83 17.05
N TYR A 495 46.99 15.15 17.12
CA TYR A 495 46.43 15.89 16.00
C TYR A 495 47.49 16.37 15.04
N GLY A 496 47.24 17.51 14.41
CA GLY A 496 48.18 18.07 13.47
C GLY A 496 49.19 19.01 14.09
N PHE A 497 49.19 19.11 15.43
CA PHE A 497 50.11 20.00 16.16
C PHE A 497 50.07 21.48 15.74
N GLN A 498 50.66 21.78 14.60
CA GLN A 498 50.67 23.13 14.06
C GLN A 498 50.28 23.09 12.58
N PRO A 499 50.01 24.26 11.99
CA PRO A 499 49.62 24.32 10.57
C PRO A 499 50.67 23.63 9.72
N THR A 500 50.27 22.62 8.96
CA THR A 500 51.23 21.88 8.13
C THR A 500 50.81 21.61 6.69
N ASN A 501 49.75 20.82 6.51
CA ASN A 501 49.32 20.46 5.12
C ASN A 501 48.20 21.30 4.47
N GLY A 502 47.35 20.72 3.60
CA GLY A 502 46.32 21.57 3.05
C GLY A 502 45.41 22.01 4.18
N VAL A 503 45.30 23.31 4.37
CA VAL A 503 44.39 23.81 5.39
C VAL A 503 43.06 23.33 4.82
N GLY A 504 42.48 22.38 5.51
CA GLY A 504 41.28 21.67 5.10
C GLY A 504 41.53 20.17 5.13
N TYR A 505 42.77 19.87 5.52
CA TYR A 505 43.28 18.55 5.81
C TYR A 505 43.91 18.68 7.22
N GLN A 506 43.40 19.63 8.01
CA GLN A 506 43.93 19.86 9.34
C GLN A 506 42.83 20.13 10.37
N PRO A 507 43.19 20.80 11.47
CA PRO A 507 42.28 21.15 12.57
C PRO A 507 41.32 22.29 12.24
N TYR A 508 40.03 22.00 12.27
CA TYR A 508 38.99 22.98 12.01
C TYR A 508 38.12 23.02 13.27
N ARG A 509 38.21 24.09 14.04
CA ARG A 509 37.45 24.16 15.29
C ARG A 509 35.94 24.12 15.13
N VAL A 510 35.42 22.90 15.18
CA VAL A 510 33.99 22.59 15.09
C VAL A 510 33.19 22.64 16.39
N VAL A 511 32.02 23.25 16.34
CA VAL A 511 31.15 23.26 17.51
C VAL A 511 29.72 22.98 17.11
N VAL A 512 29.29 21.77 17.44
CA VAL A 512 27.96 21.27 17.14
C VAL A 512 26.96 21.70 18.15
N LEU A 513 25.69 21.62 17.79
CA LEU A 513 24.64 21.98 18.68
C LEU A 513 23.66 20.83 18.72
N SER A 514 22.94 20.73 19.82
CA SER A 514 21.86 19.74 19.94
C SER A 514 20.67 20.45 20.56
N PHE A 515 19.81 21.05 19.73
CA PHE A 515 18.62 21.74 20.22
C PHE A 515 17.58 20.74 20.68
N GLU A 516 17.79 20.19 21.86
CA GLU A 516 16.84 19.22 22.41
C GLU A 516 15.57 19.96 22.72
N LEU A 517 14.59 19.84 21.83
CA LEU A 517 13.32 20.52 22.00
C LEU A 517 12.41 19.95 23.08
N LEU A 518 11.59 18.99 22.65
CA LEU A 518 10.58 18.30 23.46
C LEU A 518 9.53 19.26 24.01
N HIS A 519 8.90 18.91 25.13
CA HIS A 519 7.92 19.78 25.78
C HIS A 519 8.61 20.49 26.94
N ALA A 520 7.79 21.06 27.86
CA ALA A 520 8.18 21.67 29.13
C ALA A 520 8.95 22.99 29.00
N PRO A 521 8.27 24.12 29.17
CA PRO A 521 8.76 25.43 28.68
C PRO A 521 10.27 25.61 28.69
N ALA A 522 10.74 26.23 27.61
CA ALA A 522 12.15 26.26 27.26
C ALA A 522 12.98 27.07 28.25
N THR A 523 14.28 27.13 27.99
CA THR A 523 15.19 28.04 28.66
C THR A 523 15.72 29.12 27.72
N VAL A 524 15.90 28.81 26.44
CA VAL A 524 16.26 29.77 25.42
C VAL A 524 15.04 29.95 24.54
N CYS A 525 14.87 31.16 24.00
CA CYS A 525 13.67 31.37 23.21
C CYS A 525 13.92 32.49 22.21
N GLY A 526 13.11 32.51 21.15
CA GLY A 526 13.35 33.34 20.00
C GLY A 526 13.27 34.83 20.28
N PRO A 527 14.03 35.61 19.52
CA PRO A 527 14.00 37.07 19.69
C PRO A 527 12.69 37.69 19.25
N LYS A 528 11.59 37.21 19.84
CA LYS A 528 10.23 37.61 19.59
C LYS A 528 9.71 38.48 20.74
N LYS A 529 8.40 38.68 20.80
CA LYS A 529 7.74 39.58 21.75
C LYS A 529 6.52 38.83 22.28
N SER A 530 5.56 39.53 22.90
CA SER A 530 4.34 38.89 23.39
C SER A 530 3.15 39.79 23.15
N THR A 531 1.99 39.17 23.17
CA THR A 531 0.75 39.88 23.03
C THR A 531 -0.30 39.11 23.83
N ASN A 532 -1.57 39.51 23.72
CA ASN A 532 -2.62 38.73 24.35
C ASN A 532 -3.38 37.98 23.25
N LEU A 533 -2.72 37.82 22.09
CA LEU A 533 -3.24 37.24 20.86
C LEU A 533 -4.45 38.10 20.56
N VAL A 534 -5.63 37.52 20.42
CA VAL A 534 -6.81 38.35 20.24
C VAL A 534 -7.94 37.89 21.16
N LYS A 535 -8.20 36.58 21.14
CA LYS A 535 -9.33 35.88 21.74
C LYS A 535 -10.64 35.88 20.95
N ASN A 536 -10.63 36.00 19.62
CA ASN A 536 -11.88 35.70 18.91
C ASN A 536 -11.82 35.09 17.50
N LYS A 537 -10.64 34.82 16.96
CA LYS A 537 -10.60 34.33 15.59
C LYS A 537 -9.41 33.36 15.48
N CYS A 538 -9.01 33.00 14.27
CA CYS A 538 -7.90 32.04 14.20
C CYS A 538 -6.57 32.77 14.21
N VAL A 539 -6.43 33.56 15.27
CA VAL A 539 -5.31 34.41 15.62
C VAL A 539 -4.02 33.60 15.74
N ASN A 540 -4.15 32.28 15.64
CA ASN A 540 -3.00 31.38 15.76
C ASN A 540 -2.39 31.47 17.16
N PHE A 541 -3.10 30.95 18.16
CA PHE A 541 -2.55 31.02 19.51
C PHE A 541 -1.30 30.18 19.59
N ASN A 542 -0.18 30.87 19.51
CA ASN A 542 1.14 30.24 19.47
C ASN A 542 1.66 30.04 20.88
N PHE A 543 0.75 29.84 21.84
CA PHE A 543 1.12 29.79 23.25
C PHE A 543 2.43 29.03 23.40
N ASN A 544 3.47 29.73 23.81
CA ASN A 544 4.79 29.18 24.12
C ASN A 544 5.16 28.00 23.24
N GLY A 545 5.23 28.21 21.93
CA GLY A 545 5.46 27.08 21.06
C GLY A 545 4.29 26.71 20.19
N LEU A 546 3.52 25.71 20.59
CA LEU A 546 2.43 25.14 19.80
C LEU A 546 1.69 26.21 19.01
N THR A 547 1.60 26.06 17.69
CA THR A 547 0.98 27.09 16.88
C THR A 547 -0.53 26.91 16.93
N GLY A 548 -1.07 26.79 18.14
CA GLY A 548 -2.46 26.46 18.28
C GLY A 548 -3.31 27.48 17.57
N THR A 549 -4.35 27.06 16.86
CA THR A 549 -5.16 28.06 16.19
C THR A 549 -6.63 27.95 16.49
N GLY A 550 -7.27 29.03 16.92
CA GLY A 550 -8.66 28.91 17.26
C GLY A 550 -9.40 30.07 17.82
N VAL A 551 -10.56 30.34 17.21
CA VAL A 551 -11.41 31.45 17.63
C VAL A 551 -12.02 31.24 19.01
N LEU A 552 -12.24 32.34 19.73
CA LEU A 552 -12.84 32.31 21.06
C LEU A 552 -12.19 31.30 22.01
N THR A 553 -13.04 30.63 22.78
CA THR A 553 -12.65 29.65 23.74
C THR A 553 -11.86 30.41 24.88
N GLU A 554 -12.63 31.10 25.68
CA GLU A 554 -12.04 31.79 26.80
C GLU A 554 -12.21 30.82 28.00
N SER A 555 -12.05 29.54 27.69
CA SER A 555 -12.21 28.37 28.57
C SER A 555 -11.54 28.35 29.94
N ASN A 556 -12.07 27.46 30.77
CA ASN A 556 -11.58 27.23 32.13
C ASN A 556 -12.04 25.95 32.84
N LYS A 557 -11.08 25.15 33.31
CA LYS A 557 -11.42 23.94 34.04
C LYS A 557 -10.60 23.84 35.32
N LYS A 558 -9.73 22.85 35.36
CA LYS A 558 -8.77 22.54 36.42
C LYS A 558 -7.55 21.83 35.87
N PHE A 559 -6.40 22.10 36.51
CA PHE A 559 -5.08 21.66 36.08
C PHE A 559 -4.30 21.18 37.29
N LEU A 560 -3.00 21.07 37.16
CA LEU A 560 -2.13 20.70 38.27
C LEU A 560 -0.77 21.36 38.04
N PRO A 561 0.10 21.44 39.07
CA PRO A 561 1.40 22.09 38.89
C PRO A 561 2.13 21.69 37.62
N PHE A 562 2.27 20.39 37.39
CA PHE A 562 2.84 19.95 36.13
C PHE A 562 1.93 20.31 34.96
N GLN A 563 0.62 20.17 35.14
CA GLN A 563 -0.31 20.34 34.03
C GLN A 563 -0.14 21.69 33.36
N GLN A 564 0.21 21.66 32.07
CA GLN A 564 0.50 22.89 31.35
C GLN A 564 -0.42 23.13 30.18
N PHE A 565 -0.56 22.15 29.30
CA PHE A 565 -1.36 22.35 28.09
C PHE A 565 -2.17 21.12 27.79
N GLY A 566 -3.38 21.34 27.30
CA GLY A 566 -4.39 20.32 27.18
C GLY A 566 -4.09 19.18 26.25
N ARG A 567 -4.86 18.10 26.39
CA ARG A 567 -4.64 16.88 25.58
C ARG A 567 -5.90 16.03 25.74
N ASP A 568 -6.54 15.68 24.63
CA ASP A 568 -7.83 14.93 24.70
C ASP A 568 -7.67 13.52 24.15
N ILE A 569 -8.77 12.83 23.90
CA ILE A 569 -8.70 11.47 23.28
C ILE A 569 -7.65 11.51 22.16
N ALA A 570 -7.76 12.48 21.26
CA ALA A 570 -6.81 12.58 20.13
C ALA A 570 -5.76 13.63 20.45
N ASP A 571 -5.50 13.86 21.74
CA ASP A 571 -4.46 14.83 22.17
C ASP A 571 -4.98 16.26 21.97
N THR A 572 -5.88 16.45 21.00
CA THR A 572 -6.45 17.79 20.74
C THR A 572 -6.15 18.72 21.92
N THR A 573 -5.00 19.40 21.88
CA THR A 573 -4.61 20.25 23.03
C THR A 573 -5.86 20.95 23.56
N ASP A 574 -6.43 20.45 24.66
CA ASP A 574 -7.62 21.10 25.27
C ASP A 574 -7.26 22.53 25.67
N ALA A 575 -6.68 22.71 26.86
CA ALA A 575 -6.39 24.08 27.35
C ALA A 575 -4.90 24.38 27.29
N VAL A 576 -4.46 25.39 28.06
CA VAL A 576 -3.02 25.75 28.09
C VAL A 576 -2.80 26.75 29.24
N ARG A 577 -1.54 26.98 29.62
CA ARG A 577 -1.22 27.96 30.68
C ARG A 577 -0.41 29.09 30.06
N ASP A 578 -0.89 30.32 29.94
CA ASP A 578 -0.10 31.33 29.19
C ASP A 578 1.32 31.58 29.69
N PRO A 579 2.33 31.58 28.80
CA PRO A 579 3.74 31.82 29.14
C PRO A 579 3.94 32.94 30.15
N GLN A 580 3.31 34.10 29.97
CA GLN A 580 3.49 35.17 30.94
C GLN A 580 2.26 35.66 31.74
N THR A 581 1.16 34.91 31.78
CA THR A 581 -0.01 35.29 32.59
C THR A 581 -0.36 34.11 33.48
N LEU A 582 -0.14 32.93 32.90
CA LEU A 582 -0.15 31.63 33.56
C LEU A 582 -1.52 31.25 34.12
N GLU A 583 -2.36 30.74 33.26
CA GLU A 583 -3.69 30.31 33.66
C GLU A 583 -4.08 29.00 32.99
N ILE A 584 -5.38 28.85 32.80
CA ILE A 584 -5.94 27.71 32.11
C ILE A 584 -6.76 28.31 30.97
N LEU A 585 -6.76 27.69 29.78
CA LEU A 585 -7.53 28.20 28.63
C LEU A 585 -7.80 27.24 27.47
N ASP A 586 -8.94 26.54 27.40
CA ASP A 586 -9.14 25.66 26.23
C ASP A 586 -9.61 26.41 25.04
N ILE A 587 -9.56 25.74 23.90
CA ILE A 587 -10.04 26.30 22.64
C ILE A 587 -10.40 25.28 21.58
N THR A 588 -11.55 25.53 20.98
CA THR A 588 -12.13 24.81 19.85
C THR A 588 -11.42 25.20 18.56
N PRO A 589 -11.02 24.23 17.74
CA PRO A 589 -10.30 24.55 16.49
C PRO A 589 -11.09 25.49 15.58
N CYS A 590 -10.49 25.93 14.47
CA CYS A 590 -11.07 27.00 13.66
C CYS A 590 -12.54 26.69 13.48
N SER A 591 -13.38 27.51 14.09
CA SER A 591 -14.73 27.12 14.45
C SER A 591 -15.67 27.62 13.38
N PHE A 592 -15.91 26.79 12.36
CA PHE A 592 -16.71 27.15 11.20
C PHE A 592 -17.38 25.91 10.62
N GLY A 593 -18.68 25.77 10.87
CA GLY A 593 -19.43 24.62 10.40
C GLY A 593 -19.56 24.47 8.90
N GLY A 594 -20.32 23.46 8.49
CA GLY A 594 -20.42 23.05 7.09
C GLY A 594 -21.76 23.41 6.47
N VAL A 595 -21.78 23.50 5.13
CA VAL A 595 -22.90 24.04 4.37
C VAL A 595 -23.22 23.11 3.21
N SER A 596 -24.51 22.89 2.99
CA SER A 596 -25.02 22.25 1.79
C SER A 596 -26.06 23.15 1.15
N VAL A 597 -26.49 22.77 -0.05
CA VAL A 597 -27.35 23.61 -0.86
C VAL A 597 -28.57 22.81 -1.33
N ILE A 598 -29.73 23.25 -0.90
CA ILE A 598 -30.97 22.79 -1.46
C ILE A 598 -31.14 23.40 -2.85
N THR A 599 -31.86 22.70 -3.71
CA THR A 599 -32.17 23.30 -4.99
C THR A 599 -33.37 22.66 -5.69
N PRO A 600 -34.25 23.48 -6.24
CA PRO A 600 -35.05 23.03 -7.38
C PRO A 600 -34.15 22.98 -8.59
N GLY A 601 -34.64 22.32 -9.64
CA GLY A 601 -33.83 22.14 -10.83
C GLY A 601 -33.22 23.43 -11.36
N THR A 602 -31.99 23.37 -11.85
CA THR A 602 -31.34 24.59 -12.35
C THR A 602 -32.21 25.29 -13.37
N ASN A 603 -32.78 24.52 -14.28
CA ASN A 603 -33.67 25.04 -15.29
C ASN A 603 -35.07 25.23 -14.74
N THR A 604 -35.38 24.58 -13.62
CA THR A 604 -36.68 24.75 -13.02
C THR A 604 -36.83 26.14 -12.42
N SER A 605 -35.75 26.66 -11.85
CA SER A 605 -35.66 28.02 -11.34
C SER A 605 -34.22 28.22 -10.91
N ASN A 606 -33.85 29.48 -10.71
CA ASN A 606 -32.51 29.80 -10.27
C ASN A 606 -32.42 30.04 -8.77
N GLN A 607 -33.52 29.87 -8.05
CA GLN A 607 -33.51 30.08 -6.61
C GLN A 607 -32.82 28.92 -5.91
N VAL A 608 -32.09 29.25 -4.84
CA VAL A 608 -31.45 28.24 -4.01
C VAL A 608 -31.58 28.67 -2.56
N ALA A 609 -31.38 27.70 -1.67
CA ALA A 609 -31.38 27.96 -0.25
C ALA A 609 -30.38 27.02 0.38
N VAL A 610 -29.58 27.53 1.30
CA VAL A 610 -28.49 26.77 1.88
C VAL A 610 -28.89 26.27 3.26
N LEU A 611 -28.55 25.03 3.55
CA LEU A 611 -28.72 24.46 4.87
C LEU A 611 -27.36 24.13 5.46
N TYR A 612 -27.09 24.62 6.65
CA TYR A 612 -25.79 24.43 7.26
C TYR A 612 -25.70 23.09 7.98
N GLN A 613 -24.65 22.92 8.76
CA GLN A 613 -24.55 21.80 9.67
C GLN A 613 -24.88 22.29 11.07
N ASP A 614 -24.61 21.49 12.09
CA ASP A 614 -25.10 21.83 13.42
C ASP A 614 -24.51 23.16 13.86
N VAL A 615 -25.32 24.21 13.80
CA VAL A 615 -24.94 25.56 14.16
C VAL A 615 -26.18 26.30 14.64
N ASN A 616 -26.14 26.83 15.86
CA ASN A 616 -27.26 27.63 16.35
C ASN A 616 -27.35 28.87 15.48
N CYS A 617 -28.57 29.22 15.07
CA CYS A 617 -28.81 30.29 14.11
C CYS A 617 -28.21 31.61 14.56
N THR A 618 -28.10 31.79 15.88
CA THR A 618 -27.49 32.97 16.47
C THR A 618 -26.22 33.32 15.73
N GLU A 619 -25.29 32.39 15.72
CA GLU A 619 -24.10 32.55 14.90
C GLU A 619 -24.32 31.84 13.57
N VAL A 620 -25.05 32.45 12.66
CA VAL A 620 -24.94 31.99 11.29
C VAL A 620 -23.96 32.77 10.42
N PRO A 621 -24.18 34.06 10.16
CA PRO A 621 -23.28 34.75 9.24
C PRO A 621 -21.94 34.99 9.91
N VAL A 622 -21.99 35.32 11.19
CA VAL A 622 -20.78 35.37 11.99
C VAL A 622 -20.17 33.99 12.16
N ALA A 623 -20.98 32.92 12.13
CA ALA A 623 -20.37 31.59 12.13
C ALA A 623 -20.07 31.07 10.75
N ILE A 624 -20.26 31.88 9.71
CA ILE A 624 -19.63 31.57 8.44
C ILE A 624 -18.73 32.72 8.05
N HIS A 625 -18.31 33.50 9.05
CA HIS A 625 -17.41 34.62 8.84
C HIS A 625 -17.91 35.51 7.71
N ALA A 626 -19.18 35.95 7.82
CA ALA A 626 -19.85 36.62 6.71
C ALA A 626 -19.09 37.82 6.21
N ASP A 627 -18.53 38.60 7.13
CA ASP A 627 -17.78 39.81 6.85
C ASP A 627 -16.86 39.69 5.63
N GLN A 628 -16.01 38.66 5.59
CA GLN A 628 -15.26 38.34 4.38
C GLN A 628 -15.77 36.99 3.87
N LEU A 629 -16.45 37.01 2.72
CA LEU A 629 -17.09 35.86 2.11
C LEU A 629 -17.33 36.11 0.63
N THR A 630 -17.58 35.02 -0.10
CA THR A 630 -18.14 35.14 -1.43
C THR A 630 -19.46 35.90 -1.28
N PRO A 631 -19.55 37.10 -1.86
CA PRO A 631 -20.59 38.08 -1.46
C PRO A 631 -21.99 37.54 -1.30
N THR A 632 -22.51 36.88 -2.35
CA THR A 632 -23.87 36.35 -2.31
C THR A 632 -24.07 35.49 -1.08
N TRP A 633 -23.08 34.65 -0.77
CA TRP A 633 -23.18 33.82 0.42
C TRP A 633 -23.39 34.66 1.67
N ARG A 634 -22.75 35.84 1.71
CA ARG A 634 -23.02 36.77 2.80
C ARG A 634 -24.44 37.29 2.72
N VAL A 635 -24.95 37.57 1.51
CA VAL A 635 -26.35 37.96 1.38
C VAL A 635 -27.23 36.85 1.92
N TYR A 636 -27.00 35.62 1.45
CA TYR A 636 -27.70 34.48 2.00
C TYR A 636 -27.27 34.17 3.42
N SER A 637 -26.20 34.78 3.90
CA SER A 637 -25.84 34.60 5.30
C SER A 637 -26.78 35.34 6.25
N THR A 638 -27.64 36.21 5.74
CA THR A 638 -28.50 37.01 6.60
C THR A 638 -29.90 37.06 5.99
N GLY A 639 -30.91 36.95 6.84
CA GLY A 639 -32.27 37.10 6.36
C GLY A 639 -33.34 36.44 7.21
N SER A 640 -34.49 37.11 7.33
CA SER A 640 -35.62 36.55 8.07
C SER A 640 -36.05 35.21 7.51
N ASN A 641 -35.60 34.87 6.31
CA ASN A 641 -35.81 33.56 5.73
C ASN A 641 -34.92 32.55 6.43
N VAL A 642 -34.37 32.93 7.57
CA VAL A 642 -33.65 32.03 8.46
C VAL A 642 -34.64 31.04 9.06
N PHE A 643 -34.13 29.94 9.61
CA PHE A 643 -34.96 28.95 10.26
C PHE A 643 -34.06 27.99 11.04
N GLN A 644 -34.40 27.69 12.28
CA GLN A 644 -33.56 26.85 13.12
C GLN A 644 -34.15 25.46 13.17
N THR A 645 -33.38 24.47 12.72
CA THR A 645 -33.81 23.08 12.74
C THR A 645 -32.93 22.28 13.68
N ARG A 646 -33.29 21.02 13.85
CA ARG A 646 -32.43 20.11 14.58
C ARG A 646 -31.27 19.62 13.75
N ALA A 647 -31.27 19.91 12.46
CA ALA A 647 -30.13 19.58 11.61
C ALA A 647 -29.13 20.71 11.50
N GLY A 648 -29.55 21.93 11.82
CA GLY A 648 -28.70 23.08 11.64
C GLY A 648 -29.58 24.29 11.39
N CYS A 649 -28.94 25.38 11.01
CA CYS A 649 -29.66 26.60 10.72
C CYS A 649 -29.90 26.67 9.23
N LEU A 650 -31.16 26.80 8.84
CA LEU A 650 -31.57 26.90 7.46
C LEU A 650 -31.88 28.36 7.17
N ILE A 651 -31.20 28.91 6.17
CA ILE A 651 -31.38 30.30 5.82
C ILE A 651 -31.64 30.39 4.32
N GLY A 652 -32.70 31.09 3.96
CA GLY A 652 -33.09 31.16 2.57
C GLY A 652 -34.38 30.45 2.26
N ALA A 653 -35.24 30.25 3.26
CA ALA A 653 -36.51 29.57 3.05
C ALA A 653 -37.47 30.00 4.15
N GLU A 654 -38.70 29.51 4.06
CA GLU A 654 -39.72 29.88 5.02
C GLU A 654 -40.51 28.65 5.43
N HIS A 655 -40.81 28.58 6.72
CA HIS A 655 -41.60 27.47 7.22
C HIS A 655 -43.08 27.69 6.94
N VAL A 656 -43.78 26.60 6.70
CA VAL A 656 -45.22 26.62 6.49
C VAL A 656 -45.85 25.68 7.51
N ASN A 657 -46.85 26.17 8.22
CA ASN A 657 -47.50 25.39 9.27
C ASN A 657 -48.10 24.11 8.73
N ASN A 658 -48.42 24.10 7.45
CA ASN A 658 -49.05 22.94 6.83
C ASN A 658 -48.07 21.79 6.71
N SER A 659 -48.50 20.70 6.08
CA SER A 659 -47.65 19.53 5.95
C SER A 659 -47.98 18.82 4.66
N TYR A 660 -46.95 18.45 3.91
CA TYR A 660 -47.14 17.77 2.62
C TYR A 660 -46.21 16.56 2.52
N GLU A 661 -46.03 16.09 1.29
CA GLU A 661 -45.14 14.96 1.03
C GLU A 661 -43.72 15.49 0.94
N CYS A 662 -42.73 14.61 1.09
CA CYS A 662 -41.35 15.05 1.03
C CYS A 662 -40.70 14.92 -0.34
N ASP A 663 -40.64 16.03 -1.06
CA ASP A 663 -40.02 16.06 -2.38
C ASP A 663 -38.50 16.13 -2.25
N ILE A 664 -38.00 17.07 -1.47
CA ILE A 664 -36.57 17.22 -1.20
C ILE A 664 -36.33 16.90 0.26
N PRO A 665 -35.48 15.96 0.58
CA PRO A 665 -35.25 15.60 1.98
C PRO A 665 -34.19 16.44 2.63
N ILE A 666 -34.50 17.10 3.74
CA ILE A 666 -33.51 17.93 4.39
C ILE A 666 -32.81 17.20 5.51
N GLY A 667 -33.54 16.88 6.56
CA GLY A 667 -32.95 16.37 7.78
C GLY A 667 -34.01 15.73 8.64
N ALA A 668 -33.96 16.03 9.93
CA ALA A 668 -34.97 15.45 10.81
C ALA A 668 -36.33 15.98 10.42
N GLY A 669 -37.12 15.16 9.75
CA GLY A 669 -38.46 15.54 9.40
C GLY A 669 -38.50 16.56 8.27
N ILE A 670 -37.99 17.75 8.54
CA ILE A 670 -38.16 18.90 7.69
C ILE A 670 -37.83 18.56 6.24
N CYS A 671 -38.75 18.85 5.34
CA CYS A 671 -38.50 18.69 3.92
C CYS A 671 -38.87 19.98 3.23
N ALA A 672 -38.43 20.15 1.99
CA ALA A 672 -38.64 21.44 1.35
C ALA A 672 -38.90 21.24 -0.13
N SER A 673 -39.58 22.22 -0.72
CA SER A 673 -39.91 22.13 -2.13
C SER A 673 -40.34 23.49 -2.66
N TYR A 674 -40.51 23.53 -3.97
CA TYR A 674 -40.72 24.75 -4.75
C TYR A 674 -42.23 25.01 -4.84
N GLN A 675 -42.78 25.50 -3.75
CA GLN A 675 -44.22 25.75 -3.68
C GLN A 675 -44.55 27.10 -4.31
N THR A 676 -45.77 27.22 -4.82
CA THR A 676 -46.19 28.48 -5.38
C THR A 676 -46.35 29.54 -4.30
N SER A 689 -46.70 33.16 -6.61
CA SER A 689 -45.26 33.20 -6.81
C SER A 689 -44.69 31.80 -6.85
N GLN A 690 -43.38 31.68 -6.60
CA GLN A 690 -42.70 30.39 -6.61
C GLN A 690 -41.48 30.51 -5.70
N SER A 691 -41.53 29.83 -4.54
CA SER A 691 -40.50 29.96 -3.54
C SER A 691 -40.20 28.61 -2.92
N ILE A 692 -39.01 28.52 -2.33
CA ILE A 692 -38.58 27.33 -1.61
C ILE A 692 -39.14 27.41 -0.20
N ILE A 693 -39.91 26.41 0.19
CA ILE A 693 -40.49 26.38 1.52
C ILE A 693 -40.18 25.06 2.17
N ALA A 694 -40.10 25.07 3.49
CA ALA A 694 -39.88 23.87 4.28
C ALA A 694 -41.07 23.63 5.19
N TYR A 695 -41.42 22.36 5.36
CA TYR A 695 -42.55 21.99 6.19
C TYR A 695 -42.34 20.61 6.80
N THR A 696 -42.76 20.47 8.05
CA THR A 696 -42.64 19.23 8.77
C THR A 696 -43.37 18.15 8.00
N MET A 697 -42.63 17.20 7.44
CA MET A 697 -43.21 16.30 6.46
C MET A 697 -44.33 15.48 7.08
N SER A 698 -45.39 15.28 6.32
CA SER A 698 -46.53 14.49 6.75
C SER A 698 -46.36 13.05 6.35
N LEU A 699 -46.83 12.15 7.20
CA LEU A 699 -46.71 10.73 6.94
C LEU A 699 -47.84 10.18 6.09
N GLY A 700 -48.92 10.91 5.93
CA GLY A 700 -50.05 10.45 5.16
C GLY A 700 -51.33 10.97 5.77
N ALA A 701 -52.44 10.42 5.29
CA ALA A 701 -53.76 10.88 5.71
C ALA A 701 -54.25 10.08 6.91
N GLU A 702 -54.83 10.79 7.87
CA GLU A 702 -55.49 10.15 8.99
C GLU A 702 -56.74 9.42 8.51
N ASN A 703 -56.96 8.24 9.08
CA ASN A 703 -58.12 7.43 8.73
C ASN A 703 -58.36 6.37 9.77
N SER A 704 -59.45 6.45 10.53
CA SER A 704 -59.75 5.43 11.53
C SER A 704 -60.45 4.27 10.82
N VAL A 705 -60.97 3.32 11.56
CA VAL A 705 -61.64 2.25 10.86
C VAL A 705 -63.07 2.23 11.25
N ALA A 706 -63.44 1.38 12.18
CA ALA A 706 -64.82 1.31 12.63
C ALA A 706 -64.68 0.49 13.84
N TYR A 707 -64.53 -0.79 13.60
CA TYR A 707 -64.34 -1.85 14.54
C TYR A 707 -65.36 -1.99 15.60
N SER A 708 -66.35 -2.81 15.38
CA SER A 708 -67.33 -3.01 16.42
C SER A 708 -67.49 -4.46 16.57
N ASN A 709 -67.69 -4.90 17.79
CA ASN A 709 -67.73 -6.32 18.07
C ASN A 709 -68.80 -7.05 17.28
N ASN A 710 -69.40 -6.39 16.30
CA ASN A 710 -70.22 -7.14 15.36
C ASN A 710 -70.19 -6.58 13.94
N SER A 711 -69.11 -5.96 13.50
CA SER A 711 -69.12 -5.29 12.19
C SER A 711 -68.02 -5.83 11.30
N ILE A 712 -68.38 -6.21 10.07
CA ILE A 712 -67.50 -6.76 9.05
C ILE A 712 -67.78 -5.98 7.77
N ALA A 713 -66.90 -6.12 6.80
CA ALA A 713 -67.11 -5.42 5.54
C ALA A 713 -66.67 -6.29 4.38
N ILE A 714 -67.52 -6.37 3.36
CA ILE A 714 -67.24 -7.17 2.17
C ILE A 714 -67.24 -6.24 0.96
N PRO A 715 -66.38 -6.44 0.01
CA PRO A 715 -66.39 -5.58 -1.18
C PRO A 715 -67.36 -6.04 -2.24
N THR A 716 -68.29 -5.19 -2.63
CA THR A 716 -69.25 -5.62 -3.63
C THR A 716 -68.68 -5.62 -5.03
N ASN A 717 -67.45 -5.19 -5.24
CA ASN A 717 -66.90 -5.15 -6.59
C ASN A 717 -65.39 -5.22 -6.50
N PHE A 718 -64.76 -5.44 -7.64
CA PHE A 718 -63.33 -5.68 -7.65
C PHE A 718 -62.73 -5.02 -8.88
N THR A 719 -61.40 -4.89 -8.86
CA THR A 719 -60.69 -4.25 -9.95
C THR A 719 -59.40 -4.98 -10.18
N ILE A 720 -59.07 -5.26 -11.43
CA ILE A 720 -57.75 -5.76 -11.77
C ILE A 720 -56.84 -4.56 -11.91
N SER A 721 -55.54 -4.77 -11.82
CA SER A 721 -54.62 -3.66 -12.00
C SER A 721 -53.24 -4.17 -12.36
N VAL A 722 -52.57 -3.48 -13.27
CA VAL A 722 -51.24 -3.88 -13.73
C VAL A 722 -50.25 -2.91 -13.12
N THR A 723 -49.47 -3.37 -12.16
CA THR A 723 -48.42 -2.56 -11.59
C THR A 723 -47.07 -3.07 -12.08
N THR A 724 -46.15 -2.15 -12.24
CA THR A 724 -44.85 -2.49 -12.81
C THR A 724 -43.84 -2.74 -11.71
N GLU A 725 -42.69 -3.29 -12.10
CA GLU A 725 -41.58 -3.48 -11.17
C GLU A 725 -40.30 -3.68 -11.95
N ILE A 726 -39.31 -2.82 -11.76
CA ILE A 726 -38.10 -2.83 -12.58
C ILE A 726 -36.97 -3.40 -11.75
N LEU A 727 -36.06 -4.13 -12.38
CA LEU A 727 -35.05 -4.84 -11.61
C LEU A 727 -33.78 -5.03 -12.44
N PRO A 728 -32.62 -4.59 -11.96
CA PRO A 728 -31.39 -4.73 -12.74
C PRO A 728 -30.82 -6.13 -12.62
N VAL A 729 -30.24 -6.60 -13.71
CA VAL A 729 -29.80 -7.99 -13.72
C VAL A 729 -28.40 -8.09 -14.33
N SER A 730 -27.73 -6.96 -14.55
CA SER A 730 -26.43 -7.05 -15.18
C SER A 730 -25.55 -5.85 -14.90
N MET A 731 -24.45 -5.77 -15.62
CA MET A 731 -23.49 -4.68 -15.47
C MET A 731 -22.51 -4.75 -16.61
N THR A 732 -22.19 -3.62 -17.23
CA THR A 732 -21.31 -3.63 -18.39
C THR A 732 -19.99 -4.30 -18.04
N LYS A 733 -19.75 -5.49 -18.56
CA LYS A 733 -18.55 -6.23 -18.21
C LYS A 733 -17.34 -5.52 -18.83
N THR A 734 -16.40 -5.16 -17.97
CA THR A 734 -15.24 -4.48 -18.46
C THR A 734 -14.00 -4.85 -17.73
N SER A 735 -12.88 -4.78 -18.41
CA SER A 735 -11.60 -5.06 -17.76
C SER A 735 -10.62 -3.95 -18.10
N VAL A 736 -9.34 -4.11 -17.78
CA VAL A 736 -8.39 -3.10 -18.19
C VAL A 736 -7.07 -3.77 -18.20
N ASP A 737 -6.41 -3.86 -19.35
CA ASP A 737 -5.11 -4.46 -19.40
C ASP A 737 -4.23 -3.70 -18.47
N CYS A 738 -4.04 -4.27 -17.29
CA CYS A 738 -3.26 -3.69 -16.22
C CYS A 738 -2.04 -2.91 -16.64
N THR A 739 -1.07 -3.62 -17.19
CA THR A 739 0.19 -3.03 -17.58
C THR A 739 0.07 -1.82 -18.41
N MET A 740 -0.62 -1.96 -19.51
CA MET A 740 -0.72 -0.82 -20.39
C MET A 740 -1.47 0.31 -19.71
N TYR A 741 -2.25 0.01 -18.68
CA TYR A 741 -2.80 1.11 -17.92
C TYR A 741 -1.69 1.78 -17.12
N ILE A 742 -1.09 1.04 -16.20
CA ILE A 742 -0.08 1.62 -15.33
C ILE A 742 1.05 2.20 -16.16
N CYS A 743 1.73 1.36 -16.90
CA CYS A 743 2.79 1.80 -17.80
C CYS A 743 2.24 1.99 -19.20
N GLY A 744 2.72 3.02 -19.89
CA GLY A 744 2.42 3.07 -21.30
C GLY A 744 3.62 2.68 -22.13
N ASP A 745 3.69 1.40 -22.52
CA ASP A 745 4.67 0.90 -23.46
C ASP A 745 6.11 1.01 -22.95
N SER A 746 6.27 1.72 -21.84
CA SER A 746 7.60 2.14 -21.40
C SER A 746 8.34 0.95 -20.84
N THR A 747 9.28 0.41 -21.61
CA THR A 747 9.92 -0.84 -21.23
C THR A 747 10.47 -0.78 -19.82
N GLU A 748 11.26 0.26 -19.56
CA GLU A 748 11.75 0.55 -18.21
C GLU A 748 10.60 0.59 -17.21
N CYS A 749 9.49 1.24 -17.57
CA CYS A 749 8.34 1.24 -16.69
C CYS A 749 7.91 -0.19 -16.42
N SER A 750 7.59 -0.92 -17.48
CA SER A 750 7.20 -2.32 -17.37
C SER A 750 8.09 -3.08 -16.42
N ASN A 751 9.41 -2.96 -16.61
CA ASN A 751 10.40 -3.65 -15.80
C ASN A 751 10.21 -3.28 -14.34
N LEU A 752 10.19 -1.99 -14.06
CA LEU A 752 10.00 -1.49 -12.72
C LEU A 752 8.72 -2.07 -12.13
N LEU A 753 7.70 -2.22 -12.98
CA LEU A 753 6.41 -2.72 -12.53
C LEU A 753 6.51 -4.17 -12.09
N LEU A 754 7.08 -5.02 -12.95
CA LEU A 754 7.31 -6.43 -12.63
C LEU A 754 7.74 -6.57 -11.19
N GLN A 755 8.77 -5.82 -10.85
CA GLN A 755 9.31 -5.72 -9.51
C GLN A 755 8.21 -5.68 -8.46
N TYR A 756 7.09 -5.02 -8.76
CA TYR A 756 6.02 -4.89 -7.78
C TYR A 756 5.25 -6.19 -7.80
N GLY A 757 5.95 -7.30 -7.98
CA GLY A 757 5.37 -8.57 -7.65
C GLY A 757 4.21 -8.87 -8.57
N SER A 758 3.38 -9.80 -8.15
CA SER A 758 2.22 -10.17 -8.95
C SER A 758 1.12 -9.13 -8.90
N PHE A 759 1.36 -7.97 -8.28
CA PHE A 759 0.27 -7.10 -7.88
C PHE A 759 -0.63 -6.60 -8.99
N CYS A 760 -0.53 -7.10 -10.21
CA CYS A 760 -1.73 -6.90 -10.99
C CYS A 760 -2.11 -8.07 -11.87
N THR A 761 -1.55 -9.25 -11.67
CA THR A 761 -2.23 -10.42 -12.19
C THR A 761 -3.58 -10.58 -11.49
N GLN A 762 -3.59 -10.46 -10.16
CA GLN A 762 -4.80 -10.71 -9.41
C GLN A 762 -5.85 -9.67 -9.77
N LEU A 763 -5.42 -8.46 -10.11
CA LEU A 763 -6.32 -7.40 -10.49
C LEU A 763 -7.14 -7.85 -11.69
N ASN A 764 -6.44 -8.18 -12.75
CA ASN A 764 -7.08 -8.62 -13.96
C ASN A 764 -7.95 -9.84 -13.70
N ARG A 765 -7.44 -10.76 -12.88
CA ARG A 765 -8.21 -11.96 -12.56
C ARG A 765 -9.54 -11.62 -11.93
N ALA A 766 -9.52 -10.71 -10.96
CA ALA A 766 -10.73 -10.32 -10.26
C ALA A 766 -11.74 -9.72 -11.23
N LEU A 767 -11.25 -8.85 -12.12
CA LEU A 767 -12.17 -8.26 -13.09
C LEU A 767 -12.78 -9.34 -13.98
N THR A 768 -11.99 -10.31 -14.40
CA THR A 768 -12.53 -11.38 -15.22
C THR A 768 -13.59 -12.17 -14.48
N GLY A 769 -13.34 -12.46 -13.21
CA GLY A 769 -14.34 -13.14 -12.41
C GLY A 769 -15.64 -12.37 -12.39
N ILE A 770 -15.52 -11.05 -12.21
CA ILE A 770 -16.69 -10.19 -12.24
C ILE A 770 -17.44 -10.39 -13.54
N ALA A 771 -16.71 -10.42 -14.64
CA ALA A 771 -17.37 -10.55 -15.93
C ALA A 771 -18.15 -11.86 -16.03
N VAL A 772 -17.52 -12.95 -15.61
CA VAL A 772 -18.16 -14.26 -15.72
C VAL A 772 -19.46 -14.23 -14.94
N GLU A 773 -19.40 -13.65 -13.74
CA GLU A 773 -20.62 -13.56 -12.94
C GLU A 773 -21.65 -12.69 -13.64
N GLN A 774 -21.20 -11.61 -14.27
CA GLN A 774 -22.09 -10.68 -14.97
C GLN A 774 -22.70 -11.33 -16.18
N ASP A 775 -22.28 -12.55 -16.49
CA ASP A 775 -22.98 -13.34 -17.49
C ASP A 775 -23.88 -14.39 -16.86
N LYS A 776 -23.35 -15.15 -15.92
CA LYS A 776 -24.16 -16.22 -15.35
C LYS A 776 -25.42 -15.65 -14.73
N ASN A 777 -25.35 -14.41 -14.25
CA ASN A 777 -26.55 -13.72 -13.79
C ASN A 777 -27.65 -13.78 -14.84
N THR A 778 -27.36 -13.25 -16.03
CA THR A 778 -28.32 -13.29 -17.12
C THR A 778 -28.85 -14.69 -17.32
N GLN A 779 -27.95 -15.68 -17.30
CA GLN A 779 -28.43 -17.05 -17.45
C GLN A 779 -29.47 -17.41 -16.39
N GLU A 780 -29.23 -17.04 -15.14
CA GLU A 780 -30.15 -17.42 -14.09
C GLU A 780 -31.55 -16.88 -14.34
N VAL A 781 -31.65 -15.68 -14.88
CA VAL A 781 -32.96 -15.06 -14.92
C VAL A 781 -33.71 -15.38 -16.19
N PHE A 782 -33.23 -14.89 -17.34
CA PHE A 782 -34.04 -15.14 -18.53
C PHE A 782 -33.69 -16.46 -19.18
N ALA A 783 -33.50 -17.52 -18.42
CA ALA A 783 -33.24 -18.78 -19.09
C ALA A 783 -33.75 -19.98 -18.34
N GLN A 784 -34.76 -19.82 -17.50
CA GLN A 784 -35.21 -20.98 -16.76
C GLN A 784 -36.27 -21.77 -17.52
N VAL A 785 -36.60 -21.35 -18.73
CA VAL A 785 -37.37 -22.14 -19.67
C VAL A 785 -36.46 -23.24 -20.16
N LYS A 786 -36.99 -24.20 -20.91
CA LYS A 786 -36.12 -25.19 -21.54
C LYS A 786 -36.56 -25.48 -22.97
N GLN A 787 -37.58 -24.77 -23.42
CA GLN A 787 -38.19 -25.12 -24.71
C GLN A 787 -38.94 -23.94 -25.28
N ILE A 788 -38.36 -23.23 -26.25
CA ILE A 788 -38.98 -22.03 -26.75
C ILE A 788 -40.34 -22.35 -27.35
N TYR A 789 -41.39 -21.73 -26.81
CA TYR A 789 -42.74 -21.97 -27.25
C TYR A 789 -43.15 -20.88 -28.24
N LYS A 790 -44.40 -20.96 -28.70
CA LYS A 790 -44.94 -19.98 -29.62
C LYS A 790 -46.42 -19.80 -29.30
N THR A 791 -47.12 -19.09 -30.17
CA THR A 791 -48.52 -18.79 -29.93
C THR A 791 -49.35 -19.14 -31.15
N PRO A 792 -50.59 -19.53 -30.95
CA PRO A 792 -51.44 -19.91 -32.07
C PRO A 792 -51.72 -18.74 -32.98
N PRO A 793 -51.97 -18.98 -34.25
CA PRO A 793 -52.26 -17.86 -35.17
C PRO A 793 -53.56 -17.14 -34.90
N ILE A 794 -54.53 -17.76 -34.22
CA ILE A 794 -55.82 -17.15 -33.96
C ILE A 794 -55.89 -16.79 -32.48
N LYS A 795 -56.31 -15.57 -32.19
CA LYS A 795 -56.29 -15.06 -30.82
C LYS A 795 -57.68 -15.18 -30.19
N ASP A 796 -58.03 -16.43 -29.87
CA ASP A 796 -59.29 -16.74 -29.20
C ASP A 796 -59.01 -16.87 -27.71
N PHE A 797 -58.91 -15.72 -27.05
CA PHE A 797 -58.64 -15.70 -25.62
C PHE A 797 -59.81 -15.15 -24.82
N GLY A 798 -61.02 -15.33 -25.27
CA GLY A 798 -62.11 -14.82 -24.48
C GLY A 798 -62.15 -13.33 -24.56
N GLY A 799 -61.01 -12.67 -24.62
CA GLY A 799 -61.10 -11.23 -24.77
C GLY A 799 -59.90 -10.37 -24.48
N PHE A 800 -58.94 -10.92 -23.80
CA PHE A 800 -57.79 -10.17 -23.43
C PHE A 800 -57.05 -9.74 -24.68
N ASN A 801 -56.67 -8.48 -24.81
CA ASN A 801 -56.02 -8.07 -26.07
C ASN A 801 -54.54 -7.89 -25.97
N PHE A 802 -53.89 -8.70 -25.16
CA PHE A 802 -52.51 -8.47 -25.02
C PHE A 802 -51.76 -8.78 -26.21
N SER A 803 -51.60 -7.74 -26.96
CA SER A 803 -50.76 -7.71 -28.11
C SER A 803 -49.86 -6.53 -27.84
N GLN A 804 -49.42 -6.42 -26.61
CA GLN A 804 -48.55 -5.40 -26.18
C GLN A 804 -47.39 -6.24 -25.84
N ILE A 805 -47.60 -7.04 -24.82
CA ILE A 805 -46.55 -7.87 -24.37
C ILE A 805 -46.09 -8.82 -25.39
N LEU A 806 -46.92 -9.33 -26.31
CA LEU A 806 -46.37 -10.27 -27.26
C LEU A 806 -45.59 -9.55 -28.29
N PRO A 807 -44.68 -10.23 -28.95
CA PRO A 807 -43.83 -9.69 -29.98
C PRO A 807 -44.66 -9.28 -31.15
N ASP A 808 -44.23 -8.22 -31.80
CA ASP A 808 -44.95 -7.72 -32.95
C ASP A 808 -44.08 -7.86 -34.15
N PRO A 809 -44.51 -8.68 -35.12
CA PRO A 809 -43.74 -8.95 -36.34
C PRO A 809 -43.09 -7.74 -37.02
N SER A 810 -43.82 -6.64 -37.11
CA SER A 810 -43.34 -5.46 -37.84
C SER A 810 -41.98 -4.99 -37.36
N LYS A 811 -41.84 -4.74 -36.06
CA LYS A 811 -40.61 -4.18 -35.50
C LYS A 811 -39.44 -5.13 -35.74
N PRO A 812 -38.25 -4.60 -36.05
CA PRO A 812 -37.19 -5.44 -36.65
C PRO A 812 -36.75 -6.61 -35.79
N SER A 813 -36.17 -6.32 -34.63
CA SER A 813 -35.87 -7.38 -33.70
C SER A 813 -37.18 -7.65 -32.97
N LYS A 814 -37.65 -8.88 -33.04
CA LYS A 814 -39.01 -9.14 -32.61
C LYS A 814 -39.18 -8.68 -31.16
N ARG A 815 -39.89 -7.58 -30.98
CA ARG A 815 -39.96 -6.92 -29.70
C ARG A 815 -41.37 -6.42 -29.47
N SER A 816 -41.85 -6.60 -28.26
CA SER A 816 -43.15 -6.08 -27.90
C SER A 816 -43.11 -4.56 -27.84
N PRO A 817 -44.22 -3.90 -28.13
CA PRO A 817 -44.24 -2.44 -28.04
C PRO A 817 -43.72 -1.92 -26.71
N ILE A 818 -44.08 -2.59 -25.62
CA ILE A 818 -43.59 -2.18 -24.32
C ILE A 818 -42.08 -2.25 -24.28
N GLU A 819 -41.52 -3.39 -24.72
CA GLU A 819 -40.08 -3.55 -24.75
C GLU A 819 -39.41 -2.42 -25.51
N ASP A 820 -40.03 -2.02 -26.62
CA ASP A 820 -39.48 -0.94 -27.42
C ASP A 820 -39.42 0.34 -26.63
N LEU A 821 -40.58 0.79 -26.12
CA LEU A 821 -40.63 1.99 -25.31
C LEU A 821 -39.51 1.96 -24.28
N LEU A 822 -39.38 0.82 -23.61
CA LEU A 822 -38.33 0.64 -22.62
C LEU A 822 -36.96 0.97 -23.22
N PHE A 823 -36.56 0.23 -24.25
CA PHE A 823 -35.25 0.42 -24.85
C PHE A 823 -35.00 1.88 -25.13
N ASN A 824 -35.91 2.48 -25.88
CA ASN A 824 -35.69 3.84 -26.34
C ASN A 824 -35.54 4.79 -25.16
N LYS A 825 -36.30 4.57 -24.10
CA LYS A 825 -36.15 5.44 -22.94
C LYS A 825 -34.77 5.30 -22.32
N VAL A 826 -34.41 4.10 -21.88
CA VAL A 826 -33.12 3.93 -21.21
C VAL A 826 -32.01 4.02 -22.24
N THR A 827 -31.28 5.12 -22.21
CA THR A 827 -30.16 5.32 -23.12
C THR A 827 -29.07 6.08 -22.38
N LEU A 828 -27.87 6.04 -22.93
CA LEU A 828 -26.72 6.69 -22.34
C LEU A 828 -26.71 8.18 -22.66
N LEU A 849 -16.37 9.16 -27.13
CA LEU A 849 -15.78 8.85 -25.83
C LEU A 849 -15.36 7.40 -25.72
N ILE A 850 -16.30 6.47 -25.95
CA ILE A 850 -16.14 5.07 -25.60
C ILE A 850 -14.83 4.51 -26.14
N CYS A 851 -14.61 4.71 -27.44
CA CYS A 851 -13.38 4.20 -28.04
C CYS A 851 -12.18 5.02 -27.58
N ALA A 852 -12.41 6.25 -27.12
CA ALA A 852 -11.32 7.06 -26.60
C ALA A 852 -10.77 6.50 -25.29
N GLN A 853 -11.65 6.22 -24.33
CA GLN A 853 -11.14 5.62 -23.10
C GLN A 853 -10.67 4.21 -23.40
N LYS A 854 -11.22 3.62 -24.46
CA LYS A 854 -10.64 2.37 -24.93
C LYS A 854 -9.15 2.63 -25.09
N PHE A 855 -8.78 3.76 -25.68
CA PHE A 855 -7.37 3.99 -25.90
C PHE A 855 -6.65 4.37 -24.61
N ASN A 856 -6.89 3.61 -23.55
CA ASN A 856 -6.10 3.75 -22.34
C ASN A 856 -5.86 2.44 -21.63
N GLY A 857 -6.46 1.40 -22.18
CA GLY A 857 -6.42 0.08 -21.62
C GLY A 857 -7.83 -0.41 -21.41
N LEU A 858 -8.82 0.47 -21.53
CA LEU A 858 -10.20 0.06 -21.33
C LEU A 858 -10.69 -0.94 -22.31
N THR A 859 -11.63 -1.74 -21.86
CA THR A 859 -12.22 -2.74 -22.72
C THR A 859 -13.60 -2.97 -22.19
N VAL A 860 -14.54 -3.08 -23.09
CA VAL A 860 -15.91 -3.38 -22.72
C VAL A 860 -16.31 -4.61 -23.49
N LEU A 861 -16.18 -5.78 -22.87
CA LEU A 861 -16.50 -7.01 -23.54
C LEU A 861 -17.99 -7.07 -23.86
N PRO A 862 -18.36 -7.68 -24.97
CA PRO A 862 -19.76 -7.75 -25.33
C PRO A 862 -20.45 -8.90 -24.62
N PRO A 863 -21.75 -8.80 -24.38
CA PRO A 863 -22.44 -9.86 -23.66
C PRO A 863 -22.54 -11.12 -24.51
N LEU A 864 -22.67 -12.25 -23.82
CA LEU A 864 -22.88 -13.51 -24.51
C LEU A 864 -24.31 -13.64 -25.00
N LEU A 865 -25.26 -13.02 -24.31
CA LEU A 865 -26.68 -13.07 -24.68
C LEU A 865 -27.06 -11.72 -25.27
N THR A 866 -26.91 -11.58 -26.57
CA THR A 866 -27.36 -10.38 -27.24
C THR A 866 -28.84 -10.19 -27.01
N ASP A 867 -29.32 -9.01 -27.38
CA ASP A 867 -30.68 -8.67 -27.01
C ASP A 867 -31.68 -9.60 -27.65
N GLU A 868 -31.67 -9.69 -28.98
CA GLU A 868 -32.62 -10.52 -29.71
C GLU A 868 -32.84 -11.85 -29.05
N MET A 869 -31.76 -12.52 -28.64
CA MET A 869 -31.91 -13.80 -27.96
C MET A 869 -32.66 -13.63 -26.65
N ILE A 870 -32.33 -12.60 -25.89
CA ILE A 870 -32.95 -12.38 -24.61
C ILE A 870 -34.44 -12.20 -24.82
N ALA A 871 -34.80 -11.30 -25.73
CA ALA A 871 -36.19 -11.10 -26.10
C ALA A 871 -36.80 -12.45 -26.38
N GLN A 872 -36.25 -13.19 -27.33
CA GLN A 872 -36.76 -14.50 -27.70
C GLN A 872 -37.09 -15.35 -26.48
N TYR A 873 -36.19 -15.40 -25.50
CA TYR A 873 -36.48 -16.12 -24.28
C TYR A 873 -37.71 -15.58 -23.56
N THR A 874 -37.76 -14.27 -23.36
CA THR A 874 -38.88 -13.70 -22.63
C THR A 874 -40.19 -13.97 -23.36
N SER A 875 -40.17 -13.82 -24.67
CA SER A 875 -41.30 -14.14 -25.52
C SER A 875 -41.72 -15.57 -25.29
N ALA A 876 -40.75 -16.47 -25.22
CA ALA A 876 -41.07 -17.85 -24.96
C ALA A 876 -41.85 -17.97 -23.66
N LEU A 877 -41.22 -17.56 -22.56
CA LEU A 877 -41.84 -17.63 -21.25
C LEU A 877 -43.26 -17.14 -21.28
N LEU A 878 -43.42 -15.92 -21.76
CA LEU A 878 -44.70 -15.27 -21.80
C LEU A 878 -45.69 -16.17 -22.54
N ALA A 879 -45.29 -16.63 -23.73
CA ALA A 879 -46.20 -17.42 -24.55
C ALA A 879 -46.62 -18.65 -23.79
N GLY A 880 -45.68 -19.28 -23.12
CA GLY A 880 -45.97 -20.45 -22.34
C GLY A 880 -47.05 -20.14 -21.33
N THR A 881 -46.88 -19.01 -20.66
CA THR A 881 -47.86 -18.62 -19.64
C THR A 881 -49.24 -18.46 -20.24
N ILE A 882 -49.33 -17.82 -21.40
CA ILE A 882 -50.62 -17.59 -21.98
C ILE A 882 -51.36 -18.88 -22.28
N THR A 883 -50.64 -19.96 -22.52
CA THR A 883 -51.29 -21.20 -22.86
C THR A 883 -50.63 -22.41 -22.22
N SER A 884 -50.06 -22.23 -21.04
CA SER A 884 -49.74 -23.42 -20.27
C SER A 884 -50.00 -23.23 -18.79
N GLY A 885 -50.17 -21.99 -18.36
CA GLY A 885 -50.40 -21.74 -16.95
C GLY A 885 -49.27 -22.19 -16.06
N TRP A 886 -49.58 -22.61 -14.85
CA TRP A 886 -48.52 -22.96 -13.91
C TRP A 886 -48.01 -24.36 -14.19
N THR A 887 -47.76 -24.68 -15.43
CA THR A 887 -47.29 -26.04 -15.69
C THR A 887 -45.99 -26.07 -16.46
N PHE A 888 -45.78 -25.16 -17.40
CA PHE A 888 -44.58 -25.22 -18.21
C PHE A 888 -43.37 -24.91 -17.36
N GLY A 889 -43.57 -24.71 -16.07
CA GLY A 889 -42.48 -24.49 -15.16
C GLY A 889 -42.28 -25.67 -14.25
N ALA A 890 -43.10 -26.71 -14.43
CA ALA A 890 -42.88 -27.95 -13.71
C ALA A 890 -43.36 -29.13 -14.53
N GLY A 891 -42.47 -29.72 -15.31
CA GLY A 891 -42.82 -30.87 -16.09
C GLY A 891 -43.03 -30.52 -17.56
N PRO A 892 -44.06 -31.09 -18.13
CA PRO A 892 -44.38 -30.83 -19.53
C PRO A 892 -45.16 -29.54 -19.66
N ALA A 893 -45.68 -29.25 -20.85
CA ALA A 893 -46.50 -28.05 -21.02
C ALA A 893 -47.89 -28.48 -21.45
N LEU A 894 -48.91 -28.01 -20.74
CA LEU A 894 -50.26 -28.48 -20.92
C LEU A 894 -51.14 -27.32 -21.36
N GLN A 895 -51.90 -27.51 -22.44
CA GLN A 895 -52.73 -26.41 -22.91
C GLN A 895 -53.97 -26.31 -22.04
N ILE A 896 -54.30 -25.10 -21.64
CA ILE A 896 -55.51 -24.82 -20.87
C ILE A 896 -56.14 -23.57 -21.45
N PRO A 897 -57.40 -23.55 -21.74
CA PRO A 897 -57.95 -22.34 -22.33
C PRO A 897 -57.89 -21.21 -21.31
N PHE A 898 -57.57 -20.06 -21.87
CA PHE A 898 -57.26 -18.93 -21.06
C PHE A 898 -58.26 -18.33 -20.17
N PRO A 899 -59.51 -18.50 -20.44
CA PRO A 899 -60.48 -17.97 -19.50
C PRO A 899 -60.30 -18.89 -18.38
N MET A 900 -60.42 -20.13 -18.77
CA MET A 900 -60.41 -21.33 -18.03
C MET A 900 -59.24 -21.48 -17.19
N GLN A 901 -58.23 -20.64 -17.38
CA GLN A 901 -57.01 -20.70 -16.60
C GLN A 901 -57.04 -19.58 -15.56
N MET A 902 -57.53 -18.42 -15.96
CA MET A 902 -57.63 -17.27 -15.07
C MET A 902 -58.52 -17.65 -13.88
N ALA A 903 -59.50 -18.51 -14.14
CA ALA A 903 -60.40 -18.96 -13.10
C ALA A 903 -59.63 -19.64 -11.99
N TYR A 904 -58.75 -20.55 -12.34
CA TYR A 904 -58.04 -21.28 -11.30
C TYR A 904 -57.13 -20.36 -10.51
N ARG A 905 -56.55 -19.36 -11.14
CA ARG A 905 -55.77 -18.40 -10.38
C ARG A 905 -56.67 -17.66 -9.39
N PHE A 906 -57.85 -17.24 -9.84
CA PHE A 906 -58.82 -16.63 -8.96
C PHE A 906 -59.09 -17.53 -7.77
N ASN A 907 -59.44 -18.78 -8.07
CA ASN A 907 -59.65 -19.78 -7.03
C ASN A 907 -58.53 -19.75 -6.03
N GLY A 908 -57.31 -19.60 -6.52
CA GLY A 908 -56.19 -19.41 -5.63
C GLY A 908 -56.38 -18.21 -4.74
N ILE A 909 -56.77 -17.08 -5.31
CA ILE A 909 -56.90 -15.85 -4.53
C ILE A 909 -57.88 -16.04 -3.39
N GLY A 910 -59.00 -16.68 -3.66
CA GLY A 910 -59.98 -16.91 -2.62
C GLY A 910 -61.40 -16.78 -3.13
N VAL A 911 -61.62 -15.91 -4.10
CA VAL A 911 -62.89 -15.88 -4.80
C VAL A 911 -63.08 -17.22 -5.50
N THR A 912 -64.30 -17.69 -5.59
CA THR A 912 -64.59 -18.99 -6.18
C THR A 912 -64.86 -18.79 -7.67
N GLN A 913 -64.46 -19.79 -8.47
CA GLN A 913 -64.41 -19.69 -9.93
C GLN A 913 -65.52 -18.82 -10.47
N ASN A 914 -66.70 -19.03 -9.89
CA ASN A 914 -67.94 -18.43 -10.31
C ASN A 914 -67.73 -17.03 -10.84
N VAL A 915 -67.17 -16.17 -9.99
CA VAL A 915 -67.02 -14.76 -10.28
C VAL A 915 -66.45 -14.59 -11.67
N LEU A 916 -65.25 -15.11 -11.88
CA LEU A 916 -64.60 -14.89 -13.16
C LEU A 916 -65.49 -15.31 -14.30
N TYR A 917 -66.00 -16.52 -14.26
CA TYR A 917 -66.69 -17.01 -15.44
C TYR A 917 -67.90 -16.15 -15.72
N GLU A 918 -68.47 -15.57 -14.68
CA GLU A 918 -69.67 -14.77 -14.91
C GLU A 918 -69.32 -13.41 -15.44
N ASN A 919 -68.66 -12.59 -14.63
CA ASN A 919 -68.39 -11.24 -15.09
C ASN A 919 -67.11 -11.23 -15.90
N GLN A 920 -67.03 -12.12 -16.89
CA GLN A 920 -65.85 -12.18 -17.73
C GLN A 920 -65.64 -10.88 -18.50
N LYS A 921 -66.68 -10.42 -19.16
CA LYS A 921 -66.62 -9.20 -19.95
C LYS A 921 -65.91 -8.07 -19.20
N LEU A 922 -66.38 -7.80 -17.99
CA LEU A 922 -65.86 -6.69 -17.23
C LEU A 922 -64.37 -6.84 -16.96
N ILE A 923 -63.98 -8.00 -16.44
CA ILE A 923 -62.60 -8.19 -16.06
C ILE A 923 -61.72 -8.11 -17.30
N ALA A 924 -62.25 -8.60 -18.41
CA ALA A 924 -61.54 -8.48 -19.67
C ALA A 924 -61.21 -7.03 -19.91
N ASN A 925 -62.23 -6.18 -19.85
CA ASN A 925 -62.02 -4.77 -20.17
C ASN A 925 -61.07 -4.10 -19.18
N GLN A 926 -61.18 -4.45 -17.90
CA GLN A 926 -60.30 -3.85 -16.92
C GLN A 926 -58.86 -4.16 -17.25
N PHE A 927 -58.59 -5.44 -17.49
CA PHE A 927 -57.26 -5.86 -17.91
C PHE A 927 -56.80 -5.06 -19.10
N ASN A 928 -57.61 -5.07 -20.16
CA ASN A 928 -57.32 -4.42 -21.42
C ASN A 928 -56.83 -3.00 -21.20
N SER A 929 -57.70 -2.20 -20.58
CA SER A 929 -57.41 -0.80 -20.38
C SER A 929 -56.17 -0.61 -19.52
N ALA A 930 -56.01 -1.44 -18.49
CA ALA A 930 -54.85 -1.27 -17.62
C ALA A 930 -53.55 -1.47 -18.38
N ILE A 931 -53.50 -2.51 -19.20
CA ILE A 931 -52.33 -2.73 -20.04
C ILE A 931 -52.12 -1.46 -20.85
N GLY A 932 -53.20 -0.95 -21.41
CA GLY A 932 -53.12 0.30 -22.14
C GLY A 932 -52.39 1.38 -21.35
N LYS A 933 -52.76 1.56 -20.08
CA LYS A 933 -52.16 2.63 -19.29
C LYS A 933 -50.68 2.41 -19.10
N ILE A 934 -50.26 1.15 -19.04
CA ILE A 934 -48.86 0.86 -18.73
C ILE A 934 -47.90 1.58 -19.67
N GLN A 935 -48.18 1.50 -20.98
CA GLN A 935 -47.27 2.10 -21.94
C GLN A 935 -47.16 3.60 -21.69
N ASP A 936 -48.25 4.22 -21.25
CA ASP A 936 -48.21 5.63 -20.95
C ASP A 936 -47.30 5.88 -19.77
N SER A 937 -47.61 5.22 -18.65
CA SER A 937 -46.89 5.47 -17.41
C SER A 937 -45.40 5.33 -17.63
N LEU A 938 -45.00 4.26 -18.31
CA LEU A 938 -43.58 4.09 -18.62
C LEU A 938 -43.11 5.18 -19.57
N SER A 939 -43.83 5.37 -20.67
CA SER A 939 -43.42 6.31 -21.70
C SER A 939 -43.38 7.74 -21.20
N SER A 940 -44.02 8.02 -20.08
CA SER A 940 -43.89 9.31 -19.43
C SER A 940 -42.51 9.39 -18.80
N THR A 941 -42.23 10.45 -18.06
CA THR A 941 -40.91 10.51 -17.44
C THR A 941 -40.87 10.93 -16.00
N PRO A 942 -41.57 10.18 -15.15
CA PRO A 942 -41.42 10.48 -13.73
C PRO A 942 -40.40 9.48 -13.19
N SER A 943 -39.14 9.57 -13.65
CA SER A 943 -38.06 8.68 -13.28
C SER A 943 -38.54 7.25 -13.41
N ALA A 944 -38.91 6.86 -14.62
CA ALA A 944 -39.43 5.53 -14.83
C ALA A 944 -38.37 4.46 -14.73
N LEU A 945 -37.64 4.23 -15.80
CA LEU A 945 -36.62 3.25 -15.73
C LEU A 945 -35.52 3.94 -15.00
N GLY A 946 -35.70 4.15 -13.73
CA GLY A 946 -34.63 4.82 -13.02
C GLY A 946 -33.54 3.87 -12.61
N LYS A 947 -33.90 2.82 -11.88
CA LYS A 947 -32.89 1.93 -11.32
C LYS A 947 -32.02 1.34 -12.40
N LEU A 948 -32.60 1.04 -13.56
CA LEU A 948 -31.78 0.55 -14.65
C LEU A 948 -30.84 1.59 -15.19
N GLN A 949 -30.98 2.85 -14.79
CA GLN A 949 -30.13 3.88 -15.35
C GLN A 949 -28.94 4.13 -14.43
N ASP A 950 -29.18 4.06 -13.13
CA ASP A 950 -28.12 4.27 -12.15
C ASP A 950 -26.95 3.34 -12.43
N VAL A 951 -27.25 2.07 -12.68
CA VAL A 951 -26.20 1.10 -12.95
C VAL A 951 -25.22 1.67 -13.95
N VAL A 952 -25.75 2.12 -15.09
CA VAL A 952 -24.93 2.75 -16.11
C VAL A 952 -24.18 3.92 -15.51
N ASN A 953 -24.93 4.92 -15.04
CA ASN A 953 -24.33 6.19 -14.63
C ASN A 953 -23.17 5.96 -13.68
N GLN A 954 -23.41 5.17 -12.66
CA GLN A 954 -22.40 4.73 -11.72
C GLN A 954 -21.18 4.18 -12.43
N ASN A 955 -21.39 3.17 -13.29
CA ASN A 955 -20.24 2.54 -13.93
C ASN A 955 -19.44 3.54 -14.73
N ALA A 956 -20.12 4.26 -15.62
CA ALA A 956 -19.49 5.24 -16.47
C ALA A 956 -18.67 6.17 -15.62
N GLN A 957 -19.34 6.85 -14.69
CA GLN A 957 -18.69 7.76 -13.76
C GLN A 957 -17.42 7.18 -13.17
N ALA A 958 -17.47 5.95 -12.68
CA ALA A 958 -16.29 5.36 -12.07
C ALA A 958 -15.17 5.25 -13.08
N LEU A 959 -15.50 4.74 -14.26
CA LEU A 959 -14.51 4.55 -15.30
C LEU A 959 -13.86 5.89 -15.64
N ASN A 960 -14.69 6.92 -15.71
CA ASN A 960 -14.24 8.27 -16.03
C ASN A 960 -13.26 8.75 -14.97
N THR A 961 -13.62 8.55 -13.71
CA THR A 961 -12.73 8.95 -12.63
C THR A 961 -11.38 8.28 -12.84
N LEU A 962 -11.42 6.99 -13.13
CA LEU A 962 -10.20 6.25 -13.36
C LEU A 962 -9.36 6.92 -14.43
N VAL A 963 -9.95 7.18 -15.58
CA VAL A 963 -9.20 7.75 -16.70
C VAL A 963 -8.60 9.07 -16.27
N LYS A 964 -9.41 9.90 -15.62
CA LYS A 964 -8.92 11.21 -15.22
C LYS A 964 -7.71 11.06 -14.33
N GLN A 965 -7.73 10.09 -13.42
CA GLN A 965 -6.57 9.89 -12.55
C GLN A 965 -5.32 9.59 -13.35
N LEU A 966 -5.45 9.12 -14.58
CA LEU A 966 -4.28 8.98 -15.41
C LEU A 966 -3.96 10.36 -15.99
N SER A 967 -3.99 11.37 -15.16
CA SER A 967 -3.47 12.67 -15.59
C SER A 967 -2.87 13.41 -14.42
N SER A 968 -2.87 12.79 -13.25
CA SER A 968 -2.42 13.45 -12.04
C SER A 968 -0.99 13.04 -11.74
N ASN A 969 -0.12 14.04 -11.57
CA ASN A 969 1.31 13.79 -11.44
C ASN A 969 1.63 13.00 -10.18
N PHE A 970 0.62 12.70 -9.37
CA PHE A 970 0.80 12.00 -8.11
C PHE A 970 1.99 12.57 -7.35
N GLY A 971 2.17 13.88 -7.42
CA GLY A 971 3.32 14.50 -6.80
C GLY A 971 4.61 14.05 -7.42
N ALA A 972 4.68 14.05 -8.75
CA ALA A 972 5.94 13.81 -9.44
C ALA A 972 6.13 14.88 -10.50
N ILE A 973 7.35 14.94 -11.04
CA ILE A 973 7.79 16.01 -11.93
C ILE A 973 6.76 16.31 -13.02
N SER A 974 6.22 15.26 -13.64
CA SER A 974 5.17 15.42 -14.63
C SER A 974 4.31 14.17 -14.62
N SER A 975 3.49 13.97 -15.64
CA SER A 975 2.62 12.81 -15.62
C SER A 975 2.43 12.19 -17.00
N VAL A 976 3.44 12.24 -17.85
CA VAL A 976 3.30 11.75 -19.21
C VAL A 976 4.31 10.64 -19.53
N LEU A 977 5.25 10.42 -18.62
CA LEU A 977 6.24 9.35 -18.68
C LEU A 977 7.28 9.59 -19.75
N ASN A 978 6.96 10.41 -20.74
CA ASN A 978 7.88 10.49 -21.86
C ASN A 978 8.83 11.63 -21.56
N ASP A 979 8.27 12.69 -21.02
CA ASP A 979 9.08 13.85 -20.67
C ASP A 979 10.06 13.52 -19.58
N ILE A 980 9.70 12.60 -18.67
CA ILE A 980 10.69 12.12 -17.73
C ILE A 980 11.81 11.41 -18.46
N LEU A 981 11.45 10.55 -19.41
CA LEU A 981 12.43 9.77 -20.16
C LEU A 981 13.00 10.55 -21.33
N SER A 982 12.78 11.86 -21.38
CA SER A 982 13.43 12.69 -22.37
C SER A 982 14.14 13.87 -21.72
N ARG A 983 14.19 13.91 -20.39
CA ARG A 983 14.93 14.94 -19.70
C ARG A 983 15.86 14.38 -18.65
N LEU A 984 15.88 13.07 -18.44
CA LEU A 984 16.59 12.49 -17.33
C LEU A 984 17.20 11.17 -17.74
N ASP A 985 18.20 10.79 -17.03
CA ASP A 985 18.74 9.47 -17.24
C ASP A 985 18.08 8.49 -16.28
N PRO A 986 18.06 7.20 -16.63
CA PRO A 986 17.33 6.21 -15.83
C PRO A 986 17.65 6.30 -14.34
N PRO A 987 18.94 6.52 -13.96
CA PRO A 987 19.26 6.68 -12.53
C PRO A 987 18.29 7.56 -11.77
N GLU A 988 18.02 8.75 -12.30
CA GLU A 988 17.11 9.66 -11.64
C GLU A 988 15.67 9.38 -12.05
N ALA A 989 15.47 8.87 -13.27
CA ALA A 989 14.14 8.57 -13.78
C ALA A 989 13.41 7.71 -12.78
N GLU A 990 14.09 6.67 -12.28
CA GLU A 990 13.51 5.76 -11.30
C GLU A 990 12.62 6.44 -10.30
N VAL A 991 13.09 7.54 -9.71
CA VAL A 991 12.40 8.20 -8.62
C VAL A 991 10.99 8.58 -9.05
N GLN A 992 10.90 9.41 -10.08
CA GLN A 992 9.62 9.88 -10.59
C GLN A 992 8.78 8.70 -11.05
N ILE A 993 9.42 7.77 -11.74
CA ILE A 993 8.71 6.63 -12.32
C ILE A 993 8.01 5.88 -11.21
N ASP A 994 8.72 5.64 -10.12
CA ASP A 994 8.13 4.95 -8.99
C ASP A 994 6.98 5.73 -8.39
N ARG A 995 7.18 7.04 -8.23
CA ARG A 995 6.09 7.85 -7.67
C ARG A 995 4.82 7.60 -8.46
N LEU A 996 4.94 7.74 -9.78
CA LEU A 996 3.80 7.53 -10.65
C LEU A 996 3.24 6.15 -10.46
N ILE A 997 4.04 5.13 -10.71
CA ILE A 997 3.61 3.74 -10.68
C ILE A 997 2.79 3.48 -9.43
N THR A 998 3.31 3.91 -8.29
CA THR A 998 2.58 3.75 -7.04
C THR A 998 1.20 4.37 -7.12
N GLY A 999 1.16 5.64 -7.53
CA GLY A 999 -0.13 6.31 -7.54
C GLY A 999 -1.13 5.60 -8.44
N ARG A 1000 -0.68 5.28 -9.65
CA ARG A 1000 -1.55 4.66 -10.63
C ARG A 1000 -2.07 3.33 -10.15
N LEU A 1001 -1.17 2.49 -9.65
CA LEU A 1001 -1.57 1.21 -9.12
C LEU A 1001 -2.65 1.39 -8.08
N GLN A 1002 -2.37 2.22 -7.07
CA GLN A 1002 -3.34 2.48 -6.03
C GLN A 1002 -4.70 2.81 -6.60
N SER A 1003 -4.73 3.67 -7.61
CA SER A 1003 -5.98 4.04 -8.23
C SER A 1003 -6.68 2.81 -8.79
N LEU A 1004 -5.91 1.99 -9.50
CA LEU A 1004 -6.48 0.80 -10.13
C LEU A 1004 -7.09 -0.11 -9.08
N GLN A 1005 -6.38 -0.25 -7.96
CA GLN A 1005 -6.92 -0.96 -6.81
C GLN A 1005 -8.30 -0.43 -6.48
N THR A 1006 -8.35 0.83 -6.11
CA THR A 1006 -9.60 1.46 -5.71
C THR A 1006 -10.70 1.08 -6.66
N TYR A 1007 -10.44 1.25 -7.94
CA TYR A 1007 -11.46 0.97 -8.94
C TYR A 1007 -11.93 -0.46 -8.84
N VAL A 1008 -11.00 -1.42 -8.80
CA VAL A 1008 -11.42 -2.82 -8.87
C VAL A 1008 -12.19 -3.19 -7.61
N THR A 1009 -11.78 -2.63 -6.47
CA THR A 1009 -12.50 -2.93 -5.24
C THR A 1009 -13.93 -2.42 -5.32
N GLN A 1010 -14.09 -1.20 -5.84
CA GLN A 1010 -15.44 -0.69 -6.04
C GLN A 1010 -16.23 -1.60 -6.97
N GLN A 1011 -15.59 -2.03 -8.05
CA GLN A 1011 -16.31 -2.84 -9.01
C GLN A 1011 -16.79 -4.12 -8.35
N LEU A 1012 -15.94 -4.73 -7.55
CA LEU A 1012 -16.32 -5.94 -6.86
C LEU A 1012 -17.52 -5.70 -5.97
N ILE A 1013 -17.46 -4.63 -5.19
CA ILE A 1013 -18.55 -4.42 -4.25
C ILE A 1013 -19.84 -4.13 -4.99
N ARG A 1014 -19.76 -3.55 -6.18
CA ARG A 1014 -20.97 -3.32 -6.94
C ARG A 1014 -21.49 -4.61 -7.55
N ALA A 1015 -20.58 -5.45 -8.03
CA ALA A 1015 -20.99 -6.70 -8.64
C ALA A 1015 -21.71 -7.57 -7.63
N ALA A 1016 -21.29 -7.50 -6.37
CA ALA A 1016 -22.02 -8.24 -5.35
C ALA A 1016 -23.47 -7.79 -5.29
N GLU A 1017 -23.69 -6.49 -5.31
CA GLU A 1017 -25.06 -5.98 -5.26
C GLU A 1017 -25.85 -6.41 -6.48
N ILE A 1018 -25.23 -6.32 -7.66
CA ILE A 1018 -25.95 -6.72 -8.86
C ILE A 1018 -26.30 -8.20 -8.79
N ARG A 1019 -25.41 -9.00 -8.23
CA ARG A 1019 -25.72 -10.42 -8.07
C ARG A 1019 -26.91 -10.61 -7.15
N ALA A 1020 -26.95 -9.85 -6.06
CA ALA A 1020 -28.11 -9.97 -5.18
C ALA A 1020 -29.38 -9.60 -5.92
N SER A 1021 -29.35 -8.52 -6.68
CA SER A 1021 -30.53 -8.12 -7.42
C SER A 1021 -30.93 -9.20 -8.41
N ALA A 1022 -29.98 -9.79 -9.10
CA ALA A 1022 -30.31 -10.82 -10.07
C ALA A 1022 -30.88 -12.05 -9.40
N ASN A 1023 -30.40 -12.40 -8.21
CA ASN A 1023 -30.99 -13.52 -7.51
C ASN A 1023 -32.42 -13.22 -7.12
N LEU A 1024 -32.66 -12.00 -6.64
CA LEU A 1024 -34.02 -11.60 -6.34
C LEU A 1024 -34.88 -11.71 -7.59
N ALA A 1025 -34.34 -11.29 -8.73
CA ALA A 1025 -35.04 -11.47 -9.99
C ALA A 1025 -35.37 -12.94 -10.18
N ALA A 1026 -34.34 -13.77 -10.32
CA ALA A 1026 -34.51 -15.20 -10.53
C ALA A 1026 -35.66 -15.76 -9.70
N THR A 1027 -35.73 -15.38 -8.43
CA THR A 1027 -36.90 -15.78 -7.67
C THR A 1027 -38.14 -15.16 -8.26
N LYS A 1028 -38.23 -13.82 -8.21
CA LYS A 1028 -39.38 -13.09 -8.73
C LYS A 1028 -39.92 -13.75 -9.98
N MET A 1029 -39.01 -14.15 -10.86
CA MET A 1029 -39.45 -14.83 -12.10
C MET A 1029 -40.06 -16.17 -11.73
N SER A 1030 -39.25 -17.09 -11.21
CA SER A 1030 -39.76 -18.45 -10.97
C SER A 1030 -40.66 -18.54 -9.74
N GLU A 1031 -41.36 -17.46 -9.39
CA GLU A 1031 -42.31 -17.58 -8.28
C GLU A 1031 -43.44 -16.61 -8.54
N CYS A 1032 -43.19 -15.61 -9.37
CA CYS A 1032 -44.29 -14.69 -9.73
C CYS A 1032 -44.26 -14.49 -11.24
N VAL A 1033 -44.06 -15.56 -12.02
CA VAL A 1033 -44.12 -15.43 -13.50
C VAL A 1033 -44.43 -16.79 -14.08
N LEU A 1034 -43.88 -17.85 -13.48
CA LEU A 1034 -44.21 -19.22 -13.93
C LEU A 1034 -45.07 -19.86 -12.85
N GLY A 1035 -45.67 -19.04 -11.99
CA GLY A 1035 -46.54 -19.55 -10.92
C GLY A 1035 -47.09 -18.43 -10.05
N GLN A 1036 -48.28 -18.60 -9.51
CA GLN A 1036 -48.86 -17.60 -8.60
C GLN A 1036 -48.06 -17.67 -7.30
N SER A 1037 -48.14 -16.65 -6.45
CA SER A 1037 -47.46 -16.75 -5.13
C SER A 1037 -48.29 -16.06 -4.07
N LYS A 1038 -48.36 -16.66 -2.89
CA LYS A 1038 -49.19 -16.09 -1.80
C LYS A 1038 -48.28 -15.27 -0.89
N ARG A 1039 -47.08 -14.94 -1.35
CA ARG A 1039 -46.23 -14.06 -0.56
C ARG A 1039 -46.66 -12.63 -0.88
N VAL A 1040 -47.40 -12.03 0.03
CA VAL A 1040 -47.91 -10.68 -0.17
C VAL A 1040 -46.78 -9.74 -0.54
N ASP A 1041 -46.98 -8.98 -1.60
CA ASP A 1041 -46.07 -7.95 -2.09
C ASP A 1041 -44.82 -8.54 -2.72
N PHE A 1042 -44.62 -9.84 -2.59
CA PHE A 1042 -43.43 -10.42 -3.18
C PHE A 1042 -43.71 -10.65 -4.65
N CYS A 1043 -44.96 -10.41 -5.04
CA CYS A 1043 -45.29 -10.29 -6.45
C CYS A 1043 -45.86 -8.94 -6.82
N GLY A 1044 -46.29 -8.13 -5.88
CA GLY A 1044 -46.94 -6.88 -6.22
C GLY A 1044 -48.03 -6.56 -5.22
N LYS A 1045 -48.58 -5.35 -5.36
CA LYS A 1045 -49.52 -4.85 -4.38
C LYS A 1045 -50.86 -5.56 -4.48
N GLY A 1046 -51.38 -6.04 -3.37
CA GLY A 1046 -52.64 -6.73 -3.35
C GLY A 1046 -52.52 -8.16 -3.81
N TYR A 1047 -53.66 -8.86 -3.80
CA TYR A 1047 -53.65 -10.25 -4.22
C TYR A 1047 -53.20 -10.37 -5.66
N HIS A 1048 -52.54 -11.48 -5.96
CA HIS A 1048 -51.81 -11.65 -7.20
C HIS A 1048 -52.44 -12.69 -8.11
N LEU A 1049 -52.79 -12.28 -9.33
CA LEU A 1049 -53.35 -13.19 -10.31
C LEU A 1049 -52.30 -13.85 -11.18
N MET A 1050 -51.49 -13.06 -11.88
CA MET A 1050 -50.37 -13.61 -12.64
C MET A 1050 -49.42 -12.47 -12.93
N SER A 1051 -48.35 -12.80 -13.62
CA SER A 1051 -47.45 -11.74 -14.01
C SER A 1051 -47.09 -11.86 -15.48
N PHE A 1052 -46.25 -10.99 -15.95
CA PHE A 1052 -45.71 -11.08 -17.28
C PHE A 1052 -44.32 -10.47 -17.24
N PRO A 1053 -43.31 -11.13 -17.75
CA PRO A 1053 -41.99 -10.54 -17.78
C PRO A 1053 -41.83 -9.72 -19.06
N GLN A 1054 -40.91 -8.78 -19.00
CA GLN A 1054 -40.56 -7.97 -20.15
C GLN A 1054 -39.08 -7.64 -20.05
N SER A 1055 -38.37 -7.76 -21.16
CA SER A 1055 -36.94 -7.49 -21.17
C SER A 1055 -36.66 -6.03 -21.42
N ALA A 1056 -35.64 -5.53 -20.76
CA ALA A 1056 -35.25 -4.13 -20.84
C ALA A 1056 -33.74 -4.07 -20.81
N PRO A 1057 -33.13 -2.97 -21.27
CA PRO A 1057 -31.66 -2.93 -21.32
C PRO A 1057 -31.05 -3.20 -19.97
N HIS A 1058 -30.26 -4.27 -19.88
CA HIS A 1058 -29.52 -4.62 -18.67
C HIS A 1058 -30.43 -4.98 -17.52
N GLY A 1059 -31.70 -5.25 -17.75
CA GLY A 1059 -32.58 -5.49 -16.63
C GLY A 1059 -33.92 -6.03 -17.08
N VAL A 1060 -34.62 -6.60 -16.13
CA VAL A 1060 -35.94 -7.16 -16.35
C VAL A 1060 -36.96 -6.15 -15.89
N VAL A 1061 -38.09 -6.12 -16.58
CA VAL A 1061 -39.20 -5.26 -16.20
C VAL A 1061 -40.42 -6.16 -16.09
N PHE A 1062 -40.90 -6.34 -14.87
CA PHE A 1062 -42.06 -7.18 -14.62
C PHE A 1062 -43.33 -6.37 -14.72
N LEU A 1063 -44.33 -6.94 -15.37
CA LEU A 1063 -45.68 -6.41 -15.38
C LEU A 1063 -46.51 -7.35 -14.53
N HIS A 1064 -46.72 -6.99 -13.27
CA HIS A 1064 -47.55 -7.79 -12.38
C HIS A 1064 -48.99 -7.38 -12.54
N VAL A 1065 -49.89 -8.36 -12.55
CA VAL A 1065 -51.30 -8.04 -12.48
C VAL A 1065 -51.78 -8.45 -11.12
N THR A 1066 -52.80 -7.76 -10.62
CA THR A 1066 -53.23 -7.94 -9.24
C THR A 1066 -54.73 -7.74 -9.16
N TYR A 1067 -55.31 -8.29 -8.10
CA TYR A 1067 -56.72 -8.19 -7.80
C TYR A 1067 -56.89 -7.23 -6.63
N VAL A 1068 -57.91 -6.38 -6.68
CA VAL A 1068 -58.08 -5.35 -5.68
C VAL A 1068 -59.55 -5.15 -5.36
N PRO A 1069 -59.99 -5.43 -4.14
CA PRO A 1069 -61.38 -5.19 -3.78
C PRO A 1069 -61.69 -3.72 -3.73
N ALA A 1070 -62.94 -3.36 -4.01
CA ALA A 1070 -63.36 -1.97 -3.97
C ALA A 1070 -64.87 -1.91 -3.83
N GLN A 1071 -65.35 -0.78 -3.33
CA GLN A 1071 -66.76 -0.49 -3.01
C GLN A 1071 -67.30 -1.40 -1.94
N GLU A 1072 -67.06 -1.10 -0.67
CA GLU A 1072 -67.47 -1.94 0.47
C GLU A 1072 -68.91 -1.94 0.90
N LYS A 1073 -69.17 -2.45 2.11
CA LYS A 1073 -70.50 -2.51 2.71
C LYS A 1073 -70.39 -2.82 4.20
N ASN A 1074 -71.10 -2.06 5.03
CA ASN A 1074 -71.08 -2.25 6.49
C ASN A 1074 -72.10 -3.32 6.95
N PHE A 1075 -71.71 -4.59 6.89
CA PHE A 1075 -72.56 -5.74 7.28
C PHE A 1075 -72.61 -5.99 8.79
N THR A 1076 -73.30 -7.04 9.26
CA THR A 1076 -73.36 -7.22 10.70
C THR A 1076 -73.07 -8.64 11.05
N THR A 1077 -71.93 -9.14 10.65
CA THR A 1077 -71.68 -10.57 10.81
C THR A 1077 -71.67 -11.08 12.25
N ALA A 1078 -72.09 -12.32 12.43
CA ALA A 1078 -72.11 -12.97 13.74
C ALA A 1078 -71.13 -14.14 13.72
N PRO A 1079 -70.72 -14.63 14.90
CA PRO A 1079 -69.76 -15.74 14.88
C PRO A 1079 -70.36 -17.05 14.47
N ALA A 1080 -71.54 -17.41 14.95
CA ALA A 1080 -72.09 -18.73 14.66
C ALA A 1080 -73.59 -18.74 14.92
N ILE A 1081 -74.30 -19.54 14.15
CA ILE A 1081 -75.76 -19.56 14.19
C ILE A 1081 -76.26 -20.77 14.95
N CYS A 1082 -77.32 -20.59 15.73
CA CYS A 1082 -77.93 -21.64 16.52
C CYS A 1082 -79.39 -21.76 16.13
N HIS A 1083 -79.80 -22.95 15.70
CA HIS A 1083 -81.20 -23.17 15.39
C HIS A 1083 -81.75 -24.43 16.03
N ASP A 1084 -80.91 -25.29 16.57
CA ASP A 1084 -81.37 -26.51 17.20
C ASP A 1084 -80.57 -26.84 18.45
N GLY A 1085 -80.24 -25.82 19.23
CA GLY A 1085 -79.39 -26.00 20.38
C GLY A 1085 -78.02 -26.54 19.99
N LYS A 1086 -77.63 -26.30 18.75
CA LYS A 1086 -76.38 -26.83 18.22
C LYS A 1086 -75.78 -25.76 17.31
N ALA A 1087 -74.51 -25.42 17.54
CA ALA A 1087 -73.89 -24.36 16.76
C ALA A 1087 -73.68 -24.80 15.32
N HIS A 1088 -73.49 -23.82 14.45
CA HIS A 1088 -73.36 -24.11 13.02
C HIS A 1088 -72.31 -23.24 12.34
N PHE A 1089 -71.12 -23.16 12.92
CA PHE A 1089 -70.01 -22.41 12.35
C PHE A 1089 -69.94 -22.56 10.84
N PRO A 1090 -69.73 -21.47 10.12
CA PRO A 1090 -69.76 -21.52 8.66
C PRO A 1090 -68.60 -22.31 8.10
N ARG A 1091 -68.85 -22.96 6.96
CA ARG A 1091 -67.79 -23.69 6.28
C ARG A 1091 -66.66 -22.77 5.84
N GLU A 1092 -66.98 -21.88 4.91
CA GLU A 1092 -66.00 -21.00 4.27
C GLU A 1092 -66.72 -19.70 3.98
N GLY A 1093 -66.62 -18.76 4.89
CA GLY A 1093 -67.29 -17.48 4.74
C GLY A 1093 -67.99 -17.04 6.00
N VAL A 1094 -68.06 -15.77 6.21
CA VAL A 1094 -68.64 -15.29 7.39
C VAL A 1094 -70.10 -15.20 7.24
N PHE A 1095 -70.79 -15.03 8.37
CA PHE A 1095 -72.24 -14.81 8.37
C PHE A 1095 -72.41 -13.28 8.22
N VAL A 1096 -73.54 -12.82 7.69
CA VAL A 1096 -73.69 -11.38 7.49
C VAL A 1096 -74.96 -10.68 8.02
N SER A 1097 -76.04 -10.79 7.24
CA SER A 1097 -77.32 -10.17 7.49
C SER A 1097 -77.40 -8.71 7.52
N ASN A 1098 -77.94 -8.20 6.43
CA ASN A 1098 -78.20 -6.79 6.21
C ASN A 1098 -79.01 -6.26 7.38
N GLY A 1099 -80.08 -6.94 7.73
CA GLY A 1099 -80.94 -6.58 8.85
C GLY A 1099 -81.80 -7.79 9.08
N THR A 1100 -82.24 -8.41 7.99
CA THR A 1100 -83.05 -9.57 8.04
C THR A 1100 -82.40 -10.66 7.27
N HIS A 1101 -82.83 -11.85 7.56
CA HIS A 1101 -82.38 -13.08 6.94
C HIS A 1101 -80.91 -13.24 6.65
N TRP A 1102 -80.20 -13.74 7.61
CA TRP A 1102 -78.81 -13.97 7.43
C TRP A 1102 -78.44 -14.88 6.30
N PHE A 1103 -77.37 -14.53 5.68
CA PHE A 1103 -76.61 -15.24 4.71
C PHE A 1103 -75.24 -15.54 5.14
N VAL A 1104 -74.62 -16.41 4.40
CA VAL A 1104 -73.21 -16.76 4.42
C VAL A 1104 -72.63 -16.46 3.04
N THR A 1105 -72.06 -15.27 2.91
CA THR A 1105 -71.33 -14.90 1.70
C THR A 1105 -70.01 -15.64 1.69
N GLN A 1106 -69.15 -15.33 0.72
CA GLN A 1106 -67.87 -15.98 0.92
C GLN A 1106 -67.01 -15.17 1.86
N ARG A 1107 -66.09 -14.38 1.33
CA ARG A 1107 -65.32 -13.44 2.15
C ARG A 1107 -64.91 -12.21 1.38
N ASN A 1108 -64.83 -12.33 0.07
CA ASN A 1108 -64.18 -11.31 -0.73
C ASN A 1108 -65.03 -10.82 -1.87
N PHE A 1109 -66.20 -11.38 -2.08
CA PHE A 1109 -67.05 -10.83 -3.08
C PHE A 1109 -68.47 -11.14 -2.63
N TYR A 1110 -69.11 -10.13 -2.04
CA TYR A 1110 -70.41 -10.32 -1.44
C TYR A 1110 -71.28 -11.06 -2.43
N GLU A 1111 -71.61 -12.31 -2.08
CA GLU A 1111 -72.33 -13.23 -2.95
C GLU A 1111 -73.30 -13.99 -2.07
N PRO A 1112 -74.37 -13.34 -1.65
CA PRO A 1112 -75.21 -13.91 -0.59
C PRO A 1112 -75.78 -15.25 -1.00
N GLN A 1113 -75.71 -16.20 -0.08
CA GLN A 1113 -76.24 -17.54 -0.30
C GLN A 1113 -77.00 -17.92 0.95
N ILE A 1114 -78.26 -18.29 0.78
CA ILE A 1114 -79.09 -18.66 1.92
C ILE A 1114 -78.39 -19.77 2.70
N ILE A 1115 -78.58 -19.80 4.01
CA ILE A 1115 -77.83 -20.72 4.85
C ILE A 1115 -78.46 -22.10 4.76
N THR A 1116 -77.72 -23.05 4.24
CA THR A 1116 -78.19 -24.42 4.06
C THR A 1116 -77.20 -25.36 4.71
N THR A 1117 -77.71 -26.45 5.26
CA THR A 1117 -76.88 -27.35 6.04
C THR A 1117 -75.72 -27.87 5.22
N ASP A 1118 -75.79 -27.81 3.92
CA ASP A 1118 -74.69 -28.38 3.15
C ASP A 1118 -73.44 -27.54 3.16
N ASN A 1119 -73.54 -26.29 3.56
CA ASN A 1119 -72.34 -25.47 3.58
C ASN A 1119 -71.96 -24.91 4.94
N THR A 1120 -72.54 -25.47 5.97
CA THR A 1120 -72.29 -25.19 7.37
C THR A 1120 -71.88 -26.48 8.05
N PHE A 1121 -70.90 -26.42 8.94
CA PHE A 1121 -70.47 -27.60 9.67
C PHE A 1121 -70.83 -27.46 11.14
N VAL A 1122 -71.53 -28.45 11.67
CA VAL A 1122 -72.05 -28.44 13.02
C VAL A 1122 -70.90 -28.63 13.99
N SER A 1123 -71.14 -28.29 15.26
CA SER A 1123 -70.19 -28.55 16.33
C SER A 1123 -70.79 -28.17 17.67
N GLY A 1124 -70.31 -28.80 18.74
CA GLY A 1124 -70.62 -28.40 20.10
C GLY A 1124 -72.08 -28.21 20.43
N ASN A 1125 -72.39 -27.17 21.20
CA ASN A 1125 -73.75 -26.83 21.56
C ASN A 1125 -73.78 -25.36 21.93
N CYS A 1126 -74.95 -24.74 21.78
CA CYS A 1126 -75.03 -23.29 21.85
C CYS A 1126 -74.94 -22.77 23.28
N ASP A 1127 -73.76 -22.86 23.89
CA ASP A 1127 -73.58 -22.26 25.20
C ASP A 1127 -72.19 -21.66 25.37
N VAL A 1128 -71.42 -21.61 24.30
CA VAL A 1128 -70.02 -21.24 24.44
C VAL A 1128 -69.67 -20.08 23.53
N VAL A 1129 -70.01 -20.19 22.25
CA VAL A 1129 -69.66 -19.18 21.27
C VAL A 1129 -70.19 -17.85 21.75
N ILE A 1130 -69.30 -16.90 22.02
CA ILE A 1130 -69.74 -15.64 22.59
C ILE A 1130 -70.33 -14.76 21.50
N GLY A 1131 -71.65 -14.70 21.45
CA GLY A 1131 -72.31 -13.89 20.44
C GLY A 1131 -73.11 -14.69 19.45
N ILE A 1132 -73.63 -15.81 19.88
CA ILE A 1132 -74.40 -16.67 19.00
C ILE A 1132 -75.75 -16.01 18.74
N VAL A 1133 -76.42 -16.42 17.66
CA VAL A 1133 -77.68 -15.83 17.26
C VAL A 1133 -78.68 -16.92 16.90
N ASN A 1134 -79.92 -16.79 17.38
CA ASN A 1134 -80.94 -17.81 17.19
C ASN A 1134 -81.64 -17.64 15.84
N ASN A 1135 -80.89 -17.86 14.79
CA ASN A 1135 -81.54 -17.94 13.48
C ASN A 1135 -81.93 -19.36 13.13
N THR A 1136 -82.25 -19.61 11.86
CA THR A 1136 -82.64 -20.93 11.43
C THR A 1136 -81.77 -21.35 10.25
N VAL A 1137 -81.50 -22.65 10.16
CA VAL A 1137 -80.71 -23.21 9.08
C VAL A 1137 -81.65 -24.04 8.22
N TYR A 1138 -81.81 -23.62 6.97
CA TYR A 1138 -82.71 -24.29 6.05
C TYR A 1138 -82.06 -25.58 5.55
N ASP A 1139 -82.71 -26.70 5.85
CA ASP A 1139 -82.22 -27.99 5.39
C ASP A 1139 -82.37 -28.09 3.88
N PRO A 1140 -81.56 -28.92 3.22
CA PRO A 1140 -81.81 -29.17 1.79
C PRO A 1140 -82.73 -30.36 1.54
N LEU A 1141 -82.71 -31.34 2.44
CA LEU A 1141 -83.33 -32.62 2.16
C LEU A 1141 -84.78 -32.66 2.62
N GLN A 1142 -84.98 -32.46 3.92
CA GLN A 1142 -86.30 -32.43 4.52
C GLN A 1142 -87.27 -31.58 3.72
N PRO A 1143 -86.89 -30.36 3.29
CA PRO A 1143 -87.82 -29.57 2.47
C PRO A 1143 -88.46 -30.37 1.38
N GLU A 1144 -87.69 -31.22 0.70
CA GLU A 1144 -88.36 -32.08 -0.25
C GLU A 1144 -89.24 -33.08 0.48
N LEU A 1145 -88.68 -34.22 0.86
CA LEU A 1145 -89.40 -35.25 1.61
C LEU A 1145 -90.88 -35.37 1.22
N ASP A 1146 -91.23 -34.97 -0.01
CA ASP A 1146 -92.64 -34.94 -0.39
C ASP A 1146 -93.26 -36.32 -0.34
N SER A 1147 -92.43 -37.35 -0.45
CA SER A 1147 -92.84 -38.74 -0.28
C SER A 1147 -93.74 -38.94 0.94
N ALA B 27 13.06 -5.81 54.67
CA ALA B 27 12.35 -7.07 54.55
C ALA B 27 11.62 -7.16 53.21
N TYR B 28 10.92 -8.28 53.00
CA TYR B 28 10.30 -8.58 51.73
C TYR B 28 8.80 -8.64 51.93
N THR B 29 8.07 -7.71 51.32
CA THR B 29 6.62 -7.70 51.45
C THR B 29 5.97 -7.43 50.10
N ASN B 30 4.78 -7.97 49.93
CA ASN B 30 4.01 -7.72 48.71
C ASN B 30 3.56 -6.27 48.64
N SER B 31 3.92 -5.62 47.56
CA SER B 31 3.64 -4.21 47.35
C SER B 31 2.27 -3.96 46.77
N PHE B 32 1.19 -4.26 47.50
CA PHE B 32 -0.09 -4.62 46.91
C PHE B 32 -0.35 -3.86 45.62
N THR B 33 -0.37 -2.54 45.70
CA THR B 33 -0.38 -1.67 44.53
C THR B 33 0.27 -0.35 44.90
N ARG B 34 1.47 -0.11 44.38
CA ARG B 34 2.09 1.20 44.46
C ARG B 34 3.00 1.43 43.27
N GLY B 35 3.44 2.66 43.09
CA GLY B 35 4.30 2.96 41.97
C GLY B 35 3.51 3.50 40.80
N VAL B 36 2.69 4.52 41.06
CA VAL B 36 1.94 5.17 40.00
C VAL B 36 2.19 6.67 40.08
N TYR B 37 2.96 7.19 39.14
CA TYR B 37 3.37 8.59 39.11
C TYR B 37 3.13 9.14 37.72
N TYR B 38 2.55 10.34 37.64
CA TYR B 38 2.25 11.00 36.38
C TYR B 38 3.45 10.90 35.48
N PRO B 39 3.42 10.10 34.45
CA PRO B 39 4.63 9.87 33.67
C PRO B 39 4.86 10.95 32.65
N ASP B 40 4.09 12.03 32.77
CA ASP B 40 3.97 13.03 31.74
C ASP B 40 3.80 14.40 32.38
N LYS B 41 3.69 15.41 31.54
CA LYS B 41 3.37 16.76 31.95
C LYS B 41 2.41 17.39 30.95
N VAL B 42 1.41 16.63 30.50
CA VAL B 42 0.44 17.13 29.54
C VAL B 42 -0.93 17.15 30.19
N PHE B 43 -1.67 18.24 29.96
CA PHE B 43 -2.98 18.32 30.58
C PHE B 43 -3.92 17.30 29.97
N ARG B 44 -4.33 16.36 30.78
CA ARG B 44 -5.23 15.30 30.34
C ARG B 44 -6.37 15.15 31.34
N SER B 45 -7.45 14.57 30.85
CA SER B 45 -8.72 14.54 31.56
C SER B 45 -9.40 13.22 31.21
N SER B 46 -10.72 13.18 31.32
CA SER B 46 -11.38 11.88 31.42
C SER B 46 -11.19 11.08 30.15
N VAL B 47 -10.10 10.29 30.16
CA VAL B 47 -9.67 9.45 29.05
C VAL B 47 -9.05 8.21 29.65
N LEU B 48 -8.47 7.38 28.81
CA LEU B 48 -7.70 6.25 29.26
C LEU B 48 -6.47 6.14 28.36
N HIS B 49 -5.37 6.74 28.82
CA HIS B 49 -4.10 6.69 28.09
C HIS B 49 -3.32 5.46 28.52
N SER B 50 -2.53 4.93 27.59
CA SER B 50 -1.75 3.71 27.80
C SER B 50 -0.28 4.08 27.69
N THR B 51 0.31 4.46 28.82
CA THR B 51 1.71 4.86 28.81
C THR B 51 2.62 3.65 28.73
N GLN B 52 3.90 3.92 28.56
CA GLN B 52 4.92 2.87 28.45
C GLN B 52 6.23 3.47 28.94
N ASP B 53 6.62 3.12 30.17
CA ASP B 53 7.83 3.66 30.74
C ASP B 53 8.25 2.81 31.93
N LEU B 54 9.36 3.18 32.55
CA LEU B 54 9.78 2.59 33.81
C LEU B 54 8.69 2.80 34.85
N PHE B 55 8.25 1.72 35.48
CA PHE B 55 7.21 1.80 36.50
C PHE B 55 7.40 0.66 37.46
N LEU B 56 7.05 0.88 38.72
CA LEU B 56 7.21 -0.17 39.71
C LEU B 56 6.37 -1.37 39.32
N PRO B 57 6.96 -2.53 39.08
CA PRO B 57 6.17 -3.71 38.72
C PRO B 57 5.23 -4.09 39.85
N PHE B 58 3.95 -4.24 39.52
CA PHE B 58 2.95 -4.45 40.56
C PHE B 58 3.18 -5.77 41.27
N PHE B 59 2.73 -5.81 42.52
CA PHE B 59 2.75 -7.03 43.31
C PHE B 59 4.15 -7.61 43.39
N SER B 60 5.16 -6.78 43.21
CA SER B 60 6.54 -7.23 43.31
C SER B 60 7.02 -7.06 44.74
N ASN B 61 8.33 -7.16 44.95
CA ASN B 61 8.84 -7.01 46.31
C ASN B 61 9.86 -5.91 46.49
N VAL B 62 10.38 -5.87 47.71
CA VAL B 62 11.19 -4.80 48.26
C VAL B 62 12.10 -5.40 49.31
N THR B 63 13.08 -4.65 49.79
CA THR B 63 13.88 -5.08 50.93
C THR B 63 13.98 -3.88 51.87
N TRP B 64 14.49 -4.12 53.08
CA TRP B 64 14.82 -3.05 54.01
C TRP B 64 15.48 -3.60 55.25
N PHE B 65 15.61 -2.73 56.25
CA PHE B 65 16.21 -3.07 57.53
C PHE B 65 15.47 -2.31 58.63
N HIS B 66 15.99 -2.43 59.85
CA HIS B 66 15.33 -1.92 61.04
C HIS B 66 16.37 -1.48 62.07
N ALA B 67 15.98 -1.46 63.34
CA ALA B 67 16.83 -0.96 64.42
C ALA B 67 18.02 -1.91 64.59
N ILE B 68 19.05 -1.67 63.79
CA ILE B 68 20.25 -2.51 63.82
C ILE B 68 21.44 -1.68 64.31
N HIS B 69 21.62 -1.65 65.62
CA HIS B 69 22.76 -1.14 66.40
C HIS B 69 22.44 -1.26 67.88
N ASP B 80 19.56 0.21 60.63
CA ASP B 80 20.74 1.08 60.64
C ASP B 80 20.85 2.03 59.44
N ASN B 81 22.03 2.06 58.81
CA ASN B 81 22.22 2.79 57.57
C ASN B 81 23.15 2.02 56.63
N PRO B 82 22.65 1.05 55.90
CA PRO B 82 23.49 0.37 54.91
C PRO B 82 23.54 1.11 53.58
N VAL B 83 24.19 0.50 52.60
CA VAL B 83 24.21 0.98 51.23
C VAL B 83 23.26 0.12 50.43
N LEU B 84 22.86 0.58 49.23
CA LEU B 84 22.00 -0.10 48.27
C LEU B 84 22.22 0.41 46.85
N PRO B 85 21.99 -0.43 45.85
CA PRO B 85 22.17 -0.15 44.42
C PRO B 85 21.00 0.59 43.85
N PHE B 86 21.11 1.13 42.63
CA PHE B 86 20.03 1.97 42.10
C PHE B 86 19.31 1.63 40.80
N ASN B 87 19.92 0.79 39.99
CA ASN B 87 19.39 0.34 38.71
C ASN B 87 18.93 1.49 37.85
N ASP B 88 17.64 1.77 37.90
CA ASP B 88 17.12 2.86 37.12
C ASP B 88 16.23 3.70 37.95
N GLY B 89 15.62 3.10 38.94
CA GLY B 89 14.74 3.93 39.75
C GLY B 89 14.46 3.15 41.01
N VAL B 90 14.03 3.83 42.04
CA VAL B 90 13.79 3.20 43.30
C VAL B 90 12.53 3.68 43.98
N TYR B 91 11.45 2.93 43.90
CA TYR B 91 10.24 3.35 44.58
C TYR B 91 10.59 3.25 46.01
N PHE B 92 10.62 4.37 46.72
CA PHE B 92 11.01 4.30 48.11
C PHE B 92 10.45 5.32 49.05
N ALA B 93 9.58 4.91 49.93
CA ALA B 93 9.09 5.77 51.00
C ALA B 93 9.00 4.89 52.25
N SER B 94 8.94 5.45 53.45
CA SER B 94 8.89 4.58 54.63
C SER B 94 8.23 5.18 55.84
N THR B 95 8.00 4.32 56.81
CA THR B 95 7.48 4.73 58.10
C THR B 95 8.37 5.79 58.71
N GLU B 96 7.90 7.02 58.60
CA GLU B 96 8.58 8.09 59.23
C GLU B 96 8.09 7.98 60.64
N LYS B 97 8.92 7.42 61.49
CA LYS B 97 8.61 7.24 62.92
C LYS B 97 8.29 8.58 63.60
N SER B 98 9.30 9.42 63.72
CA SER B 98 9.15 10.78 64.22
C SER B 98 10.19 11.41 63.36
N ASN B 99 9.88 11.49 62.07
CA ASN B 99 10.74 12.11 61.07
C ASN B 99 12.18 11.61 60.88
N ILE B 100 12.60 10.71 61.76
CA ILE B 100 13.94 10.10 61.80
C ILE B 100 14.65 9.74 60.49
N ILE B 101 13.92 9.40 59.43
CA ILE B 101 14.56 9.08 58.16
C ILE B 101 14.83 10.43 57.52
N ARG B 102 16.09 10.88 57.52
CA ARG B 102 16.34 12.20 57.01
C ARG B 102 17.34 12.21 55.91
N GLY B 103 16.81 12.42 54.71
CA GLY B 103 17.55 12.55 53.46
C GLY B 103 18.12 11.31 52.83
N TRP B 104 18.22 11.31 51.49
CA TRP B 104 18.81 10.18 50.78
C TRP B 104 19.94 10.57 49.85
N ILE B 105 21.16 10.27 50.28
CA ILE B 105 22.36 10.65 49.57
C ILE B 105 22.95 9.59 48.65
N PHE B 106 23.39 9.97 47.45
CA PHE B 106 24.01 9.05 46.49
C PHE B 106 25.53 9.02 46.66
N GLY B 107 26.28 8.58 45.65
CA GLY B 107 27.75 8.59 45.72
C GLY B 107 28.56 7.29 45.57
N THR B 108 28.74 6.85 44.33
CA THR B 108 29.44 5.59 43.96
C THR B 108 30.79 5.26 44.58
N THR B 109 31.68 6.23 44.66
CA THR B 109 33.01 5.93 45.15
C THR B 109 33.25 6.39 46.57
N LEU B 110 32.94 7.66 46.75
CA LEU B 110 33.08 8.47 47.96
C LEU B 110 34.54 8.65 48.35
N ASP B 111 35.48 8.18 47.53
CA ASP B 111 36.87 8.62 47.62
C ASP B 111 36.92 10.05 47.10
N SER B 112 35.74 10.64 46.91
CA SER B 112 35.58 12.01 46.45
C SER B 112 36.01 12.13 44.99
N LYS B 113 35.70 11.11 44.21
CA LYS B 113 36.07 11.05 42.80
C LYS B 113 34.90 11.34 41.88
N THR B 114 33.79 11.88 42.40
CA THR B 114 32.67 12.27 41.57
C THR B 114 31.76 13.21 42.35
N GLN B 115 31.41 14.32 41.75
CA GLN B 115 30.49 15.23 42.35
C GLN B 115 29.13 14.58 42.16
N SER B 116 28.76 13.66 43.06
CA SER B 116 27.48 12.96 42.96
C SER B 116 26.30 13.75 43.53
N LEU B 117 25.62 13.23 44.55
CA LEU B 117 24.45 13.92 45.06
C LEU B 117 24.19 13.79 46.54
N LEU B 118 23.48 14.76 47.12
CA LEU B 118 23.18 14.70 48.54
C LEU B 118 22.00 15.60 48.83
N ILE B 119 21.06 15.10 49.62
CA ILE B 119 19.79 15.76 49.87
C ILE B 119 19.44 15.56 51.33
N VAL B 120 19.27 16.65 52.11
CA VAL B 120 18.66 16.41 53.41
C VAL B 120 17.43 17.29 53.66
N ASN B 121 17.61 18.48 54.24
CA ASN B 121 16.57 19.39 54.72
C ASN B 121 17.27 20.54 55.39
N ASN B 122 17.21 21.73 54.80
CA ASN B 122 17.81 22.89 55.43
C ASN B 122 16.75 23.97 55.55
N ALA B 123 15.86 23.76 56.52
CA ALA B 123 14.76 24.66 56.79
C ALA B 123 13.99 25.01 55.53
N THR B 124 14.39 26.09 54.87
CA THR B 124 13.76 26.58 53.65
C THR B 124 13.48 25.51 52.61
N ASN B 125 14.48 24.70 52.36
CA ASN B 125 14.37 23.63 51.37
C ASN B 125 15.50 22.64 51.62
N VAL B 126 15.40 21.48 50.97
CA VAL B 126 16.42 20.46 51.18
C VAL B 126 17.77 20.98 50.72
N VAL B 127 18.85 20.48 51.32
CA VAL B 127 20.17 20.92 50.90
C VAL B 127 20.52 20.12 49.67
N ILE B 128 19.99 20.56 48.53
CA ILE B 128 20.43 19.95 47.30
C ILE B 128 21.88 20.37 47.16
N LYS B 129 22.73 19.42 46.83
CA LYS B 129 24.15 19.63 46.88
C LYS B 129 24.77 18.68 45.88
N VAL B 130 25.97 18.95 45.41
CA VAL B 130 26.53 18.07 44.42
C VAL B 130 27.91 17.54 44.73
N CYS B 131 28.84 18.45 44.98
CA CYS B 131 30.27 18.16 45.22
C CYS B 131 30.78 16.82 45.81
N GLU B 132 31.83 16.28 45.18
CA GLU B 132 32.49 15.08 45.66
C GLU B 132 32.97 15.46 47.02
N PHE B 133 32.27 15.03 48.05
CA PHE B 133 32.68 15.46 49.37
C PHE B 133 32.56 14.48 50.52
N GLN B 134 33.71 13.93 50.92
CA GLN B 134 33.74 13.09 52.13
C GLN B 134 32.80 11.92 52.35
N PHE B 135 31.56 12.21 51.99
CA PHE B 135 30.47 11.30 52.06
C PHE B 135 30.50 10.75 53.45
N CYS B 136 30.32 11.64 54.42
CA CYS B 136 30.25 11.26 55.82
C CYS B 136 29.11 10.23 55.93
N ASN B 137 29.42 8.93 55.89
CA ASN B 137 28.41 7.88 55.88
C ASN B 137 27.38 7.81 57.00
N ASP B 138 27.69 8.43 58.14
CA ASP B 138 26.75 8.45 59.26
C ASP B 138 26.41 9.85 59.77
N PRO B 139 25.50 10.56 59.08
CA PRO B 139 25.03 11.89 59.46
C PRO B 139 24.88 12.23 60.95
N PHE B 140 25.26 13.47 61.12
CA PHE B 140 25.57 14.16 62.36
C PHE B 140 25.51 15.68 62.23
N LEU B 141 24.78 16.42 63.08
CA LEU B 141 24.99 17.85 62.97
C LEU B 141 24.95 18.54 64.33
N GLY B 142 25.08 17.76 65.40
CA GLY B 142 24.83 18.27 66.74
C GLY B 142 23.42 17.98 67.22
N VAL B 143 22.43 18.54 66.53
CA VAL B 143 21.03 18.26 66.82
C VAL B 143 20.66 18.61 68.26
N VAL B 159 24.80 21.34 59.74
CA VAL B 159 26.07 22.05 59.88
C VAL B 159 27.17 21.33 59.11
N TYR B 160 26.88 20.10 58.69
CA TYR B 160 27.81 19.32 57.89
C TYR B 160 27.73 19.79 56.45
N SER B 161 28.79 20.46 55.98
CA SER B 161 28.87 20.91 54.59
C SER B 161 30.34 20.91 54.17
N SER B 162 30.78 19.81 53.57
CA SER B 162 32.06 19.79 52.88
C SER B 162 31.86 20.36 51.48
N ALA B 163 32.95 20.64 50.76
CA ALA B 163 32.77 21.35 49.50
C ALA B 163 33.69 20.92 48.36
N ASN B 164 34.33 19.76 48.45
CA ASN B 164 35.37 19.41 47.48
C ASN B 164 34.87 19.60 46.05
N ASN B 165 35.44 20.59 45.34
CA ASN B 165 35.14 20.86 43.94
C ASN B 165 33.66 20.85 43.56
N CYS B 166 32.89 21.84 44.02
CA CYS B 166 31.45 21.85 43.78
C CYS B 166 31.08 22.24 42.36
N THR B 167 29.97 21.66 41.88
CA THR B 167 29.47 22.07 40.58
C THR B 167 28.07 22.69 40.61
N PHE B 168 27.04 21.88 40.89
CA PHE B 168 25.66 22.36 40.82
C PHE B 168 25.10 22.53 42.23
N GLU B 169 25.65 23.50 42.95
CA GLU B 169 25.22 23.69 44.32
C GLU B 169 23.83 24.30 44.33
N TYR B 170 22.83 23.51 43.96
CA TYR B 170 21.48 24.01 43.82
C TYR B 170 20.78 24.08 45.17
N VAL B 171 20.02 25.14 45.38
CA VAL B 171 19.17 25.25 46.55
C VAL B 171 17.80 25.63 46.01
N SER B 172 16.83 25.83 46.90
CA SER B 172 15.48 26.18 46.46
C SER B 172 14.69 26.77 47.61
N PHE B 186 2.44 3.83 59.52
CA PHE B 186 2.62 4.74 60.64
C PHE B 186 1.61 5.87 60.57
N LYS B 187 2.07 7.07 60.22
CA LYS B 187 1.15 8.17 59.94
C LYS B 187 1.62 9.05 58.79
N ASN B 188 2.72 8.65 58.14
CA ASN B 188 3.39 9.55 57.20
C ASN B 188 4.21 8.74 56.20
N LEU B 189 3.68 8.54 54.99
CA LEU B 189 4.47 7.98 53.92
C LEU B 189 4.99 9.05 52.99
N ARG B 190 6.05 8.67 52.29
CA ARG B 190 6.81 9.61 51.48
C ARG B 190 7.25 8.91 50.19
N GLU B 191 6.31 8.25 49.51
CA GLU B 191 6.68 7.56 48.28
C GLU B 191 7.38 8.52 47.33
N PHE B 192 8.64 8.21 47.03
CA PHE B 192 9.50 9.07 46.24
C PHE B 192 10.06 8.25 45.10
N VAL B 193 9.64 8.52 43.88
CA VAL B 193 10.17 7.70 42.79
C VAL B 193 11.47 8.32 42.28
N PHE B 194 12.54 8.06 42.99
CA PHE B 194 13.83 8.59 42.57
C PHE B 194 14.33 7.75 41.40
N LYS B 195 14.23 8.30 40.18
CA LYS B 195 14.58 7.57 38.97
C LYS B 195 15.41 8.44 38.05
N ASN B 196 16.23 7.79 37.23
CA ASN B 196 17.12 8.50 36.32
C ASN B 196 16.72 8.28 34.87
N ILE B 197 16.79 9.36 34.11
CA ILE B 197 16.49 9.37 32.69
C ILE B 197 17.56 10.23 32.03
N ASP B 198 17.25 10.76 30.85
CA ASP B 198 18.18 11.62 30.16
C ASP B 198 18.57 12.79 31.04
N GLY B 199 19.87 12.95 31.24
CA GLY B 199 20.38 14.04 32.04
C GLY B 199 19.73 14.15 33.40
N TYR B 200 18.69 14.96 33.48
CA TYR B 200 18.09 15.11 34.77
C TYR B 200 17.51 13.86 35.42
N PHE B 201 18.06 13.53 36.59
CA PHE B 201 17.59 12.43 37.41
C PHE B 201 16.27 13.02 37.96
N LYS B 202 15.23 12.22 38.02
CA LYS B 202 13.88 12.67 38.30
C LYS B 202 13.39 12.31 39.69
N ILE B 203 12.55 13.19 40.24
CA ILE B 203 12.05 13.11 41.60
C ILE B 203 10.55 13.39 41.62
N TYR B 204 9.73 12.38 41.89
CA TYR B 204 8.31 12.61 42.13
C TYR B 204 7.93 12.10 43.51
N SER B 205 7.02 12.81 44.17
CA SER B 205 6.80 12.67 45.59
C SER B 205 5.32 12.93 45.90
N LYS B 206 4.89 12.16 46.88
CA LYS B 206 3.54 12.21 47.37
C LYS B 206 3.61 12.16 48.88
N HIS B 207 3.49 13.32 49.50
CA HIS B 207 3.50 13.42 50.94
C HIS B 207 2.28 12.62 51.33
N THR B 208 2.48 11.52 52.01
CA THR B 208 1.37 10.65 52.31
C THR B 208 1.08 10.49 53.79
N PRO B 209 -0.20 10.39 54.10
CA PRO B 209 -0.69 10.23 55.46
C PRO B 209 -1.09 8.81 55.67
N ILE B 210 -0.70 8.25 56.80
CA ILE B 210 -1.05 6.89 57.15
C ILE B 210 -1.99 6.94 58.34
N ASN B 211 -3.29 6.93 58.10
CA ASN B 211 -4.14 6.73 59.26
C ASN B 211 -4.30 5.23 59.46
N LEU B 212 -3.17 4.51 59.46
CA LEU B 212 -3.14 3.07 59.51
C LEU B 212 -2.06 2.63 60.49
N VAL B 213 -2.04 1.33 60.78
CA VAL B 213 -1.20 0.83 61.87
C VAL B 213 0.29 0.88 61.49
N ARG B 214 0.67 0.45 60.27
CA ARG B 214 2.07 0.45 59.83
C ARG B 214 2.15 0.09 58.35
N ASP B 215 1.03 -0.30 57.76
CA ASP B 215 1.01 -0.73 56.38
C ASP B 215 0.37 0.20 55.34
N LEU B 216 1.14 0.46 54.29
CA LEU B 216 0.73 1.25 53.13
C LEU B 216 -0.72 1.30 52.68
N PRO B 217 -1.27 2.54 52.45
CA PRO B 217 -2.66 2.47 51.99
C PRO B 217 -2.74 1.97 50.56
N GLN B 218 -3.91 1.46 50.23
CA GLN B 218 -4.18 0.96 48.90
C GLN B 218 -4.82 2.01 48.01
N GLY B 219 -5.06 3.21 48.54
CA GLY B 219 -5.56 4.29 47.73
C GLY B 219 -4.55 4.75 46.70
N PHE B 220 -5.03 5.52 45.73
CA PHE B 220 -4.21 5.87 44.58
C PHE B 220 -3.62 7.26 44.76
N SER B 221 -2.32 7.38 44.52
CA SER B 221 -1.60 8.63 44.78
C SER B 221 -0.71 8.94 43.58
N ALA B 222 -0.98 10.07 42.94
CA ALA B 222 -0.17 10.53 41.83
C ALA B 222 0.86 11.55 42.35
N LEU B 223 2.09 11.44 41.87
CA LEU B 223 3.22 12.13 42.46
C LEU B 223 3.67 13.26 41.54
N GLU B 224 3.38 14.47 41.93
CA GLU B 224 3.79 15.58 41.09
C GLU B 224 5.27 15.88 41.24
N PRO B 225 5.91 16.37 40.19
CA PRO B 225 7.31 16.77 40.30
C PRO B 225 7.49 18.02 41.16
N LEU B 226 8.71 18.20 41.63
CA LEU B 226 9.07 19.45 42.28
C LEU B 226 10.21 20.17 41.60
N VAL B 227 11.35 19.51 41.34
CA VAL B 227 12.46 20.16 40.63
C VAL B 227 13.07 19.23 39.60
N ASP B 228 13.77 19.87 38.67
CA ASP B 228 14.48 19.21 37.59
C ASP B 228 15.92 19.68 37.62
N LEU B 229 16.83 18.76 37.93
CA LEU B 229 18.25 19.07 37.98
C LEU B 229 18.93 18.18 36.94
N PRO B 230 19.00 18.67 35.69
CA PRO B 230 19.56 17.92 34.57
C PRO B 230 21.06 17.70 34.66
N ILE B 231 21.52 17.31 35.84
CA ILE B 231 22.91 17.08 36.13
C ILE B 231 23.59 16.25 35.08
N GLY B 232 23.19 15.00 34.96
CA GLY B 232 23.80 14.15 33.97
C GLY B 232 24.59 13.02 34.57
N ILE B 233 24.51 12.81 35.89
CA ILE B 233 25.24 11.73 36.53
C ILE B 233 24.65 10.35 36.34
N ASN B 234 25.23 9.36 36.99
CA ASN B 234 24.72 8.01 36.82
C ASN B 234 25.08 7.08 37.95
N ILE B 235 25.50 7.69 39.05
CA ILE B 235 25.90 7.01 40.29
C ILE B 235 24.92 5.94 40.65
N THR B 236 25.42 4.74 40.94
CA THR B 236 24.54 3.61 41.25
C THR B 236 24.47 3.10 42.68
N ARG B 237 24.52 4.00 43.65
CA ARG B 237 24.36 3.61 45.05
C ARG B 237 23.96 4.82 45.82
N PHE B 238 23.15 4.58 46.85
CA PHE B 238 22.62 5.64 47.69
C PHE B 238 21.90 5.03 48.85
N GLN B 239 21.74 5.79 49.91
CA GLN B 239 21.07 5.30 51.08
C GLN B 239 20.73 6.44 51.96
N THR B 240 19.72 6.27 52.79
CA THR B 240 19.40 7.33 53.71
C THR B 240 20.24 7.16 54.96
N LEU B 241 20.30 8.20 55.76
CA LEU B 241 21.06 8.20 56.98
C LEU B 241 20.11 8.74 58.04
N LEU B 242 20.26 8.31 59.28
CA LEU B 242 19.46 8.87 60.36
C LEU B 242 20.22 8.67 61.68
N ALA B 243 20.74 9.77 62.19
CA ALA B 243 21.53 9.81 63.43
C ALA B 243 20.60 9.98 64.61
N LEU B 244 21.15 10.39 65.75
CA LEU B 244 20.34 10.56 66.95
C LEU B 244 20.63 11.90 67.61
N HIS B 245 20.18 12.07 68.84
CA HIS B 245 20.36 13.33 69.58
C HIS B 245 21.82 13.72 69.71
N ARG B 246 22.58 12.97 70.51
CA ARG B 246 24.02 13.21 70.69
C ARG B 246 24.87 12.31 69.80
N SER B 247 24.55 12.23 68.51
CA SER B 247 25.12 11.19 67.67
C SER B 247 26.57 11.53 67.31
N TYR B 248 27.18 10.61 66.55
CA TYR B 248 28.62 10.66 66.26
C TYR B 248 28.93 10.60 64.77
N LEU B 249 30.20 10.41 64.44
CA LEU B 249 30.65 10.20 63.06
C LEU B 249 31.51 8.95 62.98
N THR B 250 32.11 8.56 64.11
CA THR B 250 33.16 7.56 64.23
C THR B 250 32.95 6.37 63.31
N PRO B 251 34.00 5.90 62.61
CA PRO B 251 33.92 4.78 61.67
C PRO B 251 34.05 3.42 62.34
N TYR B 265 13.06 0.52 55.86
CA TYR B 265 12.33 1.30 54.86
C TYR B 265 12.22 0.67 53.46
N TYR B 266 11.04 0.72 52.84
CA TYR B 266 10.83 0.06 51.56
C TYR B 266 11.82 0.57 50.51
N VAL B 267 12.54 -0.33 49.85
CA VAL B 267 13.58 0.09 48.89
C VAL B 267 13.50 -0.57 47.53
N GLY B 268 12.33 -0.88 47.04
CA GLY B 268 12.25 -1.67 45.82
C GLY B 268 12.97 -1.10 44.61
N TYR B 269 12.89 -1.76 43.46
CA TYR B 269 13.63 -1.34 42.29
C TYR B 269 12.72 -1.25 41.08
N LEU B 270 13.02 -0.32 40.20
CA LEU B 270 12.17 -0.01 39.06
C LEU B 270 12.43 -1.00 37.93
N GLN B 271 11.61 -0.90 36.86
CA GLN B 271 11.68 -1.83 35.75
C GLN B 271 10.76 -1.37 34.63
N PRO B 272 11.08 -1.69 33.37
CA PRO B 272 10.20 -1.32 32.26
C PRO B 272 8.83 -1.97 32.37
N ARG B 273 7.81 -1.38 31.74
CA ARG B 273 6.44 -1.91 31.80
C ARG B 273 5.59 -1.24 30.78
N THR B 274 4.27 -1.27 31.00
CA THR B 274 3.32 -0.65 30.11
C THR B 274 1.99 -0.64 30.79
N PHE B 275 1.68 0.40 31.53
CA PHE B 275 0.38 0.42 32.16
C PHE B 275 -0.57 1.11 31.24
N LEU B 276 -1.82 1.13 31.67
CA LEU B 276 -2.86 1.80 30.92
C LEU B 276 -3.68 2.40 32.02
N LEU B 277 -3.29 3.58 32.45
CA LEU B 277 -3.99 4.22 33.52
C LEU B 277 -5.36 4.70 33.10
N LYS B 278 -6.22 4.82 34.10
CA LYS B 278 -7.61 5.26 34.05
C LYS B 278 -7.66 6.58 34.81
N TYR B 279 -6.78 7.47 34.36
CA TYR B 279 -6.56 8.77 34.95
C TYR B 279 -7.56 9.56 34.25
N ASN B 280 -8.80 9.23 34.52
CA ASN B 280 -9.84 9.93 33.82
C ASN B 280 -10.39 11.16 34.52
N GLU B 281 -11.52 10.92 35.17
CA GLU B 281 -12.33 11.85 35.92
C GLU B 281 -11.55 13.01 36.42
N ASN B 282 -11.66 14.20 35.78
CA ASN B 282 -10.95 15.41 36.14
C ASN B 282 -9.55 15.20 36.67
N GLY B 283 -8.72 14.80 35.73
CA GLY B 283 -7.29 14.56 35.86
C GLY B 283 -6.77 14.20 37.23
N THR B 284 -7.09 12.99 37.63
CA THR B 284 -6.78 12.51 38.96
C THR B 284 -5.98 11.24 39.03
N ILE B 285 -5.88 10.55 37.90
CA ILE B 285 -5.20 9.26 37.78
C ILE B 285 -5.78 8.41 38.87
N THR B 286 -7.11 8.41 38.96
CA THR B 286 -7.77 7.67 40.02
C THR B 286 -7.30 6.24 40.01
N ASP B 287 -6.96 5.69 38.85
CA ASP B 287 -6.59 4.29 38.85
C ASP B 287 -5.79 3.94 37.61
N ALA B 288 -5.12 2.80 37.70
CA ALA B 288 -4.21 2.27 36.70
C ALA B 288 -4.38 0.76 36.68
N VAL B 289 -3.61 0.10 35.82
CA VAL B 289 -3.57 -1.35 35.79
C VAL B 289 -2.33 -1.76 35.01
N ASP B 290 -1.71 -2.85 35.45
CA ASP B 290 -0.51 -3.35 34.79
C ASP B 290 -0.88 -3.99 33.46
N CYS B 291 0.09 -4.56 32.80
CA CYS B 291 -0.13 -5.35 31.61
C CYS B 291 0.33 -6.79 31.77
N ALA B 292 1.40 -7.02 32.52
CA ALA B 292 1.97 -8.37 32.58
C ALA B 292 1.95 -8.93 33.99
N LEU B 293 0.83 -8.79 34.70
CA LEU B 293 0.65 -9.49 35.97
C LEU B 293 0.16 -10.90 35.77
N ASP B 294 -0.81 -11.09 34.87
CA ASP B 294 -1.33 -12.38 34.50
C ASP B 294 -2.13 -12.22 33.22
N PRO B 295 -2.53 -13.30 32.58
CA PRO B 295 -3.27 -13.16 31.32
C PRO B 295 -4.45 -12.22 31.44
N LEU B 296 -5.23 -12.36 32.51
CA LEU B 296 -6.35 -11.48 32.75
C LEU B 296 -5.96 -10.02 32.55
N SER B 297 -4.81 -9.65 33.09
CA SER B 297 -4.31 -8.29 32.96
C SER B 297 -3.90 -8.02 31.52
N GLU B 298 -3.56 -9.10 30.80
CA GLU B 298 -3.15 -8.99 29.41
C GLU B 298 -4.38 -8.86 28.51
N THR B 299 -5.52 -9.31 29.00
CA THR B 299 -6.77 -9.24 28.26
C THR B 299 -7.35 -7.83 28.32
N LYS B 300 -6.97 -7.10 29.37
CA LYS B 300 -7.45 -5.73 29.55
C LYS B 300 -6.52 -4.73 28.88
N CYS B 301 -5.40 -5.23 28.35
CA CYS B 301 -4.42 -4.39 27.67
C CYS B 301 -4.81 -4.18 26.21
N THR B 302 -5.14 -5.26 25.52
CA THR B 302 -5.53 -5.19 24.12
C THR B 302 -6.69 -4.23 23.93
N LEU B 303 -7.80 -4.49 24.63
CA LEU B 303 -8.98 -3.63 24.54
C LEU B 303 -8.94 -2.56 25.62
N LYS B 304 -8.90 -1.30 25.20
CA LYS B 304 -8.85 -0.17 26.13
C LYS B 304 -10.15 -0.05 26.92
N SER B 305 -10.24 -0.79 28.02
CA SER B 305 -11.43 -0.77 28.87
C SER B 305 -11.11 -1.33 30.25
N PHE B 306 -11.79 -0.79 31.27
CA PHE B 306 -11.60 -1.23 32.65
C PHE B 306 -12.50 -2.42 32.96
N THR B 307 -13.46 -2.67 32.08
CA THR B 307 -14.39 -3.78 32.26
C THR B 307 -14.31 -4.77 31.10
N VAL B 308 -14.24 -6.05 31.42
CA VAL B 308 -14.15 -7.09 30.41
C VAL B 308 -15.35 -7.99 30.54
N GLU B 309 -16.09 -8.15 29.46
CA GLU B 309 -17.22 -9.08 29.44
C GLU B 309 -16.69 -10.49 29.24
N LYS B 310 -17.59 -11.46 29.23
CA LYS B 310 -17.19 -12.87 29.19
C LYS B 310 -16.99 -13.36 27.77
N GLY B 311 -15.96 -14.16 27.57
CA GLY B 311 -15.69 -14.70 26.26
C GLY B 311 -14.25 -15.12 26.13
N ILE B 312 -13.90 -15.57 24.93
CA ILE B 312 -12.53 -15.98 24.64
C ILE B 312 -11.81 -14.92 23.82
N TYR B 313 -11.05 -14.07 24.49
CA TYR B 313 -10.41 -12.97 23.80
C TYR B 313 -8.97 -13.31 23.47
N GLN B 314 -8.60 -13.08 22.22
CA GLN B 314 -7.23 -13.32 21.80
C GLN B 314 -6.36 -12.13 22.18
N THR B 315 -5.13 -12.41 22.62
CA THR B 315 -4.25 -11.29 22.91
C THR B 315 -2.99 -11.24 22.07
N SER B 316 -2.07 -12.16 22.21
CA SER B 316 -0.85 -12.02 21.43
C SER B 316 -0.29 -13.27 20.84
N ASN B 317 1.01 -13.23 20.57
CA ASN B 317 1.68 -14.35 20.01
C ASN B 317 2.73 -14.84 20.89
N PHE B 318 3.35 -15.91 20.45
CA PHE B 318 4.44 -16.51 21.14
C PHE B 318 5.14 -17.40 20.14
N ARG B 319 6.44 -17.55 20.30
CA ARG B 319 7.24 -18.41 19.45
C ARG B 319 8.52 -18.55 20.17
N VAL B 320 9.07 -19.74 20.16
CA VAL B 320 10.31 -19.91 20.88
C VAL B 320 11.40 -19.20 20.14
N GLN B 321 12.33 -18.60 20.86
CA GLN B 321 13.44 -17.91 20.19
C GLN B 321 14.55 -18.85 19.83
N PRO B 322 15.31 -18.51 18.80
CA PRO B 322 16.48 -19.34 18.51
C PRO B 322 17.37 -19.48 19.72
N THR B 323 17.45 -20.69 20.24
CA THR B 323 18.24 -20.93 21.44
C THR B 323 19.72 -20.97 21.16
N GLU B 324 20.13 -20.89 19.89
CA GLU B 324 21.53 -21.04 19.52
C GLU B 324 21.71 -20.68 18.06
N SER B 325 22.94 -20.72 17.56
CA SER B 325 23.22 -20.40 16.17
C SER B 325 24.34 -21.28 15.66
N ILE B 326 24.20 -21.75 14.43
CA ILE B 326 25.21 -22.62 13.83
C ILE B 326 25.61 -22.04 12.48
N VAL B 327 26.79 -22.45 12.02
CA VAL B 327 27.37 -22.01 10.76
C VAL B 327 28.15 -23.18 10.17
N ARG B 328 27.74 -23.64 8.99
CA ARG B 328 28.35 -24.79 8.35
C ARG B 328 28.71 -24.41 6.93
N PHE B 329 29.99 -24.43 6.61
CA PHE B 329 30.50 -24.16 5.29
C PHE B 329 31.42 -25.30 4.91
N PRO B 330 31.79 -25.46 3.65
CA PRO B 330 32.72 -26.53 3.31
C PRO B 330 33.96 -26.48 4.15
N ASN B 331 34.58 -27.64 4.48
CA ASN B 331 35.88 -27.62 5.14
C ASN B 331 36.92 -27.08 4.17
N ILE B 332 37.30 -25.83 4.43
CA ILE B 332 38.31 -25.07 3.71
C ILE B 332 39.56 -25.92 3.55
N THR B 333 40.01 -26.11 2.33
CA THR B 333 41.18 -26.95 2.16
C THR B 333 42.38 -26.26 1.50
N ASN B 334 42.34 -26.09 0.18
CA ASN B 334 43.47 -25.49 -0.51
C ASN B 334 43.86 -24.07 -0.10
N LEU B 335 45.13 -23.94 0.29
CA LEU B 335 45.71 -22.66 0.71
C LEU B 335 46.77 -22.23 -0.30
N CYS B 336 47.00 -20.92 -0.39
CA CYS B 336 47.96 -20.37 -1.33
C CYS B 336 49.40 -20.42 -0.83
N PRO B 337 50.07 -19.25 -0.82
CA PRO B 337 51.46 -19.13 -0.36
C PRO B 337 51.57 -19.23 1.16
N PHE B 338 52.00 -20.37 1.65
CA PHE B 338 52.15 -20.58 3.10
C PHE B 338 53.25 -21.59 3.40
N GLY B 339 54.49 -21.19 3.17
CA GLY B 339 55.62 -22.06 3.42
C GLY B 339 56.41 -22.31 2.14
N GLU B 340 55.84 -21.88 1.02
CA GLU B 340 56.47 -22.05 -0.27
C GLU B 340 56.93 -20.73 -0.86
N VAL B 341 56.10 -19.70 -0.84
CA VAL B 341 56.54 -18.43 -1.37
C VAL B 341 56.85 -17.48 -0.24
N PHE B 342 57.11 -18.03 0.92
CA PHE B 342 57.42 -17.20 2.04
C PHE B 342 58.68 -17.73 2.66
N ASN B 343 58.53 -18.73 3.51
CA ASN B 343 59.68 -19.34 4.18
C ASN B 343 60.33 -20.40 3.33
N ALA B 344 60.98 -19.98 2.26
CA ALA B 344 61.61 -20.95 1.40
C ALA B 344 62.88 -20.46 0.72
N THR B 345 63.99 -21.05 1.13
CA THR B 345 65.32 -20.75 0.58
C THR B 345 65.76 -19.30 0.36
N ARG B 346 66.68 -19.14 -0.57
CA ARG B 346 67.20 -17.84 -0.89
C ARG B 346 66.43 -17.21 -2.02
N PHE B 347 66.83 -16.01 -2.38
CA PHE B 347 66.13 -15.25 -3.35
C PHE B 347 67.12 -14.66 -4.33
N ALA B 348 66.86 -13.43 -4.69
CA ALA B 348 67.59 -12.67 -5.68
C ALA B 348 67.94 -11.30 -5.10
N SER B 349 68.84 -10.61 -5.79
CA SER B 349 69.19 -9.25 -5.43
C SER B 349 68.00 -8.34 -5.67
N VAL B 350 67.82 -7.35 -4.80
CA VAL B 350 66.64 -6.51 -4.88
C VAL B 350 66.63 -5.72 -6.18
N TYR B 351 67.79 -5.38 -6.71
CA TYR B 351 67.81 -4.72 -8.01
C TYR B 351 67.20 -5.62 -9.08
N ALA B 352 67.19 -6.93 -8.84
CA ALA B 352 66.44 -7.86 -9.66
C ALA B 352 65.38 -8.52 -8.78
N TRP B 353 64.68 -7.70 -8.00
CA TRP B 353 63.66 -8.21 -7.09
C TRP B 353 62.62 -9.00 -7.87
N ASN B 354 62.23 -10.13 -7.31
CA ASN B 354 61.42 -11.09 -8.03
C ASN B 354 59.94 -10.85 -7.73
N ARG B 355 59.10 -11.57 -8.47
CA ARG B 355 57.67 -11.45 -8.33
C ARG B 355 57.07 -12.84 -8.17
N LYS B 356 55.88 -12.90 -7.59
CA LYS B 356 55.18 -14.17 -7.46
C LYS B 356 53.69 -13.91 -7.35
N ARG B 357 52.91 -14.67 -8.11
CA ARG B 357 51.47 -14.49 -8.19
C ARG B 357 50.78 -15.41 -7.20
N ILE B 358 49.69 -14.95 -6.58
CA ILE B 358 48.93 -15.82 -5.64
C ILE B 358 47.50 -16.11 -6.11
N SER B 359 47.06 -17.38 -5.97
CA SER B 359 45.73 -17.83 -6.42
C SER B 359 44.52 -17.51 -5.53
N ASN B 360 43.46 -18.33 -5.66
CA ASN B 360 42.20 -18.17 -4.92
C ASN B 360 42.14 -18.82 -3.53
N CYS B 361 42.71 -20.03 -3.40
CA CYS B 361 42.77 -20.75 -2.13
C CYS B 361 42.37 -20.23 -0.74
N VAL B 362 41.30 -19.44 -0.65
CA VAL B 362 40.74 -18.86 0.60
C VAL B 362 41.59 -17.93 1.44
N ALA B 363 42.53 -18.53 2.18
CA ALA B 363 43.55 -17.89 3.01
C ALA B 363 43.10 -17.15 4.26
N ASP B 364 44.10 -16.85 5.09
CA ASP B 364 43.92 -16.08 6.31
C ASP B 364 45.21 -15.57 6.85
N TYR B 365 45.38 -14.27 6.71
CA TYR B 365 46.56 -13.59 7.17
C TYR B 365 46.72 -13.91 8.65
N SER B 366 45.66 -13.64 9.40
CA SER B 366 45.67 -13.86 10.84
C SER B 366 46.12 -15.26 11.25
N VAL B 367 45.98 -16.26 10.38
CA VAL B 367 46.55 -17.53 10.71
C VAL B 367 48.03 -17.19 10.75
N LEU B 368 48.51 -16.48 9.74
CA LEU B 368 49.88 -16.10 9.82
C LEU B 368 50.23 -15.01 10.79
N TYR B 369 49.80 -13.75 10.59
CA TYR B 369 50.11 -12.53 11.31
C TYR B 369 50.73 -12.79 12.66
N ASN B 370 50.10 -13.64 13.46
CA ASN B 370 50.67 -14.02 14.73
C ASN B 370 51.63 -15.20 14.59
N SER B 371 52.56 -15.13 13.63
CA SER B 371 53.53 -16.20 13.45
C SER B 371 54.75 -16.02 14.33
N ALA B 372 54.82 -14.92 15.07
CA ALA B 372 55.92 -14.66 15.99
C ALA B 372 57.27 -14.74 15.27
N SER B 373 57.31 -14.28 14.02
CA SER B 373 58.58 -14.22 13.31
C SER B 373 58.70 -12.89 12.58
N PHE B 374 57.57 -12.25 12.27
CA PHE B 374 57.62 -11.08 11.42
C PHE B 374 58.20 -9.92 12.20
N SER B 375 59.54 -9.79 12.15
CA SER B 375 60.19 -8.66 12.80
C SER B 375 59.53 -7.36 12.41
N THR B 376 59.11 -7.26 11.16
CA THR B 376 58.27 -6.18 10.71
C THR B 376 57.04 -6.78 10.05
N PHE B 377 55.87 -6.28 10.44
CA PHE B 377 54.67 -6.50 9.66
C PHE B 377 54.04 -5.18 9.26
N LYS B 378 54.85 -4.15 9.03
CA LYS B 378 54.36 -2.84 8.65
C LYS B 378 53.36 -2.99 7.52
N CYS B 379 52.10 -2.65 7.78
CA CYS B 379 50.98 -3.21 7.03
C CYS B 379 50.11 -2.07 6.52
N TYR B 380 50.46 -1.58 5.33
CA TYR B 380 49.85 -0.35 4.81
C TYR B 380 48.38 -0.48 4.49
N GLY B 381 48.00 -1.52 3.75
CA GLY B 381 46.63 -1.63 3.29
C GLY B 381 45.63 -1.58 4.42
N VAL B 382 45.58 -2.63 5.22
CA VAL B 382 44.74 -2.75 6.41
C VAL B 382 45.48 -3.66 7.39
N SER B 383 45.03 -3.69 8.64
CA SER B 383 45.61 -4.65 9.59
C SER B 383 45.30 -6.07 9.14
N PRO B 384 46.24 -7.01 9.27
CA PRO B 384 45.95 -8.39 8.85
C PRO B 384 44.79 -9.00 9.62
N THR B 385 44.70 -8.69 10.91
CA THR B 385 43.57 -9.09 11.73
C THR B 385 42.26 -8.59 11.17
N LYS B 386 42.30 -7.69 10.21
CA LYS B 386 41.12 -7.21 9.52
C LYS B 386 41.02 -7.69 8.08
N LEU B 387 42.12 -7.74 7.35
CA LEU B 387 42.10 -8.18 5.97
C LEU B 387 42.22 -9.70 5.84
N ASN B 388 42.10 -10.44 6.94
CA ASN B 388 42.18 -11.89 6.86
C ASN B 388 41.13 -12.44 5.90
N ASP B 389 40.02 -11.72 5.73
CA ASP B 389 38.96 -12.11 4.81
C ASP B 389 38.94 -11.29 3.54
N LEU B 390 39.95 -10.47 3.31
CA LEU B 390 39.92 -9.53 2.19
C LEU B 390 40.33 -10.23 0.90
N CYS B 391 39.49 -10.08 -0.13
CA CYS B 391 39.59 -10.88 -1.35
C CYS B 391 40.14 -10.03 -2.48
N PHE B 392 41.27 -10.47 -3.04
CA PHE B 392 41.91 -9.80 -4.17
C PHE B 392 41.93 -10.73 -5.36
N THR B 393 41.54 -10.20 -6.52
CA THR B 393 41.73 -10.92 -7.77
C THR B 393 43.20 -11.26 -7.97
N ASN B 394 44.10 -10.49 -7.37
CA ASN B 394 45.51 -10.77 -7.48
C ASN B 394 46.23 -10.42 -6.19
N VAL B 395 47.12 -11.32 -5.77
CA VAL B 395 48.02 -11.08 -4.66
C VAL B 395 49.41 -11.48 -5.10
N TYR B 396 50.40 -10.66 -4.79
CA TYR B 396 51.74 -10.89 -5.28
C TYR B 396 52.75 -10.76 -4.17
N ALA B 397 53.79 -11.60 -4.25
CA ALA B 397 54.84 -11.64 -3.25
C ALA B 397 56.19 -11.40 -3.92
N ASP B 398 56.98 -10.52 -3.33
CA ASP B 398 58.34 -10.27 -3.75
C ASP B 398 59.24 -10.55 -2.56
N SER B 399 60.47 -10.95 -2.83
CA SER B 399 61.32 -11.33 -1.73
C SER B 399 62.78 -11.27 -2.15
N PHE B 400 63.61 -10.77 -1.25
CA PHE B 400 64.99 -10.54 -1.65
C PHE B 400 65.85 -10.34 -0.42
N VAL B 401 67.15 -10.33 -0.64
CA VAL B 401 68.13 -10.19 0.43
C VAL B 401 68.75 -8.80 0.35
N ILE B 402 68.59 -8.03 1.43
CA ILE B 402 69.08 -6.67 1.49
C ILE B 402 69.57 -6.39 2.90
N ARG B 403 70.39 -5.35 3.03
CA ARG B 403 70.76 -4.84 4.34
C ARG B 403 69.50 -4.44 5.09
N GLY B 404 69.25 -5.07 6.23
CA GLY B 404 68.01 -4.92 6.97
C GLY B 404 67.42 -3.53 6.98
N ASP B 405 68.28 -2.54 7.20
CA ASP B 405 67.90 -1.13 7.26
C ASP B 405 66.91 -0.75 6.18
N GLU B 406 67.14 -1.25 4.97
CA GLU B 406 66.33 -0.86 3.82
C GLU B 406 64.85 -1.02 4.07
N VAL B 407 64.46 -1.74 5.12
CA VAL B 407 63.07 -1.85 5.55
C VAL B 407 62.38 -0.49 5.50
N ARG B 408 62.99 0.54 6.07
CA ARG B 408 62.29 1.82 6.11
C ARG B 408 62.08 2.36 4.71
N GLN B 409 63.08 2.18 3.84
CA GLN B 409 63.01 2.61 2.45
C GLN B 409 61.86 1.93 1.73
N ILE B 410 61.33 0.86 2.33
CA ILE B 410 60.25 0.07 1.76
C ILE B 410 58.98 0.58 2.41
N ALA B 411 58.98 1.86 2.75
CA ALA B 411 57.77 2.57 3.11
C ALA B 411 57.39 3.48 1.94
N PRO B 412 56.14 3.46 1.47
CA PRO B 412 55.68 4.53 0.57
C PRO B 412 56.09 5.92 1.02
N GLY B 413 56.78 6.65 0.14
CA GLY B 413 57.36 7.93 0.51
C GLY B 413 58.79 7.80 0.99
N GLN B 414 59.65 7.19 0.18
CA GLN B 414 61.04 6.98 0.55
C GLN B 414 61.96 7.27 -0.63
N THR B 415 63.19 7.65 -0.30
CA THR B 415 64.21 7.93 -1.30
C THR B 415 65.49 7.18 -0.98
N GLY B 416 66.56 7.50 -1.68
CA GLY B 416 67.85 6.86 -1.49
C GLY B 416 68.21 6.00 -2.69
N LYS B 417 69.50 5.68 -2.78
CA LYS B 417 70.01 4.96 -3.94
C LYS B 417 69.35 3.59 -4.09
N ILE B 418 68.74 3.06 -3.04
CA ILE B 418 68.08 1.77 -3.14
C ILE B 418 66.57 1.93 -3.32
N ALA B 419 65.96 2.75 -2.46
CA ALA B 419 64.53 3.00 -2.54
C ALA B 419 64.18 3.64 -3.87
N ASP B 420 65.20 4.10 -4.59
CA ASP B 420 65.01 4.73 -5.88
C ASP B 420 65.77 4.00 -6.99
N TYR B 421 66.89 3.39 -6.62
CA TYR B 421 67.69 2.66 -7.59
C TYR B 421 67.66 1.16 -7.41
N ASN B 422 66.83 0.61 -6.54
CA ASN B 422 66.74 -0.84 -6.49
C ASN B 422 65.30 -1.31 -6.44
N TYR B 423 64.42 -0.47 -5.90
CA TYR B 423 62.98 -0.71 -5.90
C TYR B 423 62.31 0.52 -5.33
N LYS B 424 61.12 0.82 -5.83
CA LYS B 424 60.28 1.84 -5.22
C LYS B 424 58.89 1.27 -5.04
N LEU B 425 58.42 1.20 -3.80
CA LEU B 425 57.03 0.95 -3.56
C LEU B 425 56.20 2.14 -4.01
N PRO B 426 54.95 1.91 -4.35
CA PRO B 426 54.04 3.03 -4.61
C PRO B 426 53.59 3.66 -3.29
N ASP B 427 53.02 4.85 -3.42
CA ASP B 427 52.42 5.51 -2.27
C ASP B 427 50.96 5.11 -2.11
N ASP B 428 50.65 3.91 -2.60
CA ASP B 428 49.28 3.36 -2.47
C ASP B 428 49.44 1.84 -2.30
N PHE B 429 50.59 1.41 -1.78
CA PHE B 429 50.91 -0.03 -1.63
C PHE B 429 49.93 -0.71 -0.68
N THR B 430 48.74 -1.05 -1.14
CA THR B 430 47.82 -1.82 -0.28
C THR B 430 48.50 -3.16 0.03
N GLY B 431 49.25 -3.22 1.13
CA GLY B 431 50.01 -4.44 1.45
C GLY B 431 50.71 -4.29 2.78
N CYS B 432 51.67 -5.17 3.06
CA CYS B 432 52.36 -5.14 4.34
C CYS B 432 53.80 -5.58 4.14
N VAL B 433 54.70 -4.99 4.91
CA VAL B 433 56.14 -5.25 4.73
C VAL B 433 56.49 -6.35 5.71
N ILE B 434 56.55 -7.57 5.18
CA ILE B 434 56.98 -8.71 5.99
C ILE B 434 58.49 -8.88 5.86
N ALA B 435 59.14 -9.20 6.97
CA ALA B 435 60.58 -9.38 7.02
C ALA B 435 60.96 -9.91 8.39
N TRP B 436 61.96 -10.80 8.44
CA TRP B 436 62.49 -11.21 9.73
C TRP B 436 63.96 -10.86 9.79
N ASN B 437 64.83 -11.51 9.02
CA ASN B 437 66.27 -11.31 9.09
C ASN B 437 66.95 -12.21 8.07
N SER B 438 68.06 -11.73 7.51
CA SER B 438 68.94 -12.51 6.66
C SER B 438 70.23 -12.90 7.36
N ASN B 439 70.84 -11.95 8.06
CA ASN B 439 72.11 -12.14 8.73
C ASN B 439 72.20 -13.50 9.41
N ASN B 440 71.10 -13.98 9.98
CA ASN B 440 71.07 -15.31 10.55
C ASN B 440 71.44 -16.35 9.50
N LEU B 441 70.74 -16.36 8.38
CA LEU B 441 70.96 -17.34 7.32
C LEU B 441 71.66 -16.72 6.12
N ASP B 442 72.11 -15.49 6.29
CA ASP B 442 72.72 -14.77 5.17
C ASP B 442 74.09 -14.17 5.45
N SER B 443 74.61 -14.38 6.66
CA SER B 443 75.91 -13.82 7.02
C SER B 443 77.04 -14.14 6.05
N LYS B 444 77.25 -15.44 5.77
CA LYS B 444 78.34 -15.94 4.92
C LYS B 444 79.56 -15.25 5.47
N VAL B 445 79.86 -15.56 6.76
CA VAL B 445 80.83 -14.90 7.63
C VAL B 445 81.98 -14.30 6.85
N GLY B 446 82.48 -15.02 5.86
CA GLY B 446 83.46 -14.45 4.95
C GLY B 446 82.84 -13.57 3.88
N GLY B 447 81.92 -12.68 4.26
CA GLY B 447 81.33 -11.78 3.29
C GLY B 447 80.28 -12.35 2.36
N ASN B 448 79.05 -12.11 2.72
CA ASN B 448 77.90 -12.55 1.97
C ASN B 448 77.76 -11.75 0.70
N TYR B 449 77.92 -12.45 -0.42
CA TYR B 449 77.76 -11.86 -1.72
C TYR B 449 76.39 -12.32 -2.18
N ASN B 450 76.36 -12.94 -3.36
CA ASN B 450 75.15 -13.45 -4.00
C ASN B 450 74.09 -12.43 -4.21
N TYR B 451 74.16 -11.32 -3.50
CA TYR B 451 73.15 -10.29 -3.69
C TYR B 451 73.86 -8.98 -3.95
N LEU B 452 73.27 -8.17 -4.82
CA LEU B 452 73.87 -6.91 -5.24
C LEU B 452 72.76 -5.89 -5.45
N TYR B 453 73.11 -4.75 -6.05
CA TYR B 453 72.17 -3.66 -6.16
C TYR B 453 72.70 -2.67 -7.18
N ARG B 454 71.84 -2.25 -8.10
CA ARG B 454 72.25 -1.27 -9.10
C ARG B 454 72.37 0.09 -8.44
N LEU B 455 73.37 0.22 -7.55
CA LEU B 455 73.72 1.49 -6.92
C LEU B 455 73.67 2.66 -7.89
N PHE B 456 74.14 2.42 -9.10
CA PHE B 456 74.45 3.45 -10.07
C PHE B 456 73.44 3.45 -11.22
N ARG B 457 72.18 3.12 -10.91
CA ARG B 457 71.11 3.12 -11.90
C ARG B 457 70.79 4.53 -12.36
N LYS B 458 70.22 4.64 -13.56
CA LYS B 458 69.84 5.93 -14.14
C LYS B 458 68.51 6.44 -13.59
N SER B 459 67.44 5.74 -13.94
CA SER B 459 66.10 6.28 -13.73
C SER B 459 65.73 6.25 -12.26
N ASN B 460 64.66 6.95 -11.93
CA ASN B 460 64.04 6.82 -10.62
C ASN B 460 62.98 5.72 -10.73
N LEU B 461 63.06 4.72 -9.84
CA LEU B 461 62.16 3.57 -9.88
C LEU B 461 60.69 3.95 -9.95
N LYS B 462 60.06 3.57 -11.04
CA LYS B 462 58.61 3.73 -10.97
C LYS B 462 58.03 2.64 -10.08
N PRO B 463 56.99 2.96 -9.34
CA PRO B 463 56.36 1.95 -8.47
C PRO B 463 56.08 0.64 -9.18
N PHE B 464 56.57 -0.47 -8.60
CA PHE B 464 56.41 -1.82 -9.11
C PHE B 464 57.28 -2.10 -10.32
N GLU B 465 58.21 -1.21 -10.64
CA GLU B 465 59.13 -1.47 -11.73
C GLU B 465 60.02 -2.66 -11.41
N ARG B 466 59.95 -3.68 -12.25
CA ARG B 466 60.78 -4.86 -12.09
C ARG B 466 62.08 -4.75 -12.89
N ASP B 467 62.30 -3.61 -13.54
CA ASP B 467 63.48 -3.37 -14.36
C ASP B 467 64.81 -3.80 -13.73
N ILE B 468 65.63 -4.51 -14.51
CA ILE B 468 66.94 -4.97 -14.07
C ILE B 468 67.98 -4.67 -15.14
N SER B 469 67.79 -3.59 -15.89
CA SER B 469 68.76 -3.33 -16.95
C SER B 469 70.00 -2.61 -16.42
N THR B 470 71.12 -3.31 -16.44
CA THR B 470 72.40 -2.81 -15.97
C THR B 470 73.03 -1.94 -17.05
N GLU B 471 73.78 -0.94 -16.60
CA GLU B 471 74.27 0.05 -17.56
C GLU B 471 75.36 0.89 -16.94
N ILE B 472 76.26 1.38 -17.78
CA ILE B 472 77.29 2.29 -17.32
C ILE B 472 76.82 3.73 -17.52
N TYR B 473 76.22 4.29 -16.49
CA TYR B 473 75.71 5.66 -16.54
C TYR B 473 76.86 6.65 -16.47
N GLN B 474 76.61 7.88 -16.93
CA GLN B 474 77.62 8.91 -16.96
C GLN B 474 77.77 9.64 -15.64
N ALA B 475 78.72 9.22 -14.80
CA ALA B 475 79.01 9.98 -13.59
C ALA B 475 79.40 11.40 -13.92
N GLY B 476 79.91 11.62 -15.13
CA GLY B 476 80.09 12.95 -15.68
C GLY B 476 79.57 12.98 -17.11
N SER B 477 80.41 13.42 -18.05
CA SER B 477 80.03 13.47 -19.45
C SER B 477 81.03 12.79 -20.37
N THR B 478 82.11 12.21 -19.84
CA THR B 478 82.94 11.31 -20.62
C THR B 478 82.02 10.29 -21.26
N PRO B 479 81.87 10.29 -22.60
CA PRO B 479 80.85 9.42 -23.21
C PRO B 479 81.01 7.99 -22.78
N CYS B 480 80.09 7.52 -21.94
CA CYS B 480 80.30 6.24 -21.27
C CYS B 480 80.31 5.09 -22.26
N ASN B 481 79.14 4.79 -22.84
CA ASN B 481 78.95 3.72 -23.81
C ASN B 481 79.87 2.53 -23.50
N GLY B 482 79.95 2.15 -22.24
CA GLY B 482 80.95 1.20 -21.79
C GLY B 482 82.08 1.80 -20.95
N VAL B 483 82.55 3.00 -21.30
CA VAL B 483 83.65 3.67 -20.59
C VAL B 483 83.39 3.59 -19.11
N GLU B 484 84.42 3.22 -18.35
CA GLU B 484 84.29 3.09 -16.91
C GLU B 484 85.64 3.33 -16.25
N GLY B 485 85.68 4.26 -15.29
CA GLY B 485 86.91 4.59 -14.60
C GLY B 485 87.01 6.05 -14.25
N PHE B 486 86.23 6.88 -14.94
CA PHE B 486 86.13 8.29 -14.60
C PHE B 486 84.89 8.87 -15.25
N ASN B 487 84.08 9.56 -14.44
CA ASN B 487 82.83 10.15 -14.91
C ASN B 487 81.94 9.10 -15.58
N CYS B 488 82.21 7.83 -15.28
CA CYS B 488 81.55 6.65 -15.82
C CYS B 488 81.80 5.39 -15.01
N TYR B 489 80.74 4.70 -14.59
CA TYR B 489 80.84 3.47 -13.81
C TYR B 489 79.60 2.61 -14.08
N PHE B 490 79.67 1.33 -13.73
CA PHE B 490 78.50 0.46 -13.93
C PHE B 490 77.64 0.48 -12.67
N PRO B 491 76.40 -0.07 -12.72
CA PRO B 491 75.44 0.24 -11.65
C PRO B 491 75.48 -0.65 -10.42
N LEU B 492 75.95 -1.87 -10.56
CA LEU B 492 75.84 -2.86 -9.50
C LEU B 492 77.04 -2.84 -8.57
N GLN B 493 76.77 -2.74 -7.28
CA GLN B 493 77.85 -2.79 -6.30
C GLN B 493 77.55 -3.85 -5.24
N SER B 494 78.48 -4.01 -4.31
CA SER B 494 78.60 -5.24 -3.52
C SER B 494 77.79 -5.16 -2.22
N TYR B 495 76.85 -6.07 -2.03
CA TYR B 495 76.08 -6.04 -0.81
C TYR B 495 76.73 -7.01 0.16
N GLY B 496 78.04 -6.85 0.29
CA GLY B 496 78.87 -7.67 1.16
C GLY B 496 78.45 -7.69 2.62
N PHE B 497 77.66 -8.67 3.02
CA PHE B 497 77.23 -8.74 4.41
C PHE B 497 78.13 -9.63 5.26
N GLN B 498 78.58 -9.10 6.40
CA GLN B 498 79.51 -9.79 7.28
C GLN B 498 78.96 -9.85 8.70
N PRO B 499 79.41 -10.82 9.50
CA PRO B 499 78.96 -10.87 10.90
C PRO B 499 79.69 -9.89 11.80
N THR B 500 80.88 -9.54 11.31
CA THR B 500 81.77 -8.56 11.89
C THR B 500 81.07 -7.22 11.75
N ASN B 501 80.59 -6.88 10.55
CA ASN B 501 79.90 -5.60 10.46
C ASN B 501 78.55 -5.75 11.15
N GLY B 502 78.09 -4.65 11.75
CA GLY B 502 76.92 -4.61 12.64
C GLY B 502 75.58 -4.89 11.99
N VAL B 503 74.50 -5.12 12.76
CA VAL B 503 73.24 -5.48 12.12
C VAL B 503 72.77 -4.40 11.17
N GLY B 504 73.10 -3.13 11.45
CA GLY B 504 72.80 -2.08 10.50
C GLY B 504 73.41 -2.37 9.14
N TYR B 505 74.64 -2.85 9.13
CA TYR B 505 75.26 -3.39 7.93
C TYR B 505 75.15 -4.91 7.84
N GLN B 506 74.13 -5.49 8.46
CA GLN B 506 73.83 -6.89 8.25
C GLN B 506 72.48 -7.02 7.56
N PRO B 507 72.27 -8.09 6.79
CA PRO B 507 71.06 -8.19 5.98
C PRO B 507 69.89 -8.76 6.76
N TYR B 508 68.70 -8.25 6.42
CA TYR B 508 67.44 -8.86 6.83
C TYR B 508 66.72 -9.39 5.60
N ARG B 509 66.18 -10.61 5.75
CA ARG B 509 65.30 -11.18 4.74
C ARG B 509 64.04 -10.34 4.64
N VAL B 510 63.69 -9.93 3.43
CA VAL B 510 62.69 -8.90 3.23
C VAL B 510 61.67 -9.35 2.20
N VAL B 511 60.40 -9.15 2.52
CA VAL B 511 59.27 -9.53 1.68
C VAL B 511 58.42 -8.29 1.40
N VAL B 512 57.99 -8.17 0.15
CA VAL B 512 57.12 -7.09 -0.32
C VAL B 512 55.82 -7.74 -0.75
N LEU B 513 54.78 -7.47 0.05
CA LEU B 513 53.43 -7.94 -0.17
C LEU B 513 52.68 -6.91 -0.95
N SER B 514 51.74 -7.36 -1.79
CA SER B 514 51.00 -6.48 -2.67
C SER B 514 49.83 -7.21 -3.27
N PHE B 515 48.64 -6.68 -3.07
CA PHE B 515 47.45 -7.33 -3.62
C PHE B 515 46.48 -6.38 -4.29
N GLU B 516 45.83 -6.84 -5.36
CA GLU B 516 44.86 -6.08 -6.16
C GLU B 516 43.59 -6.87 -6.60
N LEU B 517 42.44 -6.27 -6.30
CA LEU B 517 41.14 -6.85 -6.56
C LEU B 517 40.46 -6.05 -7.63
N LEU B 518 40.34 -6.64 -8.82
CA LEU B 518 39.74 -5.96 -9.96
C LEU B 518 38.22 -5.95 -10.01
N HIS B 519 37.66 -6.68 -10.96
CA HIS B 519 36.21 -6.75 -11.14
C HIS B 519 35.67 -8.11 -11.57
N ALA B 520 36.52 -9.13 -11.63
CA ALA B 520 36.06 -10.47 -11.99
C ALA B 520 35.80 -11.26 -10.72
N PRO B 521 35.58 -12.60 -10.85
CA PRO B 521 35.39 -13.22 -9.53
C PRO B 521 36.71 -13.38 -8.82
N ALA B 522 36.84 -12.75 -7.65
CA ALA B 522 38.12 -12.65 -6.97
C ALA B 522 38.55 -14.00 -6.42
N THR B 523 39.79 -14.07 -5.96
CA THR B 523 40.36 -15.34 -5.50
C THR B 523 40.15 -15.68 -4.03
N VAL B 524 41.27 -15.77 -3.29
CA VAL B 524 41.27 -16.10 -1.88
C VAL B 524 40.27 -15.23 -1.13
N CYS B 525 39.39 -15.87 -0.36
CA CYS B 525 38.38 -15.12 0.37
C CYS B 525 38.38 -15.36 1.88
N GLY B 526 39.43 -14.88 2.53
CA GLY B 526 39.59 -15.01 3.97
C GLY B 526 39.29 -16.37 4.54
N PRO B 527 38.58 -16.40 5.68
CA PRO B 527 38.21 -17.64 6.37
C PRO B 527 36.75 -18.00 6.17
N LYS B 528 36.35 -19.11 6.77
CA LYS B 528 34.99 -19.61 6.70
C LYS B 528 34.82 -20.50 7.92
N LYS B 529 34.15 -19.99 8.95
CA LYS B 529 33.99 -20.77 10.18
C LYS B 529 33.10 -21.99 10.15
N SER B 530 33.17 -22.80 11.21
CA SER B 530 32.38 -24.03 11.27
C SER B 530 31.91 -24.33 12.69
N THR B 531 30.60 -24.24 12.88
CA THR B 531 29.93 -24.66 14.10
C THR B 531 29.61 -26.15 14.05
N ASN B 532 28.72 -26.61 14.92
CA ASN B 532 28.31 -28.00 14.88
C ASN B 532 26.87 -28.10 14.39
N LEU B 533 26.50 -29.31 13.99
CA LEU B 533 25.15 -29.64 13.54
C LEU B 533 24.17 -29.81 14.70
N VAL B 534 23.93 -28.75 15.46
CA VAL B 534 22.98 -28.82 16.56
C VAL B 534 21.60 -29.08 15.97
N LYS B 535 20.97 -30.18 16.35
CA LYS B 535 19.75 -30.62 15.72
C LYS B 535 18.62 -30.72 16.74
N ASN B 536 17.40 -30.81 16.20
CA ASN B 536 16.19 -31.06 16.98
C ASN B 536 15.85 -29.92 17.93
N LYS B 537 16.59 -28.82 17.88
CA LYS B 537 16.28 -27.67 18.72
C LYS B 537 16.37 -26.40 17.88
N CYS B 538 15.63 -25.39 18.32
CA CYS B 538 15.49 -24.16 17.54
C CYS B 538 16.79 -23.37 17.58
N VAL B 539 17.42 -23.20 16.42
CA VAL B 539 18.70 -22.54 16.31
C VAL B 539 18.73 -21.67 15.07
N ASN B 540 19.66 -20.72 15.07
CA ASN B 540 20.02 -20.02 13.85
C ASN B 540 21.03 -20.84 13.07
N PHE B 541 21.07 -20.65 11.76
CA PHE B 541 21.96 -21.42 10.94
C PHE B 541 22.42 -20.59 9.75
N ASN B 542 23.62 -20.92 9.28
CA ASN B 542 24.27 -20.28 8.15
C ASN B 542 24.93 -21.41 7.36
N PHE B 543 24.20 -21.94 6.39
CA PHE B 543 24.66 -23.06 5.58
C PHE B 543 25.16 -22.51 4.27
N ASN B 544 26.48 -22.32 4.18
CA ASN B 544 27.12 -21.82 2.98
C ASN B 544 26.47 -20.52 2.49
N GLY B 545 26.19 -19.63 3.43
CA GLY B 545 25.59 -18.36 3.12
C GLY B 545 24.09 -18.35 3.22
N LEU B 546 23.45 -19.51 3.20
CA LEU B 546 22.01 -19.61 3.41
C LEU B 546 21.73 -19.39 4.88
N THR B 547 21.15 -18.25 5.20
CA THR B 547 20.88 -17.94 6.60
C THR B 547 19.42 -18.23 6.93
N GLY B 548 19.18 -18.58 8.18
CA GLY B 548 17.81 -18.72 8.63
C GLY B 548 17.75 -19.18 10.07
N THR B 549 16.51 -19.46 10.50
CA THR B 549 16.24 -19.93 11.85
C THR B 549 15.25 -21.07 11.77
N GLY B 550 15.42 -22.07 12.62
CA GLY B 550 14.48 -23.17 12.62
C GLY B 550 15.02 -24.33 13.42
N VAL B 551 14.37 -25.48 13.22
CA VAL B 551 14.75 -26.73 13.85
C VAL B 551 15.22 -27.67 12.75
N LEU B 552 16.43 -28.20 12.94
CA LEU B 552 17.06 -29.03 11.94
C LEU B 552 16.92 -30.48 12.35
N THR B 553 16.30 -31.27 11.49
CA THR B 553 16.15 -32.70 11.77
C THR B 553 16.67 -33.51 10.60
N GLU B 554 16.55 -34.83 10.67
CA GLU B 554 17.02 -35.70 9.60
C GLU B 554 15.88 -36.01 8.66
N SER B 555 16.18 -36.02 7.37
CA SER B 555 15.20 -36.28 6.34
C SER B 555 15.54 -37.58 5.62
N ASN B 556 14.51 -38.20 5.05
CA ASN B 556 14.67 -39.35 4.18
C ASN B 556 14.73 -38.96 2.72
N LYS B 557 14.70 -37.66 2.43
CA LYS B 557 14.82 -37.20 1.06
C LYS B 557 16.22 -37.47 0.52
N LYS B 558 16.35 -37.39 -0.79
CA LYS B 558 17.66 -37.45 -1.42
C LYS B 558 17.53 -36.85 -2.81
N PHE B 559 18.50 -36.03 -3.18
CA PHE B 559 18.50 -35.41 -4.49
C PHE B 559 19.87 -35.52 -5.12
N LEU B 560 19.99 -34.93 -6.30
CA LEU B 560 21.15 -35.19 -7.13
C LEU B 560 22.42 -34.61 -6.52
N PRO B 561 23.56 -35.22 -6.79
CA PRO B 561 24.78 -34.86 -6.06
C PRO B 561 25.27 -33.44 -6.30
N PHE B 562 24.57 -32.67 -7.12
CA PHE B 562 24.99 -31.30 -7.37
C PHE B 562 24.08 -30.26 -6.75
N GLN B 563 22.89 -30.65 -6.32
CA GLN B 563 22.02 -29.68 -5.68
C GLN B 563 22.46 -29.42 -4.26
N GLN B 564 22.12 -28.24 -3.75
CA GLN B 564 22.52 -27.84 -2.42
C GLN B 564 21.34 -27.77 -1.46
N PHE B 565 20.28 -27.08 -1.80
CA PHE B 565 19.14 -26.95 -0.92
C PHE B 565 17.87 -27.12 -1.71
N GLY B 566 16.81 -27.48 -1.01
CA GLY B 566 15.53 -27.76 -1.63
C GLY B 566 14.49 -26.75 -1.21
N ARG B 567 13.65 -26.37 -2.15
CA ARG B 567 12.54 -25.48 -1.88
C ARG B 567 11.23 -26.20 -2.12
N ASP B 568 10.14 -25.51 -1.82
CA ASP B 568 8.81 -26.06 -1.95
C ASP B 568 8.01 -25.23 -2.93
N ILE B 569 6.72 -25.54 -3.01
CA ILE B 569 5.84 -24.92 -4.00
C ILE B 569 5.81 -23.41 -3.84
N ALA B 570 5.80 -22.95 -2.59
CA ALA B 570 5.72 -21.53 -2.30
C ALA B 570 7.08 -20.87 -2.21
N ASP B 571 8.11 -21.50 -2.76
CA ASP B 571 9.45 -20.90 -2.83
C ASP B 571 9.96 -20.57 -1.43
N THR B 572 10.04 -21.59 -0.59
CA THR B 572 10.64 -21.48 0.73
C THR B 572 11.60 -22.64 0.93
N THR B 573 12.73 -22.36 1.57
CA THR B 573 13.72 -23.38 1.82
C THR B 573 13.18 -24.36 2.86
N ASP B 574 13.27 -25.65 2.55
CA ASP B 574 12.89 -26.63 3.56
C ASP B 574 13.80 -27.85 3.53
N ALA B 575 14.97 -27.74 2.93
CA ALA B 575 15.91 -28.84 2.94
C ALA B 575 17.28 -28.28 2.65
N VAL B 576 18.28 -28.73 3.40
CA VAL B 576 19.64 -28.25 3.21
C VAL B 576 20.56 -29.45 3.18
N ARG B 577 21.44 -29.49 2.19
CA ARG B 577 22.47 -30.50 2.13
C ARG B 577 23.67 -29.96 2.89
N ASP B 578 23.92 -30.50 4.09
CA ASP B 578 24.94 -29.97 4.99
C ASP B 578 26.24 -29.78 4.23
N PRO B 579 26.64 -28.54 3.97
CA PRO B 579 27.80 -28.31 3.09
C PRO B 579 28.98 -29.19 3.43
N GLN B 580 29.15 -29.55 4.70
CA GLN B 580 30.23 -30.50 4.92
C GLN B 580 29.78 -31.93 4.72
N THR B 581 29.02 -32.50 5.65
CA THR B 581 28.90 -33.95 5.66
C THR B 581 28.02 -34.44 4.54
N LEU B 582 27.35 -33.53 3.84
CA LEU B 582 26.68 -33.84 2.58
C LEU B 582 25.48 -34.76 2.80
N GLU B 583 24.80 -34.59 3.93
CA GLU B 583 23.55 -35.28 4.16
C GLU B 583 22.42 -34.29 3.96
N ILE B 584 21.20 -34.72 4.23
CA ILE B 584 20.02 -33.92 3.93
C ILE B 584 19.31 -33.62 5.24
N LEU B 585 19.20 -32.35 5.59
CA LEU B 585 18.55 -31.91 6.80
C LEU B 585 17.24 -31.21 6.48
N ASP B 586 16.27 -31.42 7.35
CA ASP B 586 14.95 -30.84 7.25
C ASP B 586 14.83 -29.62 8.15
N ILE B 587 14.14 -28.61 7.64
CA ILE B 587 13.98 -27.34 8.34
C ILE B 587 12.53 -27.20 8.74
N THR B 588 12.30 -26.91 10.02
CA THR B 588 10.95 -26.70 10.51
C THR B 588 10.91 -25.40 11.30
N PRO B 589 9.84 -24.62 11.21
CA PRO B 589 9.75 -23.38 11.99
C PRO B 589 9.82 -23.66 13.47
N CYS B 590 9.97 -22.58 14.25
CA CYS B 590 10.29 -22.67 15.66
C CYS B 590 9.04 -22.57 16.53
N SER B 591 7.93 -23.17 16.09
CA SER B 591 6.78 -23.43 16.95
C SER B 591 6.19 -22.14 17.54
N PHE B 592 5.61 -21.35 16.65
CA PHE B 592 4.95 -20.14 17.08
C PHE B 592 3.45 -20.37 17.27
N GLY B 593 2.75 -19.31 17.65
CA GLY B 593 1.31 -19.36 17.67
C GLY B 593 0.73 -18.27 18.55
N GLY B 594 -0.57 -18.40 18.84
CA GLY B 594 -1.27 -17.37 19.57
C GLY B 594 -1.62 -17.71 20.99
N VAL B 595 -1.91 -16.69 21.79
CA VAL B 595 -2.27 -16.84 23.19
C VAL B 595 -3.66 -16.26 23.37
N SER B 596 -4.57 -17.04 23.93
CA SER B 596 -5.93 -16.60 24.12
C SER B 596 -6.34 -16.75 25.57
N VAL B 597 -7.11 -15.80 26.05
CA VAL B 597 -7.45 -15.70 27.46
C VAL B 597 -8.96 -15.86 27.57
N ILE B 598 -9.40 -16.75 28.44
CA ILE B 598 -10.80 -17.11 28.56
C ILE B 598 -11.26 -16.64 29.93
N THR B 599 -12.13 -15.67 29.94
CA THR B 599 -12.63 -15.11 31.17
C THR B 599 -14.15 -15.13 31.20
N PRO B 600 -14.73 -15.33 32.38
CA PRO B 600 -16.17 -15.19 32.56
C PRO B 600 -16.65 -13.78 32.88
N GLY B 601 -15.77 -12.80 33.01
CA GLY B 601 -16.22 -11.44 33.16
C GLY B 601 -15.81 -10.76 34.45
N THR B 602 -15.24 -9.56 34.32
CA THR B 602 -14.93 -8.79 35.52
C THR B 602 -16.15 -8.53 36.41
N ASN B 603 -17.34 -8.17 35.87
CA ASN B 603 -18.52 -8.42 36.72
C ASN B 603 -18.56 -9.77 37.36
N THR B 604 -18.18 -10.85 36.69
CA THR B 604 -18.50 -12.05 37.44
C THR B 604 -17.40 -12.42 38.40
N SER B 605 -16.19 -12.57 37.89
CA SER B 605 -15.08 -12.97 38.73
C SER B 605 -13.82 -12.42 38.10
N ASN B 606 -12.67 -12.82 38.66
CA ASN B 606 -11.39 -12.43 38.13
C ASN B 606 -10.53 -13.62 37.75
N GLN B 607 -10.97 -14.83 38.07
CA GLN B 607 -10.23 -16.01 37.67
C GLN B 607 -10.38 -16.22 36.17
N VAL B 608 -9.41 -16.94 35.58
CA VAL B 608 -9.28 -16.97 34.13
C VAL B 608 -8.47 -18.19 33.72
N ALA B 609 -8.64 -18.61 32.47
CA ALA B 609 -7.85 -19.71 31.94
C ALA B 609 -7.18 -19.27 30.65
N VAL B 610 -6.18 -20.01 30.21
CA VAL B 610 -5.37 -19.61 29.08
C VAL B 610 -5.27 -20.76 28.10
N LEU B 611 -5.19 -20.42 26.82
CA LEU B 611 -5.07 -21.38 25.75
C LEU B 611 -3.90 -21.00 24.87
N TYR B 612 -2.95 -21.91 24.71
CA TYR B 612 -1.82 -21.74 23.81
C TYR B 612 -2.09 -22.57 22.59
N GLN B 613 -2.12 -21.94 21.42
CA GLN B 613 -2.54 -22.65 20.22
C GLN B 613 -1.39 -23.45 19.64
N ASP B 614 -1.65 -24.73 19.37
CA ASP B 614 -0.81 -25.54 18.50
C ASP B 614 0.53 -25.90 19.11
N VAL B 615 0.54 -26.24 20.39
CA VAL B 615 1.73 -26.71 21.08
C VAL B 615 1.35 -27.80 22.04
N ASN B 616 2.29 -28.67 22.35
CA ASN B 616 2.10 -29.58 23.46
C ASN B 616 2.36 -28.86 24.78
N CYS B 617 1.66 -29.34 25.80
CA CYS B 617 1.64 -28.64 27.08
C CYS B 617 2.98 -28.70 27.81
N THR B 618 3.94 -29.48 27.32
CA THR B 618 5.26 -29.54 27.94
C THR B 618 6.26 -28.60 27.29
N GLU B 619 5.89 -27.91 26.22
CA GLU B 619 6.78 -26.98 25.55
C GLU B 619 6.47 -25.54 25.88
N VAL B 620 5.59 -25.30 26.85
CA VAL B 620 5.07 -23.97 27.12
C VAL B 620 6.05 -23.13 27.93
N PRO B 621 6.57 -23.59 29.08
CA PRO B 621 7.42 -22.72 29.90
C PRO B 621 8.67 -22.25 29.20
N VAL B 622 9.05 -22.89 28.09
CA VAL B 622 10.08 -22.35 27.21
C VAL B 622 9.47 -21.63 26.01
N ALA B 623 8.22 -21.93 25.65
CA ALA B 623 7.54 -21.15 24.63
C ALA B 623 7.38 -19.71 25.09
N ILE B 624 6.80 -19.52 26.27
CA ILE B 624 6.90 -18.24 26.94
C ILE B 624 8.19 -18.21 27.76
N HIS B 625 8.61 -17.00 28.13
CA HIS B 625 9.84 -16.83 28.90
C HIS B 625 9.52 -16.79 30.39
N ALA B 626 9.01 -17.93 30.87
CA ALA B 626 8.44 -18.02 32.21
C ALA B 626 9.45 -17.68 33.30
N ASP B 627 10.75 -17.75 32.99
CA ASP B 627 11.75 -17.31 33.95
C ASP B 627 11.67 -15.82 34.22
N GLN B 628 11.26 -15.03 33.22
CA GLN B 628 11.20 -13.58 33.33
C GLN B 628 9.80 -13.06 33.61
N LEU B 629 8.86 -13.93 33.97
CA LEU B 629 7.47 -13.55 34.16
C LEU B 629 7.16 -13.31 35.63
N THR B 630 6.09 -12.56 35.86
CA THR B 630 5.64 -12.27 37.22
C THR B 630 5.18 -13.56 37.89
N PRO B 631 5.39 -13.70 39.20
CA PRO B 631 4.91 -14.92 39.88
C PRO B 631 3.42 -15.16 39.73
N THR B 632 2.63 -14.12 39.46
CA THR B 632 1.22 -14.33 39.16
C THR B 632 1.01 -14.83 37.74
N TRP B 633 2.01 -14.71 36.87
CA TRP B 633 1.95 -15.33 35.54
C TRP B 633 2.36 -16.80 35.60
N ARG B 634 3.33 -17.13 36.45
CA ARG B 634 3.98 -18.43 36.42
C ARG B 634 3.08 -19.57 36.86
N VAL B 635 1.98 -19.28 37.57
CA VAL B 635 1.02 -20.33 37.88
C VAL B 635 0.27 -20.81 36.65
N TYR B 636 0.33 -20.05 35.55
CA TYR B 636 -0.31 -20.44 34.30
C TYR B 636 0.67 -21.03 33.31
N SER B 637 1.92 -21.27 33.72
CA SER B 637 2.86 -21.95 32.84
C SER B 637 2.63 -23.45 32.85
N THR B 638 2.53 -24.05 34.04
CA THR B 638 2.27 -25.48 34.14
C THR B 638 1.82 -25.80 35.56
N GLY B 639 0.72 -26.52 35.67
CA GLY B 639 0.25 -27.04 36.94
C GLY B 639 -0.30 -28.45 36.75
N SER B 640 -1.36 -28.74 37.47
CA SER B 640 -2.09 -30.00 37.27
C SER B 640 -3.33 -29.81 36.41
N ASN B 641 -3.86 -28.60 36.32
CA ASN B 641 -4.98 -28.31 35.43
C ASN B 641 -4.43 -28.11 34.02
N VAL B 642 -4.01 -29.21 33.42
CA VAL B 642 -3.34 -29.21 32.13
C VAL B 642 -4.13 -30.10 31.19
N PHE B 643 -4.44 -29.60 30.01
CA PHE B 643 -5.31 -30.34 29.11
C PHE B 643 -4.85 -30.11 27.69
N GLN B 644 -4.82 -31.17 26.89
CA GLN B 644 -4.30 -31.12 25.54
C GLN B 644 -5.44 -31.39 24.56
N THR B 645 -5.67 -30.48 23.63
CA THR B 645 -6.74 -30.65 22.65
C THR B 645 -6.21 -30.36 21.28
N ARG B 646 -7.07 -30.62 20.30
CA ARG B 646 -6.79 -30.27 18.93
C ARG B 646 -6.69 -28.76 18.71
N ALA B 647 -7.28 -27.95 19.58
CA ALA B 647 -7.09 -26.52 19.46
C ALA B 647 -5.76 -26.06 20.04
N GLY B 648 -5.13 -26.86 20.88
CA GLY B 648 -3.85 -26.50 21.44
C GLY B 648 -3.71 -27.08 22.84
N CYS B 649 -3.33 -26.20 23.76
CA CYS B 649 -3.07 -26.60 25.14
C CYS B 649 -3.82 -25.66 26.05
N LEU B 650 -4.70 -26.23 26.88
CA LEU B 650 -5.45 -25.45 27.86
C LEU B 650 -4.76 -25.56 29.20
N ILE B 651 -4.45 -24.42 29.79
CA ILE B 651 -3.88 -24.37 31.12
C ILE B 651 -4.77 -23.49 31.98
N GLY B 652 -5.08 -23.97 33.18
CA GLY B 652 -5.91 -23.24 34.11
C GLY B 652 -7.33 -23.72 34.18
N ALA B 653 -7.69 -24.77 33.44
CA ALA B 653 -9.04 -25.30 33.49
C ALA B 653 -8.97 -26.81 33.42
N GLU B 654 -9.68 -27.48 34.32
CA GLU B 654 -9.65 -28.93 34.39
C GLU B 654 -10.79 -29.53 33.57
N HIS B 655 -10.63 -30.81 33.26
CA HIS B 655 -11.46 -31.50 32.30
C HIS B 655 -12.49 -32.37 33.01
N VAL B 656 -13.76 -32.14 32.70
CA VAL B 656 -14.84 -32.89 33.29
C VAL B 656 -15.39 -33.88 32.27
N ASN B 657 -16.15 -34.86 32.74
CA ASN B 657 -16.68 -35.93 31.91
C ASN B 657 -18.14 -35.72 31.55
N ASN B 658 -18.76 -34.66 32.02
CA ASN B 658 -20.15 -34.39 31.73
C ASN B 658 -20.27 -33.86 30.32
N SER B 659 -21.43 -33.30 29.99
CA SER B 659 -21.60 -32.63 28.71
C SER B 659 -22.69 -31.60 28.87
N TYR B 660 -22.37 -30.35 28.58
CA TYR B 660 -23.33 -29.27 28.68
C TYR B 660 -23.39 -28.53 27.37
N GLU B 661 -24.22 -27.50 27.32
CA GLU B 661 -24.27 -26.65 26.15
C GLU B 661 -23.09 -25.71 26.12
N CYS B 662 -22.63 -25.38 24.92
CA CYS B 662 -21.45 -24.54 24.77
C CYS B 662 -21.72 -23.13 25.25
N ASP B 663 -20.81 -22.61 26.06
CA ASP B 663 -20.86 -21.22 26.48
C ASP B 663 -19.70 -20.42 25.89
N ILE B 664 -18.48 -20.85 26.12
CA ILE B 664 -17.32 -20.22 25.48
C ILE B 664 -16.72 -21.24 24.52
N PRO B 665 -16.86 -21.04 23.22
CA PRO B 665 -16.35 -22.03 22.28
C PRO B 665 -14.84 -22.01 22.25
N ILE B 666 -14.24 -23.18 22.44
CA ILE B 666 -12.81 -23.35 22.31
C ILE B 666 -12.45 -23.93 20.95
N GLY B 667 -13.14 -24.97 20.54
CA GLY B 667 -12.97 -25.49 19.19
C GLY B 667 -12.88 -26.99 19.14
N ALA B 668 -13.08 -27.55 17.94
CA ALA B 668 -13.08 -28.99 17.75
C ALA B 668 -14.01 -29.67 18.73
N GLY B 669 -15.04 -28.97 19.17
CA GLY B 669 -16.03 -29.53 20.07
C GLY B 669 -15.75 -29.35 21.54
N ILE B 670 -14.74 -28.59 21.91
CA ILE B 670 -14.45 -28.32 23.30
C ILE B 670 -14.97 -26.94 23.63
N CYS B 671 -15.66 -26.82 24.76
CA CYS B 671 -16.16 -25.57 25.28
C CYS B 671 -15.77 -25.45 26.75
N ALA B 672 -15.91 -24.24 27.27
CA ALA B 672 -15.52 -23.98 28.64
C ALA B 672 -16.47 -22.97 29.25
N SER B 673 -16.64 -23.06 30.56
CA SER B 673 -17.48 -22.10 31.25
C SER B 673 -17.17 -22.15 32.75
N TYR B 674 -17.85 -21.28 33.48
CA TYR B 674 -17.59 -21.00 34.89
C TYR B 674 -18.72 -21.61 35.71
N GLN B 675 -18.39 -22.64 36.49
CA GLN B 675 -19.43 -23.34 37.24
C GLN B 675 -19.08 -23.51 38.71
N THR B 676 -19.88 -24.31 39.39
CA THR B 676 -19.61 -24.71 40.76
C THR B 676 -19.03 -26.11 40.80
N SER B 689 -13.82 -24.15 44.95
CA SER B 689 -15.26 -24.01 44.77
C SER B 689 -15.59 -23.64 43.33
N GLN B 690 -15.75 -22.35 43.08
CA GLN B 690 -16.05 -21.87 41.73
C GLN B 690 -14.81 -22.00 40.86
N SER B 691 -14.83 -22.99 39.98
CA SER B 691 -13.73 -23.21 39.04
C SER B 691 -14.23 -22.97 37.62
N ILE B 692 -13.30 -23.10 36.67
CA ILE B 692 -13.58 -23.02 35.25
C ILE B 692 -13.28 -24.37 34.64
N ILE B 693 -14.17 -24.87 33.81
CA ILE B 693 -14.12 -26.25 33.37
C ILE B 693 -14.12 -26.31 31.86
N ALA B 694 -13.62 -27.42 31.35
CA ALA B 694 -13.60 -27.70 29.92
C ALA B 694 -14.32 -29.01 29.68
N TYR B 695 -15.11 -29.06 28.62
CA TYR B 695 -15.92 -30.25 28.37
C TYR B 695 -16.26 -30.31 26.89
N THR B 696 -16.60 -31.52 26.44
CA THR B 696 -17.11 -31.70 25.09
C THR B 696 -18.57 -31.30 25.05
N MET B 697 -18.93 -30.49 24.06
CA MET B 697 -20.27 -29.93 24.03
C MET B 697 -21.31 -31.00 23.73
N SER B 698 -22.51 -30.77 24.22
CA SER B 698 -23.63 -31.68 24.00
C SER B 698 -24.54 -31.10 22.92
N LEU B 699 -25.02 -31.97 22.04
CA LEU B 699 -25.92 -31.52 20.99
C LEU B 699 -27.36 -31.44 21.44
N GLY B 700 -27.73 -32.17 22.48
CA GLY B 700 -29.09 -32.15 22.96
C GLY B 700 -29.46 -33.49 23.58
N ALA B 701 -30.72 -33.58 23.96
CA ALA B 701 -31.22 -34.78 24.60
C ALA B 701 -31.58 -35.83 23.56
N GLU B 702 -31.23 -37.08 23.86
CA GLU B 702 -31.62 -38.16 22.99
C GLU B 702 -33.13 -38.35 23.03
N ASN B 703 -33.67 -38.91 21.96
CA ASN B 703 -35.09 -39.17 21.89
C ASN B 703 -35.34 -40.29 20.90
N SER B 704 -36.36 -41.09 21.17
CA SER B 704 -36.73 -42.20 20.31
C SER B 704 -38.23 -42.15 20.08
N VAL B 705 -38.63 -42.06 18.81
CA VAL B 705 -40.03 -42.14 18.45
C VAL B 705 -40.37 -43.58 18.08
N ALA B 706 -41.21 -44.21 18.89
CA ALA B 706 -41.52 -45.63 18.67
C ALA B 706 -42.43 -45.72 17.47
N TYR B 707 -41.82 -45.63 16.30
CA TYR B 707 -42.55 -45.70 15.05
C TYR B 707 -43.13 -47.10 14.88
N SER B 708 -44.41 -47.17 14.57
CA SER B 708 -45.04 -48.42 14.17
C SER B 708 -45.72 -48.19 12.83
N ASN B 709 -46.11 -49.26 12.18
CA ASN B 709 -46.78 -49.10 10.89
C ASN B 709 -48.29 -48.96 11.04
N ASN B 710 -48.70 -48.61 12.23
CA ASN B 710 -50.05 -48.33 12.44
C ASN B 710 -49.97 -47.65 13.75
N SER B 711 -49.24 -46.57 13.81
CA SER B 711 -49.15 -45.81 15.04
C SER B 711 -49.33 -44.39 14.62
N ILE B 712 -49.97 -43.56 15.44
CA ILE B 712 -50.24 -42.25 14.93
C ILE B 712 -49.81 -40.95 15.55
N ALA B 713 -50.11 -40.74 16.83
CA ALA B 713 -49.72 -39.57 17.64
C ALA B 713 -50.19 -38.23 17.21
N ILE B 714 -51.24 -37.73 17.86
CA ILE B 714 -51.80 -36.41 17.59
C ILE B 714 -51.83 -35.60 18.89
N PRO B 715 -51.74 -34.26 18.79
CA PRO B 715 -51.74 -33.36 19.95
C PRO B 715 -53.13 -32.92 20.40
N THR B 716 -53.22 -32.28 21.57
CA THR B 716 -54.50 -31.82 22.11
C THR B 716 -54.57 -30.39 22.66
N ASN B 717 -54.03 -30.09 23.83
CA ASN B 717 -54.09 -28.69 24.27
C ASN B 717 -53.14 -28.02 23.34
N PHE B 718 -53.56 -26.89 22.79
CA PHE B 718 -52.75 -26.10 21.89
C PHE B 718 -52.45 -24.75 22.54
N THR B 719 -51.21 -24.58 23.01
CA THR B 719 -50.80 -23.34 23.68
C THR B 719 -50.05 -22.37 22.77
N ILE B 720 -50.51 -21.12 22.72
CA ILE B 720 -49.88 -20.10 21.90
C ILE B 720 -48.63 -19.55 22.59
N SER B 721 -47.66 -19.07 21.82
CA SER B 721 -46.46 -18.55 22.41
C SER B 721 -45.96 -17.39 21.64
N VAL B 722 -45.70 -16.29 22.33
CA VAL B 722 -45.25 -15.00 21.76
C VAL B 722 -43.73 -14.95 21.86
N THR B 723 -43.04 -15.12 20.73
CA THR B 723 -41.60 -15.06 20.71
C THR B 723 -41.14 -13.75 20.10
N THR B 724 -39.85 -13.48 20.23
CA THR B 724 -39.27 -12.20 19.88
C THR B 724 -38.18 -12.39 18.83
N GLU B 725 -38.13 -11.46 17.88
CA GLU B 725 -37.09 -11.49 16.86
C GLU B 725 -36.60 -10.07 16.62
N ILE B 726 -35.28 -9.88 16.57
CA ILE B 726 -34.70 -8.54 16.50
C ILE B 726 -33.89 -8.42 15.22
N LEU B 727 -34.14 -7.36 14.46
CA LEU B 727 -33.42 -7.16 13.22
C LEU B 727 -32.85 -5.76 13.17
N PRO B 728 -31.60 -5.59 12.73
CA PRO B 728 -31.07 -4.25 12.50
C PRO B 728 -31.52 -3.74 11.15
N VAL B 729 -31.82 -2.44 11.10
CA VAL B 729 -32.40 -1.84 9.91
C VAL B 729 -31.49 -0.79 9.29
N SER B 730 -30.79 -0.01 10.11
CA SER B 730 -29.94 1.04 9.59
C SER B 730 -28.80 1.27 10.57
N MET B 731 -27.90 2.18 10.21
CA MET B 731 -26.79 2.48 11.08
C MET B 731 -26.53 3.97 11.03
N THR B 732 -25.46 4.38 11.70
CA THR B 732 -25.15 5.80 11.82
C THR B 732 -24.64 6.35 10.51
N LYS B 733 -25.11 7.53 10.16
CA LYS B 733 -24.70 8.21 8.93
C LYS B 733 -23.56 9.17 9.29
N THR B 734 -22.38 8.91 8.76
CA THR B 734 -21.23 9.75 9.03
C THR B 734 -20.75 10.41 7.75
N SER B 735 -19.91 11.41 7.90
CA SER B 735 -19.36 12.07 6.74
C SER B 735 -18.10 12.70 7.18
N VAL B 736 -17.11 12.75 6.31
CA VAL B 736 -15.85 13.31 6.73
C VAL B 736 -15.20 14.29 5.80
N ASP B 737 -14.72 15.37 6.37
CA ASP B 737 -14.10 16.45 5.62
C ASP B 737 -12.69 16.02 5.26
N CYS B 738 -12.54 15.49 4.05
CA CYS B 738 -11.26 14.91 3.63
C CYS B 738 -10.12 15.89 3.88
N THR B 739 -10.28 17.12 3.41
CA THR B 739 -9.22 18.10 3.58
C THR B 739 -8.96 18.39 5.04
N MET B 740 -10.01 18.56 5.83
CA MET B 740 -9.78 18.83 7.24
C MET B 740 -9.07 17.68 7.92
N TYR B 741 -9.44 16.46 7.58
CA TYR B 741 -8.78 15.32 8.20
C TYR B 741 -7.31 15.27 7.81
N ILE B 742 -7.02 15.50 6.54
CA ILE B 742 -5.66 15.27 6.07
C ILE B 742 -4.76 16.45 6.36
N CYS B 743 -5.12 17.62 5.85
CA CYS B 743 -4.27 18.80 5.88
C CYS B 743 -4.86 19.90 6.74
N GLY B 744 -5.50 19.55 7.85
CA GLY B 744 -6.33 20.50 8.57
C GLY B 744 -5.72 21.87 8.76
N ASP B 745 -6.32 22.86 8.10
CA ASP B 745 -6.04 24.28 8.22
C ASP B 745 -4.71 24.71 7.58
N SER B 746 -3.91 23.79 7.05
CA SER B 746 -2.63 24.16 6.47
C SER B 746 -2.80 24.40 4.98
N THR B 747 -2.51 25.62 4.55
CA THR B 747 -2.64 25.96 3.14
C THR B 747 -1.45 25.53 2.30
N GLU B 748 -0.35 25.13 2.93
CA GLU B 748 0.74 24.51 2.20
C GLU B 748 0.46 23.04 1.94
N CYS B 749 -0.28 22.40 2.83
CA CYS B 749 -0.61 21.01 2.66
C CYS B 749 -1.63 20.81 1.56
N SER B 750 -2.59 21.72 1.44
CA SER B 750 -3.65 21.55 0.45
C SER B 750 -3.08 21.55 -0.96
N ASN B 751 -2.15 22.46 -1.24
CA ASN B 751 -1.56 22.50 -2.56
C ASN B 751 -0.80 21.23 -2.89
N LEU B 752 -0.27 20.55 -1.89
CA LEU B 752 0.33 19.25 -2.12
C LEU B 752 -0.72 18.17 -2.31
N LEU B 753 -1.82 18.26 -1.57
CA LEU B 753 -2.91 17.31 -1.77
C LEU B 753 -3.48 17.40 -3.17
N LEU B 754 -3.43 18.58 -3.78
CA LEU B 754 -3.94 18.71 -5.13
C LEU B 754 -3.19 17.84 -6.12
N GLN B 755 -2.00 17.38 -5.79
CA GLN B 755 -1.25 16.57 -6.74
C GLN B 755 -1.76 15.15 -6.84
N TYR B 756 -2.64 14.72 -5.95
CA TYR B 756 -3.09 13.34 -5.95
C TYR B 756 -4.41 13.17 -6.68
N GLY B 757 -4.84 14.19 -7.42
CA GLY B 757 -6.10 14.07 -8.14
C GLY B 757 -7.29 14.17 -7.20
N SER B 758 -8.40 13.60 -7.63
CA SER B 758 -9.64 13.68 -6.87
C SER B 758 -9.80 12.39 -6.07
N PHE B 759 -9.18 12.37 -4.91
CA PHE B 759 -9.44 11.32 -3.95
C PHE B 759 -10.47 11.73 -2.93
N CYS B 760 -10.38 12.97 -2.46
CA CYS B 760 -11.40 13.44 -1.52
C CYS B 760 -12.78 13.40 -2.14
N THR B 761 -12.89 13.81 -3.39
CA THR B 761 -14.20 13.77 -4.04
C THR B 761 -14.73 12.36 -4.10
N GLN B 762 -13.89 11.41 -4.47
CA GLN B 762 -14.31 10.03 -4.52
C GLN B 762 -14.81 9.55 -3.16
N LEU B 763 -14.05 9.85 -2.12
CA LEU B 763 -14.43 9.40 -0.80
C LEU B 763 -15.75 10.00 -0.36
N ASN B 764 -15.91 11.31 -0.55
CA ASN B 764 -17.16 11.94 -0.15
C ASN B 764 -18.31 11.35 -0.93
N ARG B 765 -18.09 11.03 -2.20
CA ARG B 765 -19.15 10.42 -2.99
C ARG B 765 -19.58 9.09 -2.38
N ALA B 766 -18.61 8.24 -2.05
CA ALA B 766 -18.98 6.95 -1.49
C ALA B 766 -19.71 7.10 -0.17
N LEU B 767 -19.21 7.98 0.70
CA LEU B 767 -19.85 8.17 1.98
C LEU B 767 -21.26 8.70 1.82
N THR B 768 -21.47 9.61 0.88
CA THR B 768 -22.80 10.13 0.65
C THR B 768 -23.73 9.03 0.16
N GLY B 769 -23.24 8.16 -0.71
CA GLY B 769 -24.05 7.04 -1.14
C GLY B 769 -24.53 6.20 0.03
N ILE B 770 -23.62 5.89 0.95
CA ILE B 770 -24.00 5.13 2.13
C ILE B 770 -25.04 5.90 2.95
N ALA B 771 -24.80 7.19 3.15
CA ALA B 771 -25.68 7.96 4.01
C ALA B 771 -27.09 8.03 3.45
N VAL B 772 -27.22 8.03 2.13
CA VAL B 772 -28.56 7.99 1.55
C VAL B 772 -29.17 6.60 1.67
N GLU B 773 -28.35 5.57 1.45
CA GLU B 773 -28.87 4.21 1.56
C GLU B 773 -29.51 3.96 2.91
N GLN B 774 -28.96 4.55 3.97
CA GLN B 774 -29.56 4.35 5.29
C GLN B 774 -31.02 4.79 5.31
N ASP B 775 -31.28 6.01 4.87
CA ASP B 775 -32.64 6.52 4.88
C ASP B 775 -33.52 5.68 3.98
N LYS B 776 -32.98 5.20 2.87
CA LYS B 776 -33.79 4.34 2.02
C LYS B 776 -34.18 3.06 2.74
N ASN B 777 -33.26 2.48 3.51
CA ASN B 777 -33.60 1.29 4.27
C ASN B 777 -34.76 1.57 5.20
N THR B 778 -34.66 2.63 5.99
CA THR B 778 -35.74 2.90 6.93
C THR B 778 -37.05 3.11 6.20
N GLN B 779 -37.02 3.81 5.06
CA GLN B 779 -38.23 4.02 4.31
C GLN B 779 -38.84 2.70 3.85
N GLU B 780 -38.02 1.81 3.31
CA GLU B 780 -38.53 0.56 2.82
C GLU B 780 -39.09 -0.32 3.90
N VAL B 781 -38.56 -0.24 5.11
CA VAL B 781 -39.14 -1.06 6.17
C VAL B 781 -40.42 -0.44 6.71
N PHE B 782 -40.38 0.81 7.13
CA PHE B 782 -41.48 1.29 7.94
C PHE B 782 -42.56 2.03 7.16
N ALA B 783 -42.30 2.44 5.93
CA ALA B 783 -43.31 3.18 5.19
C ALA B 783 -44.13 2.26 4.29
N GLN B 784 -44.75 1.25 4.89
CA GLN B 784 -45.49 0.29 4.08
C GLN B 784 -46.86 0.82 3.70
N VAL B 785 -47.54 1.50 4.62
CA VAL B 785 -48.90 1.93 4.37
C VAL B 785 -48.95 3.45 4.32
N LYS B 786 -49.90 3.97 3.54
CA LYS B 786 -50.05 5.40 3.36
C LYS B 786 -51.25 5.95 4.09
N GLN B 787 -51.86 5.16 4.95
CA GLN B 787 -52.95 5.64 5.78
C GLN B 787 -52.49 5.53 7.22
N ILE B 788 -52.86 6.49 8.04
CA ILE B 788 -52.51 6.49 9.44
C ILE B 788 -53.76 6.16 10.22
N TYR B 789 -53.86 4.91 10.66
CA TYR B 789 -55.05 4.45 11.33
C TYR B 789 -54.98 4.76 12.81
N LYS B 790 -56.13 4.86 13.44
CA LYS B 790 -56.21 5.03 14.88
C LYS B 790 -57.02 3.89 15.47
N THR B 791 -56.80 3.64 16.75
CA THR B 791 -57.69 2.61 17.25
C THR B 791 -58.82 3.23 18.05
N PRO B 792 -60.01 2.64 18.02
CA PRO B 792 -61.14 3.21 18.71
C PRO B 792 -60.93 3.23 20.21
N PRO B 793 -61.66 4.08 20.94
CA PRO B 793 -61.46 4.15 22.39
C PRO B 793 -61.86 2.88 23.12
N ILE B 794 -63.03 2.32 22.85
CA ILE B 794 -63.49 1.14 23.57
C ILE B 794 -62.71 -0.07 23.08
N LYS B 795 -62.08 -0.77 24.00
CA LYS B 795 -61.23 -1.92 23.66
C LYS B 795 -61.95 -3.23 23.95
N ASP B 796 -63.04 -3.47 23.23
CA ASP B 796 -63.75 -4.74 23.33
C ASP B 796 -63.21 -5.67 22.25
N PHE B 797 -62.03 -6.22 22.51
CA PHE B 797 -61.40 -7.19 21.63
C PHE B 797 -61.64 -8.62 22.08
N GLY B 798 -62.83 -8.91 22.58
CA GLY B 798 -63.13 -10.29 22.94
C GLY B 798 -62.23 -10.85 24.01
N GLY B 799 -61.67 -10.02 24.87
CA GLY B 799 -60.89 -10.48 25.98
C GLY B 799 -59.39 -10.34 25.81
N PHE B 800 -58.93 -10.04 24.61
CA PHE B 800 -57.52 -9.83 24.37
C PHE B 800 -57.10 -8.45 24.85
N ASN B 801 -55.92 -8.37 25.45
CA ASN B 801 -55.44 -7.14 26.08
C ASN B 801 -54.14 -6.71 25.39
N PHE B 802 -54.25 -5.75 24.48
CA PHE B 802 -53.10 -5.18 23.80
C PHE B 802 -52.59 -3.93 24.49
N SER B 803 -52.89 -3.77 25.77
CA SER B 803 -52.48 -2.55 26.45
C SER B 803 -50.97 -2.36 26.38
N GLN B 804 -50.22 -3.45 26.44
CA GLN B 804 -48.78 -3.34 26.55
C GLN B 804 -48.07 -3.19 25.22
N ILE B 805 -48.78 -2.96 24.12
CA ILE B 805 -48.14 -2.61 22.87
C ILE B 805 -48.79 -1.44 22.16
N LEU B 806 -49.83 -0.97 22.64
CA LEU B 806 -50.37 0.22 21.99
C LEU B 806 -49.77 1.47 22.61
N PRO B 807 -49.69 2.56 21.87
CA PRO B 807 -49.08 3.77 22.41
C PRO B 807 -49.81 4.30 23.64
N ASP B 808 -49.05 4.92 24.52
CA ASP B 808 -49.57 5.51 25.75
C ASP B 808 -49.62 7.02 25.62
N PRO B 809 -50.80 7.64 25.63
CA PRO B 809 -50.89 9.09 25.47
C PRO B 809 -50.32 9.87 26.64
N SER B 810 -50.06 9.23 27.78
CA SER B 810 -49.58 9.96 28.94
C SER B 810 -48.20 10.55 28.71
N LYS B 811 -47.27 9.74 28.24
CA LYS B 811 -45.90 10.19 28.09
C LYS B 811 -45.75 11.13 26.90
N PRO B 812 -44.73 11.99 26.91
CA PRO B 812 -44.50 12.85 25.75
C PRO B 812 -44.32 12.06 24.47
N SER B 813 -43.63 10.93 24.53
CA SER B 813 -43.47 10.11 23.35
C SER B 813 -44.78 9.45 22.98
N LYS B 814 -44.88 9.05 21.72
CA LYS B 814 -45.97 8.21 21.27
C LYS B 814 -45.66 6.73 21.45
N ARG B 815 -44.76 6.40 22.35
CA ARG B 815 -44.27 5.04 22.47
C ARG B 815 -45.15 4.20 23.38
N SER B 816 -45.14 2.90 23.14
CA SER B 816 -45.80 1.90 23.95
C SER B 816 -44.85 1.52 25.07
N PRO B 817 -45.29 0.86 26.14
CA PRO B 817 -44.34 0.55 27.21
C PRO B 817 -43.23 -0.38 26.77
N ILE B 818 -43.52 -1.32 25.87
CA ILE B 818 -42.48 -2.23 25.42
C ILE B 818 -41.43 -1.49 24.63
N GLU B 819 -41.84 -0.51 23.83
CA GLU B 819 -40.86 0.33 23.15
C GLU B 819 -40.01 1.09 24.14
N ASP B 820 -40.59 1.56 25.24
CA ASP B 820 -39.80 2.26 26.23
C ASP B 820 -38.77 1.35 26.85
N LEU B 821 -39.17 0.14 27.23
CA LEU B 821 -38.19 -0.82 27.74
C LEU B 821 -37.12 -1.08 26.71
N LEU B 822 -37.52 -1.14 25.45
CA LEU B 822 -36.58 -1.40 24.38
C LEU B 822 -35.56 -0.27 24.25
N PHE B 823 -36.01 0.96 24.42
CA PHE B 823 -35.19 2.11 24.13
C PHE B 823 -34.11 2.36 25.17
N ASN B 824 -34.11 1.60 26.27
CA ASN B 824 -33.09 1.79 27.29
C ASN B 824 -32.05 0.70 27.31
N LYS B 825 -32.34 -0.46 26.71
CA LYS B 825 -31.36 -1.55 26.72
C LYS B 825 -30.27 -1.37 25.69
N VAL B 826 -30.38 -0.39 24.81
CA VAL B 826 -29.33 -0.06 23.86
C VAL B 826 -28.66 1.21 24.33
N THR B 827 -27.38 1.11 24.67
CA THR B 827 -26.65 2.21 25.29
C THR B 827 -25.44 2.59 24.45
N LEU B 828 -25.03 3.84 24.61
CA LEU B 828 -23.88 4.39 23.91
C LEU B 828 -22.75 4.78 24.89
N ALA B 829 -22.77 4.23 26.10
CA ALA B 829 -21.86 4.69 27.14
C ALA B 829 -20.41 4.38 26.80
N ASP B 830 -20.12 3.13 26.45
CA ASP B 830 -18.76 2.72 26.10
C ASP B 830 -18.55 2.78 24.59
N ALA B 831 -18.85 3.93 24.00
CA ALA B 831 -18.70 4.16 22.56
C ALA B 831 -18.11 5.56 22.41
N GLY B 832 -16.79 5.64 22.38
CA GLY B 832 -16.09 6.91 22.55
C GLY B 832 -16.50 8.07 21.67
N PHE B 833 -16.20 8.00 20.36
CA PHE B 833 -16.39 9.16 19.52
C PHE B 833 -17.88 9.51 19.37
N ILE B 834 -18.72 8.50 19.16
CA ILE B 834 -20.14 8.78 18.97
C ILE B 834 -20.74 9.41 20.22
N LYS B 835 -20.41 8.86 21.40
CA LYS B 835 -20.95 9.41 22.64
C LYS B 835 -20.45 10.83 22.86
N GLN B 836 -19.15 11.07 22.67
CA GLN B 836 -18.61 12.39 22.96
C GLN B 836 -18.94 13.40 21.88
N TYR B 837 -19.35 12.96 20.69
CA TYR B 837 -19.95 13.88 19.74
C TYR B 837 -21.40 14.17 20.11
N GLY B 838 -22.11 13.18 20.64
CA GLY B 838 -23.40 13.46 21.24
C GLY B 838 -23.33 14.37 22.43
N ASP B 839 -22.14 14.58 22.99
CA ASP B 839 -21.93 15.46 24.13
C ASP B 839 -21.61 16.90 23.71
N CYS B 840 -22.00 17.30 22.50
CA CYS B 840 -21.94 18.71 22.11
C CYS B 840 -23.30 19.37 22.28
N LEU B 841 -24.02 18.92 23.30
CA LEU B 841 -25.32 19.46 23.70
C LEU B 841 -25.26 20.01 25.12
N GLY B 842 -24.19 20.75 25.43
CA GLY B 842 -24.05 21.33 26.76
C GLY B 842 -25.14 22.30 27.13
N ASP B 843 -25.84 22.84 26.12
CA ASP B 843 -27.10 23.55 26.23
C ASP B 843 -26.95 24.96 26.80
N ILE B 844 -25.90 25.22 27.56
CA ILE B 844 -25.46 26.60 27.77
C ILE B 844 -23.94 26.63 27.94
N ALA B 845 -23.35 25.45 28.16
CA ALA B 845 -22.06 25.35 28.86
C ALA B 845 -20.98 26.20 28.21
N ALA B 846 -20.98 26.29 26.88
CA ALA B 846 -20.07 27.18 26.19
C ALA B 846 -20.85 27.91 25.11
N ARG B 847 -20.71 29.24 25.07
CA ARG B 847 -21.52 30.05 24.17
C ARG B 847 -21.26 29.69 22.72
N ASP B 848 -19.99 29.52 22.35
CA ASP B 848 -19.60 29.26 20.97
C ASP B 848 -18.96 27.88 20.89
N LEU B 849 -19.81 26.87 20.71
CA LEU B 849 -19.38 25.49 20.48
C LEU B 849 -19.89 25.03 19.13
N ILE B 850 -19.04 25.10 18.12
CA ILE B 850 -19.34 24.52 16.81
C ILE B 850 -18.71 23.14 16.81
N CYS B 851 -19.49 22.14 17.24
CA CYS B 851 -18.95 20.80 17.44
C CYS B 851 -18.68 20.07 16.13
N ALA B 852 -18.84 20.72 14.99
CA ALA B 852 -18.33 20.19 13.74
C ALA B 852 -16.87 20.57 13.51
N GLN B 853 -16.34 21.49 14.32
CA GLN B 853 -14.96 21.93 14.24
C GLN B 853 -14.17 21.47 15.45
N LYS B 854 -14.60 20.38 16.07
CA LYS B 854 -13.94 19.83 17.23
C LYS B 854 -13.48 18.41 17.03
N PHE B 855 -14.05 17.68 16.07
CA PHE B 855 -13.69 16.30 15.84
C PHE B 855 -13.02 16.12 14.49
N ASN B 856 -12.45 17.19 13.94
CA ASN B 856 -11.62 17.11 12.75
C ASN B 856 -12.40 16.51 11.60
N GLY B 857 -13.45 17.19 11.16
CA GLY B 857 -14.15 16.79 9.96
C GLY B 857 -15.12 15.66 10.16
N LEU B 858 -14.83 14.77 11.10
CA LEU B 858 -15.71 13.63 11.34
C LEU B 858 -17.06 14.13 11.83
N THR B 859 -18.08 14.02 10.98
CA THR B 859 -19.40 14.51 11.28
C THR B 859 -20.41 13.38 11.18
N VAL B 860 -21.56 13.59 11.80
CA VAL B 860 -22.64 12.62 11.80
C VAL B 860 -23.90 13.33 11.37
N LEU B 861 -24.44 12.96 10.23
CA LEU B 861 -25.69 13.54 9.76
C LEU B 861 -26.86 12.96 10.54
N PRO B 862 -27.98 13.68 10.60
CA PRO B 862 -29.14 13.16 11.30
C PRO B 862 -30.03 12.39 10.34
N PRO B 863 -30.77 11.41 10.85
CA PRO B 863 -31.64 10.61 9.97
C PRO B 863 -32.83 11.41 9.50
N LEU B 864 -33.31 11.07 8.30
CA LEU B 864 -34.47 11.75 7.76
C LEU B 864 -35.71 11.53 8.61
N LEU B 865 -35.78 10.42 9.34
CA LEU B 865 -36.94 10.11 10.15
C LEU B 865 -36.52 10.07 11.61
N THR B 866 -37.29 10.75 12.46
CA THR B 866 -36.97 10.79 13.87
C THR B 866 -37.42 9.51 14.54
N ASP B 867 -37.48 9.51 15.86
CA ASP B 867 -38.10 8.39 16.56
C ASP B 867 -39.61 8.52 16.66
N GLU B 868 -40.13 9.73 16.85
CA GLU B 868 -41.58 9.85 17.02
C GLU B 868 -42.32 9.41 15.78
N MET B 869 -41.82 9.72 14.61
CA MET B 869 -42.55 9.36 13.41
C MET B 869 -42.49 7.86 13.13
N ILE B 870 -41.38 7.19 13.44
CA ILE B 870 -41.38 5.75 13.34
C ILE B 870 -42.37 5.15 14.33
N ALA B 871 -42.46 5.75 15.51
CA ALA B 871 -43.49 5.34 16.45
C ALA B 871 -44.87 5.50 15.84
N GLN B 872 -45.09 6.58 15.10
CA GLN B 872 -46.37 6.76 14.42
C GLN B 872 -46.62 5.67 13.41
N TYR B 873 -45.59 5.32 12.63
CA TYR B 873 -45.77 4.28 11.64
C TYR B 873 -46.16 2.96 12.29
N THR B 874 -45.43 2.57 13.33
CA THR B 874 -45.73 1.30 13.96
C THR B 874 -47.08 1.33 14.64
N SER B 875 -47.47 2.47 15.21
CA SER B 875 -48.81 2.56 15.77
C SER B 875 -49.85 2.41 14.67
N ALA B 876 -49.59 2.99 13.51
CA ALA B 876 -50.53 2.84 12.40
C ALA B 876 -50.66 1.38 12.00
N LEU B 877 -49.53 0.69 11.83
CA LEU B 877 -49.60 -0.71 11.45
C LEU B 877 -50.31 -1.53 12.52
N LEU B 878 -50.02 -1.26 13.78
CA LEU B 878 -50.68 -2.02 14.83
C LEU B 878 -52.18 -1.77 14.82
N ALA B 879 -52.60 -0.53 14.64
CA ALA B 879 -54.03 -0.28 14.58
C ALA B 879 -54.65 -0.97 13.39
N GLY B 880 -53.96 -0.95 12.25
CA GLY B 880 -54.50 -1.61 11.08
C GLY B 880 -54.67 -3.09 11.29
N THR B 881 -53.66 -3.75 11.84
CA THR B 881 -53.73 -5.18 12.05
C THR B 881 -54.76 -5.54 13.11
N ILE B 882 -54.82 -4.78 14.20
CA ILE B 882 -55.81 -5.06 15.22
C ILE B 882 -57.21 -4.92 14.67
N THR B 883 -57.46 -3.87 13.89
CA THR B 883 -58.84 -3.56 13.59
C THR B 883 -59.33 -4.12 12.26
N SER B 884 -58.45 -4.46 11.34
CA SER B 884 -58.90 -4.84 10.02
C SER B 884 -58.39 -6.18 9.55
N GLY B 885 -57.36 -6.73 10.16
CA GLY B 885 -56.84 -8.01 9.73
C GLY B 885 -55.79 -7.85 8.66
N TRP B 886 -55.86 -8.68 7.64
CA TRP B 886 -54.92 -8.57 6.52
C TRP B 886 -55.53 -7.86 5.33
N THR B 887 -56.72 -7.29 5.50
CA THR B 887 -57.35 -6.66 4.35
C THR B 887 -56.72 -5.32 4.02
N PHE B 888 -56.17 -4.62 5.00
CA PHE B 888 -55.64 -3.31 4.71
C PHE B 888 -54.29 -3.37 4.02
N GLY B 889 -53.74 -4.55 3.85
CA GLY B 889 -52.53 -4.67 3.06
C GLY B 889 -52.76 -4.81 1.58
N ALA B 890 -54.01 -4.97 1.15
CA ALA B 890 -54.31 -5.16 -0.26
C ALA B 890 -55.30 -4.15 -0.82
N GLY B 891 -55.89 -3.31 0.01
CA GLY B 891 -56.88 -2.36 -0.44
C GLY B 891 -57.32 -1.48 0.71
N PRO B 892 -58.62 -1.27 0.84
CA PRO B 892 -59.13 -0.51 1.97
C PRO B 892 -59.35 -1.40 3.18
N ALA B 893 -59.23 -0.80 4.36
CA ALA B 893 -59.35 -1.54 5.61
C ALA B 893 -60.81 -1.91 5.84
N LEU B 894 -61.06 -3.19 6.06
CA LEU B 894 -62.39 -3.69 6.32
C LEU B 894 -62.46 -4.20 7.75
N GLN B 895 -63.16 -3.49 8.60
CA GLN B 895 -63.21 -3.86 10.00
C GLN B 895 -63.80 -5.25 10.15
N ILE B 896 -63.21 -6.05 11.04
CA ILE B 896 -63.79 -7.35 11.39
C ILE B 896 -63.54 -7.64 12.85
N PRO B 897 -64.53 -8.17 13.53
CA PRO B 897 -64.34 -8.51 14.93
C PRO B 897 -63.20 -9.51 15.08
N PHE B 898 -62.47 -9.35 16.16
CA PHE B 898 -61.25 -10.09 16.43
C PHE B 898 -61.47 -11.59 16.57
N PRO B 899 -62.42 -12.06 17.39
CA PRO B 899 -62.65 -13.50 17.43
C PRO B 899 -62.97 -14.08 16.07
N MET B 900 -63.31 -13.25 15.10
CA MET B 900 -63.41 -13.73 13.74
C MET B 900 -62.05 -13.80 13.07
N GLN B 901 -61.26 -12.74 13.21
CA GLN B 901 -59.99 -12.69 12.51
C GLN B 901 -59.07 -13.78 13.01
N MET B 902 -59.00 -13.95 14.32
CA MET B 902 -58.26 -15.07 14.87
C MET B 902 -58.69 -16.36 14.23
N ALA B 903 -60.00 -16.58 14.14
CA ALA B 903 -60.49 -17.83 13.56
C ALA B 903 -59.91 -18.00 12.18
N TYR B 904 -60.18 -17.04 11.30
CA TYR B 904 -59.62 -17.04 9.95
C TYR B 904 -58.18 -17.52 9.97
N ARG B 905 -57.40 -16.94 10.86
CA ARG B 905 -56.00 -17.29 10.89
C ARG B 905 -55.81 -18.75 11.28
N PHE B 906 -56.52 -19.20 12.31
CA PHE B 906 -56.45 -20.60 12.69
C PHE B 906 -56.73 -21.48 11.49
N ASN B 907 -57.82 -21.19 10.82
CA ASN B 907 -58.23 -21.90 9.63
C ASN B 907 -57.02 -22.04 8.73
N GLY B 908 -56.36 -20.93 8.48
CA GLY B 908 -55.15 -20.98 7.67
C GLY B 908 -54.16 -21.98 8.22
N ILE B 909 -53.94 -21.96 9.53
CA ILE B 909 -53.00 -22.88 10.15
C ILE B 909 -53.41 -24.32 9.89
N GLY B 910 -54.69 -24.62 10.04
CA GLY B 910 -55.12 -25.99 9.89
C GLY B 910 -56.20 -26.38 10.87
N VAL B 911 -56.19 -25.76 12.05
CA VAL B 911 -57.29 -25.96 12.98
C VAL B 911 -58.54 -25.31 12.40
N THR B 912 -59.62 -26.08 12.34
CA THR B 912 -60.89 -25.48 11.97
C THR B 912 -61.33 -24.51 13.03
N GLN B 913 -62.10 -23.51 12.62
CA GLN B 913 -62.46 -22.39 13.48
C GLN B 913 -62.96 -22.83 14.84
N ASN B 914 -64.00 -23.66 14.85
CA ASN B 914 -64.80 -23.92 16.04
C ASN B 914 -63.97 -23.93 17.30
N VAL B 915 -62.81 -24.58 17.24
CA VAL B 915 -61.94 -24.77 18.38
C VAL B 915 -61.75 -23.47 19.15
N LEU B 916 -61.53 -22.39 18.42
CA LEU B 916 -61.38 -21.10 19.08
C LEU B 916 -62.59 -20.80 19.96
N TYR B 917 -63.76 -20.68 19.34
CA TYR B 917 -64.93 -20.23 20.06
C TYR B 917 -65.21 -21.07 21.30
N GLU B 918 -64.72 -22.27 21.24
CA GLU B 918 -64.86 -23.08 22.37
C GLU B 918 -63.51 -23.21 22.99
N ASN B 919 -62.81 -22.09 23.03
CA ASN B 919 -61.48 -22.01 23.58
C ASN B 919 -61.08 -20.56 23.80
N GLN B 920 -61.91 -19.66 23.30
CA GLN B 920 -61.67 -18.27 23.37
C GLN B 920 -61.35 -17.78 24.72
N LYS B 921 -61.84 -18.45 25.75
CA LYS B 921 -61.49 -17.96 27.03
C LYS B 921 -60.03 -18.10 27.30
N LEU B 922 -59.52 -19.30 27.24
CA LEU B 922 -58.13 -19.46 27.56
C LEU B 922 -57.18 -19.43 26.40
N ILE B 923 -57.48 -18.64 25.39
CA ILE B 923 -56.52 -18.49 24.38
C ILE B 923 -56.26 -17.03 24.62
N ALA B 924 -57.27 -16.36 25.11
CA ALA B 924 -57.09 -14.97 25.48
C ALA B 924 -56.05 -14.85 26.57
N ASN B 925 -56.27 -15.59 27.66
CA ASN B 925 -55.33 -15.55 28.76
C ASN B 925 -53.92 -15.80 28.26
N GLN B 926 -53.73 -16.96 27.62
CA GLN B 926 -52.40 -17.38 27.20
C GLN B 926 -51.71 -16.26 26.44
N PHE B 927 -52.43 -15.66 25.50
CA PHE B 927 -51.87 -14.54 24.75
C PHE B 927 -51.40 -13.43 25.68
N ASN B 928 -52.31 -12.92 26.50
CA ASN B 928 -52.00 -11.75 27.32
C ASN B 928 -50.79 -12.01 28.20
N SER B 929 -50.87 -13.12 28.91
CA SER B 929 -49.77 -13.54 29.78
C SER B 929 -48.46 -13.59 29.01
N ALA B 930 -48.44 -14.25 27.85
CA ALA B 930 -47.20 -14.38 27.10
C ALA B 930 -46.61 -13.03 26.71
N ILE B 931 -47.48 -12.08 26.36
CA ILE B 931 -46.99 -10.75 26.04
C ILE B 931 -46.26 -10.20 27.26
N GLY B 932 -46.89 -10.34 28.42
CA GLY B 932 -46.23 -9.90 29.64
C GLY B 932 -44.86 -10.53 29.80
N LYS B 933 -44.79 -11.80 29.43
CA LYS B 933 -43.50 -12.49 29.49
C LYS B 933 -42.47 -11.76 28.64
N ILE B 934 -42.78 -11.54 27.37
CA ILE B 934 -41.86 -10.84 26.47
C ILE B 934 -41.35 -9.60 27.16
N GLN B 935 -42.27 -8.85 27.77
CA GLN B 935 -41.86 -7.66 28.50
C GLN B 935 -40.75 -7.96 29.49
N ASP B 936 -41.03 -8.81 30.47
CA ASP B 936 -40.02 -9.02 31.50
C ASP B 936 -38.75 -9.60 30.91
N SER B 937 -38.87 -10.67 30.13
CA SER B 937 -37.75 -11.30 29.44
C SER B 937 -36.80 -10.27 28.89
N LEU B 938 -37.33 -9.35 28.10
CA LEU B 938 -36.45 -8.27 27.58
C LEU B 938 -35.86 -7.54 28.79
N SER B 939 -36.71 -7.00 29.66
CA SER B 939 -36.21 -6.20 30.79
C SER B 939 -35.13 -6.96 31.54
N SER B 940 -35.34 -8.25 31.77
CA SER B 940 -34.37 -9.04 32.57
C SER B 940 -32.98 -8.48 32.34
N THR B 941 -32.36 -8.77 31.19
CA THR B 941 -30.99 -8.27 30.85
C THR B 941 -30.39 -9.06 29.67
N PRO B 942 -31.15 -9.60 28.69
CA PRO B 942 -30.57 -10.42 27.63
C PRO B 942 -30.10 -9.52 26.47
N SER B 943 -30.32 -8.20 26.57
CA SER B 943 -29.96 -7.29 25.48
C SER B 943 -30.29 -7.93 24.13
N ALA B 944 -31.36 -8.72 24.11
CA ALA B 944 -31.73 -9.34 22.83
C ALA B 944 -31.26 -8.35 21.76
N LEU B 945 -31.30 -7.06 22.10
CA LEU B 945 -30.85 -6.02 21.15
C LEU B 945 -29.33 -6.12 20.95
N GLY B 946 -28.75 -7.28 21.25
CA GLY B 946 -27.32 -7.44 20.99
C GLY B 946 -27.12 -7.25 19.50
N LYS B 947 -27.86 -8.04 18.73
CA LYS B 947 -27.74 -7.95 17.26
C LYS B 947 -27.91 -6.49 16.85
N LEU B 948 -28.39 -5.63 17.74
CA LEU B 948 -28.47 -4.19 17.41
C LEU B 948 -27.21 -3.52 17.93
N GLN B 949 -26.97 -3.63 19.24
CA GLN B 949 -25.80 -2.94 19.84
C GLN B 949 -24.62 -3.11 18.89
N ASP B 950 -24.16 -4.34 18.71
CA ASP B 950 -22.98 -4.59 17.85
C ASP B 950 -22.87 -3.48 16.81
N VAL B 951 -23.74 -3.53 15.80
CA VAL B 951 -23.69 -2.52 14.71
C VAL B 951 -23.12 -1.22 15.28
N VAL B 952 -23.92 -0.50 16.06
CA VAL B 952 -23.45 0.80 16.61
C VAL B 952 -22.01 0.64 17.05
N ASN B 953 -21.79 -0.12 18.12
CA ASN B 953 -20.42 -0.24 18.64
C ASN B 953 -19.49 -0.49 17.46
N GLN B 954 -19.74 -1.56 16.72
CA GLN B 954 -18.84 -1.89 15.59
C GLN B 954 -18.46 -0.61 14.87
N ASN B 955 -19.45 0.16 14.44
CA ASN B 955 -19.16 1.46 13.79
C ASN B 955 -18.18 2.24 14.68
N ALA B 956 -18.61 2.63 15.87
CA ALA B 956 -17.71 3.45 16.71
C ALA B 956 -16.30 2.88 16.65
N GLN B 957 -16.08 1.64 17.08
CA GLN B 957 -14.70 1.18 17.02
C GLN B 957 -14.02 1.67 15.75
N ALA B 958 -14.70 1.51 14.61
CA ALA B 958 -14.10 1.92 13.36
C ALA B 958 -13.76 3.41 13.39
N LEU B 959 -14.60 4.21 14.02
CA LEU B 959 -14.27 5.63 14.09
C LEU B 959 -13.08 5.86 15.01
N ASN B 960 -13.06 5.22 16.17
CA ASN B 960 -11.99 5.50 17.11
C ASN B 960 -10.63 5.24 16.48
N THR B 961 -10.48 4.09 15.84
CA THR B 961 -9.24 3.81 15.14
C THR B 961 -8.87 4.97 14.24
N LEU B 962 -9.80 5.41 13.39
CA LEU B 962 -9.51 6.50 12.49
C LEU B 962 -8.94 7.68 13.24
N VAL B 963 -9.60 8.09 14.32
CA VAL B 963 -9.12 9.23 15.07
C VAL B 963 -7.73 8.96 15.61
N LYS B 964 -7.53 7.81 16.23
CA LYS B 964 -6.20 7.53 16.77
C LYS B 964 -5.15 7.58 15.67
N GLN B 965 -5.52 7.21 14.45
CA GLN B 965 -4.53 7.19 13.40
C GLN B 965 -3.94 8.54 13.11
N LEU B 966 -4.40 9.59 13.78
CA LEU B 966 -3.83 10.90 13.59
C LEU B 966 -2.56 11.12 14.40
N SER B 967 -2.07 10.11 15.10
CA SER B 967 -0.85 10.30 15.86
C SER B 967 0.35 9.60 15.26
N SER B 968 0.18 8.81 14.20
CA SER B 968 1.34 8.19 13.58
C SER B 968 2.03 9.17 12.64
N ASN B 969 3.35 9.00 12.50
CA ASN B 969 4.12 9.87 11.65
C ASN B 969 4.58 9.20 10.36
N PHE B 970 4.15 7.97 10.11
CA PHE B 970 4.33 7.27 8.84
C PHE B 970 5.75 7.34 8.29
N GLY B 971 6.71 7.61 9.16
CA GLY B 971 8.09 7.76 8.79
C GLY B 971 8.56 9.19 8.86
N ALA B 972 7.68 10.12 9.21
CA ALA B 972 8.06 11.52 9.28
C ALA B 972 8.82 11.79 10.57
N ILE B 973 9.38 12.99 10.67
CA ILE B 973 10.06 13.36 11.89
C ILE B 973 9.08 13.72 12.98
N SER B 974 7.84 14.02 12.63
CA SER B 974 6.81 14.26 13.64
C SER B 974 5.45 14.01 13.00
N SER B 975 4.39 14.37 13.71
CA SER B 975 3.04 14.05 13.25
C SER B 975 2.20 15.28 12.97
N VAL B 976 2.03 16.14 13.97
CA VAL B 976 1.15 17.28 13.84
C VAL B 976 1.68 18.22 12.77
N LEU B 977 0.90 18.44 11.73
CA LEU B 977 1.36 19.18 10.56
C LEU B 977 1.96 20.51 10.96
N ASN B 978 1.24 21.26 11.79
CA ASN B 978 1.65 22.58 12.25
C ASN B 978 3.11 22.61 12.65
N ASP B 979 3.55 21.61 13.40
CA ASP B 979 4.94 21.52 13.81
C ASP B 979 5.85 21.40 12.60
N ILE B 980 5.64 20.36 11.80
CA ILE B 980 6.47 20.08 10.64
C ILE B 980 6.63 21.34 9.82
N LEU B 981 5.53 22.07 9.72
CA LEU B 981 5.53 23.32 9.02
C LEU B 981 6.30 24.31 9.81
N SER B 982 6.23 24.18 11.12
CA SER B 982 6.88 25.12 12.00
C SER B 982 8.28 24.72 12.37
N ARG B 983 8.95 23.95 11.54
CA ARG B 983 10.30 23.54 11.88
C ARG B 983 11.20 23.42 10.66
N LEU B 984 10.59 23.19 9.50
CA LEU B 984 11.33 22.88 8.29
C LEU B 984 10.97 23.87 7.21
N ASP B 985 11.94 24.18 6.35
CA ASP B 985 11.66 25.09 5.26
C ASP B 985 10.75 24.41 4.25
N PRO B 986 10.05 25.17 3.42
CA PRO B 986 9.14 24.59 2.44
C PRO B 986 9.81 23.50 1.60
N PRO B 987 10.99 23.76 1.02
CA PRO B 987 11.60 22.72 0.18
C PRO B 987 11.82 21.43 0.93
N GLU B 988 12.22 21.49 2.19
CA GLU B 988 12.32 20.26 2.95
C GLU B 988 10.94 19.75 3.33
N ALA B 989 10.08 20.67 3.80
CA ALA B 989 8.73 20.33 4.22
C ALA B 989 8.15 19.30 3.28
N GLU B 990 8.34 19.53 1.98
CA GLU B 990 7.85 18.63 0.94
C GLU B 990 7.90 17.16 1.33
N VAL B 991 9.06 16.68 1.74
CA VAL B 991 9.23 15.26 2.04
C VAL B 991 8.29 14.82 3.15
N GLN B 992 8.43 15.44 4.31
CA GLN B 992 7.68 15.10 5.51
C GLN B 992 6.20 15.12 5.17
N ILE B 993 5.78 16.23 4.57
CA ILE B 993 4.38 16.48 4.29
C ILE B 993 3.87 15.34 3.45
N ASP B 994 4.56 15.04 2.35
CA ASP B 994 4.09 14.02 1.43
C ASP B 994 3.90 12.69 2.13
N ARG B 995 4.85 12.33 2.99
CA ARG B 995 4.70 11.05 3.66
C ARG B 995 3.47 11.04 4.55
N LEU B 996 3.26 12.11 5.30
CA LEU B 996 2.09 12.16 6.17
C LEU B 996 0.83 12.05 5.33
N ILE B 997 0.84 12.70 4.18
CA ILE B 997 -0.32 12.67 3.30
C ILE B 997 -0.62 11.25 2.89
N THR B 998 0.40 10.52 2.46
CA THR B 998 0.17 9.17 2.02
C THR B 998 -0.40 8.32 3.14
N GLY B 999 0.17 8.46 4.33
CA GLY B 999 -0.33 7.66 5.45
C GLY B 999 -1.79 7.93 5.74
N ARG B 1000 -2.14 9.21 5.87
CA ARG B 1000 -3.51 9.52 6.26
C ARG B 1000 -4.48 9.17 5.15
N LEU B 1001 -4.06 9.33 3.90
CA LEU B 1001 -4.90 8.92 2.79
C LEU B 1001 -5.19 7.43 2.87
N GLN B 1002 -4.18 6.63 3.19
CA GLN B 1002 -4.44 5.19 3.29
C GLN B 1002 -5.38 4.89 4.42
N SER B 1003 -5.24 5.57 5.55
CA SER B 1003 -6.17 5.32 6.65
C SER B 1003 -7.60 5.63 6.21
N LEU B 1004 -7.79 6.76 5.54
CA LEU B 1004 -9.13 7.10 5.07
C LEU B 1004 -9.66 6.06 4.12
N GLN B 1005 -8.82 5.61 3.18
CA GLN B 1005 -9.27 4.65 2.20
C GLN B 1005 -9.73 3.37 2.87
N THR B 1006 -8.95 2.87 3.81
CA THR B 1006 -9.35 1.67 4.50
C THR B 1006 -10.66 1.86 5.22
N TYR B 1007 -10.81 2.99 5.92
CA TYR B 1007 -12.06 3.22 6.63
C TYR B 1007 -13.24 3.19 5.69
N VAL B 1008 -13.12 3.87 4.56
CA VAL B 1008 -14.25 3.94 3.63
C VAL B 1008 -14.59 2.57 3.10
N THR B 1009 -13.58 1.78 2.73
CA THR B 1009 -13.88 0.46 2.20
C THR B 1009 -14.60 -0.40 3.24
N GLN B 1010 -14.14 -0.34 4.48
CA GLN B 1010 -14.82 -1.09 5.53
C GLN B 1010 -16.27 -0.63 5.66
N GLN B 1011 -16.49 0.67 5.64
CA GLN B 1011 -17.84 1.19 5.74
C GLN B 1011 -18.71 0.65 4.63
N LEU B 1012 -18.17 0.62 3.42
CA LEU B 1012 -18.94 0.09 2.30
C LEU B 1012 -19.37 -1.34 2.57
N ILE B 1013 -18.44 -2.18 3.03
CA ILE B 1013 -18.78 -3.58 3.25
C ILE B 1013 -19.88 -3.69 4.30
N ARG B 1014 -19.70 -2.99 5.40
CA ARG B 1014 -20.67 -3.09 6.48
C ARG B 1014 -22.02 -2.60 5.99
N ALA B 1015 -22.00 -1.57 5.15
CA ALA B 1015 -23.23 -1.07 4.57
C ALA B 1015 -23.94 -2.20 3.85
N ALA B 1016 -23.22 -2.88 2.96
CA ALA B 1016 -23.82 -3.96 2.20
C ALA B 1016 -24.50 -4.96 3.12
N GLU B 1017 -23.83 -5.29 4.22
CA GLU B 1017 -24.46 -6.21 5.15
C GLU B 1017 -25.76 -5.66 5.71
N ILE B 1018 -25.74 -4.41 6.15
CA ILE B 1018 -26.93 -3.81 6.73
C ILE B 1018 -28.03 -3.78 5.68
N ARG B 1019 -27.65 -3.55 4.44
CA ARG B 1019 -28.58 -3.54 3.32
C ARG B 1019 -29.32 -4.86 3.26
N ALA B 1020 -28.56 -5.96 3.26
CA ALA B 1020 -29.19 -7.26 3.18
C ALA B 1020 -30.11 -7.48 4.37
N SER B 1021 -29.64 -7.14 5.56
CA SER B 1021 -30.45 -7.34 6.75
C SER B 1021 -31.75 -6.56 6.64
N ALA B 1022 -31.66 -5.34 6.15
CA ALA B 1022 -32.83 -4.52 5.97
C ALA B 1022 -33.82 -5.20 5.04
N ASN B 1023 -33.34 -5.62 3.87
CA ASN B 1023 -34.24 -6.25 2.91
C ASN B 1023 -34.96 -7.43 3.52
N LEU B 1024 -34.22 -8.26 4.26
CA LEU B 1024 -34.85 -9.36 4.96
C LEU B 1024 -35.96 -8.87 5.87
N ALA B 1025 -35.65 -7.82 6.64
CA ALA B 1025 -36.66 -7.28 7.55
C ALA B 1025 -37.87 -6.79 6.80
N ALA B 1026 -37.65 -6.17 5.65
CA ALA B 1026 -38.74 -5.61 4.85
C ALA B 1026 -39.66 -6.74 4.44
N THR B 1027 -39.06 -7.83 3.97
CA THR B 1027 -39.86 -9.00 3.66
C THR B 1027 -40.68 -9.40 4.87
N LYS B 1028 -40.02 -9.52 6.02
CA LYS B 1028 -40.74 -9.98 7.19
C LYS B 1028 -41.91 -9.05 7.52
N MET B 1029 -41.70 -7.75 7.39
CA MET B 1029 -42.81 -6.83 7.63
C MET B 1029 -43.96 -7.12 6.69
N SER B 1030 -43.64 -7.38 5.42
CA SER B 1030 -44.71 -7.66 4.48
C SER B 1030 -45.43 -8.95 4.84
N GLU B 1031 -44.69 -9.99 5.17
CA GLU B 1031 -45.27 -11.32 5.14
C GLU B 1031 -45.70 -11.85 6.49
N CYS B 1032 -45.16 -11.36 7.58
CA CYS B 1032 -45.63 -11.79 8.89
C CYS B 1032 -46.62 -10.83 9.51
N VAL B 1033 -46.59 -9.56 9.15
CA VAL B 1033 -47.52 -8.61 9.75
C VAL B 1033 -48.73 -8.38 8.85
N LEU B 1034 -48.51 -8.13 7.57
CA LEU B 1034 -49.60 -7.85 6.67
C LEU B 1034 -50.36 -9.09 6.27
N GLY B 1035 -49.88 -10.26 6.63
CA GLY B 1035 -50.56 -11.48 6.26
C GLY B 1035 -50.13 -12.62 7.15
N GLN B 1036 -50.72 -13.77 6.90
CA GLN B 1036 -50.34 -15.00 7.58
C GLN B 1036 -49.53 -15.82 6.61
N SER B 1037 -48.37 -16.29 7.04
CA SER B 1037 -47.46 -17.03 6.18
C SER B 1037 -47.56 -18.53 6.41
N LYS B 1038 -47.30 -19.29 5.36
CA LYS B 1038 -47.23 -20.73 5.45
C LYS B 1038 -45.81 -21.25 5.48
N ARG B 1039 -44.82 -20.40 5.27
CA ARG B 1039 -43.45 -20.87 5.26
C ARG B 1039 -43.03 -21.23 6.68
N VAL B 1040 -42.47 -22.42 6.83
CA VAL B 1040 -42.15 -22.90 8.17
C VAL B 1040 -40.97 -22.10 8.70
N ASP B 1041 -41.05 -21.72 9.97
CA ASP B 1041 -39.97 -21.06 10.68
C ASP B 1041 -39.57 -19.75 10.02
N PHE B 1042 -40.47 -19.13 9.28
CA PHE B 1042 -40.17 -17.81 8.77
C PHE B 1042 -40.71 -16.71 9.67
N CYS B 1043 -41.81 -16.95 10.35
CA CYS B 1043 -42.39 -15.98 11.26
C CYS B 1043 -42.53 -16.60 12.64
N GLY B 1044 -41.45 -17.22 13.10
CA GLY B 1044 -41.45 -17.76 14.45
C GLY B 1044 -41.20 -19.24 14.50
N LYS B 1045 -41.68 -19.90 15.55
CA LYS B 1045 -41.44 -21.32 15.73
C LYS B 1045 -42.77 -21.99 16.00
N GLY B 1046 -43.20 -22.82 15.08
CA GLY B 1046 -44.52 -23.42 15.14
C GLY B 1046 -45.41 -22.80 14.09
N TYR B 1047 -46.68 -23.16 14.17
CA TYR B 1047 -47.64 -22.66 13.21
C TYR B 1047 -47.88 -21.18 13.51
N HIS B 1048 -47.77 -20.33 12.50
CA HIS B 1048 -47.78 -18.90 12.71
C HIS B 1048 -49.18 -18.31 12.66
N LEU B 1049 -49.59 -17.65 13.74
CA LEU B 1049 -50.88 -16.98 13.79
C LEU B 1049 -50.80 -15.53 13.34
N MET B 1050 -49.98 -14.72 14.00
CA MET B 1050 -49.82 -13.34 13.54
C MET B 1050 -48.53 -12.77 14.10
N SER B 1051 -48.38 -11.47 13.90
CA SER B 1051 -47.18 -10.79 14.33
C SER B 1051 -47.49 -9.34 14.65
N PHE B 1052 -46.67 -8.78 15.52
CA PHE B 1052 -46.76 -7.36 15.80
C PHE B 1052 -45.38 -6.75 15.76
N PRO B 1053 -45.22 -5.61 15.12
CA PRO B 1053 -43.93 -4.95 15.11
C PRO B 1053 -43.81 -3.90 16.20
N GLN B 1054 -42.57 -3.66 16.60
CA GLN B 1054 -42.23 -2.59 17.51
C GLN B 1054 -40.93 -1.99 17.04
N SER B 1055 -40.75 -0.71 17.32
CA SER B 1055 -39.60 0.02 16.82
C SER B 1055 -38.49 0.04 17.86
N ALA B 1056 -37.26 -0.04 17.41
CA ALA B 1056 -36.12 -0.08 18.29
C ALA B 1056 -35.08 0.87 17.75
N PRO B 1057 -34.14 1.34 18.56
CA PRO B 1057 -33.06 2.17 18.02
C PRO B 1057 -32.36 1.48 16.87
N HIS B 1058 -32.52 2.02 15.67
CA HIS B 1058 -31.90 1.47 14.48
C HIS B 1058 -32.35 0.05 14.18
N GLY B 1059 -33.56 -0.32 14.59
CA GLY B 1059 -33.94 -1.68 14.38
C GLY B 1059 -35.41 -1.91 14.58
N VAL B 1060 -35.81 -3.15 14.39
CA VAL B 1060 -37.21 -3.51 14.55
C VAL B 1060 -37.28 -4.79 15.34
N VAL B 1061 -38.35 -4.93 16.11
CA VAL B 1061 -38.58 -6.11 16.91
C VAL B 1061 -39.93 -6.68 16.50
N PHE B 1062 -39.98 -7.99 16.32
CA PHE B 1062 -41.20 -8.67 15.97
C PHE B 1062 -41.64 -9.54 17.12
N LEU B 1063 -42.88 -9.45 17.47
CA LEU B 1063 -43.50 -10.39 18.37
C LEU B 1063 -44.28 -11.34 17.47
N HIS B 1064 -43.90 -12.60 17.47
CA HIS B 1064 -44.63 -13.59 16.71
C HIS B 1064 -45.56 -14.36 17.62
N VAL B 1065 -46.79 -14.55 17.18
CA VAL B 1065 -47.80 -15.28 17.89
C VAL B 1065 -48.06 -16.55 17.11
N THR B 1066 -47.81 -17.69 17.74
CA THR B 1066 -47.78 -18.97 17.07
C THR B 1066 -48.53 -20.05 17.84
N TYR B 1067 -49.03 -21.01 17.08
CA TYR B 1067 -49.82 -22.12 17.60
C TYR B 1067 -48.83 -23.27 17.79
N VAL B 1068 -48.52 -23.62 19.02
CA VAL B 1068 -47.57 -24.68 19.28
C VAL B 1068 -48.28 -25.86 19.96
N PRO B 1069 -48.52 -26.94 19.23
CA PRO B 1069 -49.27 -28.05 19.82
C PRO B 1069 -48.50 -28.67 20.97
N ALA B 1070 -49.23 -29.12 21.98
CA ALA B 1070 -48.61 -29.76 23.13
C ALA B 1070 -49.42 -30.94 23.56
N GLN B 1071 -49.34 -31.32 24.83
CA GLN B 1071 -50.07 -32.46 25.37
C GLN B 1071 -49.90 -33.70 24.49
N GLU B 1072 -50.89 -33.94 23.63
CA GLU B 1072 -50.93 -35.07 22.67
C GLU B 1072 -51.05 -36.51 23.21
N LYS B 1073 -51.48 -37.42 22.34
CA LYS B 1073 -51.64 -38.81 22.71
C LYS B 1073 -51.59 -39.72 21.48
N ASN B 1074 -50.66 -40.67 21.49
CA ASN B 1074 -50.50 -41.59 20.37
C ASN B 1074 -51.75 -42.45 20.14
N PHE B 1075 -52.12 -42.63 18.87
CA PHE B 1075 -53.26 -43.40 18.53
C PHE B 1075 -52.96 -44.49 17.54
N THR B 1076 -53.96 -45.18 17.06
CA THR B 1076 -53.69 -46.33 16.23
C THR B 1076 -54.36 -46.01 14.96
N THR B 1077 -53.63 -45.68 13.93
CA THR B 1077 -54.28 -45.24 12.70
C THR B 1077 -54.67 -46.36 11.79
N ALA B 1078 -55.15 -45.99 10.63
CA ALA B 1078 -55.53 -46.80 9.47
C ALA B 1078 -55.79 -45.89 8.26
N PRO B 1079 -55.46 -46.31 7.05
CA PRO B 1079 -55.57 -45.39 5.92
C PRO B 1079 -56.85 -45.50 5.11
N ALA B 1080 -57.78 -46.33 5.52
CA ALA B 1080 -58.97 -46.53 4.70
C ALA B 1080 -60.13 -46.97 5.56
N ILE B 1081 -61.26 -47.32 4.93
CA ILE B 1081 -62.38 -48.04 5.52
C ILE B 1081 -63.22 -48.58 4.37
N CYS B 1082 -63.69 -49.83 4.46
CA CYS B 1082 -64.54 -50.42 3.45
C CYS B 1082 -65.94 -50.70 4.01
N HIS B 1083 -66.96 -50.66 3.18
CA HIS B 1083 -68.18 -51.08 3.84
C HIS B 1083 -68.94 -52.15 3.08
N ASP B 1084 -68.96 -52.02 1.77
CA ASP B 1084 -69.75 -52.89 0.93
C ASP B 1084 -68.92 -53.34 -0.24
N GLY B 1085 -67.66 -53.66 0.02
CA GLY B 1085 -66.71 -53.84 -1.04
C GLY B 1085 -66.20 -52.56 -1.64
N LYS B 1086 -66.44 -51.42 -1.00
CA LYS B 1086 -66.00 -50.13 -1.48
C LYS B 1086 -65.08 -49.51 -0.45
N ALA B 1087 -63.89 -49.11 -0.86
CA ALA B 1087 -62.97 -48.47 0.05
C ALA B 1087 -63.40 -47.03 0.29
N HIS B 1088 -63.46 -46.63 1.55
CA HIS B 1088 -63.81 -45.26 1.91
C HIS B 1088 -62.58 -44.59 2.47
N PHE B 1089 -62.33 -43.36 2.04
CA PHE B 1089 -61.26 -42.57 2.57
C PHE B 1089 -61.81 -41.37 3.30
N PRO B 1090 -61.06 -40.80 4.23
CA PRO B 1090 -61.54 -39.62 4.95
C PRO B 1090 -61.37 -38.38 4.12
N ARG B 1091 -62.41 -37.55 4.05
CA ARG B 1091 -62.44 -36.29 3.28
C ARG B 1091 -61.24 -35.49 3.56
N GLU B 1092 -61.03 -35.19 4.84
CA GLU B 1092 -59.88 -34.38 5.24
C GLU B 1092 -59.54 -34.60 6.70
N GLY B 1093 -59.24 -35.86 7.04
CA GLY B 1093 -58.88 -36.21 8.41
C GLY B 1093 -57.78 -37.24 8.44
N VAL B 1094 -57.81 -38.11 9.45
CA VAL B 1094 -56.84 -39.12 9.59
C VAL B 1094 -57.41 -40.10 10.57
N PHE B 1095 -58.15 -41.06 10.05
CA PHE B 1095 -58.84 -42.15 10.69
C PHE B 1095 -58.12 -42.67 11.87
N VAL B 1096 -58.72 -42.62 13.05
CA VAL B 1096 -58.02 -43.05 14.27
C VAL B 1096 -58.83 -43.95 15.18
N SER B 1097 -58.15 -44.62 16.10
CA SER B 1097 -58.79 -45.53 17.03
C SER B 1097 -58.98 -44.93 18.44
N ASN B 1098 -59.95 -45.47 19.14
CA ASN B 1098 -60.32 -45.07 20.50
C ASN B 1098 -60.25 -46.38 21.27
N GLY B 1099 -59.39 -47.26 20.76
CA GLY B 1099 -59.22 -48.62 21.24
C GLY B 1099 -59.92 -49.39 20.13
N THR B 1100 -61.23 -49.23 20.09
CA THR B 1100 -62.13 -49.67 19.09
C THR B 1100 -62.67 -48.37 18.49
N HIS B 1101 -63.90 -48.44 17.99
CA HIS B 1101 -64.61 -47.30 17.40
C HIS B 1101 -63.80 -46.35 16.50
N TRP B 1102 -63.49 -46.81 15.29
CA TRP B 1102 -62.71 -46.00 14.35
C TRP B 1102 -63.51 -44.80 13.80
N PHE B 1103 -63.10 -43.60 14.19
CA PHE B 1103 -63.74 -42.37 13.72
C PHE B 1103 -62.75 -41.59 12.86
N VAL B 1104 -63.06 -40.35 12.53
CA VAL B 1104 -62.14 -39.58 11.72
C VAL B 1104 -62.12 -38.30 12.38
N THR B 1105 -60.99 -37.96 12.89
CA THR B 1105 -60.72 -36.70 13.56
C THR B 1105 -59.83 -35.84 12.68
N GLN B 1106 -59.85 -34.55 12.95
CA GLN B 1106 -58.90 -33.71 12.25
C GLN B 1106 -57.50 -33.99 12.77
N ARG B 1107 -56.55 -33.20 12.29
CA ARG B 1107 -55.14 -33.57 12.43
C ARG B 1107 -54.43 -32.92 13.61
N ASN B 1108 -54.76 -31.68 13.94
CA ASN B 1108 -54.04 -30.99 14.99
C ASN B 1108 -54.86 -30.74 16.24
N PHE B 1109 -55.99 -31.44 16.37
CA PHE B 1109 -56.88 -31.33 17.52
C PHE B 1109 -57.80 -32.53 17.62
N TYR B 1110 -57.78 -33.20 18.77
CA TYR B 1110 -58.59 -34.39 18.92
C TYR B 1110 -60.03 -34.00 18.94
N GLU B 1111 -60.80 -34.41 17.95
CA GLU B 1111 -62.25 -34.26 18.06
C GLU B 1111 -62.88 -35.42 17.32
N PRO B 1112 -63.07 -36.55 18.00
CA PRO B 1112 -63.55 -37.73 17.29
C PRO B 1112 -64.95 -37.48 16.81
N GLN B 1113 -65.31 -38.11 15.71
CA GLN B 1113 -66.66 -38.01 15.20
C GLN B 1113 -67.04 -39.31 14.51
N ILE B 1114 -68.33 -39.55 14.44
CA ILE B 1114 -68.82 -40.80 13.92
C ILE B 1114 -68.58 -40.81 12.42
N ILE B 1115 -68.18 -41.96 11.89
CA ILE B 1115 -67.92 -42.11 10.47
C ILE B 1115 -69.26 -42.13 9.74
N THR B 1116 -69.47 -41.16 8.87
CA THR B 1116 -70.64 -41.13 8.02
C THR B 1116 -70.20 -40.99 6.58
N THR B 1117 -71.13 -41.14 5.66
CA THR B 1117 -70.76 -40.90 4.27
C THR B 1117 -70.65 -39.43 3.94
N ASP B 1118 -70.67 -38.56 4.95
CA ASP B 1118 -70.58 -37.12 4.74
C ASP B 1118 -69.16 -36.59 4.89
N ASN B 1119 -68.35 -37.23 5.73
CA ASN B 1119 -66.96 -36.85 5.94
C ASN B 1119 -65.99 -37.79 5.25
N THR B 1120 -66.48 -38.71 4.43
CA THR B 1120 -65.64 -39.63 3.68
C THR B 1120 -66.06 -39.62 2.23
N PHE B 1121 -65.29 -40.31 1.41
CA PHE B 1121 -65.68 -40.50 0.02
C PHE B 1121 -65.18 -41.84 -0.47
N VAL B 1122 -65.83 -42.33 -1.52
CA VAL B 1122 -65.68 -43.71 -1.97
C VAL B 1122 -64.76 -43.73 -3.17
N SER B 1123 -63.89 -44.74 -3.23
CA SER B 1123 -63.05 -44.93 -4.41
C SER B 1123 -62.50 -46.35 -4.44
N GLY B 1124 -62.98 -47.15 -5.40
CA GLY B 1124 -62.40 -48.46 -5.64
C GLY B 1124 -62.95 -49.53 -4.72
N ASN B 1125 -62.35 -50.71 -4.84
CA ASN B 1125 -62.71 -51.85 -4.03
C ASN B 1125 -61.64 -52.08 -2.97
N CYS B 1126 -61.78 -53.19 -2.24
CA CYS B 1126 -61.09 -53.33 -0.98
C CYS B 1126 -60.11 -54.49 -1.00
N ASP B 1127 -59.35 -54.61 -2.07
CA ASP B 1127 -58.26 -55.56 -2.14
C ASP B 1127 -56.97 -54.92 -2.63
N VAL B 1128 -56.97 -53.62 -2.85
CA VAL B 1128 -55.80 -52.92 -3.35
C VAL B 1128 -55.08 -52.15 -2.25
N VAL B 1129 -55.83 -51.45 -1.40
CA VAL B 1129 -55.21 -50.71 -0.32
C VAL B 1129 -54.58 -51.69 0.65
N ILE B 1130 -53.45 -51.29 1.21
CA ILE B 1130 -52.83 -52.07 2.25
C ILE B 1130 -53.46 -51.60 3.52
N GLY B 1131 -53.65 -52.51 4.46
CA GLY B 1131 -54.20 -52.15 5.76
C GLY B 1131 -55.54 -51.49 5.88
N ILE B 1132 -56.39 -51.61 4.89
CA ILE B 1132 -57.68 -51.02 4.96
C ILE B 1132 -58.36 -51.81 6.03
N VAL B 1133 -58.90 -51.15 7.04
CA VAL B 1133 -59.60 -51.85 8.12
C VAL B 1133 -61.09 -51.82 7.84
N ASN B 1134 -61.59 -52.80 7.11
CA ASN B 1134 -63.00 -52.84 6.76
C ASN B 1134 -63.94 -53.00 7.97
N ASN B 1135 -64.46 -51.87 8.47
CA ASN B 1135 -65.34 -51.91 9.65
C ASN B 1135 -66.34 -50.75 9.87
N THR B 1136 -67.58 -50.94 9.40
CA THR B 1136 -68.72 -50.02 9.56
C THR B 1136 -68.71 -48.62 8.89
N VAL B 1137 -69.92 -48.11 8.65
CA VAL B 1137 -70.14 -46.80 8.04
C VAL B 1137 -71.61 -46.36 8.21
N TYR B 1138 -71.83 -45.17 8.78
CA TYR B 1138 -73.17 -44.66 8.98
C TYR B 1138 -73.50 -43.68 7.85
N ASP B 1139 -74.77 -43.37 7.71
CA ASP B 1139 -75.17 -42.48 6.64
C ASP B 1139 -76.17 -41.46 7.16
N PRO B 1140 -76.10 -40.23 6.67
CA PRO B 1140 -77.03 -39.19 7.16
C PRO B 1140 -78.50 -39.50 6.95
N LEU B 1141 -78.89 -39.96 5.76
CA LEU B 1141 -80.30 -40.16 5.48
C LEU B 1141 -80.80 -41.50 6.00
N GLN B 1142 -79.91 -42.46 6.15
CA GLN B 1142 -80.24 -43.83 6.50
C GLN B 1142 -81.19 -43.94 7.69
N PRO B 1143 -81.15 -43.01 8.65
CA PRO B 1143 -82.19 -42.98 9.68
C PRO B 1143 -83.56 -42.65 9.13
N GLU B 1144 -84.48 -42.35 10.04
CA GLU B 1144 -85.92 -42.19 9.78
C GLU B 1144 -86.20 -41.52 8.45
N LEU B 1145 -85.32 -40.59 8.04
CA LEU B 1145 -85.36 -40.08 6.68
C LEU B 1145 -85.65 -41.23 5.70
N ASP B 1146 -85.01 -42.36 5.92
CA ASP B 1146 -85.45 -43.59 5.27
C ASP B 1146 -86.70 -44.12 5.96
N SER B 1147 -87.84 -43.47 5.74
CA SER B 1147 -89.08 -43.82 6.41
C SER B 1147 -89.69 -45.11 5.88
N ALA C 27 22.90 -27.44 -44.81
CA ALA C 27 23.60 -27.67 -43.56
C ALA C 27 22.79 -27.15 -42.38
N TYR C 28 21.48 -27.34 -42.42
CA TYR C 28 20.58 -26.91 -41.34
C TYR C 28 19.78 -28.10 -40.85
N THR C 29 19.12 -27.91 -39.70
CA THR C 29 18.30 -28.95 -39.03
C THR C 29 17.42 -28.51 -37.87
N ASN C 30 16.13 -28.79 -37.97
CA ASN C 30 15.17 -28.47 -36.94
C ASN C 30 15.61 -28.94 -35.55
N SER C 31 15.49 -28.14 -34.51
CA SER C 31 15.97 -28.56 -33.20
C SER C 31 15.20 -29.40 -32.22
N PHE C 32 14.07 -29.98 -32.59
CA PHE C 32 13.29 -30.80 -31.66
C PHE C 32 13.04 -30.21 -30.30
N THR C 33 13.19 -30.99 -29.25
CA THR C 33 12.93 -30.42 -27.95
C THR C 33 13.98 -30.56 -26.91
N ARG C 34 15.16 -31.03 -27.24
CA ARG C 34 16.19 -31.20 -26.22
C ARG C 34 16.83 -29.86 -25.90
N GLY C 35 17.58 -29.84 -24.80
CA GLY C 35 18.27 -28.62 -24.46
C GLY C 35 17.65 -27.75 -23.39
N VAL C 36 17.33 -28.33 -22.25
CA VAL C 36 16.97 -27.53 -21.09
C VAL C 36 17.83 -27.97 -19.91
N TYR C 37 18.43 -27.03 -19.21
CA TYR C 37 19.33 -27.31 -18.12
C TYR C 37 18.68 -26.97 -16.80
N TYR C 38 19.03 -27.71 -15.75
CA TYR C 38 18.49 -27.38 -14.45
C TYR C 38 18.91 -25.96 -14.12
N PRO C 39 17.96 -25.03 -14.01
CA PRO C 39 18.33 -23.62 -13.88
C PRO C 39 19.24 -23.32 -12.71
N ASP C 40 18.95 -23.84 -11.54
CA ASP C 40 19.72 -23.50 -10.35
C ASP C 40 19.96 -24.74 -9.53
N LYS C 41 20.96 -24.69 -8.66
CA LYS C 41 21.23 -25.85 -7.82
C LYS C 41 20.19 -25.90 -6.72
N VAL C 42 18.94 -26.08 -7.10
CA VAL C 42 17.82 -26.13 -6.16
C VAL C 42 17.02 -27.38 -6.45
N PHE C 43 16.66 -28.11 -5.40
CA PHE C 43 15.90 -29.33 -5.55
C PHE C 43 14.42 -29.03 -5.44
N ARG C 44 13.65 -29.55 -6.37
CA ARG C 44 12.19 -29.45 -6.36
C ARG C 44 11.64 -30.82 -6.71
N SER C 45 10.51 -31.18 -6.12
CA SER C 45 9.91 -32.48 -6.38
C SER C 45 8.44 -32.30 -6.70
N SER C 46 8.00 -32.88 -7.82
CA SER C 46 6.59 -32.90 -8.20
C SER C 46 6.00 -31.50 -8.27
N VAL C 47 6.72 -30.58 -8.89
CA VAL C 47 6.31 -29.19 -8.98
C VAL C 47 6.55 -28.71 -10.41
N LEU C 48 5.64 -27.88 -10.89
CA LEU C 48 5.83 -27.17 -12.14
C LEU C 48 6.42 -25.81 -11.87
N HIS C 49 7.45 -25.44 -12.61
CA HIS C 49 8.20 -24.23 -12.31
C HIS C 49 8.45 -23.45 -13.57
N SER C 50 8.20 -22.15 -13.53
CA SER C 50 8.40 -21.27 -14.68
C SER C 50 9.60 -20.39 -14.44
N THR C 51 10.52 -20.36 -15.39
CA THR C 51 11.74 -19.59 -15.24
C THR C 51 12.04 -18.83 -16.52
N GLN C 52 12.51 -17.61 -16.39
CA GLN C 52 13.00 -16.84 -17.52
C GLN C 52 14.52 -16.98 -17.58
N ASP C 53 15.02 -17.48 -18.70
CA ASP C 53 16.45 -17.73 -18.83
C ASP C 53 16.77 -18.02 -20.29
N LEU C 54 18.06 -18.06 -20.59
CA LEU C 54 18.52 -18.17 -21.97
C LEU C 54 18.36 -19.58 -22.51
N PHE C 55 17.13 -20.08 -22.53
CA PHE C 55 16.91 -21.46 -22.92
C PHE C 55 17.15 -21.62 -24.41
N LEU C 56 16.95 -22.84 -24.92
CA LEU C 56 17.13 -23.13 -26.33
C LEU C 56 15.76 -23.21 -26.98
N PRO C 57 15.35 -22.21 -27.75
CA PRO C 57 13.99 -22.20 -28.31
C PRO C 57 13.64 -23.51 -28.99
N PHE C 58 12.63 -24.20 -28.45
CA PHE C 58 12.19 -25.47 -29.01
C PHE C 58 12.02 -25.30 -30.50
N PHE C 59 12.46 -26.28 -31.28
CA PHE C 59 12.30 -26.22 -32.73
C PHE C 59 13.01 -25.01 -33.34
N SER C 60 14.34 -25.00 -33.34
CA SER C 60 15.10 -23.93 -33.97
C SER C 60 15.87 -24.52 -35.13
N ASN C 61 16.75 -23.72 -35.74
CA ASN C 61 17.73 -24.20 -36.71
C ASN C 61 19.08 -24.32 -36.03
N VAL C 62 19.71 -25.47 -36.20
CA VAL C 62 21.02 -25.73 -35.63
C VAL C 62 21.92 -26.21 -36.75
N THR C 63 23.05 -25.58 -36.92
CA THR C 63 23.85 -25.92 -38.04
C THR C 63 24.54 -27.25 -38.03
N TRP C 64 23.84 -28.32 -38.32
CA TRP C 64 24.45 -29.66 -38.37
C TRP C 64 25.63 -29.65 -39.30
N PHE C 65 26.81 -29.45 -38.73
CA PHE C 65 28.05 -29.34 -39.42
C PHE C 65 28.76 -30.67 -39.53
N HIS C 66 28.57 -31.41 -40.61
CA HIS C 66 29.25 -32.70 -40.68
C HIS C 66 30.72 -32.63 -41.18
N ALA C 67 31.68 -32.24 -40.35
CA ALA C 67 33.07 -32.09 -40.77
C ALA C 67 33.57 -33.44 -41.25
N ILE C 68 33.71 -33.56 -42.57
CA ILE C 68 34.00 -34.84 -43.22
C ILE C 68 34.39 -34.55 -44.65
N HIS C 69 35.03 -35.50 -45.30
CA HIS C 69 35.31 -35.40 -46.73
C HIS C 69 35.15 -36.76 -47.39
N ASP C 80 33.97 -25.26 -43.15
CA ASP C 80 34.10 -26.36 -42.20
C ASP C 80 34.76 -25.90 -40.90
N ASN C 81 34.41 -26.57 -39.80
CA ASN C 81 34.99 -26.39 -38.47
C ASN C 81 35.28 -24.92 -38.20
N PRO C 82 34.33 -24.05 -38.45
CA PRO C 82 34.67 -22.64 -38.61
C PRO C 82 34.55 -21.86 -37.34
N VAL C 83 34.95 -20.60 -37.38
CA VAL C 83 34.96 -19.79 -36.17
C VAL C 83 33.61 -19.08 -36.03
N LEU C 84 32.62 -19.80 -35.54
CA LEU C 84 31.27 -19.27 -35.51
C LEU C 84 31.16 -18.19 -34.45
N PRO C 85 30.24 -17.25 -34.60
CA PRO C 85 30.05 -16.23 -33.57
C PRO C 85 29.54 -16.83 -32.28
N PHE C 86 29.56 -16.06 -31.22
CA PHE C 86 29.08 -16.52 -29.92
C PHE C 86 28.33 -15.32 -29.40
N ASN C 87 27.03 -15.46 -29.26
CA ASN C 87 26.29 -14.32 -28.80
C ASN C 87 25.85 -14.34 -27.36
N ASP C 88 25.48 -15.50 -26.82
CA ASP C 88 25.04 -15.58 -25.43
C ASP C 88 24.99 -16.99 -24.97
N GLY C 89 25.45 -17.87 -25.79
CA GLY C 89 25.48 -19.25 -25.35
C GLY C 89 25.30 -20.19 -26.51
N VAL C 90 25.79 -21.41 -26.32
CA VAL C 90 25.92 -22.34 -27.42
C VAL C 90 25.51 -23.73 -26.98
N TYR C 91 24.29 -24.12 -27.29
CA TYR C 91 23.97 -25.52 -27.15
C TYR C 91 24.79 -26.30 -28.16
N PHE C 92 25.62 -27.20 -27.66
CA PHE C 92 26.55 -27.93 -28.48
C PHE C 92 26.29 -29.42 -28.30
N ALA C 93 26.59 -30.19 -29.32
CA ALA C 93 26.32 -31.62 -29.25
C ALA C 93 27.17 -32.31 -30.31
N SER C 94 27.16 -33.64 -30.26
CA SER C 94 27.86 -34.42 -31.26
C SER C 94 27.57 -35.91 -31.16
N THR C 95 27.53 -36.57 -32.31
CA THR C 95 27.38 -38.02 -32.40
C THR C 95 28.78 -38.62 -32.46
N GLU C 96 29.25 -39.15 -31.35
CA GLU C 96 30.62 -39.66 -31.34
C GLU C 96 30.73 -40.97 -32.09
N LYS C 97 31.91 -41.18 -32.65
CA LYS C 97 32.32 -42.49 -33.12
C LYS C 97 33.67 -42.92 -32.58
N SER C 98 34.66 -42.04 -32.49
CA SER C 98 35.94 -42.38 -31.89
C SER C 98 36.50 -41.21 -31.10
N ASN C 99 35.71 -40.65 -30.19
CA ASN C 99 35.93 -39.36 -29.52
C ASN C 99 36.52 -38.38 -30.52
N ILE C 100 35.84 -38.27 -31.67
CA ILE C 100 36.37 -37.50 -32.78
C ILE C 100 36.51 -36.04 -32.39
N ILE C 101 35.46 -35.46 -31.81
CA ILE C 101 35.63 -34.14 -31.21
C ILE C 101 36.32 -34.30 -29.86
N ARG C 102 37.11 -33.31 -29.51
CA ARG C 102 37.56 -33.27 -28.13
C ARG C 102 37.45 -31.87 -27.53
N GLY C 103 37.74 -30.85 -28.32
CA GLY C 103 38.13 -29.59 -27.71
C GLY C 103 37.50 -28.35 -28.27
N TRP C 104 36.96 -27.54 -27.37
CA TRP C 104 36.44 -26.24 -27.74
C TRP C 104 37.59 -25.25 -27.74
N ILE C 105 37.25 -23.98 -27.86
CA ILE C 105 38.19 -22.88 -27.69
C ILE C 105 37.33 -21.65 -27.64
N PHE C 106 37.80 -20.58 -27.01
CA PHE C 106 36.98 -19.40 -26.89
C PHE C 106 37.88 -18.18 -26.84
N GLY C 107 37.28 -17.01 -27.03
CA GLY C 107 38.05 -15.79 -26.89
C GLY C 107 37.68 -14.71 -27.88
N THR C 108 37.54 -13.48 -27.38
CA THR C 108 37.16 -12.33 -28.18
C THR C 108 38.11 -12.15 -29.35
N THR C 109 39.41 -12.30 -29.11
CA THR C 109 40.38 -12.19 -30.18
C THR C 109 40.69 -13.50 -30.86
N LEU C 110 40.71 -14.61 -30.10
CA LEU C 110 41.22 -15.89 -30.59
C LEU C 110 42.46 -15.68 -31.43
N ASP C 111 43.31 -14.76 -31.00
CA ASP C 111 44.48 -14.35 -31.75
C ASP C 111 45.62 -14.19 -30.74
N SER C 112 46.84 -14.49 -31.16
CA SER C 112 47.93 -14.53 -30.19
C SER C 112 48.31 -13.12 -29.80
N LYS C 113 47.36 -12.36 -29.26
CA LYS C 113 47.64 -11.00 -28.84
C LYS C 113 47.05 -10.65 -27.48
N THR C 114 45.94 -11.28 -27.09
CA THR C 114 45.28 -10.96 -25.83
C THR C 114 44.62 -12.21 -25.28
N GLN C 115 44.33 -12.18 -23.98
CA GLN C 115 43.97 -13.40 -23.25
C GLN C 115 42.67 -13.99 -23.74
N SER C 116 42.57 -15.31 -23.62
CA SER C 116 41.50 -16.12 -24.18
C SER C 116 41.21 -17.28 -23.22
N LEU C 117 40.55 -18.33 -23.70
CA LEU C 117 40.23 -19.49 -22.87
C LEU C 117 40.77 -20.72 -23.59
N LEU C 118 40.46 -21.90 -23.06
CA LEU C 118 40.76 -23.15 -23.76
C LEU C 118 40.04 -24.31 -23.09
N ILE C 119 40.04 -25.47 -23.73
CA ILE C 119 39.64 -26.72 -23.09
C ILE C 119 40.14 -27.86 -23.96
N VAL C 120 40.40 -29.02 -23.35
CA VAL C 120 40.83 -30.20 -24.09
C VAL C 120 40.81 -31.41 -23.18
N ASN C 121 40.66 -32.61 -23.74
CA ASN C 121 40.94 -33.83 -23.00
C ASN C 121 41.36 -34.96 -23.92
N ASN C 122 42.66 -35.18 -24.07
CA ASN C 122 43.17 -36.34 -24.81
C ASN C 122 43.33 -37.54 -23.87
N ALA C 123 42.25 -37.80 -23.14
CA ALA C 123 42.13 -38.91 -22.19
C ALA C 123 43.06 -38.74 -21.00
N THR C 124 43.93 -37.72 -21.06
CA THR C 124 44.82 -37.45 -19.95
C THR C 124 44.03 -36.82 -18.82
N ASN C 125 43.30 -35.75 -19.13
CA ASN C 125 42.63 -34.94 -18.13
C ASN C 125 41.86 -33.82 -18.80
N VAL C 126 40.91 -33.27 -18.07
CA VAL C 126 40.14 -32.13 -18.53
C VAL C 126 40.98 -30.88 -18.32
N VAL C 127 41.76 -30.51 -19.31
CA VAL C 127 42.66 -29.37 -19.17
C VAL C 127 41.95 -28.10 -19.60
N ILE C 128 42.08 -27.07 -18.77
CA ILE C 128 41.59 -25.74 -19.07
C ILE C 128 42.75 -24.80 -18.82
N LYS C 129 42.70 -23.61 -19.41
CA LYS C 129 43.67 -22.56 -19.14
C LYS C 129 43.00 -21.21 -19.39
N VAL C 130 43.77 -20.13 -19.34
CA VAL C 130 43.26 -18.84 -19.79
C VAL C 130 44.36 -18.13 -20.60
N CYS C 131 45.34 -18.89 -21.04
CA CYS C 131 46.62 -18.34 -21.45
C CYS C 131 46.66 -18.19 -22.97
N GLU C 132 47.82 -17.88 -23.54
CA GLU C 132 47.89 -17.18 -24.84
C GLU C 132 48.88 -17.81 -25.81
N PHE C 133 48.67 -19.09 -26.13
CA PHE C 133 49.44 -19.77 -27.16
C PHE C 133 49.65 -18.93 -28.42
N GLN C 134 50.79 -19.09 -29.08
CA GLN C 134 50.99 -18.50 -30.39
C GLN C 134 50.13 -19.27 -31.38
N PHE C 135 48.95 -18.74 -31.67
CA PHE C 135 48.02 -19.43 -32.56
C PHE C 135 48.45 -19.24 -34.01
N CYS C 136 47.66 -19.82 -34.92
CA CYS C 136 47.92 -19.73 -36.35
C CYS C 136 46.60 -19.53 -37.07
N ASN C 137 46.63 -19.67 -38.40
CA ASN C 137 45.44 -19.44 -39.21
C ASN C 137 44.25 -20.21 -38.69
N ASP C 138 44.46 -21.47 -38.39
CA ASP C 138 43.35 -22.29 -37.93
C ASP C 138 43.82 -23.46 -37.07
N PRO C 139 43.33 -23.53 -35.85
CA PRO C 139 43.81 -24.56 -34.91
C PRO C 139 43.31 -25.95 -35.22
N PHE C 140 44.03 -26.69 -36.06
CA PHE C 140 43.79 -28.12 -36.14
C PHE C 140 44.41 -28.76 -34.92
N LEU C 141 44.55 -30.07 -34.98
CA LEU C 141 45.21 -30.80 -33.91
C LEU C 141 46.37 -31.59 -34.53
N GLY C 142 47.04 -32.37 -33.69
CA GLY C 142 48.06 -33.31 -34.12
C GLY C 142 48.41 -34.22 -32.97
N VAL C 143 49.20 -35.24 -33.28
CA VAL C 143 49.64 -36.18 -32.27
C VAL C 143 51.11 -36.46 -32.43
N VAL C 159 50.99 -31.15 -28.48
CA VAL C 159 51.24 -31.04 -29.91
C VAL C 159 51.06 -29.61 -30.40
N TYR C 160 50.01 -28.96 -29.88
CA TYR C 160 49.72 -27.56 -30.20
C TYR C 160 49.59 -26.81 -28.88
N SER C 161 50.70 -26.44 -28.26
CA SER C 161 50.58 -25.75 -27.00
C SER C 161 51.76 -24.84 -26.89
N SER C 162 51.45 -23.56 -26.95
CA SER C 162 52.44 -22.52 -26.92
C SER C 162 52.05 -21.58 -25.79
N ALA C 163 52.50 -21.87 -24.56
CA ALA C 163 52.03 -21.04 -23.46
C ALA C 163 52.87 -19.78 -23.25
N ASN C 164 52.21 -18.72 -22.78
CA ASN C 164 52.87 -17.44 -22.52
C ASN C 164 52.13 -16.70 -21.43
N ASN C 165 52.89 -16.13 -20.49
CA ASN C 165 52.39 -15.26 -19.41
C ASN C 165 51.04 -15.75 -18.88
N CYS C 166 51.03 -17.04 -18.56
CA CYS C 166 49.81 -17.76 -18.26
C CYS C 166 49.25 -17.32 -16.91
N THR C 167 47.93 -17.26 -16.82
CA THR C 167 47.27 -16.74 -15.62
C THR C 167 46.89 -17.85 -14.64
N PHE C 168 46.09 -18.82 -15.07
CA PHE C 168 45.81 -19.92 -14.16
C PHE C 168 45.31 -21.12 -14.94
N GLU C 169 45.53 -22.28 -14.34
CA GLU C 169 45.29 -23.56 -14.98
C GLU C 169 44.48 -24.43 -14.04
N TYR C 170 43.91 -25.49 -14.59
CA TYR C 170 43.09 -26.39 -13.81
C TYR C 170 43.07 -27.74 -14.49
N VAL C 171 43.14 -28.80 -13.71
CA VAL C 171 43.25 -30.16 -14.24
C VAL C 171 42.31 -31.05 -13.46
N SER C 172 41.56 -31.88 -14.17
CA SER C 172 40.68 -32.84 -13.52
C SER C 172 40.90 -34.24 -14.05
N PHE C 186 26.10 -44.37 -33.97
CA PHE C 186 27.27 -45.14 -33.55
C PHE C 186 27.13 -45.65 -32.13
N LYS C 187 27.72 -44.93 -31.18
CA LYS C 187 27.78 -45.43 -29.82
C LYS C 187 27.18 -44.46 -28.81
N ASN C 188 27.32 -43.16 -29.04
CA ASN C 188 26.88 -42.21 -28.02
C ASN C 188 26.70 -40.83 -28.61
N LEU C 189 25.77 -40.08 -28.02
CA LEU C 189 25.64 -38.65 -28.21
C LEU C 189 26.39 -37.93 -27.10
N ARG C 190 26.58 -36.62 -27.25
CA ARG C 190 27.12 -35.81 -26.17
C ARG C 190 26.57 -34.40 -26.30
N GLU C 191 26.10 -33.83 -25.20
CA GLU C 191 25.49 -32.51 -25.17
C GLU C 191 26.17 -31.64 -24.13
N PHE C 192 26.25 -30.35 -24.43
CA PHE C 192 26.89 -29.41 -23.53
C PHE C 192 26.36 -28.01 -23.77
N VAL C 193 25.83 -27.36 -22.74
CA VAL C 193 25.54 -25.93 -22.86
C VAL C 193 26.80 -25.18 -22.49
N PHE C 194 26.89 -23.92 -22.89
CA PHE C 194 28.08 -23.14 -22.57
C PHE C 194 27.76 -21.70 -22.24
N LYS C 195 26.78 -21.47 -21.38
CA LYS C 195 26.40 -20.11 -21.02
C LYS C 195 27.59 -19.30 -20.55
N ASN C 196 27.50 -17.97 -20.58
CA ASN C 196 28.55 -17.16 -20.00
C ASN C 196 28.01 -15.87 -19.39
N ILE C 197 27.71 -15.90 -18.10
CA ILE C 197 27.30 -14.70 -17.39
C ILE C 197 28.17 -14.60 -16.14
N ASP C 198 28.06 -13.46 -15.44
CA ASP C 198 28.74 -13.11 -14.19
C ASP C 198 30.13 -13.70 -14.09
N GLY C 199 30.93 -13.53 -15.14
CA GLY C 199 32.29 -14.02 -15.15
C GLY C 199 32.36 -15.48 -14.78
N TYR C 200 31.51 -16.30 -15.39
CA TYR C 200 31.43 -17.70 -15.01
C TYR C 200 30.94 -18.48 -16.22
N PHE C 201 31.87 -19.21 -16.84
CA PHE C 201 31.55 -19.96 -18.04
C PHE C 201 30.88 -21.28 -17.68
N LYS C 202 29.68 -21.22 -17.07
CA LYS C 202 28.99 -22.42 -16.63
C LYS C 202 28.81 -23.39 -17.79
N ILE C 203 29.02 -24.66 -17.51
CA ILE C 203 28.99 -25.69 -18.54
C ILE C 203 28.16 -26.87 -18.03
N TYR C 204 26.91 -26.95 -18.46
CA TYR C 204 26.07 -28.09 -18.17
C TYR C 204 26.22 -29.14 -19.25
N SER C 205 25.97 -30.40 -18.89
CA SER C 205 26.28 -31.49 -19.80
C SER C 205 25.50 -32.75 -19.43
N LYS C 206 25.41 -33.66 -20.40
CA LYS C 206 24.84 -35.00 -20.26
C LYS C 206 24.97 -35.72 -21.60
N HIS C 207 24.91 -37.05 -21.61
CA HIS C 207 25.05 -37.78 -22.87
C HIS C 207 24.48 -39.19 -22.76
N THR C 208 24.13 -39.75 -23.91
CA THR C 208 23.45 -41.03 -24.01
C THR C 208 23.88 -41.71 -25.30
N PRO C 209 23.46 -42.95 -25.52
CA PRO C 209 23.75 -43.63 -26.80
C PRO C 209 22.71 -43.35 -27.88
N ILE C 210 23.01 -43.79 -29.07
CA ILE C 210 22.11 -43.59 -30.15
C ILE C 210 22.29 -44.74 -31.09
N ASN C 211 21.31 -45.61 -31.08
CA ASN C 211 21.28 -46.74 -31.97
C ASN C 211 21.23 -46.11 -33.34
N LEU C 212 20.33 -45.14 -33.47
CA LEU C 212 20.17 -44.42 -34.71
C LEU C 212 21.32 -43.48 -34.83
N VAL C 213 22.39 -43.94 -35.45
CA VAL C 213 23.61 -43.16 -35.66
C VAL C 213 23.37 -41.74 -36.16
N ARG C 214 22.57 -41.67 -37.21
CA ARG C 214 22.24 -40.44 -37.90
C ARG C 214 21.80 -39.16 -37.15
N ASP C 215 20.76 -39.22 -36.32
CA ASP C 215 20.32 -38.02 -35.63
C ASP C 215 19.80 -38.29 -34.21
N LEU C 216 19.85 -37.26 -33.37
CA LEU C 216 19.38 -37.36 -32.00
C LEU C 216 17.86 -37.49 -31.99
N PRO C 217 17.35 -38.60 -31.47
CA PRO C 217 15.91 -38.86 -31.41
C PRO C 217 15.18 -37.93 -30.46
N GLN C 218 14.04 -37.39 -30.92
CA GLN C 218 13.23 -36.52 -30.13
C GLN C 218 12.91 -37.16 -28.79
N GLY C 219 13.79 -36.97 -27.83
CA GLY C 219 13.59 -37.49 -26.49
C GLY C 219 13.94 -36.36 -25.56
N PHE C 220 13.25 -36.24 -24.45
CA PHE C 220 13.54 -35.13 -23.55
C PHE C 220 14.62 -35.52 -22.54
N SER C 221 15.53 -34.58 -22.29
CA SER C 221 16.62 -34.76 -21.34
C SER C 221 16.85 -33.43 -20.64
N ALA C 222 17.83 -33.39 -19.75
CA ALA C 222 18.05 -32.18 -18.95
C ALA C 222 19.47 -32.16 -18.44
N LEU C 223 20.28 -31.24 -18.96
CA LEU C 223 21.69 -31.18 -18.59
C LEU C 223 21.84 -30.72 -17.15
N GLU C 224 22.83 -31.29 -16.47
CA GLU C 224 23.13 -30.99 -15.08
C GLU C 224 24.35 -30.07 -14.98
N PRO C 225 24.38 -29.17 -14.00
CA PRO C 225 25.51 -28.25 -13.89
C PRO C 225 26.80 -28.98 -13.56
N LEU C 226 27.87 -28.58 -14.25
CA LEU C 226 29.09 -29.36 -14.13
C LEU C 226 30.28 -28.54 -13.64
N VAL C 227 30.35 -27.27 -14.02
CA VAL C 227 31.48 -26.44 -13.59
C VAL C 227 31.02 -25.02 -13.28
N ASP C 228 31.91 -24.24 -12.67
CA ASP C 228 31.66 -22.83 -12.44
C ASP C 228 32.92 -21.99 -12.63
N LEU C 229 33.64 -22.19 -13.72
CA LEU C 229 34.95 -21.60 -13.86
C LEU C 229 34.89 -20.08 -13.67
N PRO C 230 35.71 -19.53 -12.79
CA PRO C 230 35.74 -18.07 -12.61
C PRO C 230 36.62 -17.36 -13.62
N ILE C 231 36.52 -17.74 -14.88
CA ILE C 231 37.42 -17.22 -15.89
C ILE C 231 37.24 -15.73 -16.08
N GLY C 232 36.01 -15.24 -15.98
CA GLY C 232 35.72 -13.82 -16.10
C GLY C 232 36.35 -13.17 -17.32
N ILE C 233 36.03 -13.66 -18.51
CA ILE C 233 36.64 -13.17 -19.74
C ILE C 233 35.55 -12.88 -20.76
N ASN C 234 35.66 -11.76 -21.44
CA ASN C 234 34.71 -11.39 -22.49
C ASN C 234 34.96 -12.26 -23.72
N ILE C 235 34.08 -13.22 -23.96
CA ILE C 235 34.19 -14.08 -25.12
C ILE C 235 33.18 -13.62 -26.17
N THR C 236 33.50 -13.88 -27.43
CA THR C 236 32.54 -13.61 -28.49
C THR C 236 32.61 -14.68 -29.56
N ARG C 237 33.35 -15.76 -29.31
CA ARG C 237 33.65 -16.65 -30.42
C ARG C 237 34.22 -17.98 -29.98
N PHE C 238 33.77 -19.08 -30.58
CA PHE C 238 34.24 -20.41 -30.23
C PHE C 238 34.80 -21.09 -31.48
N GLN C 239 35.20 -22.36 -31.32
CA GLN C 239 35.61 -23.19 -32.44
C GLN C 239 35.88 -24.61 -31.97
N THR C 240 35.43 -25.62 -32.73
CA THR C 240 35.66 -27.00 -32.34
C THR C 240 37.03 -27.47 -32.84
N LEU C 241 37.49 -28.61 -32.32
CA LEU C 241 38.84 -29.11 -32.58
C LEU C 241 38.81 -30.62 -32.77
N LEU C 242 39.33 -31.11 -33.88
CA LEU C 242 39.38 -32.55 -34.17
C LEU C 242 40.75 -32.83 -34.80
N ALA C 243 40.96 -34.06 -35.31
CA ALA C 243 42.28 -34.42 -35.87
C ALA C 243 42.30 -35.72 -36.68
N LEU C 244 43.30 -35.92 -37.54
CA LEU C 244 43.55 -37.30 -37.95
C LEU C 244 44.95 -37.84 -37.66
N HIS C 245 45.95 -37.56 -38.50
CA HIS C 245 47.33 -37.96 -38.25
C HIS C 245 48.36 -36.97 -38.80
N ARG C 246 48.17 -36.56 -40.05
CA ARG C 246 49.09 -35.66 -40.75
C ARG C 246 48.35 -34.91 -41.88
N SER C 247 47.83 -33.71 -41.62
CA SER C 247 47.15 -33.11 -42.76
C SER C 247 47.98 -32.04 -43.45
N TYR C 248 48.01 -30.85 -42.87
CA TYR C 248 48.94 -29.76 -43.16
C TYR C 248 48.57 -28.57 -42.28
N LEU C 249 49.55 -27.91 -41.67
CA LEU C 249 49.21 -26.75 -40.85
C LEU C 249 48.86 -25.62 -41.79
N THR C 250 47.60 -25.55 -42.22
CA THR C 250 47.13 -24.60 -43.22
C THR C 250 47.55 -23.19 -42.87
N PRO C 251 48.48 -22.58 -43.62
CA PRO C 251 48.99 -21.24 -43.36
C PRO C 251 48.42 -20.20 -44.32
N ALA C 264 31.07 -34.43 -37.28
CA ALA C 264 29.87 -35.22 -37.12
C ALA C 264 29.05 -34.70 -35.97
N TYR C 265 28.83 -33.39 -35.92
CA TYR C 265 28.05 -32.78 -34.84
C TYR C 265 27.28 -31.57 -35.36
N TYR C 266 26.51 -30.94 -34.47
CA TYR C 266 25.73 -29.77 -34.84
C TYR C 266 25.35 -28.89 -33.64
N VAL C 267 25.79 -27.64 -33.67
CA VAL C 267 25.51 -26.68 -32.64
C VAL C 267 24.27 -25.91 -32.76
N GLY C 268 23.77 -25.44 -31.66
CA GLY C 268 22.63 -24.53 -31.69
C GLY C 268 22.97 -23.09 -31.42
N TYR C 269 22.15 -22.38 -30.65
CA TYR C 269 22.37 -20.99 -30.24
C TYR C 269 21.39 -20.58 -29.18
N LEU C 270 21.84 -20.02 -28.06
CA LEU C 270 20.86 -19.76 -27.02
C LEU C 270 20.18 -18.42 -27.26
N GLN C 271 19.01 -18.25 -26.66
CA GLN C 271 18.31 -16.99 -26.67
C GLN C 271 17.56 -16.84 -25.35
N PRO C 272 17.30 -15.61 -24.91
CA PRO C 272 16.50 -15.42 -23.71
C PRO C 272 15.06 -15.84 -23.98
N ARG C 273 14.54 -16.71 -23.13
CA ARG C 273 13.24 -17.32 -23.31
C ARG C 273 12.59 -17.48 -21.95
N THR C 274 11.38 -18.04 -21.97
CA THR C 274 10.67 -18.37 -20.75
C THR C 274 10.17 -19.79 -20.86
N PHE C 275 10.52 -20.62 -19.88
CA PHE C 275 10.20 -22.03 -19.96
C PHE C 275 9.44 -22.47 -18.73
N LEU C 276 8.83 -23.64 -18.86
CA LEU C 276 7.97 -24.23 -17.83
C LEU C 276 8.39 -25.68 -17.62
N LEU C 277 9.18 -25.92 -16.59
CA LEU C 277 9.74 -27.22 -16.32
C LEU C 277 8.85 -28.04 -15.39
N LYS C 278 9.01 -29.35 -15.49
CA LYS C 278 8.30 -30.32 -14.66
C LYS C 278 9.31 -31.18 -13.91
N TYR C 279 9.19 -31.22 -12.58
CA TYR C 279 10.05 -32.05 -11.76
C TYR C 279 9.27 -33.26 -11.28
N ASN C 280 9.87 -34.44 -11.39
CA ASN C 280 9.23 -35.65 -10.89
C ASN C 280 9.52 -35.81 -9.41
N GLU C 281 9.24 -37.01 -8.88
CA GLU C 281 9.44 -37.24 -7.46
C GLU C 281 10.90 -37.07 -7.07
N ASN C 282 11.79 -37.83 -7.70
CA ASN C 282 13.20 -37.72 -7.38
C ASN C 282 13.70 -36.31 -7.56
N GLY C 283 13.04 -35.54 -8.41
CA GLY C 283 13.39 -34.16 -8.67
C GLY C 283 14.19 -34.15 -9.94
N THR C 284 13.55 -33.90 -11.06
CA THR C 284 14.21 -34.08 -12.35
C THR C 284 13.32 -33.49 -13.42
N ILE C 285 13.92 -32.74 -14.33
CA ILE C 285 13.17 -32.07 -15.38
C ILE C 285 12.59 -33.12 -16.30
N THR C 286 11.30 -33.35 -16.19
CA THR C 286 10.68 -34.41 -16.99
C THR C 286 10.37 -33.91 -18.38
N ASP C 287 9.73 -32.75 -18.48
CA ASP C 287 9.40 -32.15 -19.76
C ASP C 287 9.04 -30.69 -19.53
N ALA C 288 8.88 -29.95 -20.62
CA ALA C 288 8.78 -28.51 -20.50
C ALA C 288 7.88 -27.97 -21.59
N VAL C 289 7.50 -26.71 -21.42
CA VAL C 289 6.65 -26.01 -22.37
C VAL C 289 7.31 -24.69 -22.71
N ASP C 290 7.75 -24.55 -23.96
CA ASP C 290 8.41 -23.34 -24.43
C ASP C 290 7.35 -22.28 -24.70
N CYS C 291 7.22 -21.35 -23.75
CA CYS C 291 6.07 -20.47 -23.73
C CYS C 291 6.18 -19.42 -24.83
N ALA C 292 6.50 -19.84 -26.04
CA ALA C 292 6.41 -18.97 -27.19
C ALA C 292 5.85 -19.72 -28.38
N LEU C 293 5.98 -21.05 -28.34
CA LEU C 293 5.81 -21.90 -29.51
C LEU C 293 4.56 -21.59 -30.30
N ASP C 294 3.41 -21.64 -29.65
CA ASP C 294 2.12 -21.57 -30.32
C ASP C 294 1.03 -21.49 -29.26
N PRO C 295 -0.12 -20.87 -29.58
CA PRO C 295 -1.07 -20.43 -28.56
C PRO C 295 -1.23 -21.36 -27.38
N LEU C 296 -1.39 -22.64 -27.67
CA LEU C 296 -1.56 -23.65 -26.64
C LEU C 296 -0.48 -23.55 -25.60
N SER C 297 0.76 -23.41 -26.06
CA SER C 297 1.89 -23.33 -25.16
C SER C 297 1.73 -22.17 -24.19
N GLU C 298 1.35 -21.00 -24.70
CA GLU C 298 1.12 -19.87 -23.82
C GLU C 298 0.03 -20.21 -22.81
N THR C 299 -1.04 -20.81 -23.29
CA THR C 299 -2.16 -21.17 -22.42
C THR C 299 -1.67 -21.96 -21.22
N LYS C 300 -1.01 -23.09 -21.47
CA LYS C 300 -0.51 -23.92 -20.39
C LYS C 300 0.37 -23.10 -19.47
N CYS C 301 1.02 -22.12 -20.01
CA CYS C 301 1.99 -21.29 -19.36
C CYS C 301 1.37 -20.19 -18.59
N THR C 302 0.04 -20.09 -18.70
CA THR C 302 -0.73 -19.15 -17.90
C THR C 302 -1.50 -19.90 -16.83
N LEU C 303 -2.07 -21.04 -17.19
CA LEU C 303 -2.78 -21.84 -16.22
C LEU C 303 -1.88 -22.70 -15.39
N LYS C 304 -0.57 -22.58 -15.56
CA LYS C 304 0.40 -23.31 -14.75
C LYS C 304 0.04 -24.77 -14.67
N SER C 305 -0.17 -25.42 -15.80
CA SER C 305 -0.49 -26.84 -15.78
C SER C 305 -0.16 -27.43 -17.13
N PHE C 306 0.25 -28.69 -17.13
CA PHE C 306 0.53 -29.35 -18.39
C PHE C 306 -0.73 -29.86 -19.06
N THR C 307 -1.87 -29.77 -18.40
CA THR C 307 -3.15 -30.17 -18.97
C THR C 307 -4.13 -29.02 -18.81
N VAL C 308 -4.80 -28.67 -19.90
CA VAL C 308 -5.76 -27.58 -19.89
C VAL C 308 -7.08 -28.12 -20.40
N GLU C 309 -8.14 -27.87 -19.65
CA GLU C 309 -9.46 -28.38 -19.99
C GLU C 309 -10.13 -27.48 -21.02
N LYS C 310 -11.25 -27.96 -21.53
CA LYS C 310 -11.99 -27.25 -22.56
C LYS C 310 -12.47 -25.91 -22.04
N GLY C 311 -12.30 -24.88 -22.87
CA GLY C 311 -12.71 -23.54 -22.49
C GLY C 311 -11.99 -22.51 -23.33
N ILE C 312 -12.10 -21.26 -22.89
CA ILE C 312 -11.46 -20.13 -23.54
C ILE C 312 -10.68 -19.36 -22.50
N TYR C 313 -9.46 -18.95 -22.83
CA TYR C 313 -8.57 -18.31 -21.87
C TYR C 313 -7.89 -17.11 -22.50
N GLN C 314 -7.60 -16.12 -21.67
CA GLN C 314 -6.86 -14.95 -22.12
C GLN C 314 -5.38 -15.17 -21.85
N THR C 315 -4.53 -14.90 -22.85
CA THR C 315 -3.11 -15.16 -22.71
C THR C 315 -2.26 -13.91 -22.74
N SER C 316 -2.52 -12.97 -23.64
CA SER C 316 -1.63 -11.83 -23.78
C SER C 316 -2.37 -10.72 -24.53
N ASN C 317 -1.61 -9.74 -24.97
CA ASN C 317 -2.13 -8.66 -25.78
C ASN C 317 -1.26 -8.51 -27.01
N PHE C 318 -1.81 -7.88 -28.03
CA PHE C 318 -1.06 -7.66 -29.24
C PHE C 318 -1.09 -6.19 -29.61
N ARG C 319 -0.04 -5.73 -30.26
CA ARG C 319 0.12 -4.32 -30.60
C ARG C 319 0.79 -4.21 -31.95
N VAL C 320 0.30 -3.30 -32.77
CA VAL C 320 0.94 -3.04 -34.05
C VAL C 320 2.24 -2.27 -33.80
N GLN C 321 3.29 -2.70 -34.42
CA GLN C 321 4.54 -2.03 -34.11
C GLN C 321 4.81 -0.88 -35.07
N PRO C 322 5.55 0.14 -34.64
CA PRO C 322 5.90 1.23 -35.54
C PRO C 322 6.80 0.75 -36.66
N THR C 323 6.69 1.43 -37.80
CA THR C 323 7.48 1.09 -38.97
C THR C 323 8.81 1.85 -38.99
N GLU C 324 8.75 3.17 -38.96
CA GLU C 324 9.94 4.00 -38.99
C GLU C 324 9.77 5.17 -38.04
N SER C 325 10.81 5.97 -37.93
CA SER C 325 10.81 7.14 -37.07
C SER C 325 10.92 8.40 -37.91
N ILE C 326 10.00 9.31 -37.58
CA ILE C 326 9.79 10.59 -38.20
C ILE C 326 9.67 11.67 -37.15
N VAL C 327 9.91 12.91 -37.53
CA VAL C 327 9.77 14.07 -36.66
C VAL C 327 9.69 15.31 -37.49
N ARG C 328 8.69 16.13 -37.23
CA ARG C 328 8.60 17.33 -38.02
C ARG C 328 9.19 18.44 -37.18
N PHE C 329 10.41 18.81 -37.52
CA PHE C 329 11.10 19.87 -36.82
C PHE C 329 11.07 21.06 -37.75
N PRO C 330 10.48 22.18 -37.30
CA PRO C 330 10.40 23.40 -38.09
C PRO C 330 11.77 23.75 -38.58
N ASN C 331 12.05 23.54 -39.87
CA ASN C 331 13.40 23.84 -40.37
C ASN C 331 13.97 25.18 -40.01
N ILE C 332 14.83 25.11 -39.01
CA ILE C 332 15.54 26.19 -38.36
C ILE C 332 17.03 25.96 -38.54
N THR C 333 17.79 27.01 -38.85
CA THR C 333 19.24 26.89 -39.04
C THR C 333 20.04 27.72 -38.05
N ASN C 334 21.22 28.19 -38.50
CA ASN C 334 22.19 29.03 -37.78
C ASN C 334 22.55 28.60 -36.35
N LEU C 335 23.35 27.55 -36.25
CA LEU C 335 23.79 27.00 -34.97
C LEU C 335 24.29 28.06 -33.97
N CYS C 336 23.54 28.23 -32.88
CA CYS C 336 23.90 29.19 -31.85
C CYS C 336 25.23 28.81 -31.21
N PRO C 337 26.21 29.72 -31.28
CA PRO C 337 27.55 29.50 -30.73
C PRO C 337 27.72 29.95 -29.28
N PHE C 338 27.58 29.01 -28.35
CA PHE C 338 27.77 29.30 -26.93
C PHE C 338 29.21 29.72 -26.64
N GLY C 339 29.75 30.58 -27.50
CA GLY C 339 31.11 31.04 -27.33
C GLY C 339 31.04 32.47 -26.83
N GLU C 340 30.32 33.33 -27.55
CA GLU C 340 30.21 34.71 -27.10
C GLU C 340 29.51 34.81 -25.76
N VAL C 341 28.49 34.00 -25.52
CA VAL C 341 27.80 34.06 -24.27
C VAL C 341 28.74 33.66 -23.16
N PHE C 342 29.46 32.56 -23.36
CA PHE C 342 30.40 32.10 -22.37
C PHE C 342 31.59 33.04 -22.36
N ASN C 343 32.43 32.91 -23.37
CA ASN C 343 33.60 33.77 -23.51
C ASN C 343 33.11 35.16 -23.87
N ALA C 344 32.87 35.98 -22.86
CA ALA C 344 32.38 37.33 -23.07
C ALA C 344 33.28 38.32 -22.39
N THR C 345 34.33 37.80 -21.76
CA THR C 345 35.29 38.70 -21.09
C THR C 345 34.74 39.78 -20.12
N ARG C 346 34.05 40.78 -20.66
CA ARG C 346 33.47 41.85 -19.85
C ARG C 346 32.69 41.32 -18.67
N PHE C 347 33.18 41.64 -17.48
CA PHE C 347 32.57 41.25 -16.21
C PHE C 347 32.74 42.40 -15.22
N ALA C 348 31.92 42.36 -14.15
CA ALA C 348 31.87 43.41 -13.09
C ALA C 348 31.23 43.06 -11.72
N SER C 349 30.10 42.34 -11.72
CA SER C 349 29.43 42.00 -10.45
C SER C 349 28.53 40.76 -10.43
N VAL C 350 27.74 40.67 -9.35
CA VAL C 350 26.85 39.56 -9.12
C VAL C 350 25.42 39.99 -8.82
N TYR C 351 25.23 41.00 -7.98
CA TYR C 351 23.87 41.46 -7.71
C TYR C 351 23.44 42.37 -8.85
N ALA C 352 24.42 43.01 -9.47
CA ALA C 352 24.16 43.85 -10.62
C ALA C 352 24.25 42.81 -11.71
N TRP C 353 23.33 41.85 -11.68
CA TRP C 353 23.35 40.77 -12.64
C TRP C 353 22.58 41.16 -13.89
N ASN C 354 22.51 40.24 -14.85
CA ASN C 354 21.85 40.52 -16.13
C ASN C 354 21.57 39.19 -16.83
N ARG C 355 20.68 39.25 -17.82
CA ARG C 355 20.27 38.08 -18.59
C ARG C 355 20.14 38.45 -20.06
N LYS C 356 20.13 37.42 -20.91
CA LYS C 356 20.10 37.63 -22.35
C LYS C 356 19.41 36.45 -23.02
N ARG C 357 18.51 36.75 -23.94
CA ARG C 357 17.64 35.76 -24.55
C ARG C 357 18.18 35.29 -25.90
N ILE C 358 17.64 34.16 -26.37
CA ILE C 358 18.17 33.44 -27.52
C ILE C 358 17.02 32.87 -28.33
N SER C 359 17.20 32.79 -29.65
CA SER C 359 16.09 32.42 -30.53
C SER C 359 16.58 31.71 -31.78
N ASN C 360 15.61 31.09 -32.45
CA ASN C 360 15.65 30.79 -33.88
C ASN C 360 17.03 30.30 -34.28
N CYS C 361 17.51 29.29 -33.57
CA CYS C 361 18.86 28.81 -33.83
C CYS C 361 18.98 27.39 -33.33
N VAL C 362 19.44 26.47 -34.18
CA VAL C 362 19.61 25.12 -33.68
C VAL C 362 20.86 25.14 -32.84
N ALA C 363 20.68 25.45 -31.55
CA ALA C 363 21.81 25.58 -30.65
C ALA C 363 22.34 24.20 -30.33
N ASP C 364 23.26 24.12 -29.39
CA ASP C 364 23.82 22.83 -29.00
C ASP C 364 24.41 22.98 -27.62
N TYR C 365 24.39 21.88 -26.88
CA TYR C 365 24.98 21.85 -25.56
C TYR C 365 26.13 20.88 -25.43
N SER C 366 26.39 20.05 -26.44
CA SER C 366 27.59 19.25 -26.41
C SER C 366 28.79 20.14 -26.12
N VAL C 367 28.88 21.24 -26.85
CA VAL C 367 29.92 22.24 -26.63
C VAL C 367 29.98 22.62 -25.16
N LEU C 368 28.81 22.70 -24.51
CA LEU C 368 28.78 22.99 -23.08
C LEU C 368 29.42 21.85 -22.29
N TYR C 369 28.81 20.65 -22.33
CA TYR C 369 29.35 19.54 -21.56
C TYR C 369 30.32 18.73 -22.43
N ASN C 370 31.21 19.47 -23.09
CA ASN C 370 32.43 18.87 -23.63
C ASN C 370 33.59 19.84 -23.52
N SER C 371 34.28 19.84 -22.37
CA SER C 371 35.52 20.57 -22.19
C SER C 371 36.08 20.33 -20.79
N ALA C 372 37.40 20.42 -20.64
CA ALA C 372 38.04 20.36 -19.33
C ALA C 372 38.33 21.75 -18.77
N SER C 373 37.59 22.76 -19.22
CA SER C 373 37.81 24.13 -18.82
C SER C 373 36.85 24.61 -17.74
N PHE C 374 36.12 23.71 -17.10
CA PHE C 374 35.13 24.09 -16.12
C PHE C 374 35.27 23.24 -14.87
N SER C 375 34.99 23.87 -13.73
CA SER C 375 35.03 23.20 -12.44
C SER C 375 33.68 22.63 -12.03
N THR C 376 32.59 23.34 -12.28
CA THR C 376 31.28 22.86 -11.84
C THR C 376 30.27 23.00 -12.96
N PHE C 377 29.50 21.94 -13.19
CA PHE C 377 28.47 21.85 -14.22
C PHE C 377 27.19 21.23 -13.65
N LYS C 378 26.77 21.68 -12.47
CA LYS C 378 25.56 21.15 -11.84
C LYS C 378 24.34 21.63 -12.61
N CYS C 379 23.67 20.71 -13.31
CA CYS C 379 22.44 20.98 -14.00
C CYS C 379 21.32 20.21 -13.31
N TYR C 380 20.13 20.81 -13.24
CA TYR C 380 19.14 20.41 -12.25
C TYR C 380 17.88 19.80 -12.84
N GLY C 381 17.19 20.51 -13.74
CA GLY C 381 15.98 19.96 -14.31
C GLY C 381 16.21 18.87 -15.34
N VAL C 382 17.40 18.87 -15.95
CA VAL C 382 17.69 17.99 -17.08
C VAL C 382 19.07 17.38 -16.88
N SER C 383 19.23 16.17 -17.38
CA SER C 383 20.55 15.54 -17.42
C SER C 383 21.40 16.15 -18.52
N PRO C 384 22.68 16.39 -18.24
CA PRO C 384 23.53 17.09 -19.22
C PRO C 384 23.56 16.42 -20.57
N THR C 385 23.56 15.09 -20.62
CA THR C 385 23.61 14.41 -21.92
C THR C 385 22.32 14.60 -22.71
N LYS C 386 21.20 14.75 -22.03
CA LYS C 386 19.92 14.89 -22.69
C LYS C 386 19.72 16.26 -23.31
N LEU C 387 20.64 17.19 -23.05
CA LEU C 387 20.43 18.58 -23.46
C LEU C 387 20.38 18.73 -24.98
N ASN C 388 21.24 18.01 -25.70
CA ASN C 388 21.34 18.20 -27.14
C ASN C 388 20.13 17.67 -27.91
N ASP C 389 19.12 17.16 -27.23
CA ASP C 389 17.97 16.56 -27.90
C ASP C 389 16.66 17.24 -27.54
N LEU C 390 16.70 18.49 -27.11
CA LEU C 390 15.51 19.21 -26.72
C LEU C 390 15.51 20.58 -27.37
N CYS C 391 14.32 21.18 -27.40
CA CYS C 391 14.12 22.50 -27.95
C CYS C 391 13.55 23.39 -26.86
N PHE C 392 14.15 24.57 -26.66
CA PHE C 392 13.94 25.35 -25.47
C PHE C 392 13.28 26.69 -25.76
N THR C 393 12.82 27.35 -24.69
CA THR C 393 12.21 28.65 -24.75
C THR C 393 12.78 29.54 -23.65
N ASN C 394 12.92 30.82 -23.95
CA ASN C 394 13.29 31.84 -22.96
C ASN C 394 14.57 31.46 -22.21
N VAL C 395 15.61 31.19 -22.97
CA VAL C 395 16.90 30.85 -22.39
C VAL C 395 17.68 32.13 -22.16
N TYR C 396 18.07 32.36 -20.91
CA TYR C 396 18.81 33.55 -20.53
C TYR C 396 20.01 33.12 -19.70
N ALA C 397 21.07 33.90 -19.74
CA ALA C 397 22.28 33.58 -19.00
C ALA C 397 22.54 34.64 -17.93
N ASP C 398 23.52 34.36 -17.08
CA ASP C 398 23.85 35.22 -15.95
C ASP C 398 25.34 35.16 -15.69
N SER C 399 26.00 36.30 -15.56
CA SER C 399 27.44 36.27 -15.39
C SER C 399 27.85 37.09 -14.18
N PHE C 400 28.73 36.54 -13.35
CA PHE C 400 29.34 37.32 -12.28
C PHE C 400 30.57 36.59 -11.77
N VAL C 401 31.22 37.21 -10.79
CA VAL C 401 32.47 36.72 -10.22
C VAL C 401 32.33 36.73 -8.70
N ILE C 402 32.69 35.63 -8.06
CA ILE C 402 32.56 35.53 -6.61
C ILE C 402 33.87 35.03 -5.99
N ARG C 403 33.94 35.22 -4.67
CA ARG C 403 35.17 34.99 -3.91
C ARG C 403 35.66 33.55 -3.98
N GLY C 404 34.76 32.61 -4.27
CA GLY C 404 35.15 31.25 -4.49
C GLY C 404 34.80 30.28 -3.39
N ASP C 405 34.61 30.76 -2.17
CA ASP C 405 34.05 29.93 -1.11
C ASP C 405 32.53 29.97 -1.09
N GLU C 406 31.92 30.92 -1.79
CA GLU C 406 30.48 31.06 -1.89
C GLU C 406 29.93 30.40 -3.16
N VAL C 407 30.70 29.47 -3.74
CA VAL C 407 30.28 28.78 -4.96
C VAL C 407 29.27 27.70 -4.59
N ARG C 408 29.06 27.50 -3.30
CA ARG C 408 27.97 26.65 -2.82
C ARG C 408 26.68 27.43 -2.63
N GLN C 409 26.73 28.75 -2.70
CA GLN C 409 25.56 29.58 -2.45
C GLN C 409 24.80 29.91 -3.72
N ILE C 410 25.07 29.19 -4.80
CA ILE C 410 24.39 29.43 -6.06
C ILE C 410 23.53 28.20 -6.33
N ALA C 411 23.03 27.61 -5.25
CA ALA C 411 22.12 26.47 -5.24
C ALA C 411 20.71 26.92 -4.86
N PRO C 412 19.68 26.21 -5.34
CA PRO C 412 18.29 26.63 -5.09
C PRO C 412 17.88 26.35 -3.65
N GLY C 413 18.17 27.30 -2.78
CA GLY C 413 17.91 27.17 -1.37
C GLY C 413 19.21 27.08 -0.61
N GLN C 414 19.65 28.23 -0.11
CA GLN C 414 20.93 28.36 0.58
C GLN C 414 20.82 29.56 1.51
N THR C 415 21.85 29.76 2.32
CA THR C 415 21.85 30.83 3.31
C THR C 415 23.18 31.56 3.30
N GLY C 416 23.14 32.87 3.48
CA GLY C 416 24.32 33.71 3.51
C GLY C 416 24.10 34.95 2.67
N LYS C 417 25.01 35.91 2.83
CA LYS C 417 24.80 37.25 2.29
C LYS C 417 25.01 37.36 0.79
N ILE C 418 25.19 36.25 0.07
CA ILE C 418 25.17 36.31 -1.39
C ILE C 418 23.82 35.88 -1.94
N ALA C 419 23.28 34.77 -1.41
CA ALA C 419 21.92 34.36 -1.70
C ALA C 419 20.93 34.89 -0.69
N ASP C 420 21.32 35.87 0.12
CA ASP C 420 20.36 36.62 0.91
C ASP C 420 20.36 38.09 0.59
N TYR C 421 21.46 38.64 0.08
CA TYR C 421 21.55 40.05 -0.21
C TYR C 421 21.83 40.36 -1.69
N ASN C 422 22.40 39.43 -2.44
CA ASN C 422 22.91 39.73 -3.76
C ASN C 422 22.19 38.98 -4.88
N TYR C 423 22.11 37.66 -4.80
CA TYR C 423 21.57 36.88 -5.92
C TYR C 423 20.84 35.66 -5.38
N LYS C 424 19.61 35.46 -5.85
CA LYS C 424 18.78 34.35 -5.38
C LYS C 424 18.16 33.61 -6.54
N LEU C 425 18.19 32.29 -6.46
CA LEU C 425 17.61 31.30 -7.37
C LEU C 425 16.27 30.83 -6.83
N PRO C 426 15.29 30.64 -7.72
CA PRO C 426 14.01 30.08 -7.29
C PRO C 426 14.16 28.62 -6.90
N ASP C 427 13.26 28.17 -6.01
CA ASP C 427 13.35 26.81 -5.49
C ASP C 427 13.19 25.78 -6.61
N ASP C 428 12.22 25.99 -7.51
CA ASP C 428 12.02 25.08 -8.62
C ASP C 428 12.81 25.61 -9.82
N PHE C 429 14.10 25.33 -9.80
CA PHE C 429 14.99 25.79 -10.85
C PHE C 429 15.14 24.73 -11.94
N THR C 430 15.27 25.21 -13.17
CA THR C 430 15.54 24.33 -14.31
C THR C 430 16.63 24.99 -15.14
N GLY C 431 17.82 24.42 -15.10
CA GLY C 431 18.97 25.02 -15.73
C GLY C 431 20.25 24.59 -15.05
N CYS C 432 21.37 25.14 -15.49
CA CYS C 432 22.66 24.66 -15.04
C CYS C 432 23.54 25.82 -14.57
N VAL C 433 24.30 25.56 -13.52
CA VAL C 433 25.29 26.50 -12.99
C VAL C 433 26.66 26.01 -13.42
N ILE C 434 27.44 26.90 -14.03
CA ILE C 434 28.75 26.56 -14.57
C ILE C 434 29.76 27.52 -13.96
N ALA C 435 30.78 26.94 -13.32
CA ALA C 435 31.75 27.72 -12.56
C ALA C 435 33.16 27.27 -12.91
N TRP C 436 34.07 28.25 -13.04
CA TRP C 436 35.47 27.90 -13.22
C TRP C 436 36.37 28.95 -12.59
N ASN C 437 37.56 28.51 -12.22
CA ASN C 437 38.53 29.35 -11.54
C ASN C 437 39.26 30.24 -12.54
N SER C 438 39.32 31.54 -12.23
CA SER C 438 40.12 32.48 -13.02
C SER C 438 40.81 33.43 -12.06
N ASN C 439 42.00 33.04 -11.59
CA ASN C 439 42.88 33.96 -10.89
C ASN C 439 43.88 34.62 -11.83
N ASN C 440 43.90 34.21 -13.09
CA ASN C 440 44.83 34.78 -14.06
C ASN C 440 44.47 36.21 -14.41
N LEU C 441 43.17 36.48 -14.59
CA LEU C 441 42.71 37.75 -15.14
C LEU C 441 42.26 38.75 -14.08
N ASP C 442 41.59 38.28 -13.04
CA ASP C 442 40.96 39.16 -12.06
C ASP C 442 41.82 39.39 -10.82
N SER C 443 43.14 39.32 -10.97
CA SER C 443 44.07 39.61 -9.88
C SER C 443 45.18 40.51 -10.40
N LYS C 444 45.58 41.48 -9.58
CA LYS C 444 46.66 42.38 -9.95
C LYS C 444 47.91 42.09 -9.13
N GLY C 447 45.63 43.81 -6.03
CA GLY C 447 44.57 43.13 -6.74
C GLY C 447 43.61 44.07 -7.42
N ASN C 448 42.49 43.53 -7.90
CA ASN C 448 41.44 44.32 -8.54
C ASN C 448 40.30 44.50 -7.55
N TYR C 449 40.04 45.75 -7.18
CA TYR C 449 39.10 46.07 -6.10
C TYR C 449 37.92 46.90 -6.62
N ASN C 450 37.47 46.59 -7.83
CA ASN C 450 36.22 47.13 -8.35
C ASN C 450 35.11 46.08 -8.38
N TYR C 451 35.39 44.88 -7.88
CA TYR C 451 34.38 43.83 -7.75
C TYR C 451 33.73 44.00 -6.39
N LEU C 452 32.51 44.51 -6.38
CA LEU C 452 31.81 44.86 -5.15
C LEU C 452 30.69 43.86 -4.84
N TYR C 453 30.26 43.88 -3.58
CA TYR C 453 29.14 43.06 -3.16
C TYR C 453 28.39 43.77 -2.04
N ARG C 454 27.10 43.49 -1.94
CA ARG C 454 26.24 44.15 -0.96
C ARG C 454 26.40 43.48 0.39
N LEU C 455 26.94 44.23 1.36
CA LEU C 455 27.15 43.70 2.71
C LEU C 455 25.90 43.76 3.56
N PHE C 456 25.22 44.90 3.57
CA PHE C 456 24.09 45.15 4.46
C PHE C 456 22.83 45.31 3.64
N ARG C 457 21.76 44.66 4.07
CA ARG C 457 20.46 44.83 3.43
C ARG C 457 19.38 44.62 4.46
N LYS C 458 18.25 45.31 4.27
CA LYS C 458 17.19 45.29 5.26
C LYS C 458 16.51 43.91 5.31
N SER C 459 15.94 43.48 4.20
CA SER C 459 15.22 42.22 4.12
C SER C 459 15.89 41.32 3.09
N ASN C 460 15.23 40.21 2.77
CA ASN C 460 15.72 39.27 1.78
C ASN C 460 15.16 39.60 0.40
N LEU C 461 15.92 39.22 -0.63
CA LEU C 461 15.50 39.38 -2.01
C LEU C 461 14.50 38.29 -2.40
N LYS C 462 13.87 38.49 -3.55
CA LYS C 462 13.06 37.49 -4.21
C LYS C 462 13.81 36.92 -5.41
N PRO C 463 13.41 35.76 -5.91
CA PRO C 463 14.12 35.17 -7.05
C PRO C 463 14.17 36.11 -8.24
N PHE C 464 15.36 36.24 -8.81
CA PHE C 464 15.57 36.89 -10.11
C PHE C 464 15.20 38.36 -10.09
N GLU C 465 15.58 39.06 -9.03
CA GLU C 465 15.48 40.51 -9.00
C GLU C 465 16.74 41.09 -8.35
N ARG C 466 17.24 42.19 -8.93
CA ARG C 466 18.51 42.76 -8.53
C ARG C 466 18.31 44.08 -7.81
N ASP C 467 19.32 44.45 -7.02
CA ASP C 467 19.30 45.62 -6.16
C ASP C 467 20.44 46.54 -6.53
N ILE C 468 20.12 47.68 -7.12
CA ILE C 468 21.12 48.71 -7.44
C ILE C 468 20.62 50.00 -6.78
N SER C 469 21.14 50.28 -5.59
CA SER C 469 20.78 51.50 -4.86
C SER C 469 21.94 51.85 -3.93
N THR C 470 22.76 52.81 -4.35
CA THR C 470 23.92 53.24 -3.58
C THR C 470 23.52 54.35 -2.60
N GLU C 471 22.72 53.95 -1.61
CA GLU C 471 22.24 54.86 -0.59
C GLU C 471 22.54 54.30 0.79
N ILE C 472 22.72 55.21 1.75
CA ILE C 472 23.12 54.81 3.09
C ILE C 472 21.98 54.07 3.78
N TYR C 473 22.32 53.02 4.50
CA TYR C 473 21.37 52.19 5.23
C TYR C 473 21.75 52.24 6.71
N GLN C 474 20.83 52.73 7.54
CA GLN C 474 21.11 52.97 8.95
C GLN C 474 20.93 51.68 9.75
N ALA C 475 21.80 51.50 10.74
CA ALA C 475 21.76 50.36 11.65
C ALA C 475 21.33 50.78 13.05
N GLY C 476 20.43 51.76 13.12
CA GLY C 476 19.95 52.23 14.40
C GLY C 476 18.85 53.24 14.22
N SER C 477 18.28 53.66 15.35
CA SER C 477 17.21 54.66 15.31
C SER C 477 17.72 56.01 14.85
N THR C 478 19.00 56.31 15.09
CA THR C 478 19.55 57.59 14.68
C THR C 478 19.60 57.67 13.15
N PRO C 479 19.28 58.83 12.58
CA PRO C 479 19.25 58.94 11.11
C PRO C 479 20.65 58.98 10.51
N CYS C 480 20.76 58.44 9.31
CA CYS C 480 21.96 58.57 8.49
C CYS C 480 21.62 59.39 7.25
N ASN C 481 22.38 60.45 7.03
CA ASN C 481 22.20 61.32 5.86
C ASN C 481 23.55 61.49 5.19
N GLY C 482 23.89 60.54 4.33
CA GLY C 482 25.14 60.57 3.59
C GLY C 482 26.39 60.36 4.41
N VAL C 483 26.32 60.40 5.73
CA VAL C 483 27.49 60.30 6.59
C VAL C 483 27.38 59.03 7.42
N GLU C 484 28.48 58.28 7.47
CA GLU C 484 28.54 57.01 8.20
C GLU C 484 29.07 57.20 9.62
N GLY C 485 28.45 58.11 10.37
CA GLY C 485 28.99 58.47 11.67
C GLY C 485 28.38 57.76 12.86
N PHE C 486 27.05 57.76 12.96
CA PHE C 486 26.37 57.27 14.16
C PHE C 486 25.98 55.81 13.96
N ASN C 487 26.94 54.93 14.21
CA ASN C 487 26.78 53.49 14.03
C ASN C 487 26.21 53.18 12.65
N CYS C 488 26.91 53.68 11.64
CA CYS C 488 26.38 53.74 10.28
C CYS C 488 27.44 53.25 9.32
N TYR C 489 27.00 52.51 8.30
CA TYR C 489 27.92 51.91 7.33
C TYR C 489 27.44 52.21 5.91
N PHE C 490 28.28 51.85 4.95
CA PHE C 490 28.00 51.86 3.52
C PHE C 490 27.47 50.50 3.08
N PRO C 491 26.41 50.44 2.28
CA PRO C 491 25.83 49.13 1.92
C PRO C 491 26.72 48.27 1.04
N LEU C 492 27.80 48.81 0.48
CA LEU C 492 28.70 48.06 -0.38
C LEU C 492 30.14 48.28 0.04
N GLN C 493 30.93 47.20 0.00
CA GLN C 493 32.38 47.30 0.08
C GLN C 493 32.97 46.18 -0.77
N SER C 494 34.22 46.35 -1.20
CA SER C 494 34.76 45.58 -2.30
C SER C 494 35.45 44.30 -1.82
N TYR C 495 36.19 43.67 -2.72
CA TYR C 495 36.87 42.39 -2.49
C TYR C 495 38.33 42.61 -2.12
N GLY C 496 39.07 41.51 -2.03
CA GLY C 496 40.49 41.54 -1.70
C GLY C 496 41.30 40.58 -2.56
N PHE C 497 40.93 40.44 -3.83
CA PHE C 497 41.51 39.41 -4.69
C PHE C 497 43.01 39.58 -4.87
N GLN C 498 43.78 38.71 -4.23
CA GLN C 498 45.23 38.74 -4.34
C GLN C 498 45.75 37.38 -4.80
N PRO C 499 46.82 37.36 -5.59
CA PRO C 499 47.36 36.08 -6.07
C PRO C 499 48.00 35.23 -4.99
N THR C 500 48.28 35.78 -3.81
CA THR C 500 48.96 35.07 -2.75
C THR C 500 47.99 34.47 -1.73
N ASN C 501 46.80 34.07 -2.19
CA ASN C 501 45.78 33.51 -1.32
C ASN C 501 45.50 32.05 -1.69
N GLY C 502 44.92 31.34 -0.73
CA GLY C 502 44.49 29.98 -0.96
C GLY C 502 43.12 29.93 -1.61
N VAL C 503 42.61 28.72 -1.78
CA VAL C 503 41.30 28.54 -2.38
C VAL C 503 40.23 29.10 -1.45
N GLY C 504 39.11 29.51 -2.03
CA GLY C 504 38.11 30.28 -1.31
C GLY C 504 38.36 31.76 -1.34
N TYR C 505 39.46 32.21 -1.96
CA TYR C 505 39.74 33.62 -2.11
C TYR C 505 40.09 34.02 -3.52
N GLN C 506 40.36 33.07 -4.42
CA GLN C 506 40.60 33.40 -5.80
C GLN C 506 39.28 33.76 -6.49
N PRO C 507 39.31 34.64 -7.50
CA PRO C 507 38.09 34.98 -8.20
C PRO C 507 37.61 33.79 -9.02
N TYR C 508 36.32 33.48 -8.90
CA TYR C 508 35.74 32.44 -9.74
C TYR C 508 34.63 33.02 -10.58
N ARG C 509 34.58 32.57 -11.83
CA ARG C 509 33.63 33.07 -12.80
C ARG C 509 32.45 32.11 -12.87
N VAL C 510 31.26 32.65 -12.64
CA VAL C 510 30.03 31.88 -12.45
C VAL C 510 29.01 32.36 -13.48
N VAL C 511 28.40 31.41 -14.18
CA VAL C 511 27.36 31.70 -15.15
C VAL C 511 26.22 30.68 -15.04
N VAL C 512 25.00 31.19 -15.09
CA VAL C 512 23.80 30.41 -14.80
C VAL C 512 22.91 30.43 -16.02
N LEU C 513 22.49 29.25 -16.47
CA LEU C 513 21.60 29.10 -17.60
C LEU C 513 20.25 28.63 -17.12
N SER C 514 19.19 29.31 -17.53
CA SER C 514 17.84 28.97 -17.12
C SER C 514 16.94 28.95 -18.34
N PHE C 515 15.88 28.14 -18.28
CA PHE C 515 14.98 27.94 -19.40
C PHE C 515 13.76 27.17 -18.88
N GLU C 516 12.78 27.01 -19.76
CA GLU C 516 11.61 26.20 -19.47
C GLU C 516 11.25 25.36 -20.68
N LEU C 517 10.56 24.25 -20.43
CA LEU C 517 10.49 23.14 -21.36
C LEU C 517 9.08 22.88 -21.87
N LEU C 518 8.96 22.73 -23.18
CA LEU C 518 7.96 21.96 -23.93
C LEU C 518 6.57 22.57 -23.94
N HIS C 519 6.29 23.60 -23.14
CA HIS C 519 4.95 24.18 -23.10
C HIS C 519 4.92 25.57 -23.73
N ALA C 520 5.64 25.73 -24.83
CA ALA C 520 5.71 26.95 -25.62
C ALA C 520 6.43 26.63 -26.92
N PRO C 521 6.05 27.23 -28.04
CA PRO C 521 6.81 27.02 -29.28
C PRO C 521 8.28 27.36 -29.09
N ALA C 522 9.12 26.33 -29.15
CA ALA C 522 10.53 26.45 -28.76
C ALA C 522 11.36 26.76 -29.99
N THR C 523 11.48 28.06 -30.28
CA THR C 523 12.31 28.52 -31.39
C THR C 523 13.73 28.00 -31.22
N VAL C 524 14.30 28.20 -30.05
CA VAL C 524 15.53 27.53 -29.67
C VAL C 524 15.25 26.05 -29.78
N CYS C 525 15.94 25.35 -30.68
CA CYS C 525 15.58 23.97 -30.91
C CYS C 525 16.81 23.11 -31.12
N GLY C 526 16.60 21.81 -30.99
CA GLY C 526 17.68 20.86 -30.94
C GLY C 526 18.55 20.86 -32.17
N PRO C 527 19.85 20.69 -31.97
CA PRO C 527 20.76 20.53 -33.11
C PRO C 527 20.41 19.32 -33.95
N LYS C 528 19.79 18.32 -33.33
CA LYS C 528 19.27 17.15 -34.01
C LYS C 528 18.53 17.55 -35.28
N LYS C 529 18.87 16.89 -36.38
CA LYS C 529 18.30 17.25 -37.67
C LYS C 529 16.91 16.63 -37.79
N SER C 530 16.27 16.75 -38.95
CA SER C 530 14.90 16.34 -39.14
C SER C 530 14.84 15.33 -40.29
N THR C 531 13.63 14.91 -40.61
CA THR C 531 13.36 14.02 -41.74
C THR C 531 12.14 14.56 -42.46
N ASN C 532 11.61 13.76 -43.38
CA ASN C 532 10.33 14.11 -44.00
C ASN C 532 9.19 13.56 -43.15
N LEU C 533 7.98 13.91 -43.55
CA LEU C 533 6.79 13.65 -42.76
C LEU C 533 5.97 12.56 -43.43
N VAL C 534 5.55 11.56 -42.65
CA VAL C 534 4.84 10.38 -43.14
C VAL C 534 3.51 10.28 -42.42
N LYS C 535 2.50 9.77 -43.11
CA LYS C 535 1.15 9.75 -42.57
C LYS C 535 0.50 8.39 -42.83
N ASN C 536 -0.55 8.11 -42.04
CA ASN C 536 -1.42 6.96 -42.21
C ASN C 536 -0.73 5.63 -41.91
N LYS C 537 0.28 5.65 -41.06
CA LYS C 537 0.91 4.42 -40.63
C LYS C 537 1.58 4.65 -39.28
N CYS C 538 1.72 3.58 -38.52
CA CYS C 538 2.28 3.69 -37.19
C CYS C 538 3.75 4.06 -37.26
N VAL C 539 4.09 5.21 -36.67
CA VAL C 539 5.47 5.59 -36.45
C VAL C 539 5.59 6.06 -35.02
N ASN C 540 6.80 6.00 -34.49
CA ASN C 540 7.04 6.58 -33.18
C ASN C 540 7.04 8.10 -33.34
N PHE C 541 5.85 8.68 -33.42
CA PHE C 541 5.75 10.08 -33.80
C PHE C 541 6.54 10.94 -32.83
N ASN C 542 7.38 11.81 -33.38
CA ASN C 542 8.24 12.69 -32.60
C ASN C 542 8.10 14.09 -33.20
N PHE C 543 7.16 14.85 -32.67
CA PHE C 543 6.83 16.17 -33.20
C PHE C 543 7.23 17.24 -32.22
N ASN C 544 7.98 18.22 -32.72
CA ASN C 544 8.38 19.37 -31.91
C ASN C 544 9.06 18.91 -30.64
N GLY C 545 9.86 17.86 -30.76
CA GLY C 545 10.48 17.25 -29.59
C GLY C 545 9.60 16.22 -28.90
N LEU C 546 8.31 16.53 -28.74
CA LEU C 546 7.39 15.61 -28.11
C LEU C 546 7.23 14.35 -28.96
N THR C 547 6.96 13.23 -28.29
CA THR C 547 7.03 11.93 -28.95
C THR C 547 5.80 11.11 -28.59
N GLY C 548 5.83 9.83 -28.96
CA GLY C 548 4.73 8.90 -28.76
C GLY C 548 4.63 8.09 -30.03
N THR C 549 3.75 7.09 -30.02
CA THR C 549 3.51 6.24 -31.18
C THR C 549 2.02 6.10 -31.43
N GLY C 550 1.65 6.07 -32.71
CA GLY C 550 0.25 5.97 -33.10
C GLY C 550 0.15 6.03 -34.61
N VAL C 551 -1.08 6.07 -35.10
CA VAL C 551 -1.33 6.21 -36.53
C VAL C 551 -1.99 7.57 -36.75
N LEU C 552 -1.34 8.40 -37.56
CA LEU C 552 -1.72 9.79 -37.73
C LEU C 552 -2.42 9.94 -39.08
N THR C 553 -3.70 10.30 -39.05
CA THR C 553 -4.44 10.32 -40.31
C THR C 553 -4.69 11.72 -40.88
N GLU C 554 -5.36 12.60 -40.14
CA GLU C 554 -5.81 13.88 -40.70
C GLU C 554 -5.94 14.91 -39.58
N SER C 555 -6.74 15.96 -39.76
CA SER C 555 -7.09 16.87 -38.68
C SER C 555 -8.23 17.79 -39.08
N ASN C 556 -9.04 18.14 -38.07
CA ASN C 556 -10.20 18.98 -38.28
C ASN C 556 -10.33 20.08 -37.23
N LYS C 557 -9.63 19.96 -36.11
CA LYS C 557 -9.92 20.78 -34.94
C LYS C 557 -9.80 22.27 -35.21
N LYS C 558 -8.86 22.65 -36.09
CA LYS C 558 -8.63 24.05 -36.40
C LYS C 558 -8.30 24.83 -35.13
N PHE C 559 -7.13 24.54 -34.57
CA PHE C 559 -6.61 25.26 -33.41
C PHE C 559 -6.99 26.73 -33.51
N LEU C 560 -7.49 27.29 -32.41
CA LEU C 560 -7.59 28.74 -32.37
C LEU C 560 -6.26 29.27 -32.87
N PRO C 561 -6.26 29.97 -34.00
CA PRO C 561 -5.09 30.03 -34.89
C PRO C 561 -3.74 29.98 -34.19
N PHE C 562 -3.60 30.72 -33.09
CA PHE C 562 -2.36 30.71 -32.33
C PHE C 562 -2.04 29.32 -31.78
N GLN C 563 -3.07 28.54 -31.48
CA GLN C 563 -2.87 27.31 -30.72
C GLN C 563 -2.09 26.27 -31.51
N GLN C 564 -1.32 25.47 -30.76
CA GLN C 564 -0.31 24.61 -31.34
C GLN C 564 -0.55 23.12 -31.08
N PHE C 565 -0.75 22.72 -29.82
CA PHE C 565 -0.70 21.31 -29.44
C PHE C 565 -2.05 20.88 -28.87
N GLY C 566 -2.67 19.89 -29.50
CA GLY C 566 -4.01 19.53 -29.12
C GLY C 566 -4.07 18.53 -27.98
N ARG C 567 -5.20 18.53 -27.29
CA ARG C 567 -5.43 17.63 -26.17
C ARG C 567 -6.90 17.27 -26.08
N ASP C 568 -7.18 16.16 -25.41
CA ASP C 568 -8.51 15.58 -25.29
C ASP C 568 -8.89 15.39 -23.81
N ILE C 569 -9.89 14.56 -23.55
CA ILE C 569 -10.33 14.31 -22.17
C ILE C 569 -9.14 13.98 -21.27
N ALA C 570 -8.42 12.91 -21.59
CA ALA C 570 -7.17 12.59 -20.90
C ALA C 570 -6.00 13.38 -21.47
N ASP C 571 -6.28 14.21 -22.46
CA ASP C 571 -5.43 15.18 -23.12
C ASP C 571 -4.38 14.58 -24.04
N THR C 572 -3.84 13.40 -23.69
CA THR C 572 -3.31 12.37 -24.58
C THR C 572 -3.04 12.84 -26.00
N THR C 573 -2.49 14.04 -26.16
CA THR C 573 -2.01 14.54 -27.44
C THR C 573 -2.94 14.26 -28.60
N ASP C 574 -4.21 14.67 -28.54
CA ASP C 574 -5.16 14.26 -29.57
C ASP C 574 -4.98 15.03 -30.87
N ALA C 575 -3.87 15.74 -31.04
CA ALA C 575 -3.50 16.38 -32.29
C ALA C 575 -2.10 16.96 -32.23
N VAL C 576 -1.60 17.45 -33.35
CA VAL C 576 -0.33 18.16 -33.40
C VAL C 576 -0.34 18.90 -34.71
N ARG C 577 0.41 19.96 -34.81
CA ARG C 577 0.42 20.66 -36.03
C ARG C 577 1.79 20.36 -36.47
N ASP C 578 1.93 19.63 -37.57
CA ASP C 578 3.22 19.29 -38.12
C ASP C 578 3.79 20.62 -38.39
N PRO C 579 4.95 20.88 -37.84
CA PRO C 579 5.42 22.23 -38.00
C PRO C 579 6.57 22.31 -38.95
N GLN C 580 6.76 21.25 -39.71
CA GLN C 580 7.73 21.26 -40.76
C GLN C 580 6.95 22.15 -41.70
N THR C 581 5.79 21.66 -42.12
CA THR C 581 4.92 22.38 -43.00
C THR C 581 3.62 22.50 -42.25
N LEU C 582 3.36 23.67 -41.72
CA LEU C 582 2.17 23.88 -40.93
C LEU C 582 0.84 23.36 -41.42
N GLU C 583 0.38 22.37 -40.69
CA GLU C 583 -0.90 21.70 -40.81
C GLU C 583 -0.96 20.74 -39.66
N ILE C 584 -2.18 20.40 -39.31
CA ILE C 584 -2.50 19.61 -38.14
C ILE C 584 -2.66 18.14 -38.53
N LEU C 585 -2.41 17.26 -37.56
CA LEU C 585 -2.39 15.82 -37.69
C LEU C 585 -3.08 15.21 -36.48
N ASP C 586 -3.85 14.16 -36.73
CA ASP C 586 -4.67 13.50 -35.72
C ASP C 586 -3.84 12.49 -34.94
N ILE C 587 -4.50 11.63 -34.18
CA ILE C 587 -3.81 10.60 -33.43
C ILE C 587 -4.83 9.56 -32.99
N THR C 588 -4.42 8.28 -33.00
CA THR C 588 -5.12 7.13 -32.44
C THR C 588 -4.07 6.06 -32.15
N PRO C 589 -4.23 5.27 -31.09
CA PRO C 589 -3.30 4.19 -30.83
C PRO C 589 -3.33 3.18 -31.95
N CYS C 590 -2.23 2.45 -32.11
CA CYS C 590 -2.06 1.65 -33.32
C CYS C 590 -3.18 0.64 -33.48
N SER C 591 -3.16 -0.42 -32.68
CA SER C 591 -4.36 -1.20 -32.38
C SER C 591 -4.08 -2.12 -31.21
N PHE C 592 -4.50 -1.78 -30.00
CA PHE C 592 -4.23 -2.70 -28.93
C PHE C 592 -5.45 -3.57 -28.69
N GLY C 593 -5.20 -4.83 -28.32
CA GLY C 593 -6.29 -5.76 -28.10
C GLY C 593 -5.85 -7.05 -27.46
N GLY C 594 -6.75 -7.68 -26.71
CA GLY C 594 -6.43 -8.92 -26.05
C GLY C 594 -6.47 -10.11 -26.99
N VAL C 595 -5.78 -11.16 -26.58
CA VAL C 595 -5.72 -12.39 -27.34
C VAL C 595 -6.20 -13.50 -26.42
N SER C 596 -7.22 -14.22 -26.85
CA SER C 596 -7.80 -15.29 -26.07
C SER C 596 -7.72 -16.58 -26.86
N VAL C 597 -7.51 -17.69 -26.18
CA VAL C 597 -7.35 -18.98 -26.83
C VAL C 597 -8.57 -19.83 -26.53
N ILE C 598 -9.15 -20.41 -27.56
CA ILE C 598 -10.21 -21.38 -27.42
C ILE C 598 -9.61 -22.76 -27.56
N THR C 599 -9.89 -23.61 -26.57
CA THR C 599 -9.29 -24.93 -26.44
C THR C 599 -10.40 -25.96 -26.39
N PRO C 600 -10.39 -26.95 -27.28
CA PRO C 600 -11.33 -28.06 -27.16
C PRO C 600 -11.04 -29.01 -26.00
N GLY C 601 -10.10 -28.65 -25.13
CA GLY C 601 -9.68 -29.57 -24.10
C GLY C 601 -8.51 -30.39 -24.58
N THR C 602 -7.36 -30.26 -23.91
CA THR C 602 -6.13 -30.91 -24.33
C THR C 602 -6.36 -32.40 -24.52
N ASN C 603 -6.94 -33.03 -23.50
CA ASN C 603 -7.22 -34.45 -23.51
C ASN C 603 -7.91 -34.82 -24.83
N THR C 604 -8.93 -34.07 -25.19
CA THR C 604 -9.63 -34.34 -26.44
C THR C 604 -8.69 -34.16 -27.62
N SER C 605 -8.16 -32.96 -27.80
CA SER C 605 -7.30 -32.67 -28.93
C SER C 605 -6.46 -31.45 -28.59
N ASN C 606 -5.70 -30.98 -29.58
CA ASN C 606 -4.83 -29.83 -29.38
C ASN C 606 -5.24 -28.63 -30.20
N GLN C 607 -5.73 -28.86 -31.42
CA GLN C 607 -6.00 -27.77 -32.35
C GLN C 607 -6.83 -26.69 -31.67
N VAL C 608 -6.26 -25.50 -31.49
CA VAL C 608 -6.92 -24.42 -30.79
C VAL C 608 -7.27 -23.34 -31.79
N ALA C 609 -7.96 -22.30 -31.30
CA ALA C 609 -8.29 -21.19 -32.17
C ALA C 609 -8.34 -19.93 -31.34
N VAL C 610 -7.68 -18.88 -31.80
CA VAL C 610 -7.58 -17.69 -30.96
C VAL C 610 -8.63 -16.70 -31.39
N LEU C 611 -8.84 -15.68 -30.57
CA LEU C 611 -9.82 -14.63 -30.83
C LEU C 611 -9.14 -13.29 -30.60
N TYR C 612 -8.75 -12.63 -31.67
CA TYR C 612 -8.22 -11.29 -31.57
C TYR C 612 -9.39 -10.37 -31.31
N GLN C 613 -9.47 -9.81 -30.11
CA GLN C 613 -10.67 -9.11 -29.69
C GLN C 613 -10.71 -7.69 -30.21
N ASP C 614 -11.88 -7.30 -30.71
CA ASP C 614 -12.18 -5.91 -31.05
C ASP C 614 -11.25 -5.38 -32.13
N VAL C 615 -10.94 -6.21 -33.12
CA VAL C 615 -9.97 -5.86 -34.14
C VAL C 615 -10.48 -6.30 -35.49
N ASN C 616 -10.38 -5.42 -36.48
CA ASN C 616 -10.68 -5.83 -37.84
C ASN C 616 -9.74 -6.94 -38.27
N CYS C 617 -10.23 -7.77 -39.19
CA CYS C 617 -9.42 -8.89 -39.67
C CYS C 617 -8.32 -8.44 -40.62
N THR C 618 -8.28 -7.18 -40.99
CA THR C 618 -7.29 -6.70 -41.93
C THR C 618 -6.01 -6.20 -41.26
N GLU C 619 -5.92 -6.31 -39.94
CA GLU C 619 -4.76 -5.80 -39.22
C GLU C 619 -3.94 -6.90 -38.57
N VAL C 620 -4.30 -8.16 -38.77
CA VAL C 620 -3.80 -9.24 -37.93
C VAL C 620 -2.31 -9.54 -38.15
N PRO C 621 -1.88 -9.99 -39.34
CA PRO C 621 -0.54 -10.59 -39.42
C PRO C 621 0.59 -9.58 -39.32
N VAL C 622 0.40 -8.34 -39.78
CA VAL C 622 1.43 -7.32 -39.58
C VAL C 622 1.49 -6.87 -38.13
N ALA C 623 0.40 -7.00 -37.38
CA ALA C 623 0.38 -6.61 -35.98
C ALA C 623 1.22 -7.56 -35.14
N ILE C 624 0.82 -8.83 -35.09
CA ILE C 624 1.66 -9.82 -34.44
C ILE C 624 2.97 -9.92 -35.19
N HIS C 625 4.03 -10.26 -34.46
CA HIS C 625 5.39 -10.25 -35.02
C HIS C 625 5.64 -11.53 -35.83
N ALA C 626 4.88 -11.67 -36.91
CA ALA C 626 5.01 -12.83 -37.79
C ALA C 626 6.36 -12.87 -38.49
N ASP C 627 7.07 -11.74 -38.55
CA ASP C 627 8.40 -11.73 -39.12
C ASP C 627 9.45 -12.26 -38.15
N GLN C 628 9.12 -12.39 -36.88
CA GLN C 628 10.05 -12.87 -35.87
C GLN C 628 9.62 -14.13 -35.14
N LEU C 629 8.32 -14.46 -35.14
CA LEU C 629 7.81 -15.56 -34.35
C LEU C 629 8.13 -16.90 -35.01
N THR C 630 7.88 -17.97 -34.25
CA THR C 630 8.14 -19.33 -34.71
C THR C 630 7.19 -19.70 -35.85
N PRO C 631 7.67 -20.48 -36.84
CA PRO C 631 6.79 -20.94 -37.92
C PRO C 631 5.55 -21.70 -37.46
N THR C 632 5.43 -21.97 -36.16
CA THR C 632 4.21 -22.54 -35.63
C THR C 632 3.17 -21.47 -35.29
N TRP C 633 3.62 -20.27 -34.89
CA TRP C 633 2.74 -19.12 -34.78
C TRP C 633 2.34 -18.56 -36.14
N ARG C 634 3.03 -18.96 -37.21
CA ARG C 634 2.79 -18.41 -38.53
C ARG C 634 1.49 -18.92 -39.14
N VAL C 635 1.13 -20.18 -38.89
CA VAL C 635 -0.13 -20.70 -39.39
C VAL C 635 -1.31 -20.04 -38.69
N TYR C 636 -1.14 -19.63 -37.43
CA TYR C 636 -2.20 -18.98 -36.67
C TYR C 636 -2.15 -17.47 -36.80
N SER C 637 -1.71 -16.96 -37.95
CA SER C 637 -1.95 -15.58 -38.32
C SER C 637 -2.43 -15.42 -39.74
N THR C 638 -2.40 -16.48 -40.55
CA THR C 638 -2.80 -16.46 -41.95
C THR C 638 -3.79 -17.58 -42.22
N GLY C 639 -4.10 -17.78 -43.49
CA GLY C 639 -4.97 -18.85 -43.93
C GLY C 639 -6.29 -18.33 -44.47
N SER C 640 -7.08 -19.28 -44.95
CA SER C 640 -8.43 -19.00 -45.44
C SER C 640 -9.49 -19.14 -44.36
N ASN C 641 -9.10 -19.49 -43.14
CA ASN C 641 -10.03 -19.78 -42.07
C ASN C 641 -10.11 -18.57 -41.14
N VAL C 642 -11.06 -17.68 -41.43
CA VAL C 642 -11.26 -16.47 -40.63
C VAL C 642 -12.75 -16.17 -40.60
N PHE C 643 -13.28 -15.80 -39.44
CA PHE C 643 -14.70 -15.46 -39.35
C PHE C 643 -14.89 -14.27 -38.42
N GLN C 644 -15.00 -13.08 -39.00
CA GLN C 644 -15.21 -11.87 -38.22
C GLN C 644 -16.50 -11.97 -37.42
N THR C 645 -16.42 -11.55 -36.16
CA THR C 645 -17.58 -11.56 -35.27
C THR C 645 -17.64 -10.26 -34.51
N ARG C 646 -18.83 -9.95 -33.99
CA ARG C 646 -18.97 -8.81 -33.10
C ARG C 646 -18.01 -8.95 -31.93
N ALA C 647 -17.73 -10.19 -31.54
CA ALA C 647 -16.68 -10.44 -30.58
C ALA C 647 -15.35 -10.01 -31.17
N GLY C 648 -14.95 -10.64 -32.27
CA GLY C 648 -13.68 -10.32 -32.87
C GLY C 648 -13.36 -11.12 -34.11
N CYS C 649 -12.09 -11.45 -34.29
CA CYS C 649 -11.64 -12.06 -35.53
C CYS C 649 -11.06 -13.43 -35.26
N LEU C 650 -11.79 -14.27 -34.55
CA LEU C 650 -11.28 -15.60 -34.22
C LEU C 650 -10.86 -16.33 -35.48
N ILE C 651 -9.70 -16.96 -35.42
CA ILE C 651 -9.12 -17.65 -36.56
C ILE C 651 -8.86 -19.08 -36.14
N GLY C 652 -8.99 -20.00 -37.09
CA GLY C 652 -8.90 -21.40 -36.77
C GLY C 652 -10.25 -21.96 -36.42
N ALA C 653 -11.26 -21.55 -37.17
CA ALA C 653 -12.64 -21.89 -36.84
C ALA C 653 -13.39 -22.30 -38.10
N GLU C 654 -14.70 -22.31 -38.03
CA GLU C 654 -15.50 -22.53 -39.23
C GLU C 654 -16.92 -22.07 -38.95
N HIS C 655 -17.39 -21.07 -39.69
CA HIS C 655 -18.74 -20.58 -39.47
C HIS C 655 -19.75 -21.38 -40.29
N VAL C 656 -20.18 -22.48 -39.69
CA VAL C 656 -21.16 -23.36 -40.31
C VAL C 656 -22.52 -22.68 -40.30
N ASN C 657 -23.39 -23.10 -41.22
CA ASN C 657 -24.71 -22.49 -41.36
C ASN C 657 -25.71 -23.07 -40.38
N ASN C 658 -25.34 -24.09 -39.63
CA ASN C 658 -26.30 -24.77 -38.77
C ASN C 658 -26.38 -24.02 -37.44
N SER C 659 -27.02 -24.66 -36.46
CA SER C 659 -27.10 -24.09 -35.13
C SER C 659 -27.21 -25.24 -34.14
N TYR C 660 -26.41 -25.18 -33.09
CA TYR C 660 -26.41 -26.20 -32.07
C TYR C 660 -26.51 -25.52 -30.72
N GLU C 661 -26.50 -26.33 -29.67
CA GLU C 661 -26.51 -25.77 -28.33
C GLU C 661 -25.10 -25.32 -27.97
N CYS C 662 -25.01 -24.31 -27.11
CA CYS C 662 -23.72 -23.69 -26.86
C CYS C 662 -22.80 -24.58 -26.04
N ASP C 663 -21.52 -24.33 -26.20
CA ASP C 663 -20.40 -25.00 -25.57
C ASP C 663 -19.49 -23.83 -25.22
N ILE C 664 -18.17 -24.00 -25.27
CA ILE C 664 -17.25 -22.91 -24.96
C ILE C 664 -17.86 -21.62 -25.47
N PRO C 665 -18.24 -20.73 -24.59
CA PRO C 665 -18.98 -19.54 -25.01
C PRO C 665 -18.05 -18.38 -25.29
N ILE C 666 -18.20 -17.76 -26.46
CA ILE C 666 -17.31 -16.67 -26.83
C ILE C 666 -17.91 -15.35 -26.42
N GLY C 667 -19.05 -15.03 -27.03
CA GLY C 667 -19.68 -13.74 -26.85
C GLY C 667 -20.55 -13.43 -28.04
N ALA C 668 -21.50 -12.52 -27.83
CA ALA C 668 -22.45 -12.14 -28.86
C ALA C 668 -22.97 -13.38 -29.57
N GLY C 669 -23.39 -14.38 -28.81
CA GLY C 669 -23.95 -15.56 -29.43
C GLY C 669 -22.93 -16.57 -29.90
N ILE C 670 -21.98 -16.12 -30.70
CA ILE C 670 -21.08 -17.05 -31.40
C ILE C 670 -20.45 -18.01 -30.42
N CYS C 671 -20.74 -19.30 -30.56
CA CYS C 671 -20.18 -20.31 -29.70
C CYS C 671 -19.21 -21.16 -30.51
N ALA C 672 -18.49 -22.04 -29.84
CA ALA C 672 -17.56 -22.90 -30.57
C ALA C 672 -17.43 -24.23 -29.84
N SER C 673 -17.12 -25.27 -30.61
CA SER C 673 -16.93 -26.61 -30.09
C SER C 673 -16.41 -27.51 -31.19
N TYR C 674 -15.86 -28.65 -30.77
CA TYR C 674 -15.25 -29.64 -31.64
C TYR C 674 -16.34 -30.54 -32.23
N GLN C 675 -16.04 -31.19 -33.35
CA GLN C 675 -17.11 -31.88 -34.06
C GLN C 675 -16.53 -32.82 -35.11
N THR C 676 -17.43 -33.53 -35.78
CA THR C 676 -17.10 -34.42 -36.89
C THR C 676 -17.90 -34.11 -38.15
N SER C 689 -11.54 -34.26 -40.82
CA SER C 689 -12.82 -34.78 -40.35
C SER C 689 -13.20 -34.17 -39.02
N GLN C 690 -12.30 -33.34 -38.47
CA GLN C 690 -12.44 -32.83 -37.11
C GLN C 690 -11.91 -31.42 -37.08
N SER C 691 -12.68 -30.49 -36.51
CA SER C 691 -12.26 -29.10 -36.48
C SER C 691 -13.14 -28.26 -35.57
N ILE C 692 -12.52 -27.35 -34.83
CA ILE C 692 -13.25 -26.37 -34.03
C ILE C 692 -14.21 -25.64 -34.93
N ILE C 693 -15.50 -25.69 -34.62
CA ILE C 693 -16.48 -24.91 -35.37
C ILE C 693 -17.07 -23.85 -34.46
N ALA C 694 -17.40 -22.73 -35.07
CA ALA C 694 -18.15 -21.67 -34.42
C ALA C 694 -19.53 -21.60 -35.05
N TYR C 695 -20.54 -21.45 -34.21
CA TYR C 695 -21.92 -21.48 -34.67
C TYR C 695 -22.74 -20.48 -33.89
N THR C 696 -23.69 -19.86 -34.59
CA THR C 696 -24.69 -19.02 -33.95
C THR C 696 -25.56 -19.89 -33.08
N MET C 697 -25.49 -19.70 -31.77
CA MET C 697 -26.01 -20.71 -30.86
C MET C 697 -27.52 -20.84 -31.02
N SER C 698 -28.01 -22.00 -30.63
CA SER C 698 -29.44 -22.30 -30.68
C SER C 698 -30.00 -22.28 -29.28
N LEU C 699 -31.21 -21.75 -29.14
CA LEU C 699 -31.79 -21.57 -27.83
C LEU C 699 -32.52 -22.82 -27.35
N GLY C 700 -32.94 -23.67 -28.27
CA GLY C 700 -33.65 -24.88 -27.91
C GLY C 700 -34.55 -25.29 -29.05
N ALA C 701 -35.17 -26.45 -28.87
CA ALA C 701 -36.09 -26.97 -29.88
C ALA C 701 -37.32 -26.08 -29.91
N GLU C 702 -37.83 -25.84 -31.10
CA GLU C 702 -39.05 -25.05 -31.23
C GLU C 702 -40.26 -25.92 -30.93
N ASN C 703 -41.11 -25.46 -30.03
CA ASN C 703 -42.33 -26.17 -29.68
C ASN C 703 -43.54 -25.31 -30.03
N SER C 704 -44.71 -25.93 -29.96
CA SER C 704 -45.95 -25.16 -30.02
C SER C 704 -47.06 -25.90 -29.30
N VAL C 705 -47.31 -25.53 -28.06
CA VAL C 705 -48.44 -26.08 -27.33
C VAL C 705 -49.70 -25.72 -28.06
N ALA C 706 -50.20 -26.74 -28.73
CA ALA C 706 -51.34 -26.63 -29.60
C ALA C 706 -52.50 -26.36 -28.76
N TYR C 707 -52.77 -25.10 -28.50
CA TYR C 707 -53.87 -24.82 -27.63
C TYR C 707 -54.97 -24.36 -28.44
N SER C 708 -56.13 -24.84 -28.14
CA SER C 708 -57.24 -24.33 -28.86
C SER C 708 -58.00 -23.46 -27.93
N ASN C 709 -59.28 -23.30 -28.20
CA ASN C 709 -59.99 -22.43 -27.35
C ASN C 709 -60.66 -23.16 -26.28
N ASN C 710 -60.86 -24.46 -26.46
CA ASN C 710 -61.51 -25.21 -25.42
C ASN C 710 -60.95 -26.57 -25.10
N SER C 711 -59.66 -26.78 -25.22
CA SER C 711 -59.14 -28.09 -24.93
C SER C 711 -58.10 -28.13 -23.89
N ILE C 712 -58.42 -28.73 -22.76
CA ILE C 712 -57.56 -28.86 -21.61
C ILE C 712 -56.78 -30.13 -21.74
N ALA C 713 -55.60 -30.24 -21.15
CA ALA C 713 -54.84 -31.45 -21.26
C ALA C 713 -54.39 -31.92 -19.93
N ILE C 714 -54.78 -33.11 -19.56
CA ILE C 714 -54.48 -33.70 -18.28
C ILE C 714 -53.35 -34.69 -18.43
N PRO C 715 -52.45 -34.77 -17.45
CA PRO C 715 -51.32 -35.66 -17.38
C PRO C 715 -51.81 -36.91 -16.77
N THR C 716 -51.50 -38.07 -17.29
CA THR C 716 -52.05 -39.24 -16.70
C THR C 716 -51.16 -40.23 -16.01
N ASN C 717 -49.94 -39.88 -15.67
CA ASN C 717 -49.02 -40.77 -14.98
C ASN C 717 -47.95 -39.88 -14.41
N PHE C 718 -47.36 -40.28 -13.31
CA PHE C 718 -46.42 -39.38 -12.67
C PHE C 718 -45.08 -39.95 -12.29
N THR C 719 -44.00 -39.31 -12.71
CA THR C 719 -42.68 -39.88 -12.46
C THR C 719 -41.98 -39.10 -11.34
N ILE C 720 -41.65 -39.80 -10.25
CA ILE C 720 -41.01 -39.17 -9.13
C ILE C 720 -39.52 -39.06 -9.29
N SER C 721 -39.03 -37.93 -9.74
CA SER C 721 -37.61 -37.70 -9.87
C SER C 721 -37.05 -37.32 -8.51
N VAL C 722 -35.73 -37.32 -8.43
CA VAL C 722 -35.02 -36.85 -7.25
C VAL C 722 -33.81 -36.07 -7.72
N THR C 723 -33.76 -34.79 -7.36
CA THR C 723 -32.73 -33.92 -7.86
C THR C 723 -31.80 -33.50 -6.73
N THR C 724 -30.73 -32.81 -7.11
CA THR C 724 -29.65 -32.50 -6.19
C THR C 724 -29.40 -31.00 -6.22
N GLU C 725 -28.83 -30.50 -5.14
CA GLU C 725 -28.47 -29.09 -5.09
C GLU C 725 -27.38 -28.87 -4.05
N ILE C 726 -26.24 -28.33 -4.44
CA ILE C 726 -25.07 -28.28 -3.58
C ILE C 726 -24.83 -26.83 -3.20
N LEU C 727 -24.88 -26.53 -1.91
CA LEU C 727 -24.69 -25.16 -1.47
C LEU C 727 -23.47 -25.03 -0.60
N PRO C 728 -22.60 -24.07 -0.90
CA PRO C 728 -21.47 -23.79 -0.01
C PRO C 728 -21.98 -23.16 1.27
N VAL C 729 -21.37 -23.56 2.38
CA VAL C 729 -21.86 -23.08 3.66
C VAL C 729 -20.76 -22.34 4.40
N SER C 730 -19.65 -23.00 4.61
CA SER C 730 -18.57 -22.42 5.39
C SER C 730 -17.27 -22.54 4.61
N MET C 731 -16.27 -21.76 5.04
CA MET C 731 -14.97 -21.86 4.43
C MET C 731 -13.92 -21.87 5.53
N THR C 732 -12.67 -21.97 5.11
CA THR C 732 -11.59 -22.23 6.06
C THR C 732 -11.28 -21.00 6.89
N LYS C 733 -11.23 -21.17 8.20
CA LYS C 733 -10.89 -20.10 9.11
C LYS C 733 -9.37 -19.97 9.17
N THR C 734 -8.85 -18.89 8.61
CA THR C 734 -7.41 -18.65 8.65
C THR C 734 -7.11 -17.44 9.51
N SER C 735 -5.85 -17.32 9.88
CA SER C 735 -5.39 -16.14 10.61
C SER C 735 -3.94 -15.90 10.27
N VAL C 736 -3.57 -14.63 10.36
CA VAL C 736 -2.23 -14.29 10.02
C VAL C 736 -1.66 -13.13 10.81
N ASP C 737 -0.74 -13.49 11.69
CA ASP C 737 -0.07 -12.57 12.55
C ASP C 737 0.63 -11.59 11.66
N CYS C 738 0.48 -10.32 11.93
CA CYS C 738 1.11 -9.32 11.13
C CYS C 738 2.65 -9.32 11.25
N THR C 739 3.13 -8.95 12.41
CA THR C 739 4.50 -8.74 12.67
C THR C 739 5.33 -9.93 12.43
N MET C 740 4.68 -11.07 12.29
CA MET C 740 5.41 -12.26 11.96
C MET C 740 5.43 -12.43 10.46
N TYR C 741 4.72 -11.58 9.73
CA TYR C 741 4.72 -11.66 8.33
C TYR C 741 5.72 -10.63 7.93
N ILE C 742 5.33 -9.37 8.04
CA ILE C 742 6.04 -8.17 7.62
C ILE C 742 7.50 -8.26 8.04
N CYS C 743 7.76 -8.33 9.33
CA CYS C 743 9.13 -8.33 9.85
C CYS C 743 9.42 -9.67 10.52
N GLY C 744 9.79 -10.65 9.72
CA GLY C 744 10.02 -11.98 10.24
C GLY C 744 11.35 -12.12 10.94
N ASP C 745 11.31 -12.25 12.27
CA ASP C 745 12.51 -12.48 13.07
C ASP C 745 13.56 -11.38 12.84
N SER C 746 13.14 -10.14 13.11
CA SER C 746 14.01 -8.99 12.93
C SER C 746 13.55 -7.87 13.84
N THR C 747 14.33 -7.56 14.86
CA THR C 747 13.95 -6.50 15.78
C THR C 747 14.14 -5.11 15.20
N GLU C 748 15.11 -4.93 14.31
CA GLU C 748 15.25 -3.64 13.64
C GLU C 748 14.05 -3.32 12.77
N CYS C 749 13.43 -4.33 12.18
CA CYS C 749 12.23 -4.12 11.39
C CYS C 749 11.01 -3.85 12.26
N SER C 750 10.91 -4.53 13.39
CA SER C 750 9.75 -4.37 14.26
C SER C 750 9.63 -2.93 14.74
N ASN C 751 10.74 -2.31 15.10
CA ASN C 751 10.69 -0.95 15.60
C ASN C 751 10.27 0.03 14.50
N LEU C 752 10.68 -0.21 13.26
CA LEU C 752 10.17 0.60 12.18
C LEU C 752 8.69 0.38 11.97
N LEU C 753 8.22 -0.84 12.20
CA LEU C 753 6.81 -1.14 12.00
C LEU C 753 5.91 -0.40 12.98
N LEU C 754 6.36 -0.20 14.22
CA LEU C 754 5.56 0.56 15.17
C LEU C 754 5.22 1.92 14.65
N GLN C 755 6.09 2.47 13.84
CA GLN C 755 5.95 3.85 13.44
C GLN C 755 4.61 4.08 12.75
N TYR C 756 4.16 3.16 11.91
CA TYR C 756 2.93 3.34 11.18
C TYR C 756 1.72 3.43 12.09
N GLY C 757 1.77 2.83 13.26
CA GLY C 757 0.64 2.95 14.17
C GLY C 757 -0.29 1.77 14.08
N SER C 758 -1.50 1.92 14.60
CA SER C 758 -2.42 0.80 14.66
C SER C 758 -2.84 0.38 13.28
N PHE C 759 -2.25 -0.71 12.78
CA PHE C 759 -2.60 -1.21 11.44
C PHE C 759 -2.75 -2.72 11.46
N CYS C 760 -2.03 -3.34 12.40
CA CYS C 760 -2.03 -4.77 12.60
C CYS C 760 -3.32 -5.20 13.30
N THR C 761 -3.63 -4.43 14.33
CA THR C 761 -4.79 -4.59 15.18
C THR C 761 -6.05 -4.59 14.33
N GLN C 762 -6.15 -3.65 13.40
CA GLN C 762 -7.31 -3.57 12.52
C GLN C 762 -7.45 -4.84 11.70
N LEU C 763 -6.34 -5.24 11.10
CA LEU C 763 -6.34 -6.39 10.21
C LEU C 763 -6.78 -7.64 10.95
N ASN C 764 -6.10 -7.92 12.06
CA ASN C 764 -6.44 -9.07 12.89
C ASN C 764 -7.89 -9.03 13.31
N ARG C 765 -8.37 -7.85 13.71
CA ARG C 765 -9.76 -7.73 14.10
C ARG C 765 -10.69 -8.15 12.99
N ALA C 766 -10.46 -7.61 11.80
CA ALA C 766 -11.36 -7.88 10.69
C ALA C 766 -11.35 -9.37 10.36
N LEU C 767 -10.16 -9.94 10.27
CA LEU C 767 -10.05 -11.35 9.91
C LEU C 767 -10.72 -12.23 10.96
N THR C 768 -10.56 -11.84 12.23
CA THR C 768 -11.19 -12.58 13.31
C THR C 768 -12.71 -12.53 13.20
N GLY C 769 -13.24 -11.34 12.92
CA GLY C 769 -14.67 -11.19 12.77
C GLY C 769 -15.18 -12.09 11.68
N ILE C 770 -14.42 -12.13 10.59
CA ILE C 770 -14.71 -13.07 9.52
C ILE C 770 -14.85 -14.46 10.09
N ALA C 771 -13.82 -14.94 10.78
CA ALA C 771 -13.82 -16.30 11.28
C ALA C 771 -15.05 -16.57 12.14
N VAL C 772 -15.38 -15.63 13.00
CA VAL C 772 -16.50 -15.81 13.91
C VAL C 772 -17.78 -16.04 13.12
N GLU C 773 -18.02 -15.17 12.15
CA GLU C 773 -19.22 -15.33 11.34
C GLU C 773 -19.17 -16.63 10.54
N GLN C 774 -17.98 -16.97 10.07
CA GLN C 774 -17.75 -18.11 9.21
C GLN C 774 -17.99 -19.39 10.00
N ASP C 775 -18.06 -19.24 11.30
CA ASP C 775 -18.56 -20.35 12.11
C ASP C 775 -20.04 -20.22 12.42
N LYS C 776 -20.54 -19.02 12.65
CA LYS C 776 -21.97 -18.87 12.90
C LYS C 776 -22.80 -19.49 11.80
N ASN C 777 -22.28 -19.51 10.58
CA ASN C 777 -23.01 -20.11 9.47
C ASN C 777 -23.42 -21.54 9.75
N THR C 778 -22.47 -22.37 10.18
CA THR C 778 -22.78 -23.79 10.33
C THR C 778 -23.86 -24.02 11.36
N GLN C 779 -23.80 -23.29 12.48
CA GLN C 779 -24.85 -23.50 13.46
C GLN C 779 -26.18 -23.04 12.90
N GLU C 780 -26.19 -21.99 12.08
CA GLU C 780 -27.46 -21.59 11.47
C GLU C 780 -28.03 -22.72 10.64
N VAL C 781 -27.20 -23.35 9.82
CA VAL C 781 -27.73 -24.38 8.95
C VAL C 781 -28.13 -25.62 9.72
N PHE C 782 -27.19 -26.21 10.46
CA PHE C 782 -27.40 -27.57 10.92
C PHE C 782 -28.01 -27.69 12.31
N ALA C 783 -28.02 -26.62 13.11
CA ALA C 783 -28.54 -26.72 14.46
C ALA C 783 -29.96 -26.20 14.55
N GLN C 784 -30.86 -26.88 13.87
CA GLN C 784 -32.27 -26.50 13.84
C GLN C 784 -33.16 -27.45 14.62
N VAL C 785 -32.58 -28.41 15.31
CA VAL C 785 -33.35 -29.31 16.17
C VAL C 785 -32.62 -29.46 17.49
N LYS C 786 -33.38 -29.51 18.58
CA LYS C 786 -32.80 -29.63 19.90
C LYS C 786 -33.03 -30.99 20.52
N GLN C 787 -33.57 -31.93 19.78
CA GLN C 787 -33.61 -33.31 20.19
C GLN C 787 -32.76 -34.11 19.22
N ILE C 788 -32.22 -35.22 19.68
CA ILE C 788 -31.51 -36.12 18.81
C ILE C 788 -32.37 -37.37 18.65
N TYR C 789 -32.94 -37.52 17.47
CA TYR C 789 -33.83 -38.61 17.19
C TYR C 789 -33.06 -39.77 16.58
N LYS C 790 -33.47 -40.99 16.91
CA LYS C 790 -32.72 -42.14 16.39
C LYS C 790 -33.60 -42.85 15.38
N THR C 791 -33.18 -42.89 14.12
CA THR C 791 -33.95 -43.66 13.13
C THR C 791 -34.50 -44.91 13.82
N PRO C 792 -35.81 -45.17 13.78
CA PRO C 792 -36.34 -46.30 14.51
C PRO C 792 -35.43 -47.49 14.26
N PRO C 793 -35.19 -48.34 15.27
CA PRO C 793 -34.27 -49.46 15.11
C PRO C 793 -34.48 -50.17 13.77
N ILE C 794 -35.72 -50.54 13.48
CA ILE C 794 -36.03 -51.32 12.25
C ILE C 794 -36.00 -50.42 11.02
N LYS C 795 -36.66 -50.85 9.95
CA LYS C 795 -36.70 -50.05 8.70
C LYS C 795 -37.92 -50.51 7.88
N ASP C 796 -39.10 -50.51 8.49
CA ASP C 796 -40.34 -50.88 7.77
C ASP C 796 -40.98 -49.62 7.19
N PHE C 797 -40.17 -48.64 6.81
CA PHE C 797 -40.70 -47.42 6.17
C PHE C 797 -41.46 -47.85 4.91
N GLY C 798 -42.68 -48.33 5.08
CA GLY C 798 -43.52 -48.77 3.95
C GLY C 798 -42.79 -48.79 2.63
N GLY C 799 -42.19 -49.91 2.28
CA GLY C 799 -41.55 -50.06 0.95
C GLY C 799 -40.37 -49.13 0.78
N PHE C 800 -40.60 -47.82 0.85
CA PHE C 800 -39.50 -46.87 0.55
C PHE C 800 -38.22 -47.34 1.23
N ASN C 801 -37.14 -47.51 0.47
CA ASN C 801 -35.85 -47.86 1.10
C ASN C 801 -35.00 -46.59 1.17
N PHE C 802 -34.31 -46.39 2.28
CA PHE C 802 -33.51 -45.16 2.44
C PHE C 802 -32.11 -45.54 2.90
N SER C 803 -31.82 -46.84 2.95
CA SER C 803 -30.50 -47.23 3.50
C SER C 803 -29.43 -46.38 2.83
N GLN C 804 -29.75 -45.82 1.68
CA GLN C 804 -28.71 -45.10 0.99
C GLN C 804 -28.53 -43.71 1.55
N ILE C 805 -29.25 -43.36 2.61
CA ILE C 805 -28.97 -42.10 3.30
C ILE C 805 -28.90 -42.28 4.81
N LEU C 806 -29.43 -43.39 5.32
CA LEU C 806 -29.35 -43.60 6.75
C LEU C 806 -27.95 -44.07 7.13
N PRO C 807 -27.44 -43.64 8.26
CA PRO C 807 -26.11 -44.10 8.70
C PRO C 807 -26.08 -45.59 8.95
N ASP C 808 -24.97 -46.21 8.57
CA ASP C 808 -24.77 -47.63 8.82
C ASP C 808 -23.81 -47.80 9.98
N PRO C 809 -24.18 -48.52 11.04
CA PRO C 809 -23.34 -48.56 12.24
C PRO C 809 -22.01 -49.25 12.00
N SER C 810 -21.92 -50.17 11.05
CA SER C 810 -20.70 -50.93 10.82
C SER C 810 -19.74 -50.07 10.02
N LYS C 811 -19.17 -49.09 10.69
CA LYS C 811 -18.27 -48.13 10.06
C LYS C 811 -17.55 -47.33 11.14
N PRO C 812 -16.29 -46.98 10.91
CA PRO C 812 -15.59 -46.11 11.87
C PRO C 812 -16.37 -44.86 12.18
N SER C 813 -16.67 -44.08 11.14
CA SER C 813 -17.58 -42.97 11.30
C SER C 813 -19.02 -43.47 11.28
N LYS C 814 -19.94 -42.56 11.53
CA LYS C 814 -21.36 -42.88 11.53
C LYS C 814 -22.04 -42.25 10.33
N ARG C 815 -21.39 -42.30 9.17
CA ARG C 815 -21.94 -41.70 7.98
C ARG C 815 -22.81 -42.70 7.22
N SER C 816 -23.26 -42.29 6.05
CA SER C 816 -24.14 -43.08 5.20
C SER C 816 -23.42 -43.27 3.88
N PRO C 817 -23.86 -44.17 3.00
CA PRO C 817 -23.05 -44.45 1.80
C PRO C 817 -22.94 -43.25 0.87
N ILE C 818 -24.03 -42.52 0.69
CA ILE C 818 -23.95 -41.33 -0.14
C ILE C 818 -23.01 -40.31 0.48
N GLU C 819 -23.06 -40.17 1.80
CA GLU C 819 -22.13 -39.27 2.47
C GLU C 819 -20.69 -39.67 2.20
N ASP C 820 -20.41 -40.97 2.25
CA ASP C 820 -19.04 -41.42 2.04
C ASP C 820 -18.60 -41.20 0.59
N LEU C 821 -19.49 -41.45 -0.36
CA LEU C 821 -19.18 -41.08 -1.74
C LEU C 821 -18.89 -39.60 -1.84
N LEU C 822 -19.54 -38.82 -0.99
CA LEU C 822 -19.45 -37.37 -1.09
C LEU C 822 -18.15 -36.86 -0.49
N PHE C 823 -17.71 -37.45 0.61
CA PHE C 823 -16.50 -37.01 1.30
C PHE C 823 -15.23 -37.45 0.60
N ASN C 824 -15.32 -38.21 -0.47
CA ASN C 824 -14.14 -38.65 -1.18
C ASN C 824 -13.96 -37.97 -2.53
N LYS C 825 -14.96 -37.24 -3.00
CA LYS C 825 -14.87 -36.53 -4.26
C LYS C 825 -14.44 -35.09 -4.11
N VAL C 826 -14.40 -34.57 -2.90
CA VAL C 826 -13.88 -33.23 -2.63
C VAL C 826 -12.48 -33.39 -2.08
N THR C 827 -11.49 -32.97 -2.85
CA THR C 827 -10.10 -33.19 -2.50
C THR C 827 -9.30 -31.93 -2.73
N LEU C 828 -8.19 -31.83 -2.01
CA LEU C 828 -7.10 -30.94 -2.36
C LEU C 828 -5.92 -31.74 -2.90
N ALA C 829 -6.23 -32.92 -3.47
CA ALA C 829 -5.20 -33.70 -4.15
C ALA C 829 -4.62 -32.91 -5.32
N ASP C 830 -5.48 -32.24 -6.09
CA ASP C 830 -5.00 -31.22 -7.00
C ASP C 830 -4.33 -30.11 -6.21
N ALA C 831 -3.28 -29.53 -6.79
CA ALA C 831 -2.37 -28.69 -6.02
C ALA C 831 -3.08 -27.50 -5.40
N GLY C 832 -2.68 -27.18 -4.18
CA GLY C 832 -3.18 -26.01 -3.47
C GLY C 832 -2.15 -25.58 -2.47
N PHE C 833 -2.61 -24.91 -1.41
CA PHE C 833 -1.73 -24.47 -0.35
C PHE C 833 -2.14 -24.96 1.03
N ILE C 834 -3.41 -25.29 1.23
CA ILE C 834 -3.83 -25.82 2.52
C ILE C 834 -3.48 -27.30 2.62
N LYS C 835 -3.18 -27.94 1.49
CA LYS C 835 -2.81 -29.36 1.51
C LYS C 835 -1.50 -29.58 2.25
N GLN C 836 -0.50 -28.72 2.04
CA GLN C 836 0.76 -28.92 2.73
C GLN C 836 0.65 -28.61 4.22
N TYR C 837 -0.42 -27.95 4.64
CA TYR C 837 -0.74 -27.88 6.06
C TYR C 837 -1.27 -29.21 6.58
N GLY C 838 -1.56 -30.16 5.69
CA GLY C 838 -2.09 -31.46 6.08
C GLY C 838 -1.19 -32.26 6.99
N ASP C 839 0.02 -31.77 7.28
CA ASP C 839 0.85 -32.39 8.31
C ASP C 839 0.17 -32.34 9.67
N CYS C 840 -0.79 -31.43 9.85
CA CYS C 840 -1.53 -31.31 11.10
C CYS C 840 -2.93 -31.88 11.00
N LEU C 841 -3.55 -31.82 9.82
CA LEU C 841 -4.87 -32.37 9.61
C LEU C 841 -4.85 -33.89 9.68
N CYS C 851 2.23 -31.31 14.55
CA CYS C 851 1.26 -30.54 13.79
C CYS C 851 1.97 -29.89 12.60
N ALA C 852 3.19 -29.44 12.83
CA ALA C 852 4.03 -28.87 11.78
C ALA C 852 3.31 -27.73 11.07
N GLN C 853 3.11 -26.64 11.83
CA GLN C 853 2.39 -25.46 11.37
C GLN C 853 2.92 -25.04 10.01
N LYS C 854 2.14 -24.29 9.22
CA LYS C 854 2.57 -24.02 7.87
C LYS C 854 3.94 -23.35 7.82
N PHE C 855 3.98 -22.03 8.00
CA PHE C 855 5.08 -21.09 7.73
C PHE C 855 4.73 -19.72 8.27
N ASN C 856 5.33 -18.68 7.68
CA ASN C 856 5.21 -17.33 8.19
C ASN C 856 3.83 -16.96 8.70
N GLY C 857 3.71 -17.01 10.00
CA GLY C 857 2.57 -16.44 10.68
C GLY C 857 1.22 -16.41 10.05
N LEU C 858 0.79 -17.55 9.53
CA LEU C 858 -0.54 -17.61 8.97
C LEU C 858 -1.08 -18.92 9.43
N THR C 859 -2.11 -18.90 10.25
CA THR C 859 -2.65 -20.14 10.77
C THR C 859 -4.00 -20.50 10.24
N VAL C 860 -4.46 -21.67 10.61
CA VAL C 860 -5.78 -22.11 10.19
C VAL C 860 -6.49 -22.67 11.42
N LEU C 861 -7.36 -21.88 12.00
CA LEU C 861 -8.07 -22.33 13.17
C LEU C 861 -9.04 -23.44 12.80
N PRO C 862 -9.26 -24.40 13.67
CA PRO C 862 -10.14 -25.51 13.35
C PRO C 862 -11.59 -25.14 13.58
N PRO C 863 -12.53 -25.85 12.97
CA PRO C 863 -13.94 -25.52 13.15
C PRO C 863 -14.42 -25.88 14.55
N LEU C 864 -15.52 -25.23 14.94
CA LEU C 864 -16.10 -25.54 16.25
C LEU C 864 -16.80 -26.88 16.24
N LEU C 865 -17.46 -27.22 15.15
CA LEU C 865 -18.18 -28.49 15.02
C LEU C 865 -17.39 -29.45 14.17
N THR C 866 -17.11 -30.63 14.71
CA THR C 866 -16.40 -31.64 13.95
C THR C 866 -17.36 -32.37 13.02
N ASP C 867 -16.81 -33.17 12.13
CA ASP C 867 -17.64 -33.82 11.12
C ASP C 867 -18.58 -34.82 11.75
N GLU C 868 -18.15 -35.51 12.80
CA GLU C 868 -19.06 -36.44 13.44
C GLU C 868 -20.25 -35.72 14.03
N MET C 869 -20.04 -34.53 14.59
CA MET C 869 -21.17 -33.76 15.10
C MET C 869 -22.13 -33.38 13.99
N ILE C 870 -21.60 -32.96 12.85
CA ILE C 870 -22.49 -32.57 11.77
C ILE C 870 -23.24 -33.79 11.25
N ALA C 871 -22.59 -34.93 11.20
CA ALA C 871 -23.30 -36.15 10.85
C ALA C 871 -24.42 -36.41 11.83
N GLN C 872 -24.16 -36.17 13.11
CA GLN C 872 -25.21 -36.35 14.11
C GLN C 872 -26.37 -35.39 13.86
N TYR C 873 -26.06 -34.14 13.53
CA TYR C 873 -27.13 -33.18 13.25
C TYR C 873 -27.96 -33.59 12.04
N THR C 874 -27.29 -33.86 10.93
CA THR C 874 -28.03 -34.27 9.75
C THR C 874 -28.87 -35.48 10.09
N SER C 875 -28.25 -36.51 10.65
CA SER C 875 -28.96 -37.72 11.01
C SER C 875 -30.20 -37.42 11.83
N ALA C 876 -30.10 -36.45 12.74
CA ALA C 876 -31.28 -36.00 13.44
C ALA C 876 -32.32 -35.57 12.42
N LEU C 877 -31.98 -34.56 11.61
CA LEU C 877 -32.94 -34.00 10.67
C LEU C 877 -33.60 -35.06 9.80
N LEU C 878 -32.79 -35.95 9.24
CA LEU C 878 -33.34 -37.06 8.48
C LEU C 878 -34.33 -37.85 9.32
N ALA C 879 -33.88 -38.40 10.45
CA ALA C 879 -34.78 -39.22 11.26
C ALA C 879 -36.08 -38.50 11.56
N GLY C 880 -35.99 -37.21 11.82
CA GLY C 880 -37.16 -36.41 12.06
C GLY C 880 -38.10 -36.45 10.87
N THR C 881 -37.56 -36.17 9.68
CA THR C 881 -38.40 -36.19 8.49
C THR C 881 -38.97 -37.57 8.26
N ILE C 882 -38.12 -38.58 8.29
CA ILE C 882 -38.50 -39.96 8.05
C ILE C 882 -39.67 -40.33 8.93
N THR C 883 -39.49 -40.25 10.23
CA THR C 883 -40.58 -40.62 11.12
C THR C 883 -41.58 -39.50 11.29
N SER C 884 -41.13 -38.39 11.85
CA SER C 884 -42.09 -37.43 12.36
C SER C 884 -42.56 -36.44 11.31
N GLY C 885 -42.45 -36.86 10.08
CA GLY C 885 -42.91 -36.05 8.99
C GLY C 885 -42.35 -34.67 8.94
N TRP C 886 -43.16 -33.71 8.58
CA TRP C 886 -42.70 -32.36 8.46
C TRP C 886 -43.00 -31.59 9.68
N THR C 887 -43.63 -32.27 10.64
CA THR C 887 -44.08 -31.66 11.89
C THR C 887 -43.21 -32.08 13.06
N PHE C 888 -41.95 -32.36 12.77
CA PHE C 888 -40.98 -32.72 13.80
C PHE C 888 -40.32 -31.46 14.34
N GLY C 889 -40.57 -30.32 13.69
CA GLY C 889 -40.00 -29.06 14.08
C GLY C 889 -40.94 -28.04 14.69
N ALA C 890 -42.27 -28.16 14.52
CA ALA C 890 -43.09 -27.13 15.13
C ALA C 890 -43.52 -27.49 16.55
N GLY C 891 -42.79 -28.32 17.25
CA GLY C 891 -43.17 -28.62 18.59
C GLY C 891 -42.59 -29.93 18.97
N PRO C 892 -43.19 -30.57 19.91
CA PRO C 892 -42.68 -31.87 20.27
C PRO C 892 -43.08 -32.67 19.07
N ALA C 893 -42.16 -33.27 18.35
CA ALA C 893 -42.55 -33.97 17.15
C ALA C 893 -43.30 -35.25 17.34
N LEU C 894 -44.41 -35.48 16.64
CA LEU C 894 -45.21 -36.70 16.79
C LEU C 894 -45.00 -37.56 15.61
N GLN C 895 -44.95 -38.87 15.79
CA GLN C 895 -44.69 -39.79 14.69
C GLN C 895 -45.95 -40.41 14.08
N ILE C 896 -45.85 -40.71 12.80
CA ILE C 896 -46.93 -41.33 12.05
C ILE C 896 -46.29 -42.24 11.01
N PRO C 897 -46.97 -43.35 10.68
CA PRO C 897 -46.43 -44.29 9.68
C PRO C 897 -46.09 -43.58 8.38
N PHE C 898 -44.83 -43.68 7.96
CA PHE C 898 -44.35 -43.07 6.74
C PHE C 898 -45.23 -42.86 5.55
N PRO C 899 -45.80 -43.91 5.00
CA PRO C 899 -46.66 -43.82 3.83
C PRO C 899 -47.72 -42.74 3.99
N MET C 900 -48.33 -42.69 5.17
CA MET C 900 -49.34 -41.66 5.41
C MET C 900 -48.75 -40.27 5.29
N GLN C 901 -47.53 -40.09 5.81
CA GLN C 901 -46.92 -38.78 5.70
C GLN C 901 -46.80 -38.39 4.24
N MET C 902 -46.35 -39.34 3.44
CA MET C 902 -46.29 -39.09 2.01
C MET C 902 -47.64 -38.66 1.50
N ALA C 903 -48.69 -39.36 1.92
CA ALA C 903 -50.03 -39.09 1.44
C ALA C 903 -50.40 -37.65 1.69
N TYR C 904 -50.11 -37.19 2.90
CA TYR C 904 -50.33 -35.79 3.24
C TYR C 904 -49.61 -34.89 2.24
N ARG C 905 -48.36 -35.23 1.98
CA ARG C 905 -47.56 -34.36 1.13
C ARG C 905 -48.17 -34.27 -0.26
N PHE C 906 -48.66 -35.40 -0.77
CA PHE C 906 -49.37 -35.38 -2.04
C PHE C 906 -50.56 -34.45 -1.98
N ASN C 907 -51.36 -34.62 -0.94
CA ASN C 907 -52.59 -33.86 -0.80
C ASN C 907 -52.24 -32.39 -0.92
N GLY C 908 -51.15 -32.01 -0.28
CA GLY C 908 -50.68 -30.64 -0.36
C GLY C 908 -50.06 -30.29 -1.70
N ILE C 909 -50.20 -31.15 -2.70
CA ILE C 909 -49.72 -30.83 -4.03
C ILE C 909 -50.94 -30.72 -4.94
N GLY C 910 -51.99 -31.45 -4.63
CA GLY C 910 -53.12 -31.44 -5.57
C GLY C 910 -53.21 -32.79 -6.23
N VAL C 911 -53.42 -33.82 -5.43
CA VAL C 911 -53.55 -35.21 -5.94
C VAL C 911 -54.17 -35.94 -4.77
N THR C 912 -55.44 -36.32 -4.86
CA THR C 912 -56.15 -36.95 -3.70
C THR C 912 -55.35 -38.15 -3.16
N GLN C 913 -55.47 -38.40 -1.84
CA GLN C 913 -54.75 -39.55 -1.20
C GLN C 913 -55.21 -40.86 -1.85
N ASN C 914 -56.33 -40.85 -2.55
CA ASN C 914 -56.83 -42.08 -3.25
C ASN C 914 -55.91 -42.39 -4.43
N VAL C 915 -54.63 -42.04 -4.31
CA VAL C 915 -53.65 -42.27 -5.42
C VAL C 915 -52.40 -42.94 -4.84
N LEU C 916 -51.46 -42.14 -4.30
CA LEU C 916 -50.19 -42.69 -3.77
C LEU C 916 -50.44 -44.07 -3.16
N TYR C 917 -51.36 -44.18 -2.20
CA TYR C 917 -51.62 -45.46 -1.50
C TYR C 917 -51.79 -46.59 -2.52
N GLU C 918 -52.70 -46.42 -3.48
CA GLU C 918 -53.00 -47.51 -4.45
C GLU C 918 -51.86 -47.68 -5.45
N ASN C 919 -50.74 -46.96 -5.25
CA ASN C 919 -49.55 -47.16 -6.13
C ASN C 919 -48.30 -47.21 -5.26
N GLN C 920 -48.50 -47.50 -3.99
CA GLN C 920 -47.46 -47.60 -3.04
C GLN C 920 -46.24 -48.32 -3.51
N LYS C 921 -46.32 -49.53 -4.01
CA LYS C 921 -45.10 -50.17 -4.44
C LYS C 921 -44.56 -49.47 -5.64
N LEU C 922 -45.43 -49.14 -6.57
CA LEU C 922 -45.05 -48.53 -7.83
C LEU C 922 -44.59 -47.13 -7.69
N ILE C 923 -44.71 -46.60 -6.48
CA ILE C 923 -44.29 -45.23 -6.20
C ILE C 923 -42.95 -45.40 -5.51
N ALA C 924 -42.94 -46.40 -4.65
CA ALA C 924 -41.76 -46.81 -3.90
C ALA C 924 -40.66 -47.11 -4.88
N ASN C 925 -40.90 -48.12 -5.72
CA ASN C 925 -39.95 -48.53 -6.75
C ASN C 925 -39.27 -47.34 -7.39
N GLN C 926 -40.07 -46.36 -7.81
CA GLN C 926 -39.51 -45.16 -8.41
C GLN C 926 -38.55 -44.47 -7.45
N PHE C 927 -39.02 -44.19 -6.24
CA PHE C 927 -38.20 -43.48 -5.27
C PHE C 927 -36.85 -44.15 -5.11
N ASN C 928 -36.90 -45.46 -4.95
CA ASN C 928 -35.75 -46.26 -4.57
C ASN C 928 -34.74 -46.24 -5.69
N SER C 929 -35.20 -46.66 -6.86
CA SER C 929 -34.35 -46.63 -8.04
C SER C 929 -33.71 -45.27 -8.23
N ALA C 930 -34.49 -44.21 -8.04
CA ALA C 930 -33.99 -42.87 -8.32
C ALA C 930 -32.89 -42.46 -7.35
N ILE C 931 -33.03 -42.84 -6.09
CA ILE C 931 -31.96 -42.60 -5.13
C ILE C 931 -30.70 -43.27 -5.65
N GLY C 932 -30.87 -44.47 -6.17
CA GLY C 932 -29.75 -45.16 -6.78
C GLY C 932 -29.03 -44.27 -7.79
N LYS C 933 -29.82 -43.59 -8.63
CA LYS C 933 -29.21 -42.69 -9.59
C LYS C 933 -28.45 -41.57 -8.89
N ILE C 934 -29.06 -40.92 -7.91
CA ILE C 934 -28.34 -39.82 -7.26
C ILE C 934 -26.95 -40.28 -6.89
N GLN C 935 -26.86 -41.47 -6.32
CA GLN C 935 -25.54 -42.05 -6.12
C GLN C 935 -24.76 -41.99 -7.42
N ASP C 936 -25.26 -42.68 -8.45
CA ASP C 936 -24.43 -42.92 -9.63
C ASP C 936 -23.95 -41.61 -10.27
N SER C 937 -24.86 -40.66 -10.43
CA SER C 937 -24.51 -39.36 -10.98
C SER C 937 -23.51 -38.62 -10.11
N LEU C 938 -23.46 -38.92 -8.81
CA LEU C 938 -22.40 -38.40 -7.97
C LEU C 938 -21.47 -39.48 -7.46
N SER C 939 -21.32 -40.57 -8.22
CA SER C 939 -20.49 -41.70 -7.79
C SER C 939 -19.33 -41.98 -8.73
N SER C 940 -19.58 -41.98 -10.03
CA SER C 940 -18.58 -42.24 -11.05
C SER C 940 -17.74 -40.98 -11.16
N THR C 941 -17.19 -40.69 -12.32
CA THR C 941 -16.46 -39.43 -12.29
C THR C 941 -17.15 -38.28 -13.03
N PRO C 942 -18.47 -38.04 -12.82
CA PRO C 942 -19.01 -36.76 -13.25
C PRO C 942 -18.87 -35.75 -12.13
N SER C 943 -18.00 -34.76 -12.32
CA SER C 943 -17.70 -33.83 -11.24
C SER C 943 -18.83 -32.82 -11.16
N ALA C 944 -19.85 -33.16 -10.39
CA ALA C 944 -20.93 -32.22 -10.12
C ALA C 944 -20.69 -31.42 -8.85
N LEU C 945 -19.63 -31.72 -8.11
CA LEU C 945 -19.31 -30.95 -6.92
C LEU C 945 -18.39 -29.79 -7.25
N GLY C 946 -18.74 -29.04 -8.29
CA GLY C 946 -17.94 -27.90 -8.67
C GLY C 946 -18.00 -26.78 -7.68
N LYS C 947 -19.20 -26.48 -7.18
CA LYS C 947 -19.37 -25.32 -6.31
C LYS C 947 -18.62 -25.48 -5.01
N LEU C 948 -18.54 -26.70 -4.49
CA LEU C 948 -17.75 -26.90 -3.29
C LEU C 948 -16.26 -26.84 -3.58
N GLN C 949 -15.85 -27.28 -4.76
CA GLN C 949 -14.42 -27.27 -5.08
C GLN C 949 -13.91 -25.87 -5.30
N ASP C 950 -14.74 -25.00 -5.85
CA ASP C 950 -14.29 -23.66 -6.22
C ASP C 950 -13.85 -22.86 -5.00
N VAL C 951 -14.56 -23.02 -3.89
CA VAL C 951 -14.21 -22.28 -2.67
C VAL C 951 -12.80 -22.65 -2.22
N VAL C 952 -12.53 -23.95 -2.13
CA VAL C 952 -11.21 -24.40 -1.71
C VAL C 952 -10.15 -23.91 -2.68
N ASN C 953 -10.44 -24.00 -3.97
CA ASN C 953 -9.45 -23.56 -4.95
C ASN C 953 -9.15 -22.07 -4.79
N GLN C 954 -10.18 -21.26 -4.64
CA GLN C 954 -9.96 -19.82 -4.52
C GLN C 954 -9.16 -19.49 -3.26
N ASN C 955 -9.51 -20.13 -2.14
CA ASN C 955 -8.77 -19.85 -0.91
C ASN C 955 -7.32 -20.26 -1.03
N ALA C 956 -7.07 -21.44 -1.59
CA ALA C 956 -5.70 -21.87 -1.76
C ALA C 956 -4.95 -20.91 -2.65
N GLN C 957 -5.58 -20.44 -3.71
CA GLN C 957 -4.92 -19.49 -4.60
C GLN C 957 -4.59 -18.20 -3.87
N ALA C 958 -5.51 -17.72 -3.04
CA ALA C 958 -5.26 -16.46 -2.34
C ALA C 958 -4.08 -16.61 -1.38
N LEU C 959 -4.09 -17.67 -0.58
CA LEU C 959 -2.97 -17.88 0.33
C LEU C 959 -1.67 -18.05 -0.44
N ASN C 960 -1.74 -18.76 -1.56
CA ASN C 960 -0.55 -19.01 -2.34
C ASN C 960 0.05 -17.71 -2.85
N THR C 961 -0.79 -16.82 -3.37
CA THR C 961 -0.30 -15.54 -3.84
C THR C 961 0.25 -14.73 -2.69
N LEU C 962 -0.43 -14.75 -1.55
CA LEU C 962 0.07 -13.99 -0.42
C LEU C 962 1.47 -14.44 -0.04
N VAL C 963 1.70 -15.74 -0.02
CA VAL C 963 3.04 -16.22 0.30
C VAL C 963 4.02 -15.81 -0.77
N LYS C 964 3.68 -16.00 -2.05
CA LYS C 964 4.61 -15.62 -3.10
C LYS C 964 4.96 -14.15 -3.06
N GLN C 965 4.10 -13.32 -2.48
CA GLN C 965 4.43 -11.91 -2.50
C GLN C 965 5.64 -11.56 -1.66
N LEU C 966 6.26 -12.51 -1.00
CA LEU C 966 7.43 -12.20 -0.20
C LEU C 966 8.71 -12.11 -1.00
N SER C 967 8.69 -12.48 -2.27
CA SER C 967 9.89 -12.49 -3.08
C SER C 967 10.06 -11.24 -3.90
N SER C 968 9.28 -10.21 -3.64
CA SER C 968 9.43 -8.94 -4.33
C SER C 968 10.11 -7.93 -3.42
N ASN C 969 10.96 -7.10 -4.02
CA ASN C 969 11.73 -6.13 -3.27
C ASN C 969 11.12 -4.74 -3.34
N PHE C 970 9.95 -4.60 -3.94
CA PHE C 970 9.21 -3.34 -4.00
C PHE C 970 10.07 -2.16 -4.41
N GLY C 971 11.14 -2.42 -5.14
CA GLY C 971 12.01 -1.37 -5.60
C GLY C 971 13.22 -1.13 -4.75
N ALA C 972 13.47 -1.98 -3.76
CA ALA C 972 14.70 -1.89 -3.01
C ALA C 972 15.76 -2.76 -3.68
N ILE C 973 16.89 -2.93 -3.00
CA ILE C 973 17.99 -3.68 -3.60
C ILE C 973 17.71 -5.17 -3.59
N SER C 974 16.95 -5.67 -2.62
CA SER C 974 16.70 -7.09 -2.49
C SER C 974 15.47 -7.28 -1.62
N SER C 975 15.04 -8.54 -1.52
CA SER C 975 13.84 -8.88 -0.77
C SER C 975 14.17 -9.67 0.49
N VAL C 976 15.40 -9.58 0.98
CA VAL C 976 15.82 -10.29 2.19
C VAL C 976 16.30 -9.26 3.19
N LEU C 977 15.76 -9.33 4.40
CA LEU C 977 16.11 -8.34 5.43
C LEU C 977 17.54 -8.51 5.90
N ASN C 978 17.97 -9.75 6.11
CA ASN C 978 19.35 -9.99 6.50
C ASN C 978 20.34 -9.49 5.46
N ASP C 979 19.92 -9.39 4.20
CA ASP C 979 20.80 -8.93 3.16
C ASP C 979 20.93 -7.42 3.12
N ILE C 980 19.88 -6.69 3.51
CA ILE C 980 19.95 -5.25 3.44
C ILE C 980 20.86 -4.68 4.52
N LEU C 981 20.82 -5.26 5.71
CA LEU C 981 21.63 -4.75 6.81
C LEU C 981 23.11 -5.01 6.58
N SER C 982 23.46 -6.10 5.91
CA SER C 982 24.83 -6.53 5.75
C SER C 982 25.55 -5.85 4.60
N ARG C 983 24.87 -4.99 3.85
CA ARG C 983 25.54 -4.28 2.77
C ARG C 983 25.30 -2.78 2.82
N LEU C 984 24.71 -2.25 3.89
CA LEU C 984 24.31 -0.86 3.92
C LEU C 984 24.36 -0.35 5.35
N ASP C 985 24.28 0.97 5.48
CA ASP C 985 24.47 1.63 6.76
C ASP C 985 23.14 2.22 7.20
N PRO C 986 22.82 2.15 8.50
CA PRO C 986 21.46 2.42 8.97
C PRO C 986 20.96 3.83 8.70
N PRO C 987 21.83 4.82 8.43
CA PRO C 987 21.30 6.11 7.96
C PRO C 987 20.28 5.97 6.86
N GLU C 988 20.56 5.17 5.85
CA GLU C 988 19.66 5.07 4.72
C GLU C 988 18.79 3.83 4.87
N ALA C 989 19.36 2.75 5.41
CA ALA C 989 18.77 1.41 5.38
C ALA C 989 17.26 1.49 5.55
N GLU C 990 16.85 2.32 6.49
CA GLU C 990 15.44 2.63 6.72
C GLU C 990 14.67 2.85 5.42
N VAL C 991 15.27 3.44 4.40
CA VAL C 991 14.47 3.75 3.21
C VAL C 991 14.12 2.44 2.51
N GLN C 992 15.11 1.58 2.30
CA GLN C 992 14.87 0.29 1.68
C GLN C 992 13.89 -0.52 2.52
N ILE C 993 14.13 -0.51 3.83
CA ILE C 993 13.27 -1.27 4.74
C ILE C 993 11.84 -0.77 4.63
N ASP C 994 11.65 0.53 4.72
CA ASP C 994 10.33 1.13 4.61
C ASP C 994 9.69 0.75 3.31
N ARG C 995 10.48 0.66 2.25
CA ARG C 995 9.93 0.24 0.98
C ARG C 995 9.33 -1.16 1.11
N LEU C 996 10.12 -2.09 1.64
CA LEU C 996 9.63 -3.45 1.81
C LEU C 996 8.39 -3.47 2.68
N ILE C 997 8.40 -2.66 3.74
CA ILE C 997 7.32 -2.60 4.69
C ILE C 997 6.06 -2.22 3.96
N THR C 998 6.14 -1.13 3.19
CA THR C 998 4.97 -0.62 2.50
C THR C 998 4.43 -1.68 1.55
N GLY C 999 5.32 -2.30 0.79
CA GLY C 999 4.86 -3.30 -0.15
C GLY C 999 4.12 -4.44 0.52
N ARG C 1000 4.75 -4.99 1.55
CA ARG C 1000 4.14 -6.11 2.27
C ARG C 1000 2.80 -5.70 2.84
N LEU C 1001 2.74 -4.51 3.41
CA LEU C 1001 1.54 -4.03 4.06
C LEU C 1001 0.40 -3.95 3.07
N GLN C 1002 0.68 -3.36 1.90
CA GLN C 1002 -0.33 -3.29 0.87
C GLN C 1002 -0.82 -4.67 0.49
N SER C 1003 0.10 -5.62 0.41
CA SER C 1003 -0.30 -6.96 0.05
C SER C 1003 -1.29 -7.50 1.07
N LEU C 1004 -0.98 -7.30 2.34
CA LEU C 1004 -1.86 -7.81 3.39
C LEU C 1004 -3.22 -7.16 3.26
N GLN C 1005 -3.24 -5.86 2.99
CA GLN C 1005 -4.51 -5.18 2.82
C GLN C 1005 -5.34 -5.82 1.73
N THR C 1006 -4.72 -6.09 0.59
CA THR C 1006 -5.45 -6.68 -0.51
C THR C 1006 -6.01 -8.04 -0.11
N TYR C 1007 -5.19 -8.86 0.54
CA TYR C 1007 -5.66 -10.18 0.92
C TYR C 1007 -6.87 -10.09 1.83
N VAL C 1008 -6.79 -9.25 2.85
CA VAL C 1008 -7.89 -9.21 3.81
C VAL C 1008 -9.14 -8.65 3.15
N THR C 1009 -8.99 -7.68 2.26
CA THR C 1009 -10.18 -7.12 1.63
C THR C 1009 -10.88 -8.16 0.78
N GLN C 1010 -10.13 -8.89 -0.02
CA GLN C 1010 -10.78 -9.91 -0.82
C GLN C 1010 -11.36 -11.00 0.06
N GLN C 1011 -10.72 -11.28 1.20
CA GLN C 1011 -11.31 -12.26 2.11
C GLN C 1011 -12.65 -11.78 2.63
N LEU C 1012 -12.75 -10.51 3.00
CA LEU C 1012 -14.02 -9.97 3.46
C LEU C 1012 -15.09 -10.11 2.38
N ILE C 1013 -14.74 -9.73 1.16
CA ILE C 1013 -15.73 -9.77 0.10
C ILE C 1013 -16.19 -11.18 -0.15
N ARG C 1014 -15.27 -12.13 -0.17
CA ARG C 1014 -15.68 -13.51 -0.36
C ARG C 1014 -16.54 -13.99 0.81
N ALA C 1015 -16.19 -13.57 2.02
CA ALA C 1015 -16.96 -14.00 3.18
C ALA C 1015 -18.39 -13.50 3.09
N ALA C 1016 -18.59 -12.32 2.52
CA ALA C 1016 -19.95 -11.84 2.32
C ALA C 1016 -20.73 -12.80 1.44
N GLU C 1017 -20.14 -13.24 0.34
CA GLU C 1017 -20.84 -14.16 -0.53
C GLU C 1017 -21.13 -15.47 0.17
N ILE C 1018 -20.17 -15.99 0.90
CA ILE C 1018 -20.42 -17.25 1.60
C ILE C 1018 -21.54 -17.07 2.61
N ARG C 1019 -21.59 -15.91 3.26
CA ARG C 1019 -22.69 -15.66 4.18
C ARG C 1019 -24.03 -15.65 3.44
N ALA C 1020 -24.05 -15.05 2.26
CA ALA C 1020 -25.27 -15.06 1.48
C ALA C 1020 -25.69 -16.49 1.24
N SER C 1021 -24.81 -17.24 0.56
CA SER C 1021 -25.07 -18.64 0.25
C SER C 1021 -25.56 -19.39 1.48
N ALA C 1022 -24.99 -19.07 2.64
CA ALA C 1022 -25.46 -19.66 3.88
C ALA C 1022 -26.92 -19.34 4.09
N ASN C 1023 -27.25 -18.06 4.27
CA ASN C 1023 -28.63 -17.68 4.56
C ASN C 1023 -29.60 -18.30 3.58
N LEU C 1024 -29.24 -18.30 2.30
CA LEU C 1024 -30.03 -18.97 1.30
C LEU C 1024 -30.24 -20.42 1.72
N ALA C 1025 -29.14 -21.11 2.03
CA ALA C 1025 -29.24 -22.51 2.39
C ALA C 1025 -30.10 -22.70 3.63
N ALA C 1026 -29.86 -21.88 4.65
CA ALA C 1026 -30.58 -21.95 5.90
C ALA C 1026 -32.07 -21.89 5.65
N THR C 1027 -32.49 -20.93 4.84
CA THR C 1027 -33.89 -20.91 4.44
C THR C 1027 -34.26 -22.22 3.76
N LYS C 1028 -33.59 -22.49 2.65
CA LYS C 1028 -33.89 -23.72 1.90
C LYS C 1028 -34.01 -24.86 2.89
N MET C 1029 -33.21 -24.86 3.95
CA MET C 1029 -33.41 -25.94 4.94
C MET C 1029 -34.80 -25.75 5.53
N SER C 1030 -34.91 -24.89 6.52
CA SER C 1030 -36.21 -24.67 7.20
C SER C 1030 -37.35 -25.08 6.28
N GLU C 1031 -37.46 -24.45 5.12
CA GLU C 1031 -38.62 -24.74 4.24
C GLU C 1031 -38.47 -26.13 3.63
N CYS C 1032 -37.61 -26.29 2.63
CA CYS C 1032 -37.55 -27.58 1.92
C CYS C 1032 -36.86 -28.68 2.72
N VAL C 1033 -37.23 -28.90 3.98
CA VAL C 1033 -36.66 -30.06 4.75
C VAL C 1033 -37.43 -30.21 6.04
N LEU C 1034 -38.02 -29.13 6.52
CA LEU C 1034 -38.87 -29.23 7.73
C LEU C 1034 -40.29 -28.85 7.28
N GLY C 1035 -40.51 -28.80 5.96
CA GLY C 1035 -41.84 -28.45 5.42
C GLY C 1035 -41.96 -28.84 3.97
N GLN C 1036 -43.12 -28.56 3.35
CA GLN C 1036 -43.35 -28.92 1.93
C GLN C 1036 -43.48 -27.61 1.18
N SER C 1037 -42.68 -26.62 1.52
CA SER C 1037 -42.80 -25.30 0.93
C SER C 1037 -43.19 -25.38 -0.54
N LYS C 1038 -44.18 -24.59 -0.91
CA LYS C 1038 -44.76 -24.64 -2.24
C LYS C 1038 -43.93 -23.90 -3.27
N ARG C 1039 -43.36 -22.76 -2.88
CA ARG C 1039 -42.84 -21.80 -3.84
C ARG C 1039 -42.05 -22.48 -4.93
N VAL C 1040 -42.51 -22.36 -6.17
CA VAL C 1040 -41.98 -23.14 -7.27
C VAL C 1040 -40.51 -22.84 -7.45
N ASP C 1041 -39.74 -23.87 -7.80
CA ASP C 1041 -38.32 -23.74 -8.08
C ASP C 1041 -37.58 -23.06 -6.93
N PHE C 1042 -38.02 -23.38 -5.73
CA PHE C 1042 -37.21 -23.07 -4.56
C PHE C 1042 -36.86 -24.33 -3.80
N CYS C 1043 -37.41 -25.47 -4.19
CA CYS C 1043 -36.97 -26.73 -3.64
C CYS C 1043 -36.33 -27.54 -4.76
N GLY C 1044 -36.88 -27.42 -5.96
CA GLY C 1044 -36.41 -28.18 -7.09
C GLY C 1044 -37.50 -28.28 -8.14
N LYS C 1045 -37.11 -28.50 -9.39
CA LYS C 1045 -38.07 -28.53 -10.49
C LYS C 1045 -39.18 -29.52 -10.21
N GLY C 1046 -40.41 -29.11 -10.48
CA GLY C 1046 -41.57 -29.88 -10.13
C GLY C 1046 -42.21 -29.41 -8.83
N TYR C 1047 -43.08 -30.24 -8.29
CA TYR C 1047 -43.68 -29.97 -7.00
C TYR C 1047 -42.92 -30.71 -5.93
N HIS C 1048 -42.67 -30.04 -4.81
CA HIS C 1048 -41.77 -30.59 -3.81
C HIS C 1048 -42.50 -31.51 -2.85
N LEU C 1049 -42.43 -32.81 -3.11
CA LEU C 1049 -42.95 -33.77 -2.16
C LEU C 1049 -42.20 -33.72 -0.84
N MET C 1050 -40.91 -34.00 -0.87
CA MET C 1050 -40.15 -33.98 0.37
C MET C 1050 -38.68 -33.81 0.02
N SER C 1051 -37.86 -33.61 1.02
CA SER C 1051 -36.44 -33.50 0.75
C SER C 1051 -35.63 -34.25 1.78
N PHE C 1052 -34.33 -34.13 1.67
CA PHE C 1052 -33.38 -34.83 2.51
C PHE C 1052 -32.06 -34.07 2.48
N PRO C 1053 -31.52 -33.70 3.63
CA PRO C 1053 -30.22 -33.03 3.64
C PRO C 1053 -29.10 -34.05 3.82
N GLN C 1054 -27.94 -33.72 3.29
CA GLN C 1054 -26.77 -34.56 3.45
C GLN C 1054 -25.56 -33.64 3.56
N SER C 1055 -24.82 -33.77 4.65
CA SER C 1055 -23.68 -32.89 4.88
C SER C 1055 -22.54 -33.23 3.92
N ALA C 1056 -21.62 -32.29 3.78
CA ALA C 1056 -20.56 -32.41 2.78
C ALA C 1056 -19.39 -31.55 3.22
N PRO C 1057 -18.18 -31.85 2.74
CA PRO C 1057 -17.03 -31.02 3.09
C PRO C 1057 -17.31 -29.55 2.88
N HIS C 1058 -17.35 -28.79 3.97
CA HIS C 1058 -17.57 -27.36 3.86
C HIS C 1058 -18.81 -27.05 3.05
N GLY C 1059 -19.91 -27.71 3.30
CA GLY C 1059 -21.11 -27.37 2.57
C GLY C 1059 -22.19 -28.42 2.77
N VAL C 1060 -23.34 -28.15 2.18
CA VAL C 1060 -24.46 -29.06 2.34
C VAL C 1060 -24.97 -29.44 0.97
N VAL C 1061 -25.58 -30.61 0.89
CA VAL C 1061 -26.10 -31.15 -0.35
C VAL C 1061 -27.53 -31.56 -0.11
N PHE C 1062 -28.44 -30.98 -0.85
CA PHE C 1062 -29.84 -31.30 -0.70
C PHE C 1062 -30.26 -32.29 -1.77
N LEU C 1063 -31.10 -33.23 -1.36
CA LEU C 1063 -31.82 -34.10 -2.26
C LEU C 1063 -33.28 -33.73 -2.19
N HIS C 1064 -33.94 -33.65 -3.34
CA HIS C 1064 -35.34 -33.35 -3.38
C HIS C 1064 -36.10 -34.43 -4.11
N VAL C 1065 -37.27 -34.73 -3.58
CA VAL C 1065 -38.17 -35.73 -4.10
C VAL C 1065 -39.39 -34.98 -4.57
N THR C 1066 -39.61 -34.99 -5.87
CA THR C 1066 -40.58 -34.11 -6.50
C THR C 1066 -41.62 -34.90 -7.27
N TYR C 1067 -42.59 -34.17 -7.79
CA TYR C 1067 -43.71 -34.75 -8.53
C TYR C 1067 -43.68 -34.20 -9.95
N VAL C 1068 -43.36 -35.03 -10.92
CA VAL C 1068 -43.24 -34.56 -12.30
C VAL C 1068 -44.27 -35.23 -13.19
N PRO C 1069 -45.34 -34.56 -13.56
CA PRO C 1069 -46.35 -35.18 -14.41
C PRO C 1069 -45.79 -35.50 -15.78
N ALA C 1070 -46.39 -36.51 -16.43
CA ALA C 1070 -45.98 -36.89 -17.78
C ALA C 1070 -47.19 -37.46 -18.51
N GLN C 1071 -46.97 -38.00 -19.72
CA GLN C 1071 -47.98 -38.80 -20.42
C GLN C 1071 -49.38 -38.19 -20.53
N GLU C 1072 -49.51 -37.18 -21.37
CA GLU C 1072 -50.72 -36.41 -21.58
C GLU C 1072 -51.94 -37.08 -22.06
N LYS C 1073 -52.94 -36.26 -22.17
CA LYS C 1073 -54.19 -36.65 -22.71
C LYS C 1073 -54.72 -35.31 -23.05
N ASN C 1074 -55.03 -35.10 -24.31
CA ASN C 1074 -55.54 -33.81 -24.66
C ASN C 1074 -57.00 -33.98 -24.87
N PHE C 1075 -57.76 -33.92 -23.80
CA PHE C 1075 -59.19 -34.03 -23.79
C PHE C 1075 -59.83 -32.74 -24.09
N THR C 1076 -61.16 -32.72 -24.17
CA THR C 1076 -61.83 -31.48 -24.48
C THR C 1076 -62.70 -30.94 -23.39
N THR C 1077 -62.28 -29.96 -22.66
CA THR C 1077 -63.08 -29.46 -21.57
C THR C 1077 -64.14 -28.56 -21.97
N ALA C 1078 -64.90 -28.20 -20.97
CA ALA C 1078 -65.93 -27.21 -21.06
C ALA C 1078 -65.72 -26.26 -19.86
N PRO C 1079 -66.67 -25.39 -19.59
CA PRO C 1079 -66.46 -24.52 -18.45
C PRO C 1079 -67.46 -24.78 -17.42
N ALA C 1080 -68.65 -25.24 -17.75
CA ALA C 1080 -69.67 -25.55 -16.78
C ALA C 1080 -70.71 -26.46 -17.41
N ILE C 1081 -71.65 -26.98 -16.66
CA ILE C 1081 -72.67 -27.91 -17.13
C ILE C 1081 -74.01 -27.39 -16.65
N CYS C 1082 -74.83 -26.89 -17.58
CA CYS C 1082 -76.17 -26.45 -17.22
C CYS C 1082 -77.14 -27.60 -17.38
N HIS C 1083 -77.83 -27.96 -16.31
CA HIS C 1083 -78.74 -29.10 -16.45
C HIS C 1083 -80.20 -28.74 -16.27
N ASP C 1084 -80.57 -28.26 -15.09
CA ASP C 1084 -81.96 -27.93 -14.87
C ASP C 1084 -82.16 -26.43 -14.99
N GLY C 1085 -81.80 -25.86 -16.12
CA GLY C 1085 -81.87 -24.43 -16.29
C GLY C 1085 -80.98 -23.64 -15.38
N LYS C 1086 -80.28 -24.27 -14.45
CA LYS C 1086 -79.32 -23.61 -13.58
C LYS C 1086 -77.93 -24.09 -13.92
N ALA C 1087 -76.94 -23.25 -13.63
CA ALA C 1087 -75.57 -23.51 -14.03
C ALA C 1087 -74.81 -24.13 -12.87
N HIS C 1088 -74.33 -25.34 -13.07
CA HIS C 1088 -73.59 -26.06 -12.05
C HIS C 1088 -72.11 -25.92 -12.40
N PHE C 1089 -71.39 -25.15 -11.61
CA PHE C 1089 -69.94 -25.01 -11.73
C PHE C 1089 -69.21 -26.16 -11.06
N PRO C 1090 -67.95 -26.41 -11.40
CA PRO C 1090 -67.26 -27.61 -10.93
C PRO C 1090 -66.64 -27.35 -9.58
N ARG C 1091 -66.64 -28.36 -8.73
CA ARG C 1091 -66.23 -28.10 -7.35
C ARG C 1091 -64.71 -28.07 -7.23
N GLU C 1092 -64.05 -29.17 -7.58
CA GLU C 1092 -62.61 -29.31 -7.39
C GLU C 1092 -61.89 -29.70 -8.66
N GLY C 1093 -62.59 -29.87 -9.74
CA GLY C 1093 -61.87 -30.19 -10.94
C GLY C 1093 -62.25 -29.21 -12.01
N VAL C 1094 -61.77 -29.50 -13.21
CA VAL C 1094 -62.07 -28.72 -14.39
C VAL C 1094 -62.76 -29.73 -15.31
N PHE C 1095 -64.09 -29.75 -15.25
CA PHE C 1095 -64.96 -30.65 -16.01
C PHE C 1095 -64.48 -31.02 -17.42
N VAL C 1096 -63.90 -32.21 -17.55
CA VAL C 1096 -63.40 -32.67 -18.82
C VAL C 1096 -64.19 -33.68 -19.56
N SER C 1097 -65.22 -33.19 -20.22
CA SER C 1097 -66.10 -34.01 -21.04
C SER C 1097 -65.21 -34.76 -22.07
N ASN C 1098 -64.75 -35.94 -21.73
CA ASN C 1098 -63.97 -36.71 -22.66
C ASN C 1098 -64.83 -37.03 -23.80
N GLY C 1099 -64.24 -36.99 -24.99
CA GLY C 1099 -64.86 -37.30 -26.25
C GLY C 1099 -66.32 -37.72 -26.36
N THR C 1100 -66.70 -38.77 -25.66
CA THR C 1100 -68.07 -39.25 -25.73
C THR C 1100 -68.98 -38.65 -24.68
N HIS C 1101 -69.24 -39.38 -23.62
CA HIS C 1101 -70.14 -38.93 -22.57
C HIS C 1101 -69.54 -37.79 -21.83
N TRP C 1102 -69.77 -36.59 -22.32
CA TRP C 1102 -69.25 -35.32 -21.80
C TRP C 1102 -69.35 -34.92 -20.32
N PHE C 1103 -69.02 -35.79 -19.38
CA PHE C 1103 -69.22 -35.38 -18.01
C PHE C 1103 -68.28 -35.83 -16.94
N VAL C 1104 -67.27 -36.60 -17.23
CA VAL C 1104 -66.39 -37.01 -16.17
C VAL C 1104 -65.68 -35.78 -15.60
N THR C 1105 -65.54 -35.61 -14.29
CA THR C 1105 -64.95 -34.38 -13.67
C THR C 1105 -63.64 -34.77 -13.03
N GLN C 1106 -62.49 -34.53 -13.68
CA GLN C 1106 -61.18 -35.03 -13.19
C GLN C 1106 -60.62 -34.22 -12.03
N ARG C 1107 -59.28 -34.12 -11.92
CA ARG C 1107 -58.55 -33.27 -10.97
C ARG C 1107 -57.09 -33.54 -11.10
N ASN C 1108 -56.37 -32.67 -11.82
CA ASN C 1108 -54.92 -32.77 -12.02
C ASN C 1108 -54.40 -34.07 -12.68
N PHE C 1109 -54.68 -35.21 -12.06
CA PHE C 1109 -54.23 -36.51 -12.58
C PHE C 1109 -55.10 -37.01 -13.72
N TYR C 1110 -55.92 -38.02 -13.45
CA TYR C 1110 -56.78 -38.59 -14.49
C TYR C 1110 -58.02 -39.30 -13.96
N GLU C 1111 -58.04 -39.66 -12.68
CA GLU C 1111 -59.21 -40.36 -12.13
C GLU C 1111 -60.48 -39.59 -12.31
N PRO C 1112 -61.36 -40.09 -13.13
CA PRO C 1112 -62.54 -39.32 -13.40
C PRO C 1112 -63.76 -40.04 -12.99
N GLN C 1113 -64.72 -39.32 -12.44
CA GLN C 1113 -65.98 -39.89 -12.03
C GLN C 1113 -67.08 -39.03 -12.54
N ILE C 1114 -68.29 -39.53 -12.42
CA ILE C 1114 -69.53 -38.98 -12.93
C ILE C 1114 -69.93 -37.78 -12.09
N ILE C 1115 -70.76 -36.91 -12.65
CA ILE C 1115 -71.05 -35.61 -12.03
C ILE C 1115 -72.24 -35.81 -11.10
N THR C 1116 -71.97 -36.15 -9.85
CA THR C 1116 -73.06 -36.05 -8.91
C THR C 1116 -73.21 -34.60 -8.49
N THR C 1117 -74.30 -34.30 -7.78
CA THR C 1117 -74.37 -32.97 -7.22
C THR C 1117 -73.61 -32.92 -5.90
N ASP C 1118 -72.39 -33.45 -5.90
CA ASP C 1118 -71.50 -33.36 -4.77
C ASP C 1118 -70.09 -32.97 -5.17
N ASN C 1119 -69.77 -33.08 -6.45
CA ASN C 1119 -68.56 -32.49 -7.00
C ASN C 1119 -68.88 -31.26 -7.84
N THR C 1120 -70.04 -30.65 -7.63
CA THR C 1120 -70.45 -29.44 -8.31
C THR C 1120 -70.99 -28.47 -7.28
N PHE C 1121 -71.24 -27.25 -7.70
CA PHE C 1121 -71.88 -26.29 -6.81
C PHE C 1121 -72.65 -25.29 -7.65
N VAL C 1122 -73.97 -25.29 -7.48
CA VAL C 1122 -74.87 -24.53 -8.32
C VAL C 1122 -74.60 -23.05 -8.16
N SER C 1123 -74.78 -22.29 -9.24
CA SER C 1123 -74.70 -20.83 -9.17
C SER C 1123 -75.28 -20.19 -10.41
N GLY C 1124 -76.34 -19.40 -10.26
CA GLY C 1124 -76.80 -18.55 -11.34
C GLY C 1124 -77.69 -19.25 -12.35
N ASN C 1125 -77.67 -18.70 -13.57
CA ASN C 1125 -78.54 -19.14 -14.65
C ASN C 1125 -77.72 -19.36 -15.91
N CYS C 1126 -78.28 -20.15 -16.82
CA CYS C 1126 -77.51 -20.61 -17.97
C CYS C 1126 -77.50 -19.64 -19.14
N ASP C 1127 -77.08 -18.40 -18.92
CA ASP C 1127 -76.75 -17.54 -20.05
C ASP C 1127 -75.42 -16.86 -19.86
N VAL C 1128 -75.02 -16.58 -18.64
CA VAL C 1128 -73.85 -15.80 -18.45
C VAL C 1128 -72.54 -16.46 -18.79
N VAL C 1129 -72.13 -17.50 -18.09
CA VAL C 1129 -70.84 -18.04 -18.41
C VAL C 1129 -70.87 -18.65 -19.74
N ILE C 1130 -70.36 -17.92 -20.70
CA ILE C 1130 -70.34 -18.36 -22.05
C ILE C 1130 -69.60 -19.66 -22.18
N GLY C 1131 -70.17 -20.57 -22.93
CA GLY C 1131 -69.50 -21.83 -23.15
C GLY C 1131 -70.11 -22.98 -22.42
N ILE C 1132 -71.13 -22.76 -21.62
CA ILE C 1132 -71.71 -23.86 -20.88
C ILE C 1132 -72.26 -24.87 -21.79
N VAL C 1133 -72.09 -26.13 -21.47
CA VAL C 1133 -72.63 -27.14 -22.31
C VAL C 1133 -73.52 -28.05 -21.56
N ASN C 1134 -74.79 -28.03 -21.89
CA ASN C 1134 -75.74 -28.81 -21.15
C ASN C 1134 -75.63 -30.29 -21.34
N ASN C 1135 -76.13 -31.01 -20.34
CA ASN C 1135 -76.28 -32.47 -20.20
C ASN C 1135 -76.91 -32.68 -18.82
N THR C 1136 -76.63 -33.74 -18.07
CA THR C 1136 -77.28 -33.87 -16.78
C THR C 1136 -76.30 -33.91 -15.68
N VAL C 1137 -76.73 -33.46 -14.53
CA VAL C 1137 -75.93 -33.51 -13.36
C VAL C 1137 -76.69 -34.50 -12.58
N TYR C 1138 -76.05 -35.56 -12.18
CA TYR C 1138 -76.76 -36.66 -11.54
C TYR C 1138 -76.98 -36.36 -10.06
N ASP C 1139 -78.14 -36.78 -9.54
CA ASP C 1139 -78.38 -36.57 -8.12
C ASP C 1139 -78.39 -37.89 -7.37
N PRO C 1140 -77.55 -38.04 -6.37
CA PRO C 1140 -77.40 -39.35 -5.74
C PRO C 1140 -78.35 -39.57 -4.59
N LEU C 1141 -79.60 -39.13 -4.68
CA LEU C 1141 -80.43 -39.36 -3.51
C LEU C 1141 -81.81 -39.91 -3.77
N GLN C 1142 -82.51 -39.29 -4.68
CA GLN C 1142 -83.95 -39.51 -4.75
C GLN C 1142 -84.36 -40.80 -5.45
N PRO C 1143 -84.00 -40.96 -6.73
CA PRO C 1143 -84.76 -41.87 -7.60
C PRO C 1143 -84.57 -43.35 -7.30
N GLU C 1144 -83.79 -43.70 -6.28
CA GLU C 1144 -83.56 -45.09 -5.94
C GLU C 1144 -83.98 -45.45 -4.53
N LEU C 1145 -84.12 -44.49 -3.63
CA LEU C 1145 -84.48 -44.78 -2.25
C LEU C 1145 -85.74 -44.02 -1.88
N ASP C 1146 -86.77 -44.13 -2.72
CA ASP C 1146 -88.03 -43.43 -2.58
C ASP C 1146 -88.94 -44.01 -1.52
N SER C 1147 -88.44 -44.92 -0.68
CA SER C 1147 -89.26 -45.49 0.38
C SER C 1147 -89.66 -44.45 1.41
N GLN D 19 85.43 15.18 12.10
CA GLN D 19 84.63 13.96 12.19
C GLN D 19 84.88 13.09 10.96
N VAL D 20 84.15 13.31 9.87
CA VAL D 20 84.58 12.82 8.57
C VAL D 20 85.80 13.63 8.16
N GLN D 21 86.97 13.04 8.38
CA GLN D 21 88.25 13.73 8.18
C GLN D 21 89.30 12.84 7.53
N LEU D 22 90.29 13.49 6.90
CA LEU D 22 91.35 12.79 6.17
C LEU D 22 92.68 13.33 6.64
N GLN D 23 93.37 12.57 7.49
CA GLN D 23 94.64 12.97 8.08
C GLN D 23 95.68 12.97 6.98
N GLN D 24 95.78 14.11 6.28
CA GLN D 24 96.89 14.30 5.37
C GLN D 24 98.19 14.17 6.14
N TRP D 25 98.93 13.11 5.85
CA TRP D 25 100.09 12.76 6.65
C TRP D 25 101.02 11.91 5.80
N GLY D 26 102.31 11.97 6.10
CA GLY D 26 103.32 11.25 5.36
C GLY D 26 104.16 12.09 4.43
N ALA D 27 103.80 13.36 4.20
CA ALA D 27 104.62 14.24 3.39
C ALA D 27 105.68 14.91 4.25
N GLY D 28 106.64 15.54 3.59
CA GLY D 28 107.70 16.22 4.31
C GLY D 28 108.64 16.94 3.36
N LEU D 29 109.65 17.56 3.96
CA LEU D 29 110.68 18.25 3.19
C LEU D 29 111.35 17.27 2.23
N LEU D 30 111.61 17.72 1.02
CA LEU D 30 111.96 16.80 -0.06
C LEU D 30 112.77 17.51 -1.13
N LYS D 31 113.88 16.89 -1.53
CA LYS D 31 114.58 17.31 -2.73
C LYS D 31 113.76 16.88 -3.94
N PRO D 32 113.45 17.77 -4.89
CA PRO D 32 112.45 17.43 -5.92
C PRO D 32 112.93 16.37 -6.90
N SER D 33 113.44 15.25 -6.37
CA SER D 33 113.78 14.10 -7.20
C SER D 33 113.37 12.75 -6.64
N GLU D 34 113.19 12.61 -5.33
CA GLU D 34 112.94 11.32 -4.71
C GLU D 34 111.44 11.05 -4.61
N THR D 35 111.07 10.05 -3.82
CA THR D 35 109.67 9.69 -3.60
C THR D 35 109.16 10.31 -2.29
N LEU D 36 107.84 10.28 -2.13
CA LEU D 36 107.21 10.70 -0.88
C LEU D 36 105.91 9.91 -0.70
N SER D 37 105.16 10.22 0.36
CA SER D 37 104.00 9.45 0.76
C SER D 37 102.91 10.40 1.24
N LEU D 38 101.65 9.95 1.15
CA LEU D 38 100.51 10.66 1.75
C LEU D 38 99.55 9.65 2.39
N THR D 39 99.82 9.34 3.65
CA THR D 39 98.91 8.53 4.46
C THR D 39 97.72 9.40 4.89
N CYS D 40 96.92 9.79 3.91
CA CYS D 40 95.75 10.64 4.13
C CYS D 40 94.70 9.82 4.87
N ALA D 41 94.98 9.50 6.13
CA ALA D 41 94.25 8.44 6.82
C ALA D 41 92.78 8.81 6.99
N VAL D 42 91.90 7.93 6.51
CA VAL D 42 90.47 8.17 6.66
C VAL D 42 90.12 8.13 8.14
N TYR D 43 89.69 9.27 8.65
CA TYR D 43 89.27 9.44 10.03
C TYR D 43 87.75 9.55 10.07
N GLY D 44 87.13 8.76 10.95
CA GLY D 44 85.68 8.76 11.01
C GLY D 44 85.03 8.38 9.70
N GLY D 45 85.58 7.38 9.02
CA GLY D 45 85.02 6.99 7.74
C GLY D 45 84.87 5.49 7.54
N SER D 46 83.64 5.04 7.34
CA SER D 46 83.37 3.71 6.81
C SER D 46 83.56 3.75 5.29
N PHE D 47 84.83 3.94 4.92
CA PHE D 47 85.22 4.45 3.60
C PHE D 47 85.26 3.37 2.51
N SER D 48 84.63 2.22 2.69
CA SER D 48 84.63 1.21 1.64
C SER D 48 83.40 1.32 0.76
N ASP D 49 83.05 2.53 0.32
CA ASP D 49 81.96 2.67 -0.64
C ASP D 49 82.16 3.81 -1.63
N TYR D 50 83.27 4.55 -1.52
CA TYR D 50 83.41 5.80 -2.23
C TYR D 50 84.60 5.79 -3.18
N PHE D 51 84.54 6.71 -4.13
CA PHE D 51 85.60 6.89 -5.12
C PHE D 51 86.47 8.07 -4.70
N TRP D 52 87.29 7.83 -3.68
CA TRP D 52 88.04 8.88 -3.00
C TRP D 52 89.06 9.52 -3.94
N TYR D 53 88.94 10.81 -4.18
CA TYR D 53 89.89 11.45 -5.08
C TYR D 53 90.86 12.32 -4.30
N TRP D 54 91.75 12.99 -5.02
CA TRP D 54 92.78 13.82 -4.40
C TRP D 54 92.98 15.06 -5.25
N ILE D 55 93.62 16.07 -4.66
CA ILE D 55 93.78 17.37 -5.29
C ILE D 55 95.12 17.98 -4.91
N ARG D 56 95.54 18.97 -5.71
CA ARG D 56 96.87 19.54 -5.65
C ARG D 56 96.78 21.04 -5.87
N GLN D 57 97.25 21.81 -4.89
CA GLN D 57 97.14 23.27 -4.86
C GLN D 57 98.53 23.90 -4.87
N PRO D 58 98.96 24.53 -5.97
CA PRO D 58 100.19 25.31 -5.93
C PRO D 58 100.08 26.40 -4.87
N PRO D 59 101.09 26.53 -4.00
CA PRO D 59 100.97 27.46 -2.86
C PRO D 59 100.56 28.86 -3.28
N GLY D 60 99.36 29.27 -2.88
CA GLY D 60 98.79 30.54 -3.30
C GLY D 60 97.92 30.50 -4.53
N LYS D 61 97.30 29.37 -4.84
CA LYS D 61 96.49 29.17 -6.03
C LYS D 61 95.31 28.26 -5.69
N GLY D 62 94.60 27.75 -6.69
CA GLY D 62 93.49 26.84 -6.49
C GLY D 62 93.88 25.39 -6.63
N LEU D 63 92.95 24.50 -6.29
CA LEU D 63 93.26 23.08 -6.18
C LEU D 63 92.78 22.35 -7.43
N GLU D 64 93.70 21.65 -8.10
CA GLU D 64 93.39 20.90 -9.31
C GLU D 64 93.35 19.41 -8.97
N TRP D 65 92.31 18.74 -9.45
CA TRP D 65 92.11 17.34 -9.11
C TRP D 65 93.20 16.47 -9.71
N ILE D 66 93.81 15.63 -8.88
CA ILE D 66 94.82 14.71 -9.39
C ILE D 66 94.41 13.27 -9.14
N GLY D 67 94.31 12.88 -7.87
CA GLY D 67 94.08 11.49 -7.55
C GLY D 67 92.62 11.12 -7.66
N GLU D 68 92.37 9.85 -7.97
CA GLU D 68 91.03 9.30 -7.89
C GLU D 68 91.06 7.77 -7.77
N ILE D 69 90.95 7.28 -6.54
CA ILE D 69 90.77 5.85 -6.29
C ILE D 69 89.32 5.54 -6.57
N ASN D 70 88.99 4.28 -6.75
CA ASN D 70 87.59 3.89 -6.92
C ASN D 70 87.28 2.71 -6.01
N HIS D 71 86.16 2.81 -5.29
CA HIS D 71 85.69 1.69 -4.50
C HIS D 71 85.42 0.48 -5.39
N SER D 72 84.86 0.73 -6.58
CA SER D 72 84.67 -0.35 -7.54
C SER D 72 86.01 -0.88 -8.06
N GLY D 73 87.07 -0.07 -7.94
CA GLY D 73 88.36 -0.44 -8.50
C GLY D 73 89.16 0.74 -8.99
N SER D 74 89.53 0.70 -10.28
CA SER D 74 89.99 1.87 -11.05
C SER D 74 90.91 2.81 -10.27
N THR D 75 92.05 2.30 -9.80
CA THR D 75 93.03 3.13 -9.09
C THR D 75 93.79 4.00 -10.09
N ASN D 76 93.37 5.26 -10.22
CA ASN D 76 93.92 6.10 -11.26
C ASN D 76 93.94 7.57 -10.84
N TYR D 77 94.13 8.45 -11.82
CA TYR D 77 94.60 9.81 -11.57
C TYR D 77 94.07 10.85 -12.55
N ASN D 78 94.64 12.04 -12.43
CA ASN D 78 94.52 13.05 -13.46
C ASN D 78 95.11 12.52 -14.77
N PRO D 79 94.35 12.54 -15.86
CA PRO D 79 94.94 12.16 -17.16
C PRO D 79 96.09 13.05 -17.57
N SER D 80 96.03 14.34 -17.25
CA SER D 80 97.17 15.22 -17.49
C SER D 80 98.33 14.90 -16.55
N LEU D 81 98.06 14.21 -15.45
CA LEU D 81 99.08 13.84 -14.49
C LEU D 81 99.10 12.33 -14.27
N LYS D 82 99.02 11.57 -15.36
CA LYS D 82 99.19 10.12 -15.32
C LYS D 82 100.66 9.84 -15.08
N SER D 83 101.08 10.03 -13.84
CA SER D 83 102.49 10.02 -13.47
C SER D 83 102.81 8.77 -12.64
N ARG D 84 104.07 8.68 -12.22
CA ARG D 84 104.52 7.55 -11.41
C ARG D 84 103.87 7.53 -10.03
N VAL D 85 103.50 8.70 -9.51
CA VAL D 85 102.86 8.81 -8.20
C VAL D 85 101.64 7.89 -8.19
N SER D 86 101.58 6.98 -7.22
CA SER D 86 100.69 5.81 -7.27
C SER D 86 99.72 5.80 -6.10
N ILE D 87 98.41 5.66 -6.41
CA ILE D 87 97.32 5.67 -5.44
C ILE D 87 96.82 4.26 -5.20
N SER D 88 96.34 4.05 -3.98
CA SER D 88 95.70 2.80 -3.58
C SER D 88 94.95 3.08 -2.28
N VAL D 89 94.01 2.20 -1.95
CA VAL D 89 93.31 2.24 -0.68
C VAL D 89 93.66 0.98 0.10
N ASP D 90 94.20 1.16 1.31
CA ASP D 90 94.52 0.03 2.18
C ASP D 90 93.22 -0.44 2.81
N THR D 91 92.43 -1.18 2.02
CA THR D 91 91.10 -1.65 2.42
C THR D 91 91.10 -2.21 3.83
N SER D 92 92.25 -2.76 4.25
CA SER D 92 92.45 -3.09 5.66
C SER D 92 92.26 -1.85 6.53
N LYS D 93 93.12 -0.86 6.35
CA LYS D 93 93.00 0.40 7.09
C LYS D 93 91.96 1.34 6.47
N ASN D 94 91.58 1.09 5.22
CA ASN D 94 90.50 1.81 4.56
C ASN D 94 90.81 3.31 4.43
N GLN D 95 91.93 3.61 3.78
CA GLN D 95 92.29 4.98 3.46
C GLN D 95 93.13 4.99 2.20
N PHE D 96 93.02 6.08 1.44
CA PHE D 96 93.68 6.19 0.15
C PHE D 96 95.15 6.56 0.34
N SER D 97 96.01 6.01 -0.53
CA SER D 97 97.45 6.10 -0.33
C SER D 97 98.10 7.28 -1.07
N LEU D 98 98.02 7.28 -2.41
CA LEU D 98 98.67 8.32 -3.22
C LEU D 98 100.09 8.61 -2.74
N LYS D 99 100.96 7.62 -2.97
CA LYS D 99 102.36 7.74 -2.61
C LYS D 99 103.12 8.51 -3.67
N LEU D 100 103.86 9.55 -3.24
CA LEU D 100 104.43 10.56 -4.14
C LEU D 100 105.79 10.09 -4.66
N SER D 101 105.73 9.08 -5.53
CA SER D 101 106.95 8.46 -6.02
C SER D 101 107.71 9.39 -6.96
N SER D 102 109.04 9.33 -6.86
CA SER D 102 109.97 9.92 -7.84
C SER D 102 109.59 11.35 -8.21
N VAL D 103 109.58 12.21 -7.20
CA VAL D 103 109.11 13.58 -7.38
C VAL D 103 109.94 14.32 -8.42
N THR D 104 109.28 15.20 -9.17
CA THR D 104 109.91 16.14 -10.08
C THR D 104 109.49 17.55 -9.70
N ALA D 105 110.00 18.53 -10.44
CA ALA D 105 109.69 19.93 -10.13
C ALA D 105 108.21 20.22 -10.29
N ALA D 106 107.57 19.63 -11.32
CA ALA D 106 106.18 19.93 -11.61
C ALA D 106 105.23 19.47 -10.51
N ASP D 107 105.69 18.64 -9.58
CA ASP D 107 104.85 18.24 -8.46
C ASP D 107 104.73 19.32 -7.39
N THR D 108 105.45 20.44 -7.52
CA THR D 108 105.57 21.40 -6.42
C THR D 108 104.23 22.06 -6.11
N ALA D 109 103.60 21.62 -5.03
CA ALA D 109 102.32 22.15 -4.56
C ALA D 109 102.05 21.57 -3.18
N VAL D 110 100.75 21.47 -2.86
CA VAL D 110 100.24 20.85 -1.64
C VAL D 110 99.22 19.76 -2.00
N TYR D 111 99.28 18.61 -1.33
CA TYR D 111 98.36 17.51 -1.64
C TYR D 111 97.31 17.24 -0.57
N TYR D 112 96.09 17.01 -1.05
CA TYR D 112 94.93 16.74 -0.20
C TYR D 112 94.22 15.50 -0.72
N CYS D 113 93.14 15.11 -0.05
CA CYS D 113 92.31 13.99 -0.49
C CYS D 113 90.88 14.26 -0.05
N ALA D 114 89.94 13.57 -0.71
CA ALA D 114 88.54 13.93 -0.65
C ALA D 114 87.66 12.72 -0.94
N ARG D 115 86.38 12.84 -0.57
CA ARG D 115 85.37 11.79 -0.65
C ARG D 115 84.37 12.14 -1.76
N GLY D 116 84.33 11.32 -2.81
CA GLY D 116 83.58 11.66 -4.00
C GLY D 116 82.71 10.54 -4.54
N GLN D 117 81.69 10.94 -5.29
CA GLN D 117 80.75 10.02 -5.91
C GLN D 117 80.39 10.38 -7.35
N GLY D 118 80.84 11.52 -7.87
CA GLY D 118 80.51 11.94 -9.23
C GLY D 118 79.26 12.79 -9.36
N TYR D 119 78.08 12.19 -9.23
CA TYR D 119 76.83 12.95 -9.32
C TYR D 119 75.88 12.61 -8.18
N GLY D 120 75.96 11.38 -7.68
CA GLY D 120 75.20 11.01 -6.49
C GLY D 120 75.58 12.02 -5.43
N ARG D 121 76.88 12.08 -5.16
CA ARG D 121 77.51 13.26 -4.59
C ARG D 121 78.78 13.54 -5.38
N VAL D 122 79.58 14.50 -4.92
CA VAL D 122 80.79 14.88 -5.64
C VAL D 122 81.91 14.81 -4.59
N LEU D 123 83.13 15.24 -4.94
CA LEU D 123 84.24 15.15 -4.00
C LEU D 123 83.91 16.03 -2.81
N LEU D 124 83.48 15.41 -1.71
CA LEU D 124 82.80 16.13 -0.65
C LEU D 124 83.70 16.40 0.57
N TRP D 125 84.21 15.35 1.18
CA TRP D 125 84.82 15.43 2.50
C TRP D 125 86.33 15.57 2.36
N PHE D 126 86.88 16.67 2.84
CA PHE D 126 88.28 17.00 2.65
C PHE D 126 89.03 16.92 3.97
N GLY D 127 90.27 16.44 3.91
CA GLY D 127 91.15 16.52 5.05
C GLY D 127 91.70 17.93 5.21
N GLU D 128 92.47 18.12 6.27
CA GLU D 128 92.94 19.44 6.64
C GLU D 128 93.85 20.03 5.56
N TRP D 129 95.05 19.47 5.40
CA TRP D 129 96.00 19.89 4.38
C TRP D 129 97.21 18.95 4.41
N GLY D 130 97.75 18.61 3.24
CA GLY D 130 98.99 17.87 3.19
C GLY D 130 100.05 18.61 2.41
N GLN D 131 101.05 19.12 3.11
CA GLN D 131 102.03 20.00 2.50
C GLN D 131 103.23 19.20 2.01
N GLY D 132 103.48 19.26 0.72
CA GLY D 132 104.72 18.75 0.18
C GLY D 132 105.78 19.83 0.12
N THR D 133 106.74 19.79 1.03
CA THR D 133 107.86 20.73 1.01
C THR D 133 108.88 20.20 0.02
N LEU D 134 108.58 20.42 -1.26
CA LEU D 134 109.42 19.91 -2.34
C LEU D 134 110.63 20.80 -2.55
N VAL D 135 111.35 21.08 -1.47
CA VAL D 135 112.53 21.94 -1.51
C VAL D 135 113.57 21.35 -0.57
N THR D 136 114.84 21.45 -0.95
CA THR D 136 115.92 21.07 -0.05
C THR D 136 115.93 21.99 1.17
N VAL D 137 115.65 23.28 0.95
CA VAL D 137 115.82 24.29 1.99
C VAL D 137 114.82 24.08 3.12
N SER D 138 115.29 24.32 4.34
CA SER D 138 114.45 24.31 5.53
C SER D 138 114.35 25.73 6.07
N SER D 139 113.15 26.10 6.53
CA SER D 139 112.92 27.43 7.06
C SER D 139 113.23 27.51 8.55
N ILE E 21 90.41 23.33 -21.90
CA ILE E 21 89.46 24.38 -21.53
C ILE E 21 89.78 24.93 -20.16
N VAL E 22 89.66 26.25 -20.01
CA VAL E 22 89.76 26.90 -18.72
C VAL E 22 88.60 27.86 -18.60
N LEU E 23 87.90 27.78 -17.47
CA LEU E 23 86.84 28.74 -17.16
C LEU E 23 87.53 30.04 -16.76
N THR E 24 86.76 31.03 -16.31
CA THR E 24 87.32 32.12 -15.52
C THR E 24 86.13 32.88 -14.94
N GLN E 25 86.28 33.51 -13.77
CA GLN E 25 85.19 34.25 -13.16
C GLN E 25 85.29 35.75 -13.43
N SER E 26 84.15 36.43 -13.29
CA SER E 26 84.01 37.85 -13.58
C SER E 26 84.79 38.77 -12.66
N PRO E 27 84.16 39.18 -11.55
CA PRO E 27 84.89 39.92 -10.53
C PRO E 27 85.99 39.04 -9.94
N ALA E 28 87.19 39.12 -10.50
CA ALA E 28 88.31 38.32 -10.02
C ALA E 28 88.50 38.67 -8.55
N THR E 29 88.51 39.98 -8.28
CA THR E 29 88.66 40.45 -6.91
C THR E 29 87.48 41.37 -6.63
N LEU E 30 86.37 40.77 -6.22
CA LEU E 30 85.11 41.49 -6.08
C LEU E 30 85.04 42.11 -4.69
N SER E 31 85.33 43.40 -4.62
CA SER E 31 85.40 44.14 -3.36
C SER E 31 84.02 44.68 -2.95
N LEU E 32 83.05 43.77 -2.94
CA LEU E 32 81.68 44.14 -2.62
C LEU E 32 81.50 44.34 -1.12
N SER E 33 80.46 45.10 -0.78
CA SER E 33 80.02 45.22 0.60
C SER E 33 78.99 44.15 0.92
N PRO E 34 78.83 43.80 2.20
CA PRO E 34 77.82 42.80 2.55
C PRO E 34 76.41 43.28 2.22
N GLY E 35 75.52 42.32 2.04
CA GLY E 35 74.16 42.64 1.65
C GLY E 35 74.03 43.10 0.21
N GLU E 36 74.69 42.40 -0.70
CA GLU E 36 74.68 42.76 -2.11
C GLU E 36 74.50 41.50 -2.95
N ARG E 37 73.93 41.68 -4.15
CA ARG E 37 73.61 40.57 -5.03
C ARG E 37 74.87 40.05 -5.72
N ALA E 38 75.81 39.56 -4.90
CA ALA E 38 77.07 39.05 -5.43
C ALA E 38 76.82 37.88 -6.37
N THR E 39 77.45 37.92 -7.54
CA THR E 39 77.21 36.84 -8.50
C THR E 39 78.35 36.58 -9.46
N LEU E 40 78.84 35.34 -9.43
CA LEU E 40 80.08 35.00 -10.11
C LEU E 40 79.79 34.33 -11.43
N SER E 41 80.32 34.90 -12.51
CA SER E 41 80.22 34.28 -13.84
C SER E 41 81.16 33.10 -13.98
N CYS E 42 80.95 32.31 -15.03
CA CYS E 42 81.77 31.12 -15.23
C CYS E 42 81.61 30.75 -16.69
N ARG E 43 82.35 31.39 -17.60
CA ARG E 43 82.15 31.13 -19.02
C ARG E 43 83.05 29.99 -19.46
N ALA E 44 82.46 29.00 -20.11
CA ALA E 44 83.17 27.82 -20.58
C ALA E 44 83.23 27.84 -22.10
N SER E 45 83.77 26.76 -22.66
CA SER E 45 83.73 26.52 -24.08
C SER E 45 83.32 25.09 -24.42
N GLN E 46 83.24 24.20 -23.44
CA GLN E 46 82.83 22.82 -23.67
C GLN E 46 81.48 22.50 -23.08
N SER E 47 80.86 23.45 -22.36
CA SER E 47 79.43 23.42 -22.04
C SER E 47 79.04 22.13 -21.28
N VAL E 48 79.54 22.01 -20.06
CA VAL E 48 79.27 20.84 -19.24
C VAL E 48 78.35 21.24 -18.09
N SER E 49 77.28 21.96 -18.42
CA SER E 49 76.25 22.30 -17.42
C SER E 49 75.66 21.04 -16.73
N SER E 50 76.02 19.86 -17.24
CA SER E 50 75.62 18.61 -16.63
C SER E 50 76.47 18.39 -15.37
N TYR E 51 77.02 19.48 -14.84
CA TYR E 51 77.86 19.44 -13.64
C TYR E 51 78.01 20.86 -13.15
N LEU E 52 79.14 21.47 -13.49
CA LEU E 52 79.46 22.85 -13.14
C LEU E 52 79.33 23.20 -11.66
N ALA E 53 80.29 22.78 -10.84
CA ALA E 53 80.20 23.04 -9.41
C ALA E 53 80.58 24.46 -8.99
N TRP E 54 80.53 24.73 -7.70
CA TRP E 54 80.85 26.06 -7.19
C TRP E 54 81.22 26.07 -5.71
N TYR E 55 82.52 26.04 -5.42
CA TYR E 55 83.00 26.07 -4.01
C TYR E 55 83.78 27.30 -3.50
N GLN E 56 83.62 27.61 -2.20
CA GLN E 56 84.25 28.75 -1.55
C GLN E 56 85.31 28.26 -0.58
N GLN E 57 86.54 28.64 -0.84
CA GLN E 57 87.68 28.31 0.01
C GLN E 57 87.90 29.42 1.03
N LYS E 58 87.97 29.01 2.29
CA LYS E 58 88.60 29.77 3.36
C LYS E 58 90.08 29.44 3.36
N PRO E 59 90.98 30.42 3.26
CA PRO E 59 92.41 30.12 3.38
C PRO E 59 92.72 29.47 4.72
N GLY E 60 93.62 28.50 4.70
CA GLY E 60 93.82 27.66 5.85
C GLY E 60 92.75 26.62 6.05
N GLN E 61 92.02 26.27 4.99
CA GLN E 61 90.95 25.28 5.07
C GLN E 61 90.67 24.77 3.66
N ALA E 62 90.76 23.46 3.47
CA ALA E 62 90.41 22.88 2.19
C ALA E 62 88.94 23.15 1.91
N PRO E 63 88.62 23.78 0.78
CA PRO E 63 87.21 24.04 0.47
C PRO E 63 86.49 22.75 0.09
N ARG E 64 85.25 22.58 0.55
CA ARG E 64 84.49 21.35 0.34
C ARG E 64 83.41 21.31 -0.75
N LEU E 65 82.17 21.06 -0.33
CA LEU E 65 81.04 20.91 -1.24
C LEU E 65 79.92 21.97 -1.18
N LEU E 66 80.18 23.12 -1.81
CA LEU E 66 79.25 24.24 -1.91
C LEU E 66 78.08 23.81 -2.80
N ILE E 67 78.38 23.88 -4.10
CA ILE E 67 77.51 23.57 -5.22
C ILE E 67 78.17 22.58 -6.19
N TYR E 68 77.34 21.79 -6.88
CA TYR E 68 77.81 20.83 -7.89
C TYR E 68 76.63 20.37 -8.74
N ASP E 69 76.86 19.35 -9.59
CA ASP E 69 75.90 18.73 -10.52
C ASP E 69 74.66 19.54 -10.91
N ALA E 70 74.85 20.39 -11.91
CA ALA E 70 73.91 21.39 -12.48
C ALA E 70 73.74 22.59 -11.53
N SER E 71 73.14 22.36 -10.37
CA SER E 71 72.93 23.44 -9.41
C SER E 71 72.64 22.94 -8.00
N ASN E 72 72.59 21.62 -7.85
CA ASN E 72 72.26 21.08 -6.53
C ASN E 72 73.16 21.47 -5.36
N ARG E 73 72.74 22.55 -4.73
CA ARG E 73 73.48 23.09 -3.63
C ARG E 73 73.43 22.16 -2.44
N ALA E 74 74.60 21.63 -2.08
CA ALA E 74 74.70 20.80 -0.90
C ALA E 74 74.48 21.84 0.18
N THR E 75 73.56 21.56 1.10
CA THR E 75 73.16 22.52 2.14
C THR E 75 74.11 22.88 3.30
N GLY E 76 73.55 23.20 4.47
CA GLY E 76 74.45 23.77 5.46
C GLY E 76 75.05 25.04 4.91
N ILE E 77 75.40 25.00 3.63
CA ILE E 77 75.80 26.19 2.88
C ILE E 77 74.52 26.87 2.45
N PRO E 78 74.30 28.13 2.80
CA PRO E 78 72.97 28.73 2.69
C PRO E 78 72.47 28.80 1.25
N ALA E 79 71.14 28.95 1.14
CA ALA E 79 70.49 29.11 -0.16
C ALA E 79 70.75 30.47 -0.77
N ARG E 80 71.42 31.37 -0.05
CA ARG E 80 71.77 32.67 -0.64
C ARG E 80 72.57 32.51 -1.92
N PHE E 81 73.39 31.46 -2.01
CA PHE E 81 74.12 31.13 -3.23
C PHE E 81 73.15 30.50 -4.23
N SER E 82 72.28 31.36 -4.77
CA SER E 82 71.27 30.88 -5.73
C SER E 82 71.99 30.42 -6.98
N GLY E 83 72.10 29.09 -7.12
CA GLY E 83 72.81 28.54 -8.25
C GLY E 83 72.05 28.70 -9.55
N SER E 84 72.80 28.88 -10.63
CA SER E 84 72.25 29.07 -11.96
C SER E 84 73.39 28.96 -12.96
N GLY E 85 73.07 29.15 -14.24
CA GLY E 85 74.09 29.20 -15.26
C GLY E 85 74.25 27.94 -16.06
N SER E 86 73.98 28.02 -17.36
CA SER E 86 74.02 26.87 -18.24
C SER E 86 74.68 27.29 -19.54
N GLY E 87 74.58 26.46 -20.57
CA GLY E 87 75.26 26.71 -21.81
C GLY E 87 76.77 26.63 -21.64
N THR E 88 77.45 27.74 -21.88
CA THR E 88 78.87 27.86 -21.57
C THR E 88 79.16 28.93 -20.52
N ASP E 89 78.42 30.03 -20.54
CA ASP E 89 78.53 31.06 -19.50
C ASP E 89 77.54 30.75 -18.40
N PHE E 90 78.03 30.12 -17.34
CA PHE E 90 77.28 29.82 -16.13
C PHE E 90 77.39 31.00 -15.18
N THR E 91 76.54 31.02 -14.15
CA THR E 91 76.59 32.12 -13.20
C THR E 91 75.91 31.69 -11.90
N LEU E 92 76.73 31.49 -10.86
CA LEU E 92 76.16 31.42 -9.52
C LEU E 92 75.86 32.83 -9.03
N THR E 93 74.71 32.97 -8.38
CA THR E 93 74.24 34.25 -7.88
C THR E 93 74.06 34.15 -6.37
N ILE E 94 75.04 34.65 -5.63
CA ILE E 94 74.87 34.82 -4.20
C ILE E 94 73.79 35.88 -3.97
N SER E 95 72.82 35.57 -3.12
CA SER E 95 71.80 36.55 -2.81
C SER E 95 72.46 37.76 -2.14
N SER E 96 73.04 37.54 -0.97
CA SER E 96 73.58 38.61 -0.15
C SER E 96 75.03 38.31 0.22
N LEU E 97 75.92 39.25 -0.06
CA LEU E 97 77.23 39.20 0.57
C LEU E 97 77.05 39.42 2.07
N GLU E 98 77.84 38.72 2.87
CA GLU E 98 77.60 38.68 4.30
C GLU E 98 78.93 38.55 5.02
N PRO E 99 78.96 38.87 6.33
CA PRO E 99 80.24 38.85 7.05
C PRO E 99 80.95 37.51 7.04
N GLU E 100 80.26 36.42 6.70
CA GLU E 100 80.89 35.12 6.55
C GLU E 100 81.22 34.80 5.10
N ASP E 101 81.01 35.74 4.18
CA ASP E 101 81.15 35.52 2.75
C ASP E 101 82.39 36.21 2.19
N PHE E 102 83.47 36.24 2.96
CA PHE E 102 84.75 36.81 2.51
C PHE E 102 85.69 35.64 2.23
N ALA E 103 85.73 35.20 0.98
CA ALA E 103 86.51 34.02 0.62
C ALA E 103 86.64 33.94 -0.90
N VAL E 104 87.13 32.80 -1.38
CA VAL E 104 87.49 32.64 -2.79
C VAL E 104 86.68 31.52 -3.41
N TYR E 105 85.97 31.82 -4.49
CA TYR E 105 85.00 30.94 -5.12
C TYR E 105 85.62 30.22 -6.31
N TYR E 106 85.02 29.09 -6.65
CA TYR E 106 85.61 28.12 -7.59
C TYR E 106 84.45 27.42 -8.29
N CYS E 107 84.05 27.93 -9.45
CA CYS E 107 83.08 27.23 -10.29
C CYS E 107 83.77 26.06 -10.98
N GLN E 108 83.32 24.85 -10.69
CA GLN E 108 84.08 23.64 -11.04
C GLN E 108 83.49 22.99 -12.28
N GLN E 109 84.13 23.21 -13.42
CA GLN E 109 83.86 22.36 -14.57
C GLN E 109 84.24 20.93 -14.22
N ARG E 110 83.44 19.99 -14.71
CA ARG E 110 83.76 18.58 -14.53
C ARG E 110 83.18 17.83 -15.73
N SER E 111 82.96 16.53 -15.54
CA SER E 111 82.32 15.61 -16.47
C SER E 111 83.29 15.13 -17.53
N ASN E 112 84.56 15.53 -17.44
CA ASN E 112 85.60 15.10 -18.35
C ASN E 112 86.90 15.06 -17.58
N TRP E 113 88.02 15.00 -18.30
CA TRP E 113 89.30 15.12 -17.63
C TRP E 113 89.50 16.50 -17.01
N ILE E 114 88.72 17.49 -17.45
CA ILE E 114 88.78 18.84 -16.85
C ILE E 114 87.73 18.86 -15.75
N THR E 115 88.13 18.38 -14.58
CA THR E 115 87.34 18.52 -13.35
C THR E 115 87.74 19.74 -12.54
N PHE E 116 88.13 20.81 -13.22
CA PHE E 116 88.81 21.93 -12.61
C PHE E 116 87.84 23.01 -12.14
N GLY E 117 88.33 23.83 -11.21
CA GLY E 117 87.59 24.91 -10.57
C GLY E 117 87.74 26.19 -11.41
N GLN E 118 87.43 27.34 -10.81
CA GLN E 118 87.73 28.63 -11.41
C GLN E 118 89.22 28.93 -11.29
N GLY E 119 89.60 30.13 -11.71
CA GLY E 119 90.92 30.65 -11.43
C GLY E 119 90.92 31.44 -10.14
N THR E 120 90.37 30.85 -9.08
CA THR E 120 90.35 31.45 -7.74
C THR E 120 89.63 32.80 -7.74
N ARG E 121 88.32 32.73 -7.97
CA ARG E 121 87.47 33.91 -7.99
C ARG E 121 87.32 34.55 -6.62
N LEU E 122 88.09 35.59 -6.32
CA LEU E 122 88.06 36.17 -5.00
C LEU E 122 86.88 37.13 -4.87
N GLU E 123 86.17 37.08 -3.75
CA GLU E 123 85.21 38.14 -3.44
C GLU E 123 85.58 38.75 -2.10
N ILE E 124 85.80 40.06 -2.10
CA ILE E 124 86.29 40.77 -0.93
C ILE E 124 85.13 41.50 -0.27
N LYS E 125 84.86 41.17 0.99
CA LYS E 125 83.86 41.86 1.77
C LYS E 125 84.25 43.33 1.98
N ARG E 126 83.25 44.20 1.94
CA ARG E 126 83.46 45.63 2.21
C ARG E 126 82.27 46.25 2.93
C1 NAG F . 35.54 -33.50 4.54
C2 NAG F . 35.48 -33.66 3.03
C3 NAG F . 34.61 -34.80 2.58
C4 NAG F . 34.11 -35.44 3.87
C5 NAG F . 33.21 -34.45 4.48
C6 NAG F . 32.30 -34.99 5.51
C7 NAG F . 34.68 -31.24 2.63
C8 NAG F . 34.03 -31.09 3.91
N2 NAG F . 35.21 -32.41 2.26
O3 NAG F . 35.35 -35.71 1.77
O4 NAG F . 33.87 -36.87 3.99
O5 NAG F . 34.14 -33.60 5.13
O6 NAG F . 31.61 -33.91 6.15
O7 NAG F . 34.63 -30.37 1.84
C1 NAG F . 35.05 -37.14 4.87
C2 NAG F . 34.69 -37.40 6.37
C3 NAG F . 34.30 -38.86 6.58
C4 NAG F . 35.34 -39.80 6.04
C5 NAG F . 36.43 -39.06 5.27
C6 NAG F . 37.36 -39.96 4.48
C7 NAG F . 35.46 -36.33 8.43
C8 NAG F . 36.66 -36.05 9.32
N2 NAG F . 35.75 -37.05 7.32
O3 NAG F . 33.03 -39.04 5.94
O4 NAG F . 35.85 -40.65 7.07
O5 NAG F . 35.76 -38.22 4.28
O6 NAG F . 38.13 -40.85 5.31
O7 NAG F . 34.33 -35.88 8.68
C1 NAG G . -31.34 -53.04 0.16
C2 NAG G . -32.29 -53.73 1.13
C3 NAG G . -31.61 -54.68 2.07
C4 NAG G . -30.15 -54.63 1.67
C5 NAG G . -29.67 -53.28 2.02
C6 NAG G . -28.20 -53.14 2.10
C7 NAG G . -33.23 -51.51 2.05
C8 NAG G . -32.06 -50.72 1.78
N2 NAG G . -33.25 -52.82 1.84
O3 NAG G . -32.17 -55.97 1.96
O4 NAG G . -29.27 -55.80 1.77
O5 NAG G . -30.12 -52.53 0.90
O6 NAG G . -27.88 -51.75 2.28
O7 NAG G . -34.15 -51.02 2.58
C1 NAG G . -29.18 -56.02 0.29
C2 NAG G . -27.82 -55.60 -0.35
C3 NAG G . -26.78 -56.72 -0.20
C4 NAG G . -27.31 -58.03 -0.69
C5 NAG G . -28.80 -57.95 -1.07
C6 NAG G . -29.44 -59.30 -1.36
C7 NAG G . -27.30 -54.10 -2.21
C8 NAG G . -27.46 -53.84 -3.69
N2 NAG G . -27.90 -55.23 -1.76
O3 NAG G . -26.45 -56.78 1.19
O4 NAG G . -26.49 -58.55 -1.75
O5 NAG G . -29.50 -57.40 0.08
O6 NAG G . -28.88 -59.98 -2.49
O7 NAG G . -26.69 -53.31 -1.46
C1 NAG H . -55.60 -4.98 -30.21
C2 NAG H . -55.19 -4.78 -31.65
C3 NAG H . -56.33 -4.97 -32.64
C4 NAG H . -57.64 -5.58 -32.02
C5 NAG H . -57.87 -5.22 -30.58
C6 NAG H . -59.15 -5.79 -30.00
C7 NAG H . -53.75 -2.97 -30.95
C8 NAG H . -54.12 -2.64 -29.54
N2 NAG H . -54.67 -3.45 -31.74
O3 NAG H . -55.74 -5.73 -33.71
O4 NAG H . -58.88 -5.12 -32.54
O5 NAG H . -56.75 -5.78 -29.98
O6 NAG H . -60.27 -5.02 -30.43
O7 NAG H . -52.64 -2.77 -31.35
C1 NAG I . -81.69 -6.40 3.37
C2 NAG I . -81.74 -5.68 2.02
C3 NAG I . -82.94 -6.04 1.19
C4 NAG I . -83.70 -7.04 2.04
C5 NAG I . -84.18 -6.31 3.21
C6 NAG I . -85.28 -6.97 3.97
C7 NAG I . -81.55 -3.34 3.05
C8 NAG I . -82.15 -3.68 4.32
N2 NAG I . -81.48 -4.22 2.06
O3 NAG I . -82.57 -6.55 -0.07
O4 NAG I . -84.48 -8.12 1.45
O5 NAG I . -83.03 -6.31 4.04
O6 NAG I . -85.55 -6.24 5.17
O7 NAG I . -81.24 -2.22 2.84
C1 NAG J . -18.85 49.19 -4.30
C2 NAG J . -19.78 48.31 -3.45
C3 NAG J . -21.10 49.03 -3.19
C4 NAG J . -20.86 50.42 -2.63
C5 NAG J . -19.90 51.18 -3.53
C6 NAG J . -19.55 52.55 -3.00
C7 NAG J . -20.59 46.85 -5.28
C8 NAG J . -20.74 45.44 -5.75
N2 NAG J . -20.01 47.02 -4.09
O3 NAG J . -21.86 48.26 -2.26
O4 NAG J . -22.10 51.13 -2.55
O5 NAG J . -18.67 50.45 -3.66
O6 NAG J . -20.02 53.58 -3.87
O7 NAG J . -20.97 47.81 -5.96
C1 NAG K . 8.54 57.73 -31.96
C2 NAG K . 9.90 57.37 -32.54
C3 NAG K . 10.54 58.59 -33.21
C4 NAG K . 9.58 59.19 -34.22
C5 NAG K . 8.23 59.48 -33.57
C6 NAG K . 7.20 59.99 -34.54
C7 NAG K . 11.79 56.01 -31.78
C8 NAG K . 12.62 55.57 -30.61
N2 NAG K . 10.79 56.85 -31.51
O3 NAG K . 11.75 58.20 -33.85
O4 NAG K . 10.13 60.40 -34.74
O5 NAG K . 7.71 58.28 -32.99
O6 NAG K . 7.42 61.36 -34.84
O7 NAG K . 12.02 55.61 -32.92
C1 NAG L . -16.83 26.18 -34.93
C2 NAG L . -17.79 27.31 -34.73
C3 NAG L . -18.94 27.16 -35.71
C4 NAG L . -18.39 27.13 -37.13
C5 NAG L . -17.22 26.15 -37.30
C6 NAG L . -16.45 26.40 -38.58
C7 NAG L . -18.71 28.54 -32.83
C8 NAG L . -19.21 28.46 -31.42
N2 NAG L . -18.30 27.38 -33.38
O3 NAG L . -19.84 28.24 -35.55
O4 NAG L . -19.43 26.76 -38.03
O5 NAG L . -16.27 26.25 -36.23
O6 NAG L . -15.50 25.39 -38.83
O7 NAG L . -18.67 29.60 -33.45
C1 NAG M . 7.80 40.14 30.93
C2 NAG M . 6.92 39.81 32.13
C3 NAG M . 5.56 40.49 31.99
C4 NAG M . 5.72 41.97 31.74
C5 NAG M . 6.64 42.21 30.55
C6 NAG M . 6.95 43.68 30.32
C7 NAG M . 7.43 37.67 33.22
C8 NAG M . 8.34 38.46 34.11
N2 NAG M . 6.77 38.38 32.28
O3 NAG M . 4.80 40.27 33.18
O4 NAG M . 4.45 42.56 31.45
O5 NAG M . 7.90 41.56 30.78
O6 NAG M . 6.75 44.04 28.96
O7 NAG M . 7.28 36.46 33.33
C1 NAG N . 35.73 36.22 17.17
C2 NAG N . 36.94 36.96 16.63
C3 NAG N . 36.49 38.02 15.63
C4 NAG N . 35.65 37.36 14.53
C5 NAG N . 34.52 36.52 15.13
C6 NAG N . 33.78 35.71 14.08
C7 NAG N . 39.07 37.49 17.74
C8 NAG N . 39.72 38.17 18.90
N2 NAG N . 37.73 37.57 17.69
O3 NAG N . 37.61 38.67 15.05
O4 NAG N . 35.08 38.37 13.70
O5 NAG N . 35.04 35.58 16.09
O6 NAG N . 32.92 34.75 14.68
O7 NAG N . 39.72 36.90 16.88
C1 NAG O . -36.42 21.62 -16.91
C2 NAG O . -37.79 22.25 -17.12
C3 NAG O . -38.88 21.20 -17.03
C4 NAG O . -38.60 20.09 -18.04
C5 NAG O . -37.20 19.53 -17.82
C6 NAG O . -36.80 18.53 -18.88
C7 NAG O . -38.84 24.35 -16.41
C8 NAG O . -39.00 25.36 -15.33
N2 NAG O . -38.03 23.32 -16.15
O3 NAG O . -40.14 21.80 -17.32
O4 NAG O . -39.55 19.05 -17.89
O5 NAG O . -36.23 20.59 -17.88
O6 NAG O . -37.31 18.90 -20.14
O7 NAG O . -39.41 24.45 -17.49
C1 NAG P . -29.16 29.71 20.43
C2 NAG P . -29.98 28.74 21.29
C3 NAG P . -31.03 29.50 22.10
C4 NAG P . -30.37 30.61 22.90
C5 NAG P . -29.57 31.51 21.97
C6 NAG P . -28.81 32.60 22.70
C7 NAG P . -30.87 26.49 20.92
C8 NAG P . -31.52 25.56 19.93
N2 NAG P . -30.60 27.72 20.47
O3 NAG P . -31.69 28.60 22.97
O4 NAG P . -31.36 31.39 23.57
O5 NAG P . -28.59 30.73 21.26
O6 NAG P . -28.18 32.08 23.87
O7 NAG P . -30.60 26.15 22.06
C1 NAG Q . -47.41 29.42 11.58
C2 NAG Q . -47.51 30.85 11.05
C3 NAG Q . -47.01 31.84 12.12
C4 NAG Q . -47.74 31.60 13.43
C5 NAG Q . -47.61 30.15 13.85
C6 NAG Q . -48.38 29.81 15.09
C7 NAG Q . -47.26 30.75 8.62
C8 NAG Q . -46.35 30.97 7.45
N2 NAG Q . -46.75 31.01 9.82
O3 NAG Q . -47.23 33.16 11.66
O4 NAG Q . -47.19 32.44 14.45
O5 NAG Q . -48.12 29.30 12.81
O6 NAG Q . -49.47 28.94 14.78
O7 NAG Q . -48.41 30.34 8.47
C1 NAG R . -70.83 -5.94 21.90
C2 NAG R . -71.06 -6.72 23.18
C3 NAG R . -72.32 -6.21 23.88
C4 NAG R . -72.21 -4.71 24.12
C5 NAG R . -71.90 -4.00 22.80
C6 NAG R . -71.64 -2.52 22.98
C7 NAG R . -70.58 -9.05 23.71
C8 NAG R . -70.78 -10.48 23.32
N2 NAG R . -71.16 -8.14 22.92
O3 NAG R . -72.47 -6.88 25.13
O4 NAG R . -73.43 -4.21 24.65
O5 NAG R . -70.73 -4.56 22.19
O6 NAG R . -72.51 -1.74 22.18
O7 NAG R . -69.92 -8.74 24.70
C1 NAG S . -70.19 1.85 8.33
C2 NAG S . -70.01 2.92 7.27
C3 NAG S . -69.07 4.01 7.78
C4 NAG S . -69.60 4.56 9.10
C5 NAG S . -69.84 3.42 10.10
C6 NAG S . -70.50 3.87 11.37
C7 NAG S . -70.13 2.51 4.85
C8 NAG S . -69.48 1.87 3.67
N2 NAG S . -69.50 2.36 6.02
O3 NAG S . -68.98 5.04 6.81
O4 NAG S . -68.66 5.47 9.65
O5 NAG S . -70.72 2.44 9.51
O6 NAG S . -71.30 5.03 11.17
O7 NAG S . -71.19 3.13 4.76
C1 NAG T . -64.19 -45.30 23.48
C2 NAG T . -65.22 -44.91 24.54
C3 NAG T . -66.03 -46.07 25.04
C4 NAG T . -65.53 -47.26 24.25
C5 NAG T . -64.15 -47.49 24.69
C6 NAG T . -63.60 -48.83 24.36
C7 NAG T . -63.46 -43.83 26.08
C8 NAG T . -62.35 -44.63 25.62
N2 NAG T . -64.70 -44.05 25.65
O3 NAG T . -67.42 -45.83 24.87
O4 NAG T . -66.41 -48.36 23.87
O5 NAG T . -63.46 -46.54 23.90
O6 NAG T . -62.20 -48.87 24.68
O7 NAG T . -63.31 -43.06 26.95
C1 NAG U . -54.08 -28.04 30.37
C2 NAG U . -54.92 -29.01 31.22
C3 NAG U . -56.04 -28.34 31.96
C4 NAG U . -55.92 -26.87 31.61
C5 NAG U . -56.23 -26.78 30.17
C6 NAG U . -56.57 -25.42 29.70
C7 NAG U . -55.43 -30.56 29.23
C8 NAG U . -55.34 -29.54 28.21
N2 NAG U . -55.34 -30.25 30.53
O3 NAG U . -55.94 -28.59 33.35
O4 NAG U . -56.28 -25.82 32.55
O5 NAG U . -54.98 -27.13 29.59
O6 NAG U . -56.69 -25.42 28.27
O7 NAG U . -55.75 -31.65 28.94
C1 NAG V . -63.36 -57.71 5.71
C2 NAG V . -64.42 -58.81 5.80
C3 NAG V . -63.88 -60.19 5.56
C4 NAG V . -62.40 -59.98 5.27
C5 NAG V . -61.80 -59.50 6.51
C6 NAG V . -60.33 -59.62 6.58
C7 NAG V . -65.14 -58.12 8.18
C8 NAG V . -63.86 -57.56 8.57
N2 NAG V . -65.30 -58.74 7.00
O3 NAG V . -64.57 -60.81 4.50
O4 NAG V . -61.67 -60.84 4.33
O5 NAG V . -62.12 -58.12 6.47
O6 NAG V . -59.85 -58.97 7.77
O7 NAG V . -66.02 -58.17 8.95
C1 NAG W . 57.40 -21.38 7.68
C2 NAG W . 58.09 -22.32 8.64
C3 NAG W . 57.06 -23.19 9.35
C4 NAG W . 55.62 -22.82 9.01
C5 NAG W . 55.36 -22.61 7.52
C6 NAG W . 54.32 -21.51 7.46
C7 NAG W . 58.68 -24.47 7.70
C8 NAG W . 57.38 -24.79 7.01
N2 NAG W . 58.95 -23.18 7.87
O3 NAG W . 57.23 -23.06 10.77
O4 NAG W . 54.74 -23.82 9.51
O5 NAG W . 56.57 -22.21 6.88
O6 NAG W . 54.94 -20.24 7.66
O7 NAG W . 59.42 -25.35 8.09
C1 NAG X . 7.94 -11.49 47.78
C2 NAG X . 8.40 -12.63 46.88
C3 NAG X . 7.44 -13.82 46.97
C4 NAG X . 7.20 -14.20 48.43
C5 NAG X . 6.85 -12.96 49.26
C6 NAG X . 6.73 -13.25 50.73
C7 NAG X . 7.77 -11.70 44.59
C8 NAG X . 6.34 -11.53 45.01
N2 NAG X . 8.64 -12.22 45.49
O3 NAG X . 8.00 -14.92 46.26
O4 NAG X . 6.14 -15.14 48.51
O5 NAG X . 7.85 -11.95 49.10
O6 NAG X . 5.95 -12.27 51.39
O7 NAG X . 8.15 -11.40 43.46
C1 NAG Y . -12.25 15.00 40.48
C2 NAG Y . -12.70 14.23 41.76
C3 NAG Y . -14.05 14.71 42.23
C4 NAG Y . -14.03 16.20 42.50
C5 NAG Y . -13.63 16.94 41.22
C6 NAG Y . -13.51 18.44 41.44
C7 NAG Y . -12.59 11.89 42.49
C8 NAG Y . -12.63 10.46 42.06
N2 NAG Y . -12.72 12.80 41.51
O3 NAG Y . -14.42 13.99 43.41
O4 NAG Y . -15.32 16.63 42.93
O5 NAG Y . -12.36 16.47 40.73
O6 NAG Y . -12.90 18.72 42.69
O7 NAG Y . -12.44 12.21 43.66
C1 NAG Z . -21.69 -5.20 34.93
C2 NAG Z . -21.33 -3.71 34.93
C3 NAG Z . -22.32 -2.93 35.85
C4 NAG Z . -23.78 -3.35 35.63
C5 NAG Z . -23.85 -4.87 35.67
C6 NAG Z . -25.22 -5.47 35.51
C7 NAG Z . -19.39 -2.31 35.47
C8 NAG Z . -17.94 -2.28 35.92
N2 NAG Z . -19.97 -3.52 35.35
O3 NAG Z . -22.12 -1.53 35.74
O4 NAG Z . -24.58 -2.81 36.68
O5 NAG Z . -23.06 -5.37 34.59
O6 NAG Z . -25.58 -6.07 36.73
O7 NAG Z . -19.99 -1.27 35.20
C1 NAG AA . 3.02 -33.71 21.02
C2 NAG AA . 3.79 -34.95 21.41
C3 NAG AA . 3.55 -36.04 20.38
C4 NAG AA . 2.06 -36.31 20.23
C5 NAG AA . 1.33 -35.00 19.92
C6 NAG AA . -0.18 -35.17 19.94
C7 NAG AA . 5.82 -34.54 22.73
C8 NAG AA . 4.96 -34.75 23.94
N2 NAG AA . 5.20 -34.66 21.55
O3 NAG AA . 4.22 -37.23 20.79
O4 NAG AA . 1.83 -37.24 19.18
O5 NAG AA . 1.64 -34.01 20.91
O6 NAG AA . -0.80 -34.35 18.96
O7 NAG AA . 7.02 -34.29 22.81
C1 NAG BA . -13.51 -39.46 32.92
C2 NAG BA . -12.60 -39.31 34.13
C3 NAG BA . -11.22 -39.89 33.82
C4 NAG BA . -11.34 -41.32 33.32
C5 NAG BA . -12.35 -41.40 32.17
C6 NAG BA . -12.62 -42.82 31.73
C7 NAG BA . -12.69 -37.47 35.77
C8 NAG BA . -13.05 -38.52 36.78
N2 NAG BA . -12.48 -37.91 34.52
O3 NAG BA . -10.41 -39.86 34.99
O4 NAG BA . -10.08 -41.79 32.88
O5 NAG BA . -13.60 -40.83 32.57
O6 NAG BA . -12.29 -43.01 30.36
O7 NAG BA . -12.59 -36.29 36.07
C1 NAG CA . -48.45 -53.44 9.88
C2 NAG CA . -49.51 -53.81 8.85
C3 NAG CA . -50.01 -55.24 9.07
C4 NAG CA . -48.85 -56.21 9.13
C5 NAG CA . -47.88 -55.74 10.20
C6 NAG CA . -46.66 -56.62 10.32
C7 NAG CA . -50.87 -51.93 8.01
C8 NAG CA . -49.89 -51.84 6.87
N2 NAG CA . -50.64 -52.88 8.92
O3 NAG CA . -50.89 -55.60 8.01
O4 NAG CA . -49.33 -57.51 9.45
O5 NAG CA . -47.42 -54.43 9.88
O6 NAG CA . -45.99 -56.40 11.55
O7 NAG CA . -51.84 -51.17 8.09
C1 NAG DA . 38.75 20.04 41.43
C2 NAG DA . 39.18 19.13 42.59
C3 NAG DA . 40.67 18.79 42.49
C4 NAG DA . 41.02 18.25 41.11
C5 NAG DA . 40.59 19.26 40.06
C6 NAG DA . 40.85 18.80 38.64
C7 NAG DA . 38.49 19.08 44.97
C8 NAG DA . 38.33 17.60 44.81
N2 NAG DA . 38.90 19.75 43.88
O3 NAG DA . 41.05 17.85 43.48
O4 NAG DA . 42.42 18.02 41.00
O5 NAG DA . 39.18 19.47 40.16
O6 NAG DA . 41.00 17.39 38.59
O7 NAG DA . 38.27 19.66 46.02
C1 NAG EA . -48.77 -46.68 -16.06
C2 NAG EA . -49.92 -47.66 -15.80
C3 NAG EA . -49.60 -48.74 -14.81
C4 NAG EA . -48.15 -48.47 -14.42
C5 NAG EA . -48.16 -47.20 -13.69
C6 NAG EA . -46.96 -46.95 -12.86
C7 NAG EA . -51.58 -45.80 -15.15
C8 NAG EA . -50.58 -44.87 -14.66
N2 NAG EA . -51.24 -47.03 -15.55
O3 NAG EA . -49.78 -50.02 -15.38
O4 NAG EA . -47.22 -49.54 -14.09
O5 NAG EA . -48.16 -46.26 -14.74
O6 NAG EA . -47.01 -45.61 -12.33
O7 NAG EA . -52.72 -45.53 -15.07
C1 NAG FA . -78.99 -26.02 -24.39
C2 NAG FA . -79.95 -27.13 -24.79
C3 NAG FA . -81.32 -26.64 -25.18
C4 NAG FA . -81.25 -25.14 -25.02
C5 NAG FA . -80.31 -24.65 -26.04
C6 NAG FA . -80.40 -23.21 -26.33
C7 NAG FA . -78.38 -28.09 -26.58
C8 NAG FA . -77.71 -26.85 -26.88
N2 NAG FA . -79.42 -28.14 -25.73
O3 NAG FA . -82.33 -27.24 -24.38
O4 NAG FA . -82.40 -24.34 -24.60
O5 NAG FA . -79.06 -24.90 -25.40
O6 NAG FA . -79.32 -22.84 -27.21
O7 NAG FA . -78.12 -29.05 -27.21
C1 NAG GA . 15.63 -22.59 -40.86
C2 NAG GA . 16.33 -21.71 -41.89
C3 NAG GA . 15.56 -21.71 -43.20
C4 NAG GA . 15.34 -23.14 -43.69
C5 NAG GA . 14.68 -23.97 -42.59
C6 NAG GA . 14.59 -25.44 -42.95
C7 NAG GA . 15.54 -19.54 -41.02
C8 NAG GA . 15.97 -18.19 -40.55
N2 NAG GA . 16.53 -20.36 -41.40
O3 NAG GA . 16.30 -20.98 -44.18
O4 NAG GA . 14.52 -23.15 -44.85
O5 NAG GA . 15.46 -23.90 -41.39
O6 NAG GA . 13.44 -25.72 -43.72
O7 NAG GA . 14.37 -19.87 -41.08
C1 NAG HA . 12.75 -42.21 -8.81
C2 NAG HA . 13.36 -42.96 -10.00
C3 NAG HA . 12.94 -44.43 -10.01
C4 NAG HA . 13.23 -45.07 -8.65
C5 NAG HA . 12.61 -44.23 -7.54
C6 NAG HA . 12.94 -44.74 -6.15
C7 NAG HA . 11.93 -42.06 -11.89
C8 NAG HA . 10.66 -42.50 -11.19
N2 NAG HA . 13.11 -42.32 -11.29
O3 NAG HA . 13.65 -45.12 -11.03
O4 NAG HA . 12.71 -46.38 -8.60
O5 NAG HA . 13.09 -42.88 -7.60
O6 NAG HA . 13.99 -43.98 -5.58
O7 NAG HA . 11.88 -41.51 -12.98
C1 NAG IA . 10.57 24.67 -44.00
C2 NAG IA . 10.00 24.28 -45.34
C3 NAG IA . 9.24 25.44 -45.95
C4 NAG IA . 8.22 25.98 -44.96
C5 NAG IA . 8.84 26.22 -43.58
C6 NAG IA . 7.82 26.57 -42.51
C7 NAG IA . 12.20 24.45 -46.49
C8 NAG IA . 13.14 23.78 -47.44
N2 NAG IA . 11.05 23.81 -46.24
O3 NAG IA . 8.58 25.01 -47.13
O4 NAG IA . 7.68 27.22 -45.43
O5 NAG IA . 9.51 25.03 -43.14
O6 NAG IA . 6.50 26.39 -42.99
O7 NAG IA . 12.46 25.54 -45.99
C1 NAG JA . -13.94 -3.45 -39.81
C2 NAG JA . -14.17 -3.07 -41.27
C3 NAG JA . -15.42 -2.20 -41.39
C4 NAG JA . -16.61 -2.89 -40.75
C5 NAG JA . -16.28 -3.32 -39.32
C6 NAG JA . -17.37 -4.14 -38.68
C7 NAG JA . -12.71 -2.41 -43.11
C8 NAG JA . -11.48 -1.65 -43.51
N2 NAG JA . -13.01 -2.40 -41.81
O3 NAG JA . -15.68 -1.93 -42.77
O4 NAG JA . -17.73 -2.01 -40.74
O5 NAG JA . -15.10 -4.13 -39.31
O6 NAG JA . -18.55 -4.13 -39.48
O7 NAG JA . -13.41 -2.99 -43.93
C1 NAG KA . -23.97 -20.79 -45.79
C2 NAG KA . -22.97 -21.32 -46.83
C3 NAG KA . -22.60 -20.21 -47.81
C4 NAG KA . -23.85 -19.59 -48.41
C5 NAG KA . -24.81 -19.14 -47.31
C6 NAG KA . -26.13 -18.65 -47.84
C7 NAG KA . -21.62 -23.16 -45.92
C8 NAG KA . -20.33 -23.54 -45.26
N2 NAG KA . -21.78 -21.86 -46.19
O3 NAG KA . -21.77 -20.74 -48.83
O4 NAG KA . -23.50 -18.46 -49.20
O5 NAG KA . -25.10 -20.25 -46.44
O6 NAG KA . -27.22 -19.41 -47.33
O7 NAG KA . -22.49 -23.98 -46.18
C1 NAG LA . -64.45 -21.74 -29.98
C2 NAG LA . -65.93 -21.58 -29.68
C3 NAG LA . -66.76 -21.90 -30.93
C4 NAG LA . -66.31 -21.03 -32.08
C5 NAG LA . -64.81 -21.17 -32.30
C6 NAG LA . -64.27 -20.20 -33.31
C7 NAG LA . -66.80 -21.96 -27.43
C8 NAG LA . -67.16 -22.98 -26.39
N2 NAG LA . -66.33 -22.44 -28.58
O3 NAG LA . -68.14 -21.67 -30.66
O4 NAG LA . -66.99 -21.42 -33.27
O5 NAG LA . -64.11 -20.92 -31.08
O6 NAG LA . -63.68 -19.07 -32.68
O7 NAG LA . -66.93 -20.76 -27.24
C1 NAG MA . 25.85 54.00 -13.52
C2 NAG MA . 25.95 54.74 -12.19
C3 NAG MA . 26.93 55.90 -12.29
C4 NAG MA . 28.28 55.41 -12.81
C5 NAG MA . 28.09 54.64 -14.11
C6 NAG MA . 29.37 54.01 -14.60
C7 NAG MA . 23.99 54.68 -10.71
C8 NAG MA . 24.69 53.57 -9.98
N2 NAG MA . 24.64 55.20 -11.75
O3 NAG MA . 27.08 56.52 -11.02
O4 NAG MA . 29.14 56.52 -13.02
O5 NAG MA . 27.15 53.57 -13.93
O6 NAG MA . 29.28 52.59 -14.60
O7 NAG MA . 22.88 55.09 -10.36
#